data_7LGJ
#
_entry.id   7LGJ
#
loop_
_entity.id
_entity.type
_entity.pdbx_description
1 polymer 'Cyanophycin synthase'
2 polymer 8x(Asp-Arg)-NH2
3 non-polymer 'MAGNESIUM ION'
4 non-polymer 'PHOSPHOMETHYLPHOSPHONIC ACID ADENYLATE ESTER'
#
loop_
_entity_poly.entity_id
_entity_poly.type
_entity_poly.pdbx_seq_one_letter_code
_entity_poly.pdbx_strand_id
1 'polypeptide(L)'
;MKILKTLTLRGPNYWSIRRKKLIVMRLDLEDLAERPSNSIPGFYEGLIKVLPSLVEHFCSPGYQGGFLERVKEGTYMGHI
VEHVALELQELVGMTAGFGRTRETSTPGVYNVVYEYVDEQAGRYAGRAAVRLCRSLVDTGDYPRLELEKDLEDLRDLGAN
SALGPSTETIVTEAEARKIPWMLLSARAMVQLGYGVYQQRIQATLSSHSGILGVELACDKEGTKTILQDAGIPVPRGTTI
QYFDDLEEAINDVGGYPVVIKPLDGNHGRGITINVRHWQEAIAAYDLAAEESKSRAIIVERYYEGSDHRVLVVNGKLVAV
AERIPAHVTGDGSSTISELIEKTNQDPNRGDGHDNILTKIVVNKTAIDVMERQGYNLDSVLPKDEVVYLRATANLSTGGI
AIDRTDDIHPENIWLMERVAKVIGLDIAGIDVVTSDISKPLRETNGVIVEVNAAPGFRMHVAPSQGLPRNVAAPVLDMLF
PPGTPSRIPILAVTGTNGKTTTTRLLAHIYRQTGKTVGYTSTDAIYINEYCVEKGDNTGPQSAGVILRDPTVEVAVLETA
RGGILRAGLAFDSCDVGVVLNVAADHLGLGDIDTIEQMAKVKSVIAEVVDPSGYAVLNADDPLVAAMADKVKAKVAYFSM
NPDNPIIQAHVRRNGIAAVYESGYLSILEGSWTLRVEQAKLIPMTMGGMAPFMIANALAACLAAFVNGLDVEVIRQGVRT
FTTSAEQTPGRMNLFNLGQHHALVDYAHNPAGYRAVGDFVKNWQGQRFGVVGGPGDRRDSDLIELGQIAAQVFDRIIVKE
DDDKRGRSEGETADLIVKGILQENPGASYEVILDETIALNKALDQVEEKGLVVVFPESVTRAIDLIKVRNPIGENLYFQ
;
A,B,C,D
2 'polypeptide(L)' (7ID)(7ID)(7ID)(7ID)(7ID)(7ID)(7ID)(7ID)(NH2) E,F,G,H
#
# COMPACT_ATOMS: atom_id res chain seq x y z
N MET A 1 -47.28 -34.04 36.22
CA MET A 1 -45.96 -33.68 35.76
C MET A 1 -45.68 -32.22 36.01
N LYS A 2 -44.61 -31.95 36.76
CA LYS A 2 -44.23 -30.59 37.10
C LYS A 2 -42.93 -30.16 36.44
N ILE A 3 -42.84 -28.92 36.02
CA ILE A 3 -41.57 -28.44 35.47
C ILE A 3 -40.87 -27.66 36.55
N LEU A 4 -39.64 -28.07 36.86
CA LEU A 4 -38.89 -27.48 37.94
C LEU A 4 -37.97 -26.37 37.46
N LYS A 5 -37.39 -26.58 36.29
CA LYS A 5 -36.42 -25.62 35.75
C LYS A 5 -36.34 -25.61 34.22
N THR A 6 -36.17 -24.43 33.62
CA THR A 6 -35.97 -24.38 32.16
C THR A 6 -34.74 -23.56 31.78
N LEU A 7 -33.89 -24.13 30.94
CA LEU A 7 -32.72 -23.42 30.41
C LEU A 7 -32.80 -23.24 28.91
N THR A 8 -32.36 -22.10 28.42
CA THR A 8 -32.33 -21.90 26.98
C THR A 8 -30.88 -21.77 26.56
N LEU A 9 -30.46 -22.61 25.64
CA LEU A 9 -29.07 -22.61 25.21
C LEU A 9 -28.96 -21.95 23.86
N ARG A 10 -27.96 -21.10 23.72
CA ARG A 10 -27.69 -20.38 22.47
C ARG A 10 -26.23 -20.42 22.06
N GLY A 11 -25.79 -21.55 21.55
CA GLY A 11 -24.39 -21.71 21.18
C GLY A 11 -23.96 -23.13 21.49
N PRO A 12 -22.74 -23.56 21.09
CA PRO A 12 -22.19 -24.88 21.28
C PRO A 12 -22.28 -25.24 22.73
N ASN A 13 -22.66 -26.46 22.99
CA ASN A 13 -22.91 -26.87 24.35
C ASN A 13 -22.66 -28.34 24.59
N TYR A 14 -22.96 -28.73 25.82
CA TYR A 14 -22.83 -30.06 26.33
C TYR A 14 -23.61 -31.10 25.53
N TRP A 15 -24.84 -30.77 25.11
CA TRP A 15 -25.69 -31.73 24.43
C TRP A 15 -25.32 -31.86 22.96
N SER A 16 -24.92 -30.76 22.36
CA SER A 16 -24.51 -30.74 20.96
C SER A 16 -23.65 -29.55 20.58
N ILE A 17 -22.68 -29.76 19.70
CA ILE A 17 -21.88 -28.64 19.20
C ILE A 17 -22.63 -27.92 18.08
N ARG A 18 -23.22 -28.68 17.15
CA ARG A 18 -23.98 -28.15 16.03
C ARG A 18 -25.39 -27.66 16.39
N ARG A 19 -26.06 -28.32 17.33
CA ARG A 19 -27.41 -27.89 17.65
C ARG A 19 -27.32 -26.83 18.72
N LYS A 20 -27.18 -25.61 18.23
CA LYS A 20 -26.96 -24.43 19.03
C LYS A 20 -28.20 -23.96 19.78
N LYS A 21 -29.37 -24.15 19.18
CA LYS A 21 -30.65 -23.71 19.76
C LYS A 21 -31.45 -24.79 20.44
N LEU A 22 -31.26 -24.93 21.75
CA LEU A 22 -31.92 -26.00 22.50
C LEU A 22 -32.58 -25.52 23.77
N ILE A 23 -33.66 -26.16 24.14
CA ILE A 23 -34.31 -25.94 25.43
C ILE A 23 -34.19 -27.16 26.28
N VAL A 24 -33.70 -26.95 27.49
CA VAL A 24 -33.53 -28.04 28.42
C VAL A 24 -34.51 -27.86 29.55
N MET A 25 -35.43 -28.81 29.65
CA MET A 25 -36.48 -28.74 30.65
C MET A 25 -36.27 -29.81 31.72
N ARG A 26 -36.30 -29.41 32.97
CA ARG A 26 -36.14 -30.33 34.08
C ARG A 26 -37.53 -30.69 34.57
N LEU A 27 -37.97 -31.90 34.22
CA LEU A 27 -39.32 -32.38 34.42
C LEU A 27 -39.41 -33.41 35.54
N ASP A 28 -40.25 -33.13 36.53
CA ASP A 28 -40.47 -33.97 37.70
C ASP A 28 -41.70 -34.88 37.57
N LEU A 29 -41.47 -36.16 37.31
CA LEU A 29 -42.58 -37.06 37.09
C LEU A 29 -43.07 -37.61 38.41
N GLU A 30 -43.88 -36.80 39.10
CA GLU A 30 -44.40 -37.14 40.43
C GLU A 30 -45.25 -38.42 40.32
N ASP A 31 -46.01 -38.48 39.24
CA ASP A 31 -46.82 -39.60 38.81
C ASP A 31 -46.12 -40.13 37.58
N LEU A 32 -46.63 -41.17 36.97
CA LEU A 32 -46.17 -41.70 35.67
C LEU A 32 -44.79 -42.36 35.68
N ALA A 33 -43.89 -41.94 36.57
CA ALA A 33 -42.55 -42.52 36.75
C ALA A 33 -42.65 -43.99 37.13
N GLU A 34 -43.77 -44.37 37.72
CA GLU A 34 -44.04 -45.73 38.14
C GLU A 34 -45.08 -46.42 37.22
N ARG A 35 -45.49 -45.76 36.13
CA ARG A 35 -46.52 -46.26 35.23
C ARG A 35 -46.14 -46.20 33.75
N PRO A 36 -45.40 -47.18 33.22
CA PRO A 36 -44.85 -47.17 31.87
C PRO A 36 -45.88 -47.47 30.79
N SER A 37 -46.86 -46.58 30.65
CA SER A 37 -47.95 -46.59 29.63
C SER A 37 -48.95 -47.71 29.72
N ASN A 38 -48.50 -48.94 29.89
CA ASN A 38 -49.38 -50.09 29.97
C ASN A 38 -50.19 -50.11 31.25
N SER A 39 -49.83 -49.19 32.12
CA SER A 39 -50.44 -48.92 33.41
C SER A 39 -51.33 -47.68 33.35
N ILE A 40 -51.48 -47.12 32.13
CA ILE A 40 -52.28 -45.95 31.87
C ILE A 40 -53.26 -46.28 30.73
N PRO A 41 -54.43 -46.87 31.03
CA PRO A 41 -55.36 -47.35 30.03
C PRO A 41 -55.78 -46.25 29.09
N GLY A 42 -55.79 -46.58 27.80
CA GLY A 42 -56.22 -45.65 26.75
C GLY A 42 -55.10 -44.74 26.22
N PHE A 43 -53.92 -44.75 26.86
CA PHE A 43 -52.87 -43.84 26.41
C PHE A 43 -51.99 -44.34 25.28
N TYR A 44 -52.64 -44.57 24.17
CA TYR A 44 -52.03 -44.94 22.92
C TYR A 44 -52.92 -44.35 21.88
N GLU A 45 -54.18 -44.77 21.92
CA GLU A 45 -55.20 -44.29 21.01
C GLU A 45 -55.44 -42.81 21.28
N GLY A 46 -55.46 -42.41 22.57
CA GLY A 46 -55.68 -41.01 22.89
C GLY A 46 -54.55 -40.16 22.34
N LEU A 47 -53.31 -40.60 22.50
CA LEU A 47 -52.20 -39.77 22.04
C LEU A 47 -52.20 -39.63 20.52
N ILE A 48 -52.45 -40.72 19.80
CA ILE A 48 -52.43 -40.62 18.35
C ILE A 48 -53.65 -39.91 17.80
N LYS A 49 -54.84 -40.08 18.38
CA LYS A 49 -55.97 -39.37 17.78
C LYS A 49 -55.88 -37.86 18.01
N VAL A 50 -55.23 -37.42 19.11
CA VAL A 50 -55.08 -35.99 19.34
C VAL A 50 -54.06 -35.43 18.37
N LEU A 51 -52.93 -36.15 18.19
CA LEU A 51 -51.88 -35.75 17.29
C LEU A 51 -51.53 -36.86 16.27
N PRO A 52 -52.34 -37.07 15.21
CA PRO A 52 -52.25 -38.12 14.20
C PRO A 52 -50.94 -38.16 13.44
N SER A 53 -50.24 -37.04 13.45
CA SER A 53 -48.97 -36.88 12.77
C SER A 53 -47.79 -37.56 13.46
N LEU A 54 -47.95 -38.04 14.72
CA LEU A 54 -46.81 -38.60 15.45
C LEU A 54 -46.44 -40.01 15.02
N VAL A 55 -46.16 -40.18 13.73
CA VAL A 55 -45.71 -41.41 13.10
C VAL A 55 -44.38 -41.13 12.44
N GLU A 56 -44.06 -39.86 12.29
CA GLU A 56 -42.84 -39.50 11.59
C GLU A 56 -41.64 -39.49 12.52
N HIS A 57 -41.89 -39.85 13.77
CA HIS A 57 -40.87 -39.92 14.77
C HIS A 57 -40.26 -41.32 14.82
N PHE A 58 -38.94 -41.32 14.79
CA PHE A 58 -38.07 -42.47 14.85
C PHE A 58 -37.46 -42.41 16.23
N CYS A 59 -37.12 -43.55 16.81
CA CYS A 59 -36.47 -43.52 18.12
C CYS A 59 -35.30 -44.44 18.05
N SER A 60 -35.20 -45.39 18.98
CA SER A 60 -34.15 -46.37 18.82
C SER A 60 -34.41 -47.16 17.53
N PRO A 61 -35.66 -47.60 17.21
CA PRO A 61 -35.95 -48.25 15.96
C PRO A 61 -35.78 -47.22 14.85
N GLY A 62 -35.07 -47.58 13.79
CA GLY A 62 -34.85 -46.69 12.65
C GLY A 62 -35.98 -46.78 11.64
N TYR A 63 -37.21 -46.60 12.12
CA TYR A 63 -38.39 -46.77 11.30
C TYR A 63 -39.40 -45.67 11.42
N GLN A 64 -40.16 -45.48 10.35
CA GLN A 64 -41.31 -44.59 10.38
C GLN A 64 -42.24 -45.30 11.32
N GLY A 65 -42.79 -44.59 12.28
CA GLY A 65 -43.65 -45.22 13.25
C GLY A 65 -42.85 -45.87 14.39
N GLY A 66 -41.51 -45.71 14.39
CA GLY A 66 -40.64 -46.31 15.40
C GLY A 66 -41.05 -45.83 16.78
N PHE A 67 -41.48 -44.57 16.87
CA PHE A 67 -42.00 -44.05 18.12
C PHE A 67 -43.25 -44.83 18.53
N LEU A 68 -44.18 -44.97 17.60
CA LEU A 68 -45.47 -45.62 17.84
C LEU A 68 -45.37 -47.13 17.98
N GLU A 69 -44.20 -47.71 17.66
CA GLU A 69 -43.98 -49.13 17.92
C GLU A 69 -43.92 -49.33 19.42
N ARG A 70 -43.63 -48.24 20.16
CA ARG A 70 -43.58 -48.21 21.59
C ARG A 70 -44.80 -47.40 22.03
N VAL A 71 -44.64 -46.44 22.93
CA VAL A 71 -45.72 -45.66 23.52
C VAL A 71 -46.60 -46.56 24.41
N LYS A 72 -47.20 -47.63 23.85
CA LYS A 72 -48.03 -48.62 24.57
C LYS A 72 -47.18 -49.42 25.55
N GLU A 73 -45.90 -49.48 25.23
CA GLU A 73 -44.85 -50.08 26.02
C GLU A 73 -44.09 -48.83 26.40
N GLY A 74 -44.34 -48.32 27.59
CA GLY A 74 -43.90 -46.98 27.86
C GLY A 74 -42.45 -46.76 28.12
N THR A 75 -42.18 -45.47 28.08
CA THR A 75 -40.91 -44.83 28.28
C THR A 75 -40.94 -43.91 29.48
N TYR A 76 -41.99 -44.05 30.31
CA TYR A 76 -42.16 -43.22 31.51
C TYR A 76 -42.17 -41.74 31.15
N MET A 77 -42.84 -41.42 30.06
CA MET A 77 -43.02 -40.08 29.51
C MET A 77 -41.74 -39.44 28.93
N GLY A 78 -40.64 -40.20 28.85
CA GLY A 78 -39.49 -39.70 28.13
C GLY A 78 -39.97 -39.94 26.73
N HIS A 79 -39.39 -39.35 25.70
CA HIS A 79 -39.91 -39.52 24.34
C HIS A 79 -41.30 -38.89 24.11
N ILE A 80 -42.28 -39.18 24.93
CA ILE A 80 -43.59 -38.64 24.70
C ILE A 80 -43.65 -37.14 24.92
N VAL A 81 -43.13 -36.60 26.04
CA VAL A 81 -43.19 -35.16 26.18
C VAL A 81 -42.29 -34.51 25.12
N GLU A 82 -41.12 -35.10 24.92
CA GLU A 82 -40.12 -34.65 23.95
C GLU A 82 -40.65 -34.59 22.51
N HIS A 83 -41.34 -35.65 22.05
CA HIS A 83 -41.84 -35.70 20.68
C HIS A 83 -43.05 -34.81 20.53
N VAL A 84 -43.87 -34.68 21.57
CA VAL A 84 -45.00 -33.79 21.43
C VAL A 84 -44.52 -32.36 21.31
N ALA A 85 -43.54 -31.91 22.12
CA ALA A 85 -43.09 -30.53 21.99
C ALA A 85 -42.53 -30.29 20.59
N LEU A 86 -41.80 -31.27 20.02
CA LEU A 86 -41.27 -31.08 18.68
C LEU A 86 -42.39 -31.01 17.65
N GLU A 87 -43.41 -31.85 17.79
CA GLU A 87 -44.51 -31.87 16.82
C GLU A 87 -45.38 -30.61 16.92
N LEU A 88 -45.60 -30.10 18.12
CA LEU A 88 -46.41 -28.91 18.22
C LEU A 88 -45.76 -27.76 17.48
N GLN A 89 -44.42 -27.71 17.46
CA GLN A 89 -43.75 -26.67 16.68
C GLN A 89 -43.89 -26.95 15.16
N GLU A 90 -43.80 -28.22 14.76
CA GLU A 90 -43.91 -28.59 13.34
C GLU A 90 -45.30 -28.25 12.77
N LEU A 91 -46.33 -28.40 13.58
CA LEU A 91 -47.71 -28.14 13.17
C LEU A 91 -47.98 -26.70 12.79
N VAL A 92 -47.11 -25.78 13.21
CA VAL A 92 -47.29 -24.39 12.89
C VAL A 92 -46.19 -23.86 11.98
N GLY A 93 -45.42 -24.78 11.37
CA GLY A 93 -44.37 -24.41 10.43
C GLY A 93 -42.96 -24.16 10.99
N MET A 94 -42.70 -24.43 12.26
CA MET A 94 -41.37 -24.21 12.79
C MET A 94 -40.73 -25.57 12.87
N THR A 95 -39.70 -25.79 12.08
CA THR A 95 -39.13 -27.11 12.02
C THR A 95 -38.00 -27.32 13.00
N ALA A 96 -38.15 -28.36 13.80
CA ALA A 96 -37.19 -28.78 14.80
C ALA A 96 -37.31 -30.30 14.90
N GLY A 97 -36.21 -31.00 15.08
CA GLY A 97 -36.29 -32.45 15.17
C GLY A 97 -35.39 -33.11 16.20
N PHE A 98 -34.35 -32.42 16.62
CA PHE A 98 -33.45 -32.97 17.61
C PHE A 98 -34.04 -33.01 18.99
N GLY A 99 -33.80 -34.11 19.69
CA GLY A 99 -34.16 -34.18 21.08
C GLY A 99 -33.61 -35.43 21.76
N ARG A 100 -33.50 -35.31 23.09
CA ARG A 100 -32.98 -36.35 23.97
C ARG A 100 -33.63 -36.34 25.36
N THR A 101 -33.73 -37.50 25.98
CA THR A 101 -34.17 -37.56 27.39
C THR A 101 -33.17 -38.35 28.23
N ARG A 102 -32.79 -37.80 29.39
CA ARG A 102 -31.87 -38.45 30.33
C ARG A 102 -32.35 -38.32 31.78
N GLU A 103 -32.26 -39.41 32.54
CA GLU A 103 -32.67 -39.32 33.95
C GLU A 103 -31.57 -38.71 34.79
N THR A 104 -31.95 -37.84 35.71
CA THR A 104 -31.05 -37.19 36.65
C THR A 104 -31.54 -37.23 38.08
N SER A 105 -30.76 -36.62 38.98
CA SER A 105 -31.12 -36.49 40.40
C SER A 105 -31.65 -37.77 41.00
N THR A 106 -32.75 -37.63 41.73
CA THR A 106 -33.44 -38.76 42.30
C THR A 106 -34.30 -39.36 41.20
N PRO A 107 -34.75 -40.60 41.34
CA PRO A 107 -35.58 -41.26 40.35
C PRO A 107 -36.81 -40.42 40.07
N GLY A 108 -37.17 -40.35 38.79
CA GLY A 108 -38.34 -39.60 38.36
C GLY A 108 -38.02 -38.21 37.81
N VAL A 109 -36.82 -37.67 38.04
CA VAL A 109 -36.55 -36.34 37.48
C VAL A 109 -35.74 -36.46 36.19
N TYR A 110 -36.27 -35.92 35.12
CA TYR A 110 -35.63 -36.03 33.82
C TYR A 110 -35.27 -34.74 33.14
N ASN A 111 -34.19 -34.78 32.39
CA ASN A 111 -33.82 -33.69 31.53
C ASN A 111 -34.31 -33.94 30.14
N VAL A 112 -35.25 -33.12 29.72
CA VAL A 112 -35.87 -33.24 28.42
C VAL A 112 -35.30 -32.16 27.54
N VAL A 113 -34.62 -32.55 26.48
CA VAL A 113 -33.95 -31.60 25.63
C VAL A 113 -34.54 -31.59 24.26
N TYR A 114 -34.95 -30.42 23.78
CA TYR A 114 -35.46 -30.35 22.42
C TYR A 114 -35.02 -29.10 21.70
N GLU A 115 -34.98 -29.20 20.39
CA GLU A 115 -34.63 -28.13 19.45
C GLU A 115 -35.73 -27.10 19.24
N TYR A 116 -35.33 -25.83 19.10
CA TYR A 116 -36.27 -24.74 18.83
C TYR A 116 -35.84 -23.87 17.66
N VAL A 117 -36.81 -23.16 17.08
CA VAL A 117 -36.53 -22.20 16.02
C VAL A 117 -36.61 -20.79 16.59
N ASP A 118 -37.76 -20.50 17.22
CA ASP A 118 -38.03 -19.27 17.94
C ASP A 118 -38.00 -19.57 19.41
N GLU A 119 -37.31 -18.74 20.16
CA GLU A 119 -37.15 -18.93 21.58
C GLU A 119 -38.42 -18.97 22.41
N GLN A 120 -39.41 -18.13 22.11
CA GLN A 120 -40.59 -18.11 22.97
C GLN A 120 -41.55 -19.18 22.54
N ALA A 121 -41.59 -19.42 21.23
CA ALA A 121 -42.44 -20.47 20.74
C ALA A 121 -41.95 -21.83 21.25
N GLY A 122 -40.63 -21.99 21.35
CA GLY A 122 -40.03 -23.21 21.85
C GLY A 122 -40.44 -23.46 23.28
N ARG A 123 -40.30 -22.47 24.15
CA ARG A 123 -40.67 -22.69 25.53
C ARG A 123 -42.19 -22.96 25.66
N TYR A 124 -42.99 -22.27 24.84
CA TYR A 124 -44.44 -22.43 24.86
C TYR A 124 -44.81 -23.88 24.54
N ALA A 125 -44.21 -24.44 23.47
CA ALA A 125 -44.48 -25.80 23.03
C ALA A 125 -44.13 -26.82 24.11
N GLY A 126 -43.08 -26.55 24.87
CA GLY A 126 -42.68 -27.44 25.96
C GLY A 126 -43.78 -27.53 27.00
N ARG A 127 -44.26 -26.37 27.43
CA ARG A 127 -45.31 -26.34 28.44
C ARG A 127 -46.60 -26.97 27.91
N ALA A 128 -46.91 -26.70 26.65
CA ALA A 128 -48.10 -27.26 26.03
C ALA A 128 -48.01 -28.78 25.93
N ALA A 129 -46.83 -29.32 25.61
CA ALA A 129 -46.65 -30.76 25.51
C ALA A 129 -46.93 -31.44 26.82
N VAL A 130 -46.53 -30.80 27.90
CA VAL A 130 -46.78 -31.38 29.20
C VAL A 130 -48.27 -31.39 29.50
N ARG A 131 -49.00 -30.29 29.21
CA ARG A 131 -50.44 -30.28 29.48
C ARG A 131 -51.20 -31.30 28.65
N LEU A 132 -50.83 -31.44 27.38
CA LEU A 132 -51.50 -32.37 26.49
C LEU A 132 -51.27 -33.78 26.99
N CYS A 133 -50.01 -34.09 27.29
CA CYS A 133 -49.63 -35.40 27.75
C CYS A 133 -50.22 -35.72 29.12
N ARG A 134 -50.34 -34.72 30.00
CA ARG A 134 -50.91 -34.98 31.30
C ARG A 134 -52.41 -35.25 31.22
N SER A 135 -53.14 -34.52 30.38
CA SER A 135 -54.57 -34.75 30.30
C SER A 135 -54.85 -36.15 29.80
N LEU A 136 -54.05 -36.64 28.87
CA LEU A 136 -54.27 -37.96 28.30
C LEU A 136 -53.87 -39.15 29.16
N VAL A 137 -53.32 -38.90 30.35
CA VAL A 137 -52.95 -39.99 31.25
C VAL A 137 -53.85 -39.92 32.48
N ASP A 138 -54.87 -39.08 32.36
CA ASP A 138 -55.90 -38.84 33.35
C ASP A 138 -57.22 -39.28 32.69
N THR A 139 -57.54 -38.63 31.57
CA THR A 139 -58.69 -38.97 30.75
C THR A 139 -58.18 -39.58 29.46
N GLY A 140 -59.07 -39.91 28.54
CA GLY A 140 -58.66 -40.58 27.30
C GLY A 140 -58.56 -39.72 26.05
N ASP A 141 -58.73 -38.41 26.17
CA ASP A 141 -58.76 -37.53 25.01
C ASP A 141 -58.30 -36.10 25.36
N TYR A 142 -58.28 -35.24 24.37
CA TYR A 142 -57.87 -33.85 24.56
C TYR A 142 -58.80 -32.98 23.69
N PRO A 143 -59.53 -31.99 24.25
CA PRO A 143 -60.50 -31.20 23.51
C PRO A 143 -59.87 -30.55 22.31
N ARG A 144 -60.59 -30.51 21.20
CA ARG A 144 -60.02 -29.91 20.00
C ARG A 144 -59.73 -28.44 20.20
N LEU A 145 -60.58 -27.75 20.93
CA LEU A 145 -60.40 -26.31 21.10
C LEU A 145 -59.20 -25.99 21.97
N GLU A 146 -58.72 -26.96 22.74
CA GLU A 146 -57.59 -26.75 23.62
C GLU A 146 -56.30 -27.04 22.87
N LEU A 147 -56.44 -27.49 21.62
CA LEU A 147 -55.31 -27.74 20.76
C LEU A 147 -55.24 -26.59 19.79
N GLU A 148 -56.41 -26.17 19.26
CA GLU A 148 -56.42 -25.10 18.28
C GLU A 148 -55.95 -23.78 18.87
N LYS A 149 -56.32 -23.47 20.12
CA LYS A 149 -55.86 -22.20 20.66
C LYS A 149 -54.35 -22.20 20.91
N ASP A 150 -53.76 -23.37 21.20
CA ASP A 150 -52.34 -23.41 21.49
C ASP A 150 -51.58 -23.27 20.20
N LEU A 151 -52.11 -23.84 19.12
CA LEU A 151 -51.44 -23.71 17.85
C LEU A 151 -51.52 -22.26 17.40
N GLU A 152 -52.63 -21.56 17.69
CA GLU A 152 -52.72 -20.15 17.33
C GLU A 152 -51.68 -19.32 18.09
N ASP A 153 -51.45 -19.62 19.38
CA ASP A 153 -50.44 -18.88 20.13
C ASP A 153 -49.05 -19.14 19.59
N LEU A 154 -48.76 -20.37 19.17
CA LEU A 154 -47.45 -20.61 18.60
C LEU A 154 -47.26 -19.87 17.29
N ARG A 155 -48.31 -19.79 16.46
CA ARG A 155 -48.18 -19.06 15.20
C ARG A 155 -47.91 -17.57 15.45
N ASP A 156 -48.54 -16.98 16.45
CA ASP A 156 -48.27 -15.57 16.70
C ASP A 156 -46.87 -15.37 17.29
N LEU A 157 -46.43 -16.24 18.19
CA LEU A 157 -45.11 -16.08 18.79
C LEU A 157 -44.02 -16.17 17.74
N GLY A 158 -44.21 -17.05 16.76
CA GLY A 158 -43.21 -17.23 15.71
C GLY A 158 -43.28 -16.16 14.63
N ALA A 159 -44.28 -15.28 14.67
CA ALA A 159 -44.44 -14.22 13.70
C ALA A 159 -43.89 -12.93 14.23
N ASN A 160 -44.09 -12.70 15.52
CA ASN A 160 -43.71 -11.46 16.17
C ASN A 160 -42.21 -11.23 16.16
N SER A 161 -41.44 -12.31 16.16
CA SER A 161 -39.99 -12.25 16.18
C SER A 161 -39.35 -12.35 14.81
N ALA A 162 -40.14 -12.43 13.75
CA ALA A 162 -39.58 -12.60 12.42
C ALA A 162 -38.84 -11.35 11.94
N LEU A 163 -37.77 -11.56 11.18
CA LEU A 163 -37.05 -10.48 10.54
C LEU A 163 -37.77 -10.12 9.26
N GLY A 164 -37.72 -8.87 8.83
CA GLY A 164 -38.34 -8.59 7.55
C GLY A 164 -37.50 -9.24 6.46
N PRO A 165 -38.05 -9.45 5.25
CA PRO A 165 -37.42 -10.11 4.12
C PRO A 165 -36.16 -9.46 3.56
N SER A 166 -35.99 -8.15 3.77
CA SER A 166 -34.77 -7.54 3.26
C SER A 166 -33.61 -7.82 4.20
N THR A 167 -33.92 -8.11 5.47
CA THR A 167 -32.89 -8.39 6.44
C THR A 167 -32.55 -9.84 6.27
N GLU A 168 -33.56 -10.69 6.04
CA GLU A 168 -33.32 -12.11 5.86
C GLU A 168 -32.43 -12.36 4.66
N THR A 169 -32.62 -11.57 3.60
CA THR A 169 -31.83 -11.70 2.38
C THR A 169 -30.34 -11.45 2.67
N ILE A 170 -30.03 -10.38 3.43
CA ILE A 170 -28.64 -10.08 3.75
C ILE A 170 -28.05 -11.07 4.74
N VAL A 171 -28.82 -11.42 5.77
CA VAL A 171 -28.37 -12.35 6.79
C VAL A 171 -28.07 -13.73 6.23
N THR A 172 -28.90 -14.24 5.33
CA THR A 172 -28.68 -15.55 4.74
C THR A 172 -27.37 -15.59 3.96
N GLU A 173 -27.08 -14.56 3.17
CA GLU A 173 -25.83 -14.54 2.43
C GLU A 173 -24.64 -14.41 3.40
N ALA A 174 -24.80 -13.63 4.48
CA ALA A 174 -23.73 -13.47 5.45
C ALA A 174 -23.37 -14.81 6.06
N GLU A 175 -24.35 -15.66 6.35
CA GLU A 175 -24.07 -16.98 6.90
C GLU A 175 -23.33 -17.87 5.92
N ALA A 176 -23.69 -17.79 4.64
CA ALA A 176 -23.04 -18.58 3.59
C ALA A 176 -21.53 -18.27 3.51
N ARG A 177 -21.19 -17.02 3.79
CA ARG A 177 -19.83 -16.47 3.78
C ARG A 177 -19.12 -16.54 5.14
N LYS A 178 -19.75 -17.16 6.12
CA LYS A 178 -19.25 -17.32 7.48
C LYS A 178 -19.02 -16.00 8.23
N ILE A 179 -19.89 -15.02 8.06
CA ILE A 179 -19.80 -13.76 8.77
C ILE A 179 -20.74 -13.87 9.97
N PRO A 180 -20.29 -13.71 11.22
CA PRO A 180 -21.12 -13.85 12.39
C PRO A 180 -22.11 -12.70 12.46
N TRP A 181 -23.29 -12.94 13.02
CA TRP A 181 -24.24 -11.83 13.15
C TRP A 181 -25.00 -11.89 14.46
N MET A 182 -25.43 -10.72 14.91
CA MET A 182 -26.15 -10.51 16.17
C MET A 182 -27.26 -9.49 16.07
N LEU A 183 -28.31 -9.67 16.86
CA LEU A 183 -29.30 -8.60 16.93
C LEU A 183 -28.87 -7.65 18.03
N LEU A 184 -29.11 -6.37 17.84
CA LEU A 184 -28.80 -5.39 18.86
C LEU A 184 -30.04 -4.99 19.63
N SER A 185 -29.82 -4.45 20.81
CA SER A 185 -30.85 -4.01 21.74
C SER A 185 -31.67 -2.76 21.36
N ALA A 186 -31.27 -2.03 20.33
CA ALA A 186 -32.05 -0.84 19.97
C ALA A 186 -32.23 -0.70 18.47
N ARG A 187 -33.39 -0.11 18.13
CA ARG A 187 -33.83 0.31 16.80
C ARG A 187 -33.78 -0.74 15.71
N ALA A 188 -34.01 -2.00 16.06
CA ALA A 188 -34.01 -3.10 15.11
C ALA A 188 -32.72 -3.22 14.30
N MET A 189 -31.56 -2.90 14.88
CA MET A 189 -30.31 -3.01 14.17
C MET A 189 -29.69 -4.39 14.30
N VAL A 190 -28.93 -4.78 13.27
CA VAL A 190 -28.18 -6.04 13.23
C VAL A 190 -26.70 -5.78 13.05
N GLN A 191 -25.89 -6.42 13.88
CA GLN A 191 -24.45 -6.31 13.77
C GLN A 191 -23.84 -7.46 12.99
N LEU A 192 -22.92 -7.16 12.11
CA LEU A 192 -22.19 -8.14 11.32
C LEU A 192 -20.69 -8.06 11.61
N GLY A 193 -20.08 -9.17 12.01
CA GLY A 193 -18.64 -9.20 12.34
C GLY A 193 -18.32 -8.88 13.80
N TYR A 194 -17.03 -9.06 14.20
CA TYR A 194 -16.57 -8.81 15.60
C TYR A 194 -15.53 -7.72 15.76
N GLY A 195 -15.54 -7.06 16.93
CA GLY A 195 -14.54 -6.08 17.33
C GLY A 195 -14.41 -4.93 16.36
N VAL A 196 -13.18 -4.63 15.99
CA VAL A 196 -12.88 -3.56 15.02
C VAL A 196 -13.38 -3.81 13.59
N TYR A 197 -13.88 -5.01 13.28
CA TYR A 197 -14.35 -5.24 11.92
C TYR A 197 -15.86 -5.24 11.80
N GLN A 198 -16.54 -4.85 12.85
CA GLN A 198 -17.98 -4.84 12.82
C GLN A 198 -18.60 -3.79 11.91
N GLN A 199 -19.77 -4.14 11.36
CA GLN A 199 -20.62 -3.30 10.55
C GLN A 199 -22.05 -3.39 11.07
N ARG A 200 -22.87 -2.38 10.83
CA ARG A 200 -24.28 -2.45 11.20
C ARG A 200 -25.17 -2.23 10.02
N ILE A 201 -26.30 -2.93 10.04
CA ILE A 201 -27.35 -2.74 9.04
C ILE A 201 -28.70 -2.57 9.70
N GLN A 202 -29.62 -1.98 8.97
CA GLN A 202 -31.00 -1.90 9.37
C GLN A 202 -31.83 -1.97 8.11
N ALA A 203 -32.39 -3.13 7.83
CA ALA A 203 -33.08 -3.35 6.56
C ALA A 203 -32.13 -3.01 5.41
N THR A 204 -32.46 -1.98 4.64
CA THR A 204 -31.69 -1.57 3.47
C THR A 204 -30.77 -0.35 3.67
N LEU A 205 -30.61 0.09 4.91
CA LEU A 205 -29.67 1.13 5.30
C LEU A 205 -28.47 0.48 5.97
N SER A 206 -27.31 1.07 5.82
CA SER A 206 -26.13 0.51 6.46
C SER A 206 -25.23 1.58 7.03
N SER A 207 -24.17 1.13 7.66
CA SER A 207 -23.12 1.95 8.24
C SER A 207 -22.38 2.81 7.20
N HIS A 208 -22.55 2.50 5.91
CA HIS A 208 -21.94 3.25 4.81
C HIS A 208 -22.89 4.27 4.16
N SER A 209 -24.13 4.36 4.65
CA SER A 209 -25.10 5.27 4.07
C SER A 209 -25.07 6.59 4.81
N GLY A 210 -24.73 7.66 4.08
CA GLY A 210 -24.58 8.98 4.67
C GLY A 210 -25.91 9.67 4.82
N ILE A 211 -25.98 10.54 5.82
CA ILE A 211 -27.19 11.28 6.07
C ILE A 211 -27.49 12.37 5.06
N LEU A 212 -26.48 13.03 4.51
CA LEU A 212 -26.78 14.12 3.58
C LEU A 212 -27.43 13.56 2.32
N GLY A 213 -26.95 12.40 1.87
CA GLY A 213 -27.46 11.72 0.69
C GLY A 213 -28.88 11.25 0.88
N VAL A 214 -29.15 10.61 2.03
CA VAL A 214 -30.47 10.10 2.30
C VAL A 214 -31.47 11.23 2.43
N GLU A 215 -31.12 12.32 3.12
CA GLU A 215 -32.07 13.42 3.21
C GLU A 215 -32.32 14.09 1.85
N LEU A 216 -31.31 14.24 1.02
CA LEU A 216 -31.52 14.85 -0.29
C LEU A 216 -32.47 14.01 -1.12
N ALA A 217 -32.32 12.69 -1.05
CA ALA A 217 -33.14 11.76 -1.81
C ALA A 217 -34.61 11.81 -1.40
N CYS A 218 -34.93 12.37 -0.24
CA CYS A 218 -36.30 12.39 0.24
C CYS A 218 -36.98 13.71 -0.09
N ASP A 219 -36.22 14.62 -0.67
CA ASP A 219 -36.64 15.95 -1.03
C ASP A 219 -36.84 16.00 -2.54
N LYS A 220 -38.07 15.90 -3.02
CA LYS A 220 -38.26 15.79 -4.47
C LYS A 220 -37.84 17.04 -5.23
N GLU A 221 -38.08 18.21 -4.68
CA GLU A 221 -37.69 19.46 -5.33
C GLU A 221 -36.18 19.60 -5.33
N GLY A 222 -35.55 19.22 -4.21
CA GLY A 222 -34.12 19.28 -4.07
C GLY A 222 -33.43 18.33 -5.02
N THR A 223 -33.95 17.12 -5.13
CA THR A 223 -33.36 16.10 -6.00
C THR A 223 -33.42 16.54 -7.44
N LYS A 224 -34.57 17.06 -7.87
CA LYS A 224 -34.73 17.50 -9.24
C LYS A 224 -33.77 18.63 -9.58
N THR A 225 -33.61 19.58 -8.66
CA THR A 225 -32.72 20.72 -8.88
C THR A 225 -31.29 20.25 -9.07
N ILE A 226 -30.82 19.35 -8.20
CA ILE A 226 -29.46 18.85 -8.27
C ILE A 226 -29.22 18.06 -9.55
N LEU A 227 -30.16 17.22 -9.96
CA LEU A 227 -29.95 16.45 -11.15
C LEU A 227 -30.02 17.27 -12.44
N GLN A 228 -30.93 18.23 -12.55
CA GLN A 228 -30.95 18.95 -13.82
C GLN A 228 -29.72 19.85 -13.97
N ASP A 229 -29.11 20.25 -12.85
CA ASP A 229 -27.88 21.04 -12.88
C ASP A 229 -26.67 20.23 -13.34
N ALA A 230 -26.80 18.90 -13.38
CA ALA A 230 -25.77 17.97 -13.77
C ALA A 230 -25.96 17.48 -15.20
N GLY A 231 -26.98 17.99 -15.89
CA GLY A 231 -27.29 17.55 -17.24
C GLY A 231 -28.06 16.23 -17.30
N ILE A 232 -28.80 15.87 -16.26
CA ILE A 232 -29.56 14.62 -16.21
C ILE A 232 -31.05 14.88 -16.55
N PRO A 233 -31.68 14.14 -17.50
CA PRO A 233 -33.08 14.33 -17.90
C PRO A 233 -34.10 13.98 -16.82
N VAL A 234 -34.95 14.93 -16.52
CA VAL A 234 -36.00 14.83 -15.51
C VAL A 234 -37.27 15.43 -16.12
N PRO A 235 -38.49 15.16 -15.60
CA PRO A 235 -39.73 15.74 -16.07
C PRO A 235 -39.80 17.25 -15.95
N ARG A 236 -40.45 17.88 -16.91
CA ARG A 236 -40.70 19.33 -16.90
C ARG A 236 -41.99 19.65 -16.14
N GLY A 237 -41.99 20.67 -15.26
CA GLY A 237 -43.22 21.00 -14.52
C GLY A 237 -43.10 22.26 -13.66
N THR A 238 -44.15 22.59 -12.89
CA THR A 238 -44.19 23.84 -12.10
C THR A 238 -44.79 23.74 -10.69
N THR A 239 -44.92 24.92 -10.07
CA THR A 239 -45.49 25.08 -8.74
C THR A 239 -46.68 26.06 -8.72
N ILE A 240 -47.87 25.58 -8.42
CA ILE A 240 -49.06 26.42 -8.35
C ILE A 240 -49.69 26.20 -7.00
N GLN A 241 -49.76 27.20 -6.13
CA GLN A 241 -50.33 26.91 -4.80
C GLN A 241 -51.84 27.04 -4.73
N TYR A 242 -52.47 26.15 -5.47
CA TYR A 242 -53.91 25.98 -5.63
C TYR A 242 -54.66 27.23 -6.08
N PHE A 243 -54.09 27.89 -7.06
CA PHE A 243 -54.68 29.04 -7.73
C PHE A 243 -55.16 28.50 -9.04
N ASP A 244 -56.22 29.04 -9.61
CA ASP A 244 -56.64 28.48 -10.89
C ASP A 244 -55.81 29.06 -12.05
N ASP A 245 -54.54 28.64 -12.09
CA ASP A 245 -53.52 29.07 -13.06
C ASP A 245 -53.13 27.92 -13.99
N LEU A 246 -53.85 26.81 -13.90
CA LEU A 246 -53.50 25.63 -14.69
C LEU A 246 -53.59 25.88 -16.18
N GLU A 247 -54.57 26.70 -16.57
CA GLU A 247 -54.80 27.01 -17.97
C GLU A 247 -53.66 27.81 -18.58
N GLU A 248 -52.81 28.42 -17.74
CA GLU A 248 -51.68 29.16 -18.25
C GLU A 248 -50.42 28.30 -18.11
N ALA A 249 -50.33 27.52 -17.03
CA ALA A 249 -49.14 26.71 -16.75
C ALA A 249 -48.85 25.75 -17.87
N ILE A 250 -49.90 25.24 -18.51
CA ILE A 250 -49.71 24.33 -19.61
C ILE A 250 -48.94 24.98 -20.78
N ASN A 251 -48.89 26.31 -20.84
CA ASN A 251 -48.16 26.97 -21.90
C ASN A 251 -46.65 26.85 -21.69
N ASP A 252 -46.21 26.70 -20.43
CA ASP A 252 -44.81 26.59 -20.12
C ASP A 252 -44.39 25.13 -20.12
N VAL A 253 -45.33 24.26 -19.76
CA VAL A 253 -45.09 22.84 -19.63
C VAL A 253 -45.15 22.07 -20.96
N GLY A 254 -46.13 22.35 -21.82
CA GLY A 254 -46.24 21.62 -23.10
C GLY A 254 -47.65 21.15 -23.47
N GLY A 255 -48.67 21.94 -23.13
CA GLY A 255 -50.05 21.62 -23.49
C GLY A 255 -50.73 20.80 -22.42
N TYR A 256 -51.90 20.25 -22.75
CA TYR A 256 -52.68 19.51 -21.77
C TYR A 256 -52.20 18.17 -21.27
N PRO A 257 -51.45 17.33 -22.01
CA PRO A 257 -51.04 16.01 -21.55
C PRO A 257 -50.12 16.17 -20.37
N VAL A 258 -50.73 16.34 -19.20
CA VAL A 258 -49.99 16.60 -17.97
C VAL A 258 -50.39 15.69 -16.82
N VAL A 259 -49.53 15.71 -15.82
CA VAL A 259 -49.70 14.97 -14.58
C VAL A 259 -49.91 15.92 -13.40
N ILE A 260 -51.02 15.73 -12.68
CA ILE A 260 -51.30 16.57 -11.52
C ILE A 260 -51.29 15.77 -10.22
N LYS A 261 -50.36 16.11 -9.34
CA LYS A 261 -50.23 15.44 -8.06
C LYS A 261 -50.60 16.41 -6.95
N PRO A 262 -50.99 15.94 -5.76
CA PRO A 262 -51.24 16.75 -4.60
C PRO A 262 -49.92 17.34 -4.37
N LEU A 263 -49.83 18.55 -3.91
CA LEU A 263 -48.51 19.06 -3.76
C LEU A 263 -47.68 18.33 -2.70
N ASP A 264 -48.26 17.92 -1.58
CA ASP A 264 -47.43 17.21 -0.60
C ASP A 264 -47.39 15.71 -0.84
N GLY A 265 -46.65 15.00 -0.01
CA GLY A 265 -46.51 13.55 -0.10
C GLY A 265 -47.32 12.79 0.94
N ASN A 266 -48.52 12.37 0.58
CA ASN A 266 -49.38 11.66 1.52
C ASN A 266 -50.04 10.48 0.83
N HIS A 267 -49.22 9.48 0.50
CA HIS A 267 -49.62 8.28 -0.23
C HIS A 267 -50.02 8.56 -1.68
N GLY A 268 -50.18 7.50 -2.45
CA GLY A 268 -50.47 7.61 -3.88
C GLY A 268 -51.94 7.89 -4.16
N ARG A 269 -52.40 9.05 -3.69
CA ARG A 269 -53.81 9.41 -3.76
C ARG A 269 -54.01 10.82 -4.30
N GLY A 270 -55.10 11.02 -5.05
CA GLY A 270 -55.41 12.35 -5.59
C GLY A 270 -54.53 12.67 -6.79
N ILE A 271 -54.08 11.64 -7.49
CA ILE A 271 -53.18 11.83 -8.63
C ILE A 271 -53.80 11.49 -9.96
N THR A 272 -53.73 12.44 -10.88
CA THR A 272 -54.21 12.19 -12.23
C THR A 272 -53.00 12.13 -13.15
N ILE A 273 -52.84 10.99 -13.81
CA ILE A 273 -51.69 10.78 -14.69
C ILE A 273 -51.82 11.41 -16.06
N ASN A 274 -52.96 11.31 -16.71
CA ASN A 274 -53.00 11.91 -18.04
C ASN A 274 -54.22 12.78 -18.22
N VAL A 275 -54.01 14.07 -18.01
CA VAL A 275 -55.02 15.11 -18.13
C VAL A 275 -55.01 15.52 -19.58
N ARG A 276 -56.17 15.57 -20.20
CA ARG A 276 -56.27 15.97 -21.60
C ARG A 276 -57.14 17.21 -21.80
N HIS A 277 -58.01 17.52 -20.84
CA HIS A 277 -58.95 18.63 -21.00
C HIS A 277 -59.01 19.57 -19.79
N TRP A 278 -59.49 20.80 -20.01
CA TRP A 278 -59.55 21.83 -18.97
C TRP A 278 -60.29 21.38 -17.72
N GLN A 279 -61.45 20.76 -17.91
CA GLN A 279 -62.26 20.34 -16.77
C GLN A 279 -61.64 19.17 -16.01
N GLU A 280 -60.74 18.44 -16.66
CA GLU A 280 -60.10 17.32 -16.02
C GLU A 280 -59.03 17.86 -15.14
N ALA A 281 -58.39 18.94 -15.62
CA ALA A 281 -57.35 19.60 -14.87
C ALA A 281 -57.94 20.13 -13.59
N ILE A 282 -59.18 20.64 -13.68
CA ILE A 282 -59.87 21.15 -12.51
C ILE A 282 -60.25 20.00 -11.59
N ALA A 283 -60.77 18.90 -12.10
CA ALA A 283 -61.07 17.85 -11.14
C ALA A 283 -59.79 17.43 -10.40
N ALA A 284 -58.66 17.35 -11.11
CA ALA A 284 -57.40 16.99 -10.48
C ALA A 284 -56.97 18.04 -9.47
N TYR A 285 -57.20 19.32 -9.81
CA TYR A 285 -56.91 20.48 -8.98
C TYR A 285 -57.62 20.38 -7.64
N ASP A 286 -58.92 20.09 -7.69
CA ASP A 286 -59.74 19.99 -6.50
C ASP A 286 -59.26 18.87 -5.59
N LEU A 287 -58.76 17.78 -6.16
CA LEU A 287 -58.24 16.69 -5.35
C LEU A 287 -56.86 17.04 -4.82
N ALA A 288 -56.05 17.70 -5.65
CA ALA A 288 -54.70 18.05 -5.25
C ALA A 288 -54.73 18.96 -4.03
N ALA A 289 -55.75 19.82 -4.01
CA ALA A 289 -56.00 20.87 -3.01
C ALA A 289 -56.19 20.32 -1.60
N GLU A 290 -56.43 19.02 -1.48
CA GLU A 290 -56.59 18.41 -0.17
C GLU A 290 -55.28 18.46 0.65
N GLU A 291 -54.11 18.42 -0.02
CA GLU A 291 -52.82 18.37 0.66
C GLU A 291 -52.10 19.74 0.73
N SER A 292 -51.11 19.87 1.62
CA SER A 292 -50.38 21.14 1.79
C SER A 292 -49.75 21.66 0.51
N LYS A 293 -49.84 22.98 0.33
CA LYS A 293 -49.39 23.72 -0.86
C LYS A 293 -47.89 24.05 -1.08
N ILE A 297 -44.92 20.08 -7.58
CA ILE A 297 -45.16 18.90 -8.40
C ILE A 297 -46.52 18.94 -9.15
N ILE A 298 -46.84 20.08 -9.76
CA ILE A 298 -48.10 20.21 -10.45
C ILE A 298 -47.86 20.53 -11.92
N VAL A 299 -48.77 20.08 -12.77
CA VAL A 299 -48.70 20.27 -14.20
C VAL A 299 -47.36 19.76 -14.74
N GLU A 300 -47.02 18.51 -14.52
CA GLU A 300 -45.81 18.03 -15.14
C GLU A 300 -46.15 17.55 -16.50
N ARG A 301 -45.22 17.61 -17.41
CA ARG A 301 -45.49 17.04 -18.70
C ARG A 301 -45.64 15.55 -18.50
N TYR A 302 -46.59 14.95 -19.22
CA TYR A 302 -46.79 13.51 -19.22
C TYR A 302 -45.86 12.85 -20.22
N TYR A 303 -45.15 11.82 -19.79
CA TYR A 303 -44.25 11.09 -20.67
C TYR A 303 -44.77 9.68 -20.85
N GLU A 304 -44.62 9.13 -22.04
CA GLU A 304 -45.09 7.77 -22.27
C GLU A 304 -43.99 6.75 -22.03
N GLY A 305 -44.37 5.56 -21.61
CA GLY A 305 -43.40 4.49 -21.42
C GLY A 305 -43.79 3.60 -20.26
N SER A 306 -42.92 2.67 -19.93
CA SER A 306 -43.14 1.74 -18.85
C SER A 306 -42.36 2.20 -17.64
N ASP A 307 -42.75 1.72 -16.47
CA ASP A 307 -42.09 2.02 -15.20
C ASP A 307 -40.99 1.00 -14.87
N HIS A 308 -39.73 1.44 -14.92
CA HIS A 308 -38.61 0.57 -14.67
C HIS A 308 -37.90 0.91 -13.36
N ARG A 309 -37.54 -0.12 -12.63
CA ARG A 309 -36.76 0.05 -11.41
C ARG A 309 -35.34 -0.43 -11.58
N VAL A 310 -34.40 0.46 -11.37
CA VAL A 310 -33.00 0.16 -11.50
C VAL A 310 -32.31 0.16 -10.15
N LEU A 311 -31.62 -0.92 -9.81
CA LEU A 311 -30.91 -1.02 -8.55
C LEU A 311 -29.39 -0.87 -8.71
N VAL A 312 -28.83 0.11 -8.02
CA VAL A 312 -27.39 0.43 -8.03
C VAL A 312 -26.87 0.27 -6.59
N VAL A 313 -25.78 -0.49 -6.39
CA VAL A 313 -25.28 -0.73 -5.02
C VAL A 313 -24.01 -0.01 -4.58
N ASN A 314 -22.98 0.02 -5.37
CA ASN A 314 -21.77 0.72 -4.90
C ASN A 314 -21.23 1.55 -6.02
N GLY A 315 -22.12 2.33 -6.64
CA GLY A 315 -21.76 3.10 -7.82
C GLY A 315 -21.70 2.18 -9.03
N LYS A 316 -22.32 1.02 -8.89
CA LYS A 316 -22.36 -0.01 -9.90
C LYS A 316 -23.73 -0.68 -10.01
N LEU A 317 -24.21 -0.84 -11.24
CA LEU A 317 -25.51 -1.46 -11.49
C LEU A 317 -25.60 -2.94 -11.16
N VAL A 318 -26.65 -3.32 -10.41
CA VAL A 318 -26.93 -4.69 -10.02
C VAL A 318 -28.12 -5.32 -10.72
N ALA A 319 -29.26 -4.63 -10.79
CA ALA A 319 -30.45 -5.26 -11.40
C ALA A 319 -31.43 -4.27 -12.01
N VAL A 320 -32.19 -4.72 -13.01
CA VAL A 320 -33.25 -3.90 -13.62
C VAL A 320 -34.57 -4.68 -13.74
N ALA A 321 -35.70 -4.09 -13.30
CA ALA A 321 -36.98 -4.77 -13.45
C ALA A 321 -38.09 -3.86 -13.96
N GLU A 322 -38.93 -4.41 -14.82
CA GLU A 322 -40.08 -3.68 -15.36
C GLU A 322 -41.32 -3.97 -14.55
N ARG A 323 -41.98 -2.92 -14.08
CA ARG A 323 -43.13 -3.05 -13.21
C ARG A 323 -44.44 -2.73 -13.88
N ILE A 324 -45.38 -3.67 -13.81
CA ILE A 324 -46.69 -3.56 -14.44
C ILE A 324 -47.83 -3.71 -13.41
N PRO A 325 -48.82 -2.80 -13.36
CA PRO A 325 -49.97 -2.81 -12.45
C PRO A 325 -50.92 -3.96 -12.69
N ALA A 326 -51.66 -4.34 -11.64
CA ALA A 326 -52.64 -5.42 -11.68
C ALA A 326 -53.62 -5.23 -12.80
N HIS A 327 -53.88 -6.30 -13.54
CA HIS A 327 -54.76 -6.20 -14.69
C HIS A 327 -55.35 -7.52 -15.13
N VAL A 328 -56.36 -7.41 -15.99
CA VAL A 328 -56.97 -8.54 -16.67
C VAL A 328 -57.00 -8.23 -18.16
N THR A 329 -57.10 -9.25 -18.98
CA THR A 329 -57.17 -9.02 -20.41
C THR A 329 -58.33 -9.74 -21.05
N GLY A 330 -58.64 -9.35 -22.28
CA GLY A 330 -59.71 -9.93 -23.08
C GLY A 330 -59.41 -11.35 -23.54
N ASP A 331 -59.33 -12.24 -22.56
CA ASP A 331 -59.05 -13.65 -22.71
C ASP A 331 -60.38 -14.35 -23.01
N GLY A 332 -60.89 -14.05 -24.20
CA GLY A 332 -62.19 -14.52 -24.65
C GLY A 332 -63.27 -13.53 -24.26
N SER A 333 -64.51 -13.79 -24.69
CA SER A 333 -65.63 -12.87 -24.45
C SER A 333 -66.24 -13.03 -23.07
N SER A 334 -65.45 -12.67 -22.06
CA SER A 334 -65.81 -12.76 -20.65
C SER A 334 -65.82 -11.38 -20.02
N THR A 335 -66.54 -11.26 -18.90
CA THR A 335 -66.61 -9.97 -18.23
C THR A 335 -65.41 -9.77 -17.34
N ILE A 336 -65.23 -8.55 -16.86
CA ILE A 336 -64.13 -8.33 -15.94
C ILE A 336 -64.30 -9.13 -14.66
N SER A 337 -65.48 -9.18 -14.04
CA SER A 337 -65.53 -9.98 -12.82
C SER A 337 -65.23 -11.45 -13.10
N GLU A 338 -65.59 -11.95 -14.30
CA GLU A 338 -65.31 -13.32 -14.67
C GLU A 338 -63.81 -13.53 -14.92
N LEU A 339 -63.17 -12.55 -15.56
CA LEU A 339 -61.74 -12.61 -15.84
C LEU A 339 -60.93 -12.56 -14.58
N ILE A 340 -61.38 -11.77 -13.61
CA ILE A 340 -60.65 -11.71 -12.37
C ILE A 340 -60.75 -13.05 -11.70
N GLU A 341 -61.93 -13.65 -11.64
CA GLU A 341 -61.99 -14.94 -10.99
C GLU A 341 -61.17 -15.99 -11.74
N LYS A 342 -61.12 -15.91 -13.06
CA LYS A 342 -60.34 -16.86 -13.86
C LYS A 342 -58.84 -16.76 -13.59
N THR A 343 -58.29 -15.54 -13.54
CA THR A 343 -56.84 -15.39 -13.38
C THR A 343 -56.40 -15.33 -11.92
N ASN A 344 -57.31 -15.07 -11.00
CA ASN A 344 -56.95 -14.96 -9.60
C ASN A 344 -56.82 -16.36 -8.97
N GLN A 345 -57.06 -17.39 -9.77
CA GLN A 345 -56.91 -18.78 -9.37
C GLN A 345 -55.52 -19.31 -9.73
N ASP A 346 -54.69 -18.48 -10.35
CA ASP A 346 -53.35 -18.87 -10.73
C ASP A 346 -52.60 -19.28 -9.47
N PRO A 347 -51.99 -20.50 -9.41
CA PRO A 347 -51.32 -21.09 -8.27
C PRO A 347 -50.11 -20.31 -7.77
N ASN A 348 -49.65 -19.34 -8.56
CA ASN A 348 -48.49 -18.58 -8.16
C ASN A 348 -48.93 -17.28 -7.49
N ARG A 349 -50.21 -17.20 -7.13
CA ARG A 349 -50.78 -16.00 -6.46
C ARG A 349 -51.14 -16.33 -5.00
N GLY A 350 -50.25 -15.99 -4.06
CA GLY A 350 -50.49 -16.25 -2.63
C GLY A 350 -50.43 -15.39 -1.38
N ASP A 351 -51.56 -14.78 -1.02
CA ASP A 351 -51.63 -13.90 0.18
C ASP A 351 -50.63 -12.76 0.35
N GLY A 352 -49.97 -12.67 1.50
CA GLY A 352 -48.99 -11.61 1.77
C GLY A 352 -47.52 -11.97 1.91
N HIS A 353 -46.76 -11.81 0.82
CA HIS A 353 -45.30 -12.11 0.82
C HIS A 353 -45.08 -13.62 0.86
N ASP A 354 -46.17 -14.35 0.76
CA ASP A 354 -46.18 -15.85 0.72
C ASP A 354 -45.88 -16.55 -0.63
N ASN A 355 -46.35 -16.02 -1.77
CA ASN A 355 -46.24 -16.68 -3.09
C ASN A 355 -45.61 -15.59 -3.95
N ILE A 356 -45.19 -15.83 -5.20
CA ILE A 356 -44.68 -14.73 -6.01
C ILE A 356 -45.53 -13.51 -6.26
N LEU A 357 -46.75 -13.78 -6.69
CA LEU A 357 -47.77 -12.81 -7.02
C LEU A 357 -48.82 -12.78 -5.95
N THR A 358 -49.64 -11.75 -5.92
CA THR A 358 -50.72 -11.78 -4.95
C THR A 358 -52.05 -11.66 -5.64
N LYS A 359 -53.08 -11.65 -4.83
CA LYS A 359 -54.45 -11.64 -5.30
C LYS A 359 -54.93 -10.29 -5.81
N ILE A 360 -55.83 -10.34 -6.78
CA ILE A 360 -56.49 -9.17 -7.29
C ILE A 360 -57.73 -8.89 -6.48
N VAL A 361 -57.78 -7.69 -5.94
CA VAL A 361 -58.89 -7.23 -5.11
C VAL A 361 -59.52 -6.00 -5.71
N VAL A 362 -60.84 -6.02 -5.83
CA VAL A 362 -61.54 -4.86 -6.37
C VAL A 362 -62.32 -4.19 -5.26
N ASN A 363 -62.23 -2.88 -5.31
CA ASN A 363 -62.81 -1.91 -4.40
C ASN A 363 -63.20 -0.68 -5.21
N LYS A 364 -63.75 0.33 -4.55
CA LYS A 364 -64.20 1.55 -5.23
C LYS A 364 -63.08 2.23 -6.01
N THR A 365 -61.82 2.02 -5.62
CA THR A 365 -60.71 2.63 -6.29
C THR A 365 -60.35 1.87 -7.56
N ALA A 366 -60.71 0.57 -7.62
CA ALA A 366 -60.45 -0.22 -8.80
C ALA A 366 -61.50 0.14 -9.80
N ILE A 367 -62.68 0.43 -9.28
CA ILE A 367 -63.79 0.79 -10.13
C ILE A 367 -63.50 2.14 -10.74
N ASP A 368 -63.02 3.09 -9.95
CA ASP A 368 -62.69 4.38 -10.49
C ASP A 368 -61.67 4.23 -11.65
N VAL A 369 -60.67 3.36 -11.47
CA VAL A 369 -59.68 3.13 -12.54
C VAL A 369 -60.35 2.49 -13.76
N MET A 370 -61.21 1.49 -13.56
CA MET A 370 -61.90 0.85 -14.69
C MET A 370 -62.88 1.77 -15.43
N GLU A 371 -63.58 2.65 -14.71
CA GLU A 371 -64.53 3.56 -15.34
C GLU A 371 -63.84 4.48 -16.32
N ARG A 372 -62.63 4.93 -16.00
CA ARG A 372 -61.88 5.80 -16.90
C ARG A 372 -61.48 5.14 -18.20
N GLN A 373 -61.50 3.80 -18.23
CA GLN A 373 -61.12 3.03 -19.39
C GLN A 373 -62.37 2.66 -20.20
N GLY A 374 -63.55 3.02 -19.67
CA GLY A 374 -64.82 2.68 -20.30
C GLY A 374 -65.38 1.31 -19.89
N TYR A 375 -64.93 0.76 -18.75
CA TYR A 375 -65.39 -0.57 -18.34
C TYR A 375 -65.80 -0.65 -16.88
N ASN A 376 -66.59 -1.66 -16.56
CA ASN A 376 -66.96 -1.97 -15.17
C ASN A 376 -66.99 -3.49 -15.01
N LEU A 377 -67.31 -3.99 -13.82
CA LEU A 377 -67.24 -5.42 -13.55
C LEU A 377 -68.12 -6.31 -14.43
N ASP A 378 -69.24 -5.80 -14.91
CA ASP A 378 -70.11 -6.62 -15.74
C ASP A 378 -69.87 -6.40 -17.24
N SER A 379 -68.84 -5.63 -17.60
CA SER A 379 -68.54 -5.36 -18.99
C SER A 379 -67.71 -6.48 -19.59
N VAL A 380 -67.96 -6.79 -20.86
CA VAL A 380 -67.18 -7.77 -21.62
C VAL A 380 -66.07 -7.10 -22.38
N LEU A 381 -64.86 -7.64 -22.25
CA LEU A 381 -63.76 -7.00 -22.96
C LEU A 381 -63.60 -7.59 -24.37
N PRO A 382 -63.27 -6.78 -25.39
CA PRO A 382 -62.91 -7.19 -26.72
C PRO A 382 -61.67 -8.06 -26.67
N LYS A 383 -61.55 -8.99 -27.60
CA LYS A 383 -60.37 -9.84 -27.62
C LYS A 383 -59.08 -9.03 -27.58
N ASP A 384 -58.19 -9.45 -26.67
CA ASP A 384 -56.86 -8.89 -26.41
C ASP A 384 -56.82 -7.47 -25.82
N GLU A 385 -57.97 -6.97 -25.37
CA GLU A 385 -58.07 -5.69 -24.68
C GLU A 385 -57.42 -5.79 -23.31
N VAL A 386 -56.69 -4.76 -22.88
CA VAL A 386 -56.09 -4.82 -21.55
C VAL A 386 -56.69 -3.78 -20.62
N VAL A 387 -57.22 -4.23 -19.49
CA VAL A 387 -57.82 -3.33 -18.52
C VAL A 387 -57.10 -3.40 -17.19
N TYR A 388 -56.70 -2.23 -16.74
CA TYR A 388 -55.96 -2.12 -15.49
C TYR A 388 -56.88 -1.92 -14.32
N LEU A 389 -56.55 -2.55 -13.22
CA LEU A 389 -57.33 -2.43 -12.00
C LEU A 389 -56.69 -1.49 -10.97
N ARG A 390 -55.51 -0.98 -11.32
CA ARG A 390 -54.71 -0.08 -10.50
C ARG A 390 -54.02 0.98 -11.34
N ALA A 391 -53.85 2.17 -10.77
CA ALA A 391 -53.14 3.24 -11.46
C ALA A 391 -51.61 3.09 -11.43
N THR A 392 -51.05 2.43 -10.41
CA THR A 392 -49.60 2.28 -10.29
C THR A 392 -49.21 0.83 -10.10
N ALA A 393 -47.94 0.51 -10.39
CA ALA A 393 -47.43 -0.84 -10.23
C ALA A 393 -46.89 -1.12 -8.86
N ASN A 394 -47.25 -2.28 -8.32
CA ASN A 394 -46.79 -2.78 -7.03
C ASN A 394 -47.09 -4.29 -6.94
N LEU A 395 -46.09 -5.10 -6.65
CA LEU A 395 -46.31 -6.55 -6.55
C LEU A 395 -47.30 -6.90 -5.45
N SER A 396 -47.31 -6.12 -4.37
CA SER A 396 -48.19 -6.37 -3.24
C SER A 396 -49.65 -6.06 -3.53
N THR A 397 -49.94 -5.42 -4.67
CA THR A 397 -51.30 -5.10 -5.02
C THR A 397 -51.78 -5.99 -6.16
N GLY A 398 -50.96 -6.97 -6.55
CA GLY A 398 -51.35 -7.88 -7.61
C GLY A 398 -50.69 -7.66 -8.97
N GLY A 399 -49.67 -6.80 -9.06
CA GLY A 399 -49.00 -6.56 -10.33
C GLY A 399 -47.91 -7.59 -10.58
N ILE A 400 -47.09 -7.35 -11.58
CA ILE A 400 -46.02 -8.25 -11.94
C ILE A 400 -44.68 -7.51 -12.05
N ALA A 401 -43.58 -8.28 -12.06
CA ALA A 401 -42.25 -7.71 -12.23
C ALA A 401 -41.45 -8.60 -13.15
N ILE A 402 -40.90 -8.00 -14.19
CA ILE A 402 -40.15 -8.72 -15.19
C ILE A 402 -38.68 -8.34 -15.19
N ASP A 403 -37.81 -9.33 -15.05
CA ASP A 403 -36.37 -9.03 -15.08
C ASP A 403 -35.92 -8.60 -16.47
N ARG A 404 -35.28 -7.43 -16.55
CA ARG A 404 -34.79 -6.86 -17.80
C ARG A 404 -33.33 -6.49 -17.63
N THR A 405 -32.63 -7.19 -16.75
CA THR A 405 -31.27 -6.80 -16.39
C THR A 405 -30.29 -6.88 -17.53
N ASP A 406 -30.44 -7.84 -18.41
CA ASP A 406 -29.49 -8.02 -19.48
C ASP A 406 -29.87 -7.26 -20.75
N ASP A 407 -30.96 -6.49 -20.72
CA ASP A 407 -31.42 -5.76 -21.89
C ASP A 407 -31.11 -4.27 -21.86
N ILE A 408 -30.37 -3.82 -20.86
CA ILE A 408 -30.11 -2.39 -20.72
C ILE A 408 -28.87 -1.94 -21.49
N HIS A 409 -29.06 -0.87 -22.26
CA HIS A 409 -28.04 -0.26 -23.10
C HIS A 409 -26.86 0.32 -22.27
N PRO A 410 -25.58 0.14 -22.69
CA PRO A 410 -24.37 0.67 -22.04
C PRO A 410 -24.38 2.15 -21.69
N GLU A 411 -25.07 2.97 -22.47
CA GLU A 411 -25.11 4.38 -22.14
C GLU A 411 -26.06 4.62 -20.99
N ASN A 412 -27.13 3.82 -20.93
CA ASN A 412 -28.10 3.98 -19.87
C ASN A 412 -27.47 3.47 -18.59
N ILE A 413 -26.57 2.48 -18.69
CA ILE A 413 -25.92 1.98 -17.50
C ILE A 413 -25.06 3.09 -16.92
N TRP A 414 -24.30 3.77 -17.79
CA TRP A 414 -23.46 4.88 -17.38
C TRP A 414 -24.25 5.99 -16.71
N LEU A 415 -25.39 6.36 -17.29
CA LEU A 415 -26.18 7.41 -16.70
C LEU A 415 -26.71 7.04 -15.32
N MET A 416 -27.19 5.82 -15.12
CA MET A 416 -27.74 5.43 -13.83
C MET A 416 -26.71 5.47 -12.71
N GLU A 417 -25.49 5.06 -13.02
CA GLU A 417 -24.45 5.08 -12.03
C GLU A 417 -24.07 6.53 -11.68
N ARG A 418 -24.07 7.43 -12.68
CA ARG A 418 -23.77 8.82 -12.45
C ARG A 418 -24.83 9.46 -11.55
N VAL A 419 -26.12 9.08 -11.72
CA VAL A 419 -27.19 9.64 -10.88
C VAL A 419 -27.00 9.29 -9.42
N ALA A 420 -26.67 8.04 -9.11
CA ALA A 420 -26.48 7.65 -7.72
C ALA A 420 -25.33 8.42 -7.06
N LYS A 421 -24.25 8.66 -7.82
CA LYS A 421 -23.09 9.39 -7.34
C LYS A 421 -23.36 10.87 -7.11
N VAL A 422 -24.15 11.50 -7.98
CA VAL A 422 -24.54 12.90 -7.86
C VAL A 422 -25.38 13.13 -6.60
N ILE A 423 -26.33 12.24 -6.32
CA ILE A 423 -27.14 12.35 -5.12
C ILE A 423 -26.55 11.67 -3.88
N GLY A 424 -25.29 11.27 -3.93
CA GLY A 424 -24.69 10.64 -2.76
C GLY A 424 -25.19 9.47 -1.96
N LEU A 425 -25.80 8.50 -2.65
CA LEU A 425 -26.39 7.32 -1.98
C LEU A 425 -25.65 6.05 -2.42
N ASP A 426 -25.33 5.17 -1.48
CA ASP A 426 -24.77 3.88 -1.89
C ASP A 426 -25.77 2.88 -2.43
N ILE A 427 -26.78 2.55 -1.65
CA ILE A 427 -27.78 1.63 -2.17
C ILE A 427 -28.98 2.46 -2.57
N ALA A 428 -29.29 2.42 -3.86
CA ALA A 428 -30.34 3.25 -4.40
C ALA A 428 -31.21 2.60 -5.44
N GLY A 429 -32.49 2.95 -5.40
CA GLY A 429 -33.42 2.56 -6.44
C GLY A 429 -33.69 3.74 -7.32
N ILE A 430 -33.66 3.57 -8.62
CA ILE A 430 -33.94 4.69 -9.51
C ILE A 430 -35.16 4.35 -10.36
N ASP A 431 -36.16 5.25 -10.35
CA ASP A 431 -37.39 5.08 -11.12
C ASP A 431 -37.31 5.80 -12.45
N VAL A 432 -37.35 5.01 -13.51
CA VAL A 432 -37.20 5.48 -14.89
C VAL A 432 -38.42 5.21 -15.76
N VAL A 433 -38.85 6.21 -16.52
CA VAL A 433 -39.95 6.01 -17.46
C VAL A 433 -39.43 6.05 -18.87
N THR A 434 -39.62 4.93 -19.57
CA THR A 434 -39.15 4.77 -20.93
C THR A 434 -39.90 3.72 -21.69
N SER A 435 -40.01 3.89 -22.99
CA SER A 435 -40.64 2.89 -23.82
C SER A 435 -39.70 1.74 -24.18
N ASP A 436 -38.39 1.97 -24.12
CA ASP A 436 -37.43 0.94 -24.50
C ASP A 436 -36.11 1.07 -23.76
N ILE A 437 -35.87 0.20 -22.79
CA ILE A 437 -34.68 0.24 -21.94
C ILE A 437 -33.39 -0.13 -22.72
N SER A 438 -33.57 -0.67 -23.93
CA SER A 438 -32.47 -1.11 -24.77
C SER A 438 -31.95 -0.02 -25.70
N LYS A 439 -32.56 1.15 -25.66
CA LYS A 439 -32.14 2.30 -26.46
C LYS A 439 -31.77 3.41 -25.48
N PRO A 440 -30.92 4.38 -25.83
CA PRO A 440 -30.58 5.51 -25.00
C PRO A 440 -31.81 6.33 -24.61
N LEU A 441 -31.84 6.84 -23.38
CA LEU A 441 -33.01 7.62 -22.98
C LEU A 441 -33.19 8.87 -23.83
N ARG A 442 -32.11 9.44 -24.38
CA ARG A 442 -32.27 10.64 -25.19
C ARG A 442 -32.97 10.36 -26.54
N GLU A 443 -33.00 9.10 -26.97
CA GLU A 443 -33.59 8.76 -28.27
C GLU A 443 -35.05 8.36 -28.12
N THR A 444 -35.39 7.83 -26.95
CA THR A 444 -36.75 7.38 -26.67
C THR A 444 -37.54 8.43 -25.89
N ASN A 445 -36.90 9.57 -25.62
CA ASN A 445 -37.44 10.66 -24.81
C ASN A 445 -37.86 10.22 -23.41
N GLY A 446 -37.02 9.42 -22.76
CA GLY A 446 -37.32 8.95 -21.41
C GLY A 446 -36.83 9.91 -20.34
N VAL A 447 -37.35 9.74 -19.13
CA VAL A 447 -36.96 10.57 -17.99
C VAL A 447 -36.71 9.80 -16.70
N ILE A 448 -35.97 10.43 -15.79
CA ILE A 448 -35.79 9.88 -14.46
C ILE A 448 -36.75 10.58 -13.55
N VAL A 449 -37.62 9.81 -12.95
CA VAL A 449 -38.70 10.34 -12.15
C VAL A 449 -38.37 10.44 -10.68
N GLU A 450 -37.72 9.42 -10.13
CA GLU A 450 -37.45 9.43 -8.69
C GLU A 450 -36.19 8.68 -8.27
N VAL A 451 -35.55 9.16 -7.22
CA VAL A 451 -34.42 8.44 -6.63
C VAL A 451 -34.80 8.03 -5.20
N ASN A 452 -34.74 6.75 -4.90
CA ASN A 452 -35.14 6.21 -3.61
C ASN A 452 -34.03 5.63 -2.76
N ALA A 453 -33.80 6.22 -1.61
CA ALA A 453 -32.79 5.68 -0.72
C ALA A 453 -33.35 4.45 -0.08
N ALA A 454 -32.50 3.45 0.14
CA ALA A 454 -32.91 2.24 0.87
C ALA A 454 -34.13 1.49 0.28
N PRO A 455 -34.09 1.07 -1.00
CA PRO A 455 -35.15 0.39 -1.75
C PRO A 455 -35.36 -1.02 -1.27
N GLY A 456 -36.53 -1.62 -1.53
CA GLY A 456 -36.72 -3.03 -1.18
C GLY A 456 -36.19 -3.97 -2.25
N PHE A 457 -36.15 -5.27 -1.97
CA PHE A 457 -35.62 -6.25 -2.92
C PHE A 457 -36.52 -7.32 -3.53
N ARG A 458 -37.73 -7.54 -3.08
CA ARG A 458 -38.65 -8.58 -3.56
C ARG A 458 -38.74 -8.67 -5.07
N MET A 459 -38.74 -7.59 -5.79
CA MET A 459 -38.93 -7.61 -7.22
C MET A 459 -37.69 -8.13 -7.96
N HIS A 460 -36.55 -8.16 -7.28
CA HIS A 460 -35.31 -8.57 -7.90
C HIS A 460 -34.90 -9.97 -7.46
N VAL A 461 -35.31 -10.38 -6.25
CA VAL A 461 -34.95 -11.71 -5.77
C VAL A 461 -36.08 -12.71 -6.01
N ALA A 462 -37.29 -12.24 -6.28
CA ALA A 462 -38.41 -13.09 -6.58
C ALA A 462 -39.32 -12.47 -7.66
N PRO A 463 -38.82 -12.28 -8.90
CA PRO A 463 -39.52 -11.70 -10.03
C PRO A 463 -40.56 -12.69 -10.51
N SER A 464 -41.60 -12.22 -11.20
CA SER A 464 -42.58 -13.16 -11.73
C SER A 464 -42.17 -13.70 -13.09
N GLN A 465 -41.34 -12.95 -13.80
CA GLN A 465 -40.80 -13.43 -15.06
C GLN A 465 -39.30 -13.17 -15.07
N GLY A 466 -38.54 -14.07 -15.66
CA GLY A 466 -37.12 -13.91 -15.74
C GLY A 466 -36.43 -14.62 -14.60
N LEU A 467 -35.12 -14.43 -14.47
CA LEU A 467 -34.34 -15.17 -13.50
C LEU A 467 -34.11 -14.32 -12.23
N PRO A 468 -34.18 -14.88 -11.01
CA PRO A 468 -33.86 -14.25 -9.72
C PRO A 468 -32.40 -13.81 -9.61
N ARG A 469 -32.14 -12.69 -8.94
CA ARG A 469 -30.76 -12.21 -8.81
C ARG A 469 -30.26 -12.18 -7.38
N ASN A 470 -28.99 -12.51 -7.16
CA ASN A 470 -28.48 -12.44 -5.82
C ASN A 470 -28.01 -11.04 -5.51
N VAL A 471 -28.93 -10.28 -4.99
CA VAL A 471 -28.78 -8.89 -4.63
C VAL A 471 -27.87 -8.67 -3.42
N ALA A 472 -27.97 -9.54 -2.43
CA ALA A 472 -27.17 -9.42 -1.21
C ALA A 472 -25.67 -9.53 -1.45
N ALA A 473 -25.25 -10.37 -2.38
CA ALA A 473 -23.81 -10.55 -2.54
C ALA A 473 -23.06 -9.22 -2.79
N PRO A 474 -23.46 -8.29 -3.68
CA PRO A 474 -22.89 -6.98 -3.86
C PRO A 474 -22.94 -6.07 -2.64
N VAL A 475 -23.82 -6.35 -1.67
CA VAL A 475 -23.92 -5.52 -0.50
C VAL A 475 -22.84 -5.96 0.46
N LEU A 476 -22.74 -7.26 0.67
CA LEU A 476 -21.73 -7.77 1.58
C LEU A 476 -20.34 -7.52 1.06
N ASP A 477 -20.17 -7.48 -0.25
CA ASP A 477 -18.87 -7.17 -0.82
C ASP A 477 -18.44 -5.73 -0.54
N MET A 478 -19.35 -4.77 -0.32
CA MET A 478 -18.84 -3.42 -0.04
C MET A 478 -18.56 -3.32 1.45
N LEU A 479 -19.34 -4.04 2.27
CA LEU A 479 -19.18 -3.98 3.72
C LEU A 479 -17.93 -4.72 4.17
N PHE A 480 -17.65 -5.84 3.52
CA PHE A 480 -16.50 -6.69 3.81
C PHE A 480 -15.75 -6.99 2.52
N PRO A 481 -14.95 -6.06 1.98
CA PRO A 481 -14.29 -6.17 0.70
C PRO A 481 -13.45 -7.43 0.65
N PRO A 482 -13.28 -8.05 -0.52
CA PRO A 482 -12.50 -9.26 -0.68
C PRO A 482 -11.12 -9.06 -0.12
N GLY A 483 -10.65 -10.06 0.61
CA GLY A 483 -9.35 -10.00 1.21
C GLY A 483 -9.36 -9.49 2.65
N THR A 484 -10.48 -8.94 3.12
CA THR A 484 -10.49 -8.44 4.49
C THR A 484 -11.17 -9.45 5.42
N PRO A 485 -10.83 -9.47 6.73
CA PRO A 485 -11.46 -10.23 7.79
C PRO A 485 -12.78 -9.64 8.26
N SER A 486 -13.61 -10.51 8.82
CA SER A 486 -14.84 -10.11 9.49
C SER A 486 -14.80 -10.42 10.99
N ARG A 487 -13.72 -11.07 11.40
CA ARG A 487 -13.48 -11.54 12.77
C ARG A 487 -12.14 -11.12 13.32
N ILE A 488 -12.06 -11.09 14.65
CA ILE A 488 -10.82 -10.82 15.34
C ILE A 488 -10.41 -12.15 16.00
N PRO A 489 -9.14 -12.39 16.32
CA PRO A 489 -8.69 -13.59 17.00
C PRO A 489 -9.31 -13.80 18.36
N ILE A 490 -9.69 -15.05 18.62
CA ILE A 490 -10.25 -15.44 19.92
C ILE A 490 -9.44 -16.57 20.51
N LEU A 491 -8.99 -16.35 21.75
CA LEU A 491 -8.23 -17.32 22.49
C LEU A 491 -9.04 -17.71 23.73
N ALA A 492 -9.55 -18.93 23.74
CA ALA A 492 -10.43 -19.40 24.81
C ALA A 492 -9.70 -20.34 25.76
N VAL A 493 -9.72 -20.02 27.06
CA VAL A 493 -9.00 -20.80 28.05
C VAL A 493 -9.91 -21.51 29.05
N THR A 494 -9.81 -22.83 29.14
CA THR A 494 -10.63 -23.53 30.13
C THR A 494 -9.82 -24.58 30.89
N GLY A 495 -10.47 -25.26 31.83
CA GLY A 495 -9.85 -26.29 32.67
C GLY A 495 -10.26 -26.10 34.11
N THR A 496 -10.09 -27.10 34.95
CA THR A 496 -10.51 -26.98 36.35
C THR A 496 -9.70 -25.95 37.13
N ASN A 497 -8.36 -25.95 37.01
CA ASN A 497 -7.51 -25.00 37.75
C ASN A 497 -6.56 -24.22 36.86
N GLY A 498 -6.28 -22.96 37.22
CA GLY A 498 -5.28 -22.14 36.54
C GLY A 498 -5.76 -21.17 35.45
N LYS A 499 -7.05 -21.17 35.14
CA LYS A 499 -7.60 -20.31 34.09
C LYS A 499 -7.34 -18.82 34.23
N THR A 500 -7.58 -18.24 35.40
CA THR A 500 -7.40 -16.81 35.57
C THR A 500 -5.96 -16.38 35.41
N THR A 501 -5.03 -17.14 35.97
CA THR A 501 -3.61 -16.83 35.89
C THR A 501 -3.12 -16.91 34.44
N THR A 502 -3.55 -17.95 33.72
CA THR A 502 -3.14 -18.18 32.35
C THR A 502 -3.69 -17.06 31.45
N THR A 503 -4.93 -16.66 31.71
CA THR A 503 -5.64 -15.61 30.97
C THR A 503 -4.94 -14.26 31.13
N ARG A 504 -4.55 -13.89 32.36
CA ARG A 504 -3.87 -12.61 32.56
C ARG A 504 -2.50 -12.58 31.88
N LEU A 505 -1.76 -13.69 31.91
CA LEU A 505 -0.46 -13.74 31.27
C LEU A 505 -0.56 -13.69 29.76
N LEU A 506 -1.51 -14.41 29.19
CA LEU A 506 -1.64 -14.44 27.76
C LEU A 506 -2.06 -13.07 27.25
N ALA A 507 -2.98 -12.39 27.95
CA ALA A 507 -3.37 -11.05 27.54
C ALA A 507 -2.19 -10.06 27.61
N HIS A 508 -1.34 -10.21 28.63
CA HIS A 508 -0.13 -9.40 28.83
C HIS A 508 0.87 -9.57 27.69
N ILE A 509 1.05 -10.81 27.21
CA ILE A 509 1.96 -11.08 26.10
C ILE A 509 1.44 -10.43 24.81
N TYR A 510 0.15 -10.56 24.50
CA TYR A 510 -0.38 -9.95 23.27
C TYR A 510 -0.28 -8.46 23.29
N ARG A 511 -0.44 -7.89 24.44
CA ARG A 511 -0.39 -6.47 24.66
C ARG A 511 0.99 -5.88 24.31
N GLN A 512 2.05 -6.70 24.26
CA GLN A 512 3.40 -6.19 24.00
C GLN A 512 3.57 -5.93 22.52
N THR A 513 2.57 -6.27 21.72
CA THR A 513 2.62 -6.04 20.29
C THR A 513 1.97 -4.68 19.97
N GLY A 514 1.40 -4.00 20.98
CA GLY A 514 0.78 -2.69 20.80
C GLY A 514 -0.70 -2.67 20.39
N LYS A 515 -1.33 -3.83 20.37
CA LYS A 515 -2.73 -3.97 19.99
C LYS A 515 -3.68 -3.78 21.15
N THR A 516 -4.96 -3.49 20.83
CA THR A 516 -5.94 -3.42 21.90
C THR A 516 -6.43 -4.80 22.23
N VAL A 517 -6.24 -5.14 23.49
CA VAL A 517 -6.57 -6.47 23.96
C VAL A 517 -7.64 -6.38 25.01
N GLY A 518 -8.71 -7.11 24.77
CA GLY A 518 -9.78 -7.15 25.72
C GLY A 518 -9.82 -8.52 26.35
N TYR A 519 -10.20 -8.59 27.61
CA TYR A 519 -10.31 -9.90 28.22
C TYR A 519 -11.28 -9.96 29.37
N THR A 520 -11.73 -11.17 29.64
CA THR A 520 -12.65 -11.37 30.75
C THR A 520 -12.12 -12.43 31.68
N SER A 521 -12.37 -12.21 32.95
CA SER A 521 -11.99 -13.13 34.01
C SER A 521 -13.01 -13.12 35.12
N THR A 522 -12.75 -13.90 36.14
CA THR A 522 -13.61 -13.92 37.32
C THR A 522 -13.46 -12.68 38.21
N ASP A 523 -12.49 -11.81 37.92
CA ASP A 523 -12.34 -10.62 38.74
C ASP A 523 -12.99 -9.36 38.12
N ALA A 524 -12.89 -9.22 36.78
CA ALA A 524 -13.31 -8.04 36.02
C ALA A 524 -13.26 -8.23 34.49
N ILE A 525 -13.81 -7.25 33.77
CA ILE A 525 -13.66 -7.12 32.32
C ILE A 525 -12.73 -5.95 32.05
N TYR A 526 -11.66 -6.21 31.30
CA TYR A 526 -10.65 -5.21 30.95
C TYR A 526 -10.40 -4.96 29.48
N ILE A 527 -10.07 -3.71 29.17
CA ILE A 527 -9.55 -3.34 27.86
C ILE A 527 -8.27 -2.54 28.03
N ASN A 528 -7.11 -3.06 27.61
CA ASN A 528 -5.84 -2.32 27.73
C ASN A 528 -5.58 -1.73 29.10
N GLU A 529 -5.80 -2.52 30.13
CA GLU A 529 -5.63 -2.12 31.54
C GLU A 529 -6.67 -1.15 32.11
N TYR A 530 -7.74 -0.86 31.39
CA TYR A 530 -8.81 -0.08 31.96
C TYR A 530 -9.89 -1.04 32.38
N CYS A 531 -10.46 -0.85 33.53
CA CYS A 531 -11.49 -1.75 33.97
C CYS A 531 -12.85 -1.27 33.51
N VAL A 532 -13.56 -2.13 32.78
CA VAL A 532 -14.87 -1.81 32.25
C VAL A 532 -15.94 -2.19 33.27
N GLU A 533 -15.85 -3.41 33.80
CA GLU A 533 -16.80 -3.92 34.81
C GLU A 533 -16.06 -4.74 35.85
N LYS A 534 -16.56 -4.77 37.09
CA LYS A 534 -15.97 -5.62 38.13
C LYS A 534 -16.89 -6.76 38.55
N GLY A 535 -16.31 -7.84 39.09
CA GLY A 535 -17.08 -8.99 39.57
C GLY A 535 -16.87 -10.20 38.66
N ASP A 536 -17.61 -11.27 38.89
CA ASP A 536 -17.40 -12.47 38.10
C ASP A 536 -17.95 -12.23 36.75
N ASN A 537 -17.06 -12.10 35.78
CA ASN A 537 -17.41 -11.78 34.45
C ASN A 537 -17.17 -12.89 33.50
N THR A 538 -17.19 -14.11 33.98
CA THR A 538 -17.09 -15.21 33.04
C THR A 538 -18.49 -15.46 32.51
N GLY A 539 -18.60 -16.23 31.44
CA GLY A 539 -19.89 -16.54 30.87
C GLY A 539 -20.15 -15.72 29.60
N PRO A 540 -21.13 -16.15 28.79
CA PRO A 540 -21.48 -15.61 27.49
C PRO A 540 -22.00 -14.18 27.47
N GLN A 541 -22.48 -13.68 28.59
CA GLN A 541 -22.95 -12.32 28.61
C GLN A 541 -21.79 -11.35 28.64
N SER A 542 -20.66 -11.76 29.21
CA SER A 542 -19.52 -10.90 29.31
C SER A 542 -18.68 -11.00 28.06
N ALA A 543 -18.67 -12.19 27.47
CA ALA A 543 -17.92 -12.41 26.25
C ALA A 543 -18.47 -11.49 25.17
N GLY A 544 -19.78 -11.26 25.20
CA GLY A 544 -20.46 -10.39 24.26
C GLY A 544 -20.12 -8.90 24.43
N VAL A 545 -19.59 -8.50 25.58
CA VAL A 545 -19.23 -7.11 25.80
C VAL A 545 -17.95 -6.86 25.02
N ILE A 546 -17.02 -7.80 25.12
CA ILE A 546 -15.78 -7.68 24.38
C ILE A 546 -15.98 -7.82 22.87
N LEU A 547 -16.77 -8.79 22.43
CA LEU A 547 -16.94 -9.00 21.00
C LEU A 547 -17.69 -7.87 20.30
N ARG A 548 -18.60 -7.19 20.99
CA ARG A 548 -19.30 -6.08 20.38
C ARG A 548 -18.54 -4.76 20.46
N ASP A 549 -17.40 -4.71 21.15
CA ASP A 549 -16.66 -3.48 21.36
C ASP A 549 -15.86 -3.07 20.12
N PRO A 550 -16.11 -1.90 19.52
CA PRO A 550 -15.55 -1.40 18.27
C PRO A 550 -14.06 -1.14 18.27
N THR A 551 -13.42 -1.18 19.44
CA THR A 551 -12.00 -0.93 19.51
C THR A 551 -11.14 -2.18 19.67
N VAL A 552 -11.74 -3.33 19.99
CA VAL A 552 -10.94 -4.51 20.32
C VAL A 552 -10.37 -5.28 19.13
N GLU A 553 -9.07 -5.57 19.19
CA GLU A 553 -8.37 -6.29 18.15
C GLU A 553 -8.10 -7.76 18.50
N VAL A 554 -7.90 -8.05 19.79
CA VAL A 554 -7.67 -9.42 20.28
C VAL A 554 -8.56 -9.73 21.49
N ALA A 555 -9.23 -10.88 21.49
CA ALA A 555 -10.05 -11.27 22.66
C ALA A 555 -9.51 -12.51 23.37
N VAL A 556 -9.25 -12.39 24.66
CA VAL A 556 -8.77 -13.52 25.48
C VAL A 556 -9.86 -13.78 26.54
N LEU A 557 -10.48 -14.95 26.53
CA LEU A 557 -11.63 -15.19 27.40
C LEU A 557 -11.52 -16.40 28.34
N GLU A 558 -11.57 -16.23 29.69
CA GLU A 558 -11.53 -17.49 30.48
C GLU A 558 -12.95 -18.06 30.41
N THR A 559 -13.07 -19.37 30.24
CA THR A 559 -14.38 -20.02 30.13
C THR A 559 -14.65 -21.05 31.22
N ALA A 560 -15.73 -20.82 31.93
CA ALA A 560 -16.14 -21.67 33.04
C ALA A 560 -17.29 -22.60 32.64
N ARG A 561 -17.39 -23.71 33.38
CA ARG A 561 -18.46 -24.68 33.19
C ARG A 561 -19.84 -24.15 33.50
N GLY A 562 -19.96 -23.19 34.42
CA GLY A 562 -21.28 -22.69 34.74
C GLY A 562 -21.89 -22.03 33.53
N GLY A 563 -21.07 -21.30 32.79
CA GLY A 563 -21.50 -20.60 31.61
C GLY A 563 -21.92 -21.57 30.54
N ILE A 564 -21.12 -22.60 30.29
CA ILE A 564 -21.44 -23.53 29.23
C ILE A 564 -22.71 -24.30 29.55
N LEU A 565 -22.82 -24.82 30.76
CA LEU A 565 -23.98 -25.61 31.13
C LEU A 565 -25.26 -24.81 31.18
N ARG A 566 -25.19 -23.56 31.59
CA ARG A 566 -26.36 -22.71 31.66
C ARG A 566 -26.83 -22.15 30.32
N ALA A 567 -25.92 -21.70 29.44
CA ALA A 567 -26.38 -21.10 28.19
C ALA A 567 -25.56 -21.39 26.91
N GLY A 568 -24.52 -22.22 26.93
CA GLY A 568 -23.68 -22.46 25.74
C GLY A 568 -22.57 -21.40 25.57
N LEU A 569 -21.72 -21.55 24.56
CA LEU A 569 -20.65 -20.57 24.30
C LEU A 569 -21.14 -19.37 23.49
N ALA A 570 -20.59 -18.18 23.74
CA ALA A 570 -20.99 -16.96 23.02
C ALA A 570 -20.41 -16.75 21.63
N PHE A 571 -19.37 -17.45 21.27
CA PHE A 571 -18.69 -17.17 20.01
C PHE A 571 -18.72 -18.17 18.86
N ASP A 572 -19.33 -19.34 19.01
CA ASP A 572 -19.38 -20.39 17.96
C ASP A 572 -18.05 -21.06 17.57
N SER A 573 -17.03 -20.28 17.23
CA SER A 573 -15.71 -20.84 16.90
C SER A 573 -14.58 -19.94 17.34
N CYS A 574 -13.39 -20.53 17.49
CA CYS A 574 -12.21 -19.78 17.91
C CYS A 574 -10.91 -20.26 17.28
N ASP A 575 -9.83 -19.49 17.46
CA ASP A 575 -8.54 -19.79 16.85
C ASP A 575 -7.68 -20.66 17.72
N VAL A 576 -7.69 -20.40 19.01
CA VAL A 576 -6.92 -21.20 19.91
C VAL A 576 -7.82 -21.64 21.04
N GLY A 577 -7.81 -22.92 21.33
CA GLY A 577 -8.56 -23.44 22.46
C GLY A 577 -7.60 -24.13 23.40
N VAL A 578 -7.55 -23.68 24.64
CA VAL A 578 -6.61 -24.23 25.60
C VAL A 578 -7.32 -24.97 26.72
N VAL A 579 -6.97 -26.24 26.93
CA VAL A 579 -7.54 -27.00 28.04
C VAL A 579 -6.41 -27.33 28.99
N LEU A 580 -6.47 -26.82 30.20
CA LEU A 580 -5.37 -26.96 31.12
C LEU A 580 -5.34 -28.24 31.95
N ASN A 581 -6.51 -28.74 32.38
CA ASN A 581 -6.61 -29.91 33.25
C ASN A 581 -8.05 -30.30 33.55
N VAL A 582 -8.28 -31.58 33.84
CA VAL A 582 -9.60 -32.01 34.32
C VAL A 582 -9.45 -32.60 35.72
N ALA A 583 -10.23 -32.12 36.67
CA ALA A 583 -10.10 -32.63 38.04
C ALA A 583 -11.45 -32.71 38.70
N ALA A 584 -11.55 -33.52 39.76
CA ALA A 584 -12.82 -33.79 40.41
C ALA A 584 -13.31 -32.69 41.33
N ASP A 585 -13.64 -31.58 40.72
CA ASP A 585 -14.21 -30.42 41.38
C ASP A 585 -15.62 -30.28 40.85
N HIS A 586 -16.49 -29.64 41.62
CA HIS A 586 -17.86 -29.37 41.21
C HIS A 586 -18.62 -30.62 40.78
N LEU A 587 -18.35 -31.75 41.40
CA LEU A 587 -19.10 -32.90 40.99
C LEU A 587 -20.36 -32.91 41.81
N GLY A 588 -21.43 -33.31 41.18
CA GLY A 588 -22.75 -33.37 41.75
C GLY A 588 -23.55 -32.13 41.37
N LEU A 589 -22.89 -31.11 40.81
CA LEU A 589 -23.59 -29.90 40.44
C LEU A 589 -23.89 -29.89 38.95
N GLY A 590 -25.03 -29.33 38.56
CA GLY A 590 -25.31 -29.17 37.14
C GLY A 590 -25.55 -30.49 36.45
N ASP A 591 -26.01 -31.48 37.20
CA ASP A 591 -26.24 -32.84 36.72
C ASP A 591 -24.97 -33.59 36.29
N ILE A 592 -23.78 -33.11 36.68
CA ILE A 592 -22.56 -33.84 36.40
C ILE A 592 -21.96 -34.46 37.64
N ASP A 593 -22.05 -35.77 37.71
CA ASP A 593 -21.62 -36.55 38.84
C ASP A 593 -20.24 -37.19 38.71
N THR A 594 -19.81 -37.47 37.48
CA THR A 594 -18.56 -38.19 37.31
C THR A 594 -17.48 -37.37 36.61
N ILE A 595 -16.26 -37.87 36.68
CA ILE A 595 -15.13 -37.21 36.05
C ILE A 595 -15.20 -37.36 34.53
N GLU A 596 -15.73 -38.48 34.05
CA GLU A 596 -15.88 -38.71 32.62
C GLU A 596 -16.85 -37.71 32.02
N GLN A 597 -17.89 -37.34 32.79
CA GLN A 597 -18.82 -36.33 32.33
C GLN A 597 -18.17 -34.94 32.36
N MET A 598 -17.35 -34.67 33.39
CA MET A 598 -16.72 -33.36 33.47
C MET A 598 -15.79 -33.14 32.29
N ALA A 599 -15.17 -34.20 31.83
CA ALA A 599 -14.29 -34.15 30.68
C ALA A 599 -15.07 -33.75 29.41
N LYS A 600 -16.37 -34.10 29.31
CA LYS A 600 -17.20 -33.80 28.14
C LYS A 600 -17.58 -32.33 28.12
N VAL A 601 -17.62 -31.71 29.29
CA VAL A 601 -17.89 -30.29 29.34
C VAL A 601 -16.65 -29.54 28.88
N LYS A 602 -15.48 -29.93 29.38
CA LYS A 602 -14.28 -29.18 29.04
C LYS A 602 -13.92 -29.33 27.57
N SER A 603 -14.24 -30.48 26.98
CA SER A 603 -13.93 -30.78 25.60
C SER A 603 -14.71 -29.91 24.62
N VAL A 604 -15.72 -29.18 25.09
CA VAL A 604 -16.50 -28.31 24.22
C VAL A 604 -15.56 -27.27 23.60
N ILE A 605 -14.59 -26.75 24.35
CA ILE A 605 -13.68 -25.78 23.77
C ILE A 605 -12.81 -26.37 22.69
N ALA A 606 -12.27 -27.55 22.92
CA ALA A 606 -11.40 -28.17 21.93
C ALA A 606 -12.15 -28.44 20.61
N GLU A 607 -13.43 -28.78 20.70
CA GLU A 607 -14.24 -29.10 19.53
C GLU A 607 -14.80 -27.90 18.76
N VAL A 608 -14.56 -26.68 19.22
CA VAL A 608 -15.05 -25.52 18.49
C VAL A 608 -13.90 -24.76 17.88
N VAL A 609 -12.70 -25.33 17.92
CA VAL A 609 -11.60 -24.65 17.30
C VAL A 609 -11.69 -24.88 15.79
N ASP A 610 -11.58 -23.81 15.04
CA ASP A 610 -11.61 -23.82 13.59
C ASP A 610 -10.52 -24.76 13.05
N PRO A 611 -10.74 -25.55 11.98
CA PRO A 611 -9.75 -26.47 11.40
C PRO A 611 -8.40 -25.81 11.09
N SER A 612 -8.37 -24.49 10.84
CA SER A 612 -7.11 -23.82 10.55
C SER A 612 -6.34 -23.42 11.83
N GLY A 613 -6.98 -23.59 12.99
CA GLY A 613 -6.45 -23.22 14.29
C GLY A 613 -5.87 -24.39 15.06
N TYR A 614 -5.65 -24.15 16.36
CA TYR A 614 -5.04 -25.13 17.26
C TYR A 614 -5.74 -25.37 18.58
N ALA A 615 -5.61 -26.59 19.04
CA ALA A 615 -6.01 -26.96 20.37
C ALA A 615 -4.73 -27.19 21.16
N VAL A 616 -4.67 -26.65 22.36
CA VAL A 616 -3.51 -26.81 23.22
C VAL A 616 -3.86 -27.71 24.38
N LEU A 617 -3.25 -28.89 24.41
CA LEU A 617 -3.57 -29.90 25.40
C LEU A 617 -2.43 -30.21 26.35
N ASN A 618 -2.79 -30.61 27.55
CA ASN A 618 -1.85 -31.02 28.59
C ASN A 618 -1.52 -32.50 28.44
N ALA A 619 -0.29 -32.82 28.03
CA ALA A 619 0.10 -34.21 27.74
C ALA A 619 0.33 -35.01 29.01
N ASP A 620 0.35 -34.35 30.15
CA ASP A 620 0.56 -35.01 31.42
C ASP A 620 -0.78 -35.34 32.09
N ASP A 621 -1.89 -35.04 31.41
CA ASP A 621 -3.23 -35.26 31.91
C ASP A 621 -4.00 -36.27 31.02
N PRO A 622 -4.24 -37.52 31.48
CA PRO A 622 -4.89 -38.60 30.74
C PRO A 622 -6.27 -38.29 30.17
N LEU A 623 -7.04 -37.37 30.76
CA LEU A 623 -8.35 -37.10 30.21
C LEU A 623 -8.26 -36.03 29.16
N VAL A 624 -7.31 -35.12 29.34
CA VAL A 624 -7.12 -34.03 28.41
C VAL A 624 -6.41 -34.48 27.15
N ALA A 625 -5.36 -35.27 27.27
CA ALA A 625 -4.62 -35.72 26.10
C ALA A 625 -5.53 -36.50 25.15
N ALA A 626 -6.47 -37.24 25.72
CA ALA A 626 -7.44 -38.07 25.01
C ALA A 626 -8.41 -37.27 24.14
N MET A 627 -8.51 -35.96 24.37
CA MET A 627 -9.42 -35.10 23.63
C MET A 627 -8.88 -34.90 22.24
N ALA A 628 -7.61 -35.23 22.03
CA ALA A 628 -6.93 -35.04 20.78
C ALA A 628 -7.56 -35.83 19.66
N ASP A 629 -8.31 -36.88 20.01
CA ASP A 629 -8.93 -37.73 19.02
C ASP A 629 -10.32 -37.25 18.59
N LYS A 630 -10.78 -36.15 19.17
CA LYS A 630 -12.07 -35.55 18.82
C LYS A 630 -11.85 -34.26 18.05
N VAL A 631 -10.72 -33.64 18.27
CA VAL A 631 -10.36 -32.36 17.67
C VAL A 631 -10.14 -32.43 16.15
N LYS A 632 -10.80 -31.50 15.45
CA LYS A 632 -10.72 -31.32 13.98
C LYS A 632 -9.61 -30.35 13.57
N ALA A 633 -9.11 -29.65 14.57
CA ALA A 633 -8.08 -28.63 14.53
C ALA A 633 -6.72 -29.28 14.72
N LYS A 634 -5.65 -28.50 14.61
CA LYS A 634 -4.33 -29.03 14.83
C LYS A 634 -4.12 -29.16 16.33
N VAL A 635 -3.26 -30.05 16.75
CA VAL A 635 -3.01 -30.20 18.18
C VAL A 635 -1.57 -29.90 18.58
N ALA A 636 -1.42 -29.10 19.61
CA ALA A 636 -0.12 -28.78 20.19
C ALA A 636 -0.15 -29.29 21.63
N TYR A 637 0.99 -29.71 22.16
CA TYR A 637 1.02 -30.22 23.53
C TYR A 637 2.01 -29.54 24.44
N PHE A 638 1.70 -29.52 25.73
CA PHE A 638 2.69 -29.07 26.67
C PHE A 638 2.87 -30.07 27.79
N SER A 639 4.06 -30.07 28.40
CA SER A 639 4.35 -30.96 29.53
C SER A 639 5.47 -30.48 30.45
N MET A 640 5.53 -31.06 31.66
CA MET A 640 6.58 -30.76 32.63
C MET A 640 7.69 -31.80 32.64
N ASN A 641 7.63 -32.70 31.68
CA ASN A 641 8.57 -33.79 31.56
C ASN A 641 8.81 -34.10 30.08
N PRO A 642 9.95 -33.72 29.49
CA PRO A 642 10.29 -33.96 28.10
C PRO A 642 10.18 -35.44 27.73
N ASP A 643 10.40 -36.33 28.70
CA ASP A 643 10.32 -37.75 28.46
C ASP A 643 8.91 -38.26 28.69
N ASN A 644 8.05 -37.83 27.79
CA ASN A 644 6.64 -38.14 27.75
C ASN A 644 6.41 -38.70 26.37
N PRO A 645 6.08 -39.99 26.22
CA PRO A 645 5.89 -40.67 24.95
C PRO A 645 4.99 -39.93 23.99
N ILE A 646 4.01 -39.16 24.50
CA ILE A 646 3.12 -38.41 23.63
C ILE A 646 3.89 -37.33 22.92
N ILE A 647 4.74 -36.65 23.67
CA ILE A 647 5.50 -35.53 23.17
C ILE A 647 6.49 -36.01 22.17
N GLN A 648 7.13 -37.13 22.47
CA GLN A 648 8.13 -37.66 21.57
C GLN A 648 7.51 -38.13 20.27
N ALA A 649 6.38 -38.84 20.34
CA ALA A 649 5.75 -39.32 19.13
C ALA A 649 5.30 -38.16 18.25
N HIS A 650 4.84 -37.10 18.89
CA HIS A 650 4.34 -35.90 18.24
C HIS A 650 5.43 -35.09 17.55
N VAL A 651 6.55 -34.81 18.21
CA VAL A 651 7.58 -34.00 17.55
C VAL A 651 8.25 -34.79 16.41
N ARG A 652 8.26 -36.11 16.49
CA ARG A 652 8.83 -36.96 15.44
C ARG A 652 8.01 -36.91 14.13
N ARG A 653 6.80 -36.36 14.19
CA ARG A 653 5.92 -36.20 13.04
C ARG A 653 5.81 -34.72 12.70
N ASN A 654 6.78 -33.94 13.21
CA ASN A 654 6.91 -32.50 13.09
C ASN A 654 5.81 -31.66 13.72
N GLY A 655 5.31 -32.09 14.89
CA GLY A 655 4.36 -31.29 15.61
C GLY A 655 5.12 -30.29 16.49
N ILE A 656 4.37 -29.56 17.29
CA ILE A 656 4.87 -28.51 18.17
C ILE A 656 4.54 -28.84 19.62
N ALA A 657 5.51 -28.65 20.49
CA ALA A 657 5.28 -28.89 21.90
C ALA A 657 6.04 -27.93 22.78
N ALA A 658 5.56 -27.70 23.97
CA ALA A 658 6.29 -26.88 24.92
C ALA A 658 6.63 -27.69 26.14
N VAL A 659 7.90 -27.70 26.49
CA VAL A 659 8.32 -28.49 27.63
C VAL A 659 9.18 -27.71 28.59
N TYR A 660 9.23 -28.21 29.81
CA TYR A 660 10.17 -27.68 30.76
C TYR A 660 11.39 -28.59 30.83
N GLU A 661 12.56 -28.05 30.49
CA GLU A 661 13.79 -28.84 30.46
C GLU A 661 15.02 -28.04 30.85
N SER A 662 15.93 -28.65 31.60
CA SER A 662 17.21 -28.04 31.97
C SER A 662 17.06 -26.64 32.59
N GLY A 663 15.98 -26.39 33.32
CA GLY A 663 15.75 -25.08 33.94
C GLY A 663 15.07 -24.07 33.01
N TYR A 664 14.85 -24.46 31.76
CA TYR A 664 14.25 -23.60 30.75
C TYR A 664 12.88 -23.97 30.27
N LEU A 665 12.16 -22.95 29.89
CA LEU A 665 10.89 -23.12 29.25
C LEU A 665 11.22 -23.01 27.79
N SER A 666 10.96 -24.09 27.02
CA SER A 666 11.34 -24.12 25.62
C SER A 666 10.29 -24.74 24.71
N ILE A 667 10.38 -24.37 23.45
CA ILE A 667 9.49 -24.86 22.42
C ILE A 667 10.18 -25.79 21.46
N LEU A 668 9.57 -26.94 21.28
CA LEU A 668 10.08 -27.96 20.39
C LEU A 668 9.31 -27.88 19.10
N GLU A 669 10.00 -27.52 18.04
CA GLU A 669 9.35 -27.39 16.75
C GLU A 669 10.03 -28.34 15.79
N GLY A 670 9.44 -29.51 15.60
CA GLY A 670 10.14 -30.52 14.84
C GLY A 670 11.44 -30.86 15.56
N SER A 671 12.55 -30.82 14.84
CA SER A 671 13.86 -31.15 15.40
C SER A 671 14.58 -30.00 16.12
N TRP A 672 14.05 -28.79 16.03
CA TRP A 672 14.72 -27.64 16.59
C TRP A 672 14.19 -27.26 17.97
N THR A 673 15.07 -26.81 18.84
CA THR A 673 14.65 -26.37 20.16
C THR A 673 14.81 -24.87 20.31
N LEU A 674 13.76 -24.21 20.75
CA LEU A 674 13.77 -22.77 20.97
C LEU A 674 13.65 -22.45 22.44
N ARG A 675 14.68 -21.90 23.04
CA ARG A 675 14.56 -21.61 24.46
C ARG A 675 13.97 -20.24 24.64
N VAL A 676 12.96 -20.11 25.50
CA VAL A 676 12.35 -18.81 25.70
C VAL A 676 13.02 -18.15 26.87
N GLU A 677 12.98 -18.77 28.05
CA GLU A 677 13.61 -18.17 29.22
C GLU A 677 13.85 -19.21 30.32
N GLN A 678 14.50 -18.81 31.41
CA GLN A 678 14.72 -19.66 32.57
C GLN A 678 13.59 -19.53 33.56
N ALA A 679 13.16 -20.61 34.16
CA ALA A 679 12.03 -20.50 35.08
C ALA A 679 12.31 -19.57 36.24
N LYS A 680 13.54 -19.55 36.73
CA LYS A 680 13.89 -18.75 37.89
C LYS A 680 13.90 -17.25 37.61
N LEU A 681 13.90 -16.86 36.34
CA LEU A 681 13.93 -15.46 36.00
C LEU A 681 12.55 -14.95 35.59
N ILE A 682 11.50 -15.76 35.73
CA ILE A 682 10.16 -15.34 35.38
C ILE A 682 9.41 -15.12 36.71
N PRO A 683 9.06 -13.87 37.10
CA PRO A 683 8.48 -13.47 38.37
C PRO A 683 7.23 -14.18 38.86
N MET A 684 6.40 -14.73 37.97
CA MET A 684 5.18 -15.40 38.44
C MET A 684 5.52 -16.70 39.15
N THR A 685 6.68 -17.26 38.86
CA THR A 685 7.07 -18.53 39.44
C THR A 685 7.99 -18.19 40.57
N MET A 686 7.75 -18.72 41.75
CA MET A 686 8.55 -18.35 42.92
C MET A 686 9.98 -18.90 42.86
N GLY A 687 10.80 -18.37 41.96
CA GLY A 687 12.19 -18.79 41.83
C GLY A 687 12.31 -20.20 41.26
N GLY A 688 11.32 -20.63 40.52
CA GLY A 688 11.29 -21.99 40.00
C GLY A 688 10.68 -23.01 40.98
N MET A 689 10.17 -22.54 42.13
CA MET A 689 9.62 -23.42 43.18
C MET A 689 8.12 -23.72 43.13
N ALA A 690 7.43 -23.31 42.07
CA ALA A 690 5.99 -23.51 41.96
C ALA A 690 5.62 -24.17 40.63
N PRO A 691 5.69 -25.51 40.50
CA PRO A 691 5.50 -26.32 39.30
C PRO A 691 4.20 -26.04 38.56
N PHE A 692 3.19 -25.62 39.29
CA PHE A 692 1.90 -25.32 38.71
C PHE A 692 1.89 -23.96 38.04
N MET A 693 2.81 -23.07 38.43
CA MET A 693 2.91 -21.77 37.82
C MET A 693 3.72 -21.94 36.56
N ILE A 694 4.65 -22.90 36.58
CA ILE A 694 5.48 -23.16 35.41
C ILE A 694 4.58 -23.73 34.33
N ALA A 695 3.72 -24.68 34.70
CA ALA A 695 2.81 -25.26 33.73
C ALA A 695 1.86 -24.23 33.13
N ASN A 696 1.40 -23.25 33.92
CA ASN A 696 0.51 -22.23 33.40
C ASN A 696 1.27 -21.35 32.41
N ALA A 697 2.55 -21.04 32.71
CA ALA A 697 3.40 -20.27 31.82
C ALA A 697 3.67 -20.99 30.52
N LEU A 698 3.84 -22.33 30.56
CA LEU A 698 4.08 -23.06 29.32
C LEU A 698 2.88 -23.00 28.41
N ALA A 699 1.67 -23.11 28.98
CA ALA A 699 0.46 -23.06 28.17
C ALA A 699 0.28 -21.70 27.50
N ALA A 700 0.58 -20.60 28.21
CA ALA A 700 0.46 -19.26 27.65
C ALA A 700 1.49 -19.01 26.55
N CYS A 701 2.71 -19.51 26.73
CA CYS A 701 3.76 -19.33 25.75
C CYS A 701 3.45 -20.09 24.48
N LEU A 702 2.93 -21.30 24.62
CA LEU A 702 2.62 -22.12 23.48
C LEU A 702 1.45 -21.55 22.70
N ALA A 703 0.41 -21.04 23.38
CA ALA A 703 -0.72 -20.45 22.68
C ALA A 703 -0.29 -19.21 21.87
N ALA A 704 0.58 -18.38 22.44
CA ALA A 704 1.05 -17.20 21.73
C ALA A 704 1.89 -17.58 20.52
N PHE A 705 2.70 -18.62 20.66
CA PHE A 705 3.56 -19.11 19.58
C PHE A 705 2.77 -19.70 18.41
N VAL A 706 1.81 -20.58 18.69
CA VAL A 706 1.09 -21.24 17.61
C VAL A 706 0.17 -20.26 16.89
N ASN A 707 -0.18 -19.15 17.54
CA ASN A 707 -1.01 -18.16 16.90
C ASN A 707 -0.18 -17.08 16.19
N GLY A 708 1.14 -17.29 16.02
CA GLY A 708 1.97 -16.37 15.26
C GLY A 708 2.83 -15.33 15.96
N LEU A 709 2.97 -15.32 17.28
CA LEU A 709 3.83 -14.31 17.88
C LEU A 709 5.27 -14.77 17.87
N ASP A 710 6.18 -13.81 17.76
CA ASP A 710 7.60 -14.10 17.80
C ASP A 710 8.07 -14.41 19.20
N VAL A 711 9.19 -15.12 19.30
CA VAL A 711 9.76 -15.51 20.57
C VAL A 711 10.24 -14.35 21.38
N GLU A 712 10.80 -13.33 20.74
CA GLU A 712 11.29 -12.19 21.50
C GLU A 712 10.14 -11.48 22.21
N VAL A 713 8.97 -11.42 21.57
CA VAL A 713 7.80 -10.79 22.15
C VAL A 713 7.35 -11.59 23.35
N ILE A 714 7.37 -12.92 23.21
CA ILE A 714 6.98 -13.79 24.29
C ILE A 714 7.92 -13.61 25.48
N ARG A 715 9.24 -13.52 25.23
CA ARG A 715 10.20 -13.29 26.32
C ARG A 715 9.94 -12.00 27.07
N GLN A 716 9.67 -10.93 26.33
CA GLN A 716 9.40 -9.65 26.96
C GLN A 716 8.18 -9.75 27.85
N GLY A 717 7.15 -10.44 27.37
CA GLY A 717 5.92 -10.62 28.10
C GLY A 717 6.10 -11.42 29.39
N VAL A 718 6.82 -12.55 29.34
CA VAL A 718 6.92 -13.30 30.60
C VAL A 718 7.79 -12.59 31.64
N ARG A 719 8.83 -11.88 31.19
CA ARG A 719 9.74 -11.17 32.08
C ARG A 719 9.13 -10.00 32.85
N THR A 720 8.14 -9.33 32.29
CA THR A 720 7.56 -8.16 32.95
C THR A 720 6.20 -8.42 33.60
N PHE A 721 5.73 -9.66 33.59
CA PHE A 721 4.42 -9.96 34.13
C PHE A 721 4.42 -10.13 35.62
N THR A 722 3.44 -9.53 36.31
CA THR A 722 3.38 -9.73 37.75
C THR A 722 2.01 -10.20 38.23
N THR A 723 2.06 -10.92 39.35
CA THR A 723 0.93 -11.43 40.11
C THR A 723 1.16 -11.07 41.57
N SER A 724 1.25 -9.79 41.89
CA SER A 724 1.60 -9.38 43.25
C SER A 724 0.39 -9.41 44.17
N ALA A 725 0.64 -9.25 45.46
CA ALA A 725 -0.48 -9.11 46.35
C ALA A 725 -1.18 -7.85 45.89
N GLU A 726 -2.49 -7.84 46.05
CA GLU A 726 -3.38 -6.75 45.64
C GLU A 726 -3.54 -6.63 44.10
N GLN A 727 -2.95 -7.56 43.34
CA GLN A 727 -3.19 -7.67 41.90
C GLN A 727 -3.92 -8.97 41.70
N THR A 728 -3.41 -9.99 42.37
CA THR A 728 -4.00 -11.32 42.39
C THR A 728 -4.05 -11.79 43.84
N PRO A 729 -5.03 -11.19 44.65
CA PRO A 729 -5.10 -11.48 46.05
C PRO A 729 -5.59 -12.89 46.22
N GLY A 730 -5.01 -13.61 47.15
CA GLY A 730 -5.43 -14.97 47.47
C GLY A 730 -4.79 -16.01 46.57
N ARG A 731 -3.93 -15.58 45.65
CA ARG A 731 -3.31 -16.51 44.73
C ARG A 731 -1.79 -16.46 44.89
N MET A 732 -1.23 -17.34 45.73
CA MET A 732 0.18 -17.31 46.07
C MET A 732 0.74 -15.97 46.53
N ASN A 733 0.17 -15.37 47.58
CA ASN A 733 0.71 -14.10 48.03
C ASN A 733 1.74 -14.37 49.12
N LEU A 734 3.02 -14.24 48.79
CA LEU A 734 4.05 -14.55 49.77
C LEU A 734 4.54 -13.26 50.42
N PHE A 735 4.42 -13.20 51.73
CA PHE A 735 4.79 -12.02 52.50
C PHE A 735 6.08 -12.24 53.28
N ASN A 736 6.97 -11.27 53.16
CA ASN A 736 8.29 -11.21 53.79
C ASN A 736 8.29 -10.41 55.11
N LEU A 737 8.46 -11.07 56.25
CA LEU A 737 8.40 -10.37 57.52
C LEU A 737 9.68 -10.57 58.33
N GLY A 738 10.74 -9.88 57.97
CA GLY A 738 12.06 -10.10 58.57
C GLY A 738 12.49 -11.52 58.22
N GLN A 739 13.04 -12.28 59.16
CA GLN A 739 13.44 -13.65 58.81
C GLN A 739 12.26 -14.58 59.02
N HIS A 740 11.24 -14.39 58.24
CA HIS A 740 9.99 -15.12 58.37
C HIS A 740 9.10 -14.94 57.15
N HIS A 741 8.42 -16.00 56.73
CA HIS A 741 7.49 -15.79 55.64
C HIS A 741 6.12 -16.37 55.90
N ALA A 742 5.14 -15.74 55.27
CA ALA A 742 3.77 -16.24 55.34
C ALA A 742 3.16 -16.25 53.96
N LEU A 743 2.41 -17.29 53.66
CA LEU A 743 1.81 -17.44 52.36
C LEU A 743 0.30 -17.52 52.43
N VAL A 744 -0.36 -16.64 51.69
CA VAL A 744 -1.82 -16.68 51.67
C VAL A 744 -2.29 -17.22 50.32
N ASP A 745 -3.13 -18.25 50.38
CA ASP A 745 -3.64 -18.84 49.15
C ASP A 745 -5.09 -19.24 49.34
N TYR A 746 -5.72 -19.82 48.33
CA TYR A 746 -7.13 -20.08 48.44
C TYR A 746 -7.57 -21.29 47.62
N ALA A 747 -7.12 -22.47 47.99
CA ALA A 747 -7.38 -23.75 47.32
C ALA A 747 -8.87 -24.09 47.45
N HIS A 748 -9.38 -25.06 46.69
CA HIS A 748 -10.79 -25.44 46.76
C HIS A 748 -10.85 -26.93 46.68
N ASN A 749 -10.67 -27.43 45.49
CA ASN A 749 -10.60 -28.83 45.30
C ASN A 749 -9.21 -29.21 45.74
N PRO A 750 -8.96 -30.50 46.06
CA PRO A 750 -7.70 -31.08 46.46
C PRO A 750 -6.52 -30.79 45.57
N ALA A 751 -6.71 -30.56 44.26
CA ALA A 751 -5.53 -30.34 43.46
C ALA A 751 -4.83 -29.07 43.89
N GLY A 752 -5.56 -28.09 44.42
CA GLY A 752 -4.94 -26.85 44.81
C GLY A 752 -4.22 -27.00 46.14
N TYR A 753 -4.51 -28.05 46.88
CA TYR A 753 -3.85 -28.23 48.14
C TYR A 753 -2.55 -28.95 47.87
N ARG A 754 -2.58 -29.84 46.87
CA ARG A 754 -1.36 -30.51 46.51
C ARG A 754 -0.41 -29.54 45.82
N ALA A 755 -0.94 -28.68 44.94
CA ALA A 755 -0.07 -27.73 44.25
C ALA A 755 0.64 -26.81 45.25
N VAL A 756 -0.08 -26.34 46.27
CA VAL A 756 0.55 -25.51 47.27
C VAL A 756 1.52 -26.33 48.09
N GLY A 757 1.14 -27.56 48.46
CA GLY A 757 2.00 -28.40 49.25
C GLY A 757 3.35 -28.61 48.57
N ASP A 758 3.40 -28.73 47.23
CA ASP A 758 4.69 -28.90 46.58
C ASP A 758 5.56 -27.64 46.72
N PHE A 759 4.94 -26.46 46.66
CA PHE A 759 5.73 -25.25 46.88
C PHE A 759 6.35 -25.30 48.27
N VAL A 760 5.55 -25.68 49.26
CA VAL A 760 6.01 -25.75 50.63
C VAL A 760 7.14 -26.76 50.80
N LYS A 761 7.04 -27.92 50.17
CA LYS A 761 8.09 -28.93 50.27
C LYS A 761 9.45 -28.42 49.82
N ASN A 762 9.47 -27.52 48.84
CA ASN A 762 10.71 -26.96 48.32
C ASN A 762 11.27 -25.83 49.18
N TRP A 763 10.56 -25.44 50.22
CA TRP A 763 10.99 -24.33 51.04
C TRP A 763 12.12 -24.72 51.94
N GLN A 764 13.35 -24.49 51.48
CA GLN A 764 14.49 -24.88 52.29
C GLN A 764 14.81 -23.83 53.35
N GLY A 765 13.92 -23.79 54.33
CA GLY A 765 13.92 -22.88 55.46
C GLY A 765 13.80 -23.72 56.72
N GLN A 766 12.96 -23.29 57.66
CA GLN A 766 12.83 -24.05 58.90
C GLN A 766 11.52 -24.81 59.03
N ARG A 767 10.63 -24.43 59.95
CA ARG A 767 9.41 -25.22 60.09
C ARG A 767 8.39 -24.90 59.02
N PHE A 768 7.59 -25.90 58.69
CA PHE A 768 6.50 -25.73 57.75
C PHE A 768 5.20 -25.78 58.55
N GLY A 769 4.57 -24.62 58.71
CA GLY A 769 3.36 -24.63 59.49
C GLY A 769 2.16 -24.33 58.66
N VAL A 770 1.06 -24.92 59.03
CA VAL A 770 -0.21 -24.67 58.38
C VAL A 770 -1.22 -24.31 59.42
N VAL A 771 -2.00 -23.32 59.10
CA VAL A 771 -2.99 -22.85 60.03
C VAL A 771 -4.41 -23.01 59.56
N GLY A 772 -4.75 -24.11 58.89
CA GLY A 772 -6.12 -24.27 58.46
C GLY A 772 -6.46 -25.48 57.62
N GLY A 773 -7.71 -25.47 57.16
CA GLY A 773 -8.35 -26.49 56.36
C GLY A 773 -9.67 -25.94 55.78
N PRO A 774 -10.53 -26.81 55.23
CA PRO A 774 -11.80 -26.57 54.52
C PRO A 774 -12.93 -25.97 55.34
N GLY A 775 -13.88 -25.35 54.64
CA GLY A 775 -15.07 -24.80 55.26
C GLY A 775 -16.13 -25.88 55.38
N ASP A 776 -17.37 -25.50 55.69
CA ASP A 776 -18.42 -26.49 55.94
C ASP A 776 -19.25 -26.90 54.72
N ARG A 777 -18.93 -26.37 53.55
CA ARG A 777 -19.75 -26.64 52.38
C ARG A 777 -19.14 -27.67 51.43
N ARG A 778 -18.08 -28.32 51.87
CA ARG A 778 -17.43 -29.35 51.10
C ARG A 778 -18.10 -30.69 51.36
N ASP A 779 -17.90 -31.64 50.48
CA ASP A 779 -18.44 -32.98 50.63
C ASP A 779 -17.48 -33.77 51.51
N SER A 780 -17.50 -35.10 51.45
CA SER A 780 -16.65 -35.87 52.36
C SER A 780 -15.20 -35.98 51.85
N ASP A 781 -14.52 -34.85 51.81
CA ASP A 781 -13.15 -34.74 51.34
C ASP A 781 -12.29 -34.08 52.42
N LEU A 782 -12.84 -34.04 53.63
CA LEU A 782 -12.14 -33.44 54.76
C LEU A 782 -11.00 -34.34 55.15
N ILE A 783 -11.20 -35.65 55.01
CA ILE A 783 -10.14 -36.57 55.35
C ILE A 783 -9.03 -36.42 54.35
N GLU A 784 -9.36 -36.30 53.06
CA GLU A 784 -8.33 -36.15 52.05
C GLU A 784 -7.49 -34.93 52.34
N LEU A 785 -8.10 -33.83 52.76
CA LEU A 785 -7.28 -32.68 53.07
C LEU A 785 -6.39 -33.01 54.22
N GLY A 786 -6.93 -33.63 55.26
CA GLY A 786 -6.07 -33.92 56.39
C GLY A 786 -4.89 -34.80 55.98
N GLN A 787 -5.11 -35.73 55.08
CA GLN A 787 -4.06 -36.60 54.60
C GLN A 787 -2.98 -35.82 53.84
N ILE A 788 -3.38 -34.76 53.12
CA ILE A 788 -2.43 -33.93 52.38
C ILE A 788 -1.60 -33.10 53.36
N ALA A 789 -2.23 -32.48 54.35
CA ALA A 789 -1.45 -31.67 55.28
C ALA A 789 -0.46 -32.52 56.06
N ALA A 790 -0.86 -33.73 56.45
CA ALA A 790 -0.02 -34.60 57.26
C ALA A 790 1.40 -34.93 56.86
N GLN A 791 1.62 -34.98 55.56
CA GLN A 791 2.90 -35.22 54.91
C GLN A 791 3.62 -34.03 54.34
N VAL A 792 3.02 -32.86 54.52
CA VAL A 792 3.62 -31.63 54.04
C VAL A 792 4.06 -30.66 55.11
N PHE A 793 3.42 -30.71 56.28
CA PHE A 793 3.67 -29.74 57.33
C PHE A 793 4.10 -30.46 58.61
N ASP A 794 4.96 -29.83 59.41
CA ASP A 794 5.36 -30.38 60.72
C ASP A 794 4.72 -29.63 61.90
N ARG A 795 3.97 -28.58 61.60
CA ARG A 795 3.18 -27.82 62.57
C ARG A 795 1.76 -27.71 62.07
N ILE A 796 0.86 -28.58 62.51
CA ILE A 796 -0.49 -28.52 61.95
C ILE A 796 -1.53 -28.09 62.96
N ILE A 797 -2.09 -26.88 62.80
CA ILE A 797 -3.07 -26.42 63.77
C ILE A 797 -4.39 -26.19 63.06
N VAL A 798 -5.46 -26.74 63.64
CA VAL A 798 -6.80 -26.67 63.07
C VAL A 798 -7.68 -25.50 63.59
N LYS A 799 -8.27 -24.74 62.65
CA LYS A 799 -9.15 -23.58 62.90
C LYS A 799 -10.52 -23.74 62.25
N GLU A 800 -10.91 -24.94 61.94
CA GLU A 800 -12.13 -25.13 61.17
C GLU A 800 -13.42 -25.05 61.98
N ASP A 801 -13.72 -23.81 62.33
CA ASP A 801 -14.90 -23.34 63.05
C ASP A 801 -15.06 -21.89 62.58
N ASP A 802 -15.44 -21.72 61.32
CA ASP A 802 -15.41 -20.40 60.72
C ASP A 802 -16.63 -19.60 61.10
N ASP A 803 -16.80 -18.41 60.54
CA ASP A 803 -17.93 -17.58 60.97
C ASP A 803 -19.21 -17.93 60.26
N LYS A 804 -19.10 -18.44 59.03
CA LYS A 804 -20.28 -18.79 58.26
C LYS A 804 -21.03 -19.95 58.91
N ARG A 805 -20.29 -20.94 59.42
CA ARG A 805 -20.90 -22.08 60.13
C ARG A 805 -22.03 -22.70 59.37
N GLY A 806 -21.76 -23.05 58.12
CA GLY A 806 -22.75 -23.65 57.24
C GLY A 806 -23.33 -24.91 57.88
N ARG A 807 -22.53 -25.65 58.65
CA ARG A 807 -23.05 -26.83 59.32
C ARG A 807 -22.61 -26.91 60.78
N SER A 808 -23.58 -26.86 61.67
CA SER A 808 -23.33 -26.95 63.11
C SER A 808 -22.23 -26.01 63.64
N GLU A 809 -21.19 -26.59 64.28
CA GLU A 809 -20.10 -25.81 64.87
C GLU A 809 -18.70 -26.28 64.43
N GLY A 810 -18.04 -27.05 65.30
CA GLY A 810 -16.65 -27.50 65.11
C GLY A 810 -16.46 -28.88 64.48
N GLU A 811 -17.53 -29.49 63.98
CA GLU A 811 -17.40 -30.83 63.40
C GLU A 811 -16.40 -30.87 62.24
N THR A 812 -16.30 -29.79 61.46
CA THR A 812 -15.35 -29.80 60.36
C THR A 812 -13.94 -29.95 60.95
N ALA A 813 -13.61 -29.17 61.98
CA ALA A 813 -12.31 -29.30 62.64
C ALA A 813 -12.10 -30.69 63.20
N ASP A 814 -13.14 -31.31 63.71
CA ASP A 814 -12.96 -32.65 64.26
C ASP A 814 -12.63 -33.67 63.18
N LEU A 815 -13.18 -33.49 61.97
CA LEU A 815 -12.89 -34.40 60.88
C LEU A 815 -11.50 -34.15 60.35
N ILE A 816 -11.06 -32.90 60.36
CA ILE A 816 -9.70 -32.64 59.90
C ILE A 816 -8.73 -33.27 60.87
N VAL A 817 -8.99 -33.13 62.18
CA VAL A 817 -8.09 -33.74 63.15
C VAL A 817 -8.05 -35.25 62.93
N LYS A 818 -9.21 -35.88 62.70
CA LYS A 818 -9.19 -37.31 62.44
C LYS A 818 -8.29 -37.65 61.25
N GLY A 819 -8.42 -36.89 60.16
CA GLY A 819 -7.61 -37.14 58.96
C GLY A 819 -6.11 -36.93 59.17
N ILE A 820 -5.70 -35.83 59.79
CA ILE A 820 -4.27 -35.54 59.94
C ILE A 820 -3.56 -36.53 60.87
N LEU A 821 -4.27 -37.03 61.89
CA LEU A 821 -3.68 -37.98 62.82
C LEU A 821 -3.66 -39.39 62.26
N GLN A 822 -4.25 -39.56 61.09
CA GLN A 822 -4.31 -40.84 60.45
C GLN A 822 -3.01 -41.15 59.75
N GLU A 823 -2.32 -40.11 59.27
CA GLU A 823 -1.11 -40.36 58.52
C GLU A 823 0.16 -40.06 59.30
N ASN A 824 0.15 -39.02 60.13
CA ASN A 824 1.38 -38.67 60.82
C ASN A 824 1.13 -37.98 62.14
N PRO A 825 0.75 -38.69 63.21
CA PRO A 825 0.34 -38.13 64.50
C PRO A 825 1.53 -37.65 65.36
N GLY A 826 2.37 -36.77 64.82
CA GLY A 826 3.51 -36.19 65.49
C GLY A 826 3.82 -34.72 65.07
N ALA A 827 2.79 -33.89 64.85
CA ALA A 827 2.98 -32.50 64.41
C ALA A 827 2.24 -31.48 65.29
N SER A 828 2.32 -31.67 66.61
CA SER A 828 1.69 -30.73 67.55
C SER A 828 0.25 -30.41 67.18
N TYR A 829 -0.57 -31.45 67.08
CA TYR A 829 -1.91 -31.30 66.56
C TYR A 829 -2.94 -30.66 67.44
N GLU A 830 -2.77 -29.38 67.58
CA GLU A 830 -3.63 -28.48 68.32
C GLU A 830 -4.83 -28.12 67.48
N VAL A 831 -5.98 -28.00 68.13
CA VAL A 831 -7.14 -27.46 67.47
C VAL A 831 -7.48 -26.23 68.30
N ILE A 832 -7.61 -25.11 67.63
CA ILE A 832 -7.87 -23.86 68.31
C ILE A 832 -9.23 -23.30 67.92
N LEU A 833 -9.72 -23.71 66.75
CA LEU A 833 -11.01 -23.34 66.18
C LEU A 833 -11.06 -21.87 65.70
N ASP A 834 -10.73 -20.91 66.55
CA ASP A 834 -10.76 -19.51 66.08
C ASP A 834 -9.74 -19.21 64.97
N GLU A 835 -10.20 -18.39 64.00
CA GLU A 835 -9.40 -18.05 62.79
C GLU A 835 -9.53 -16.56 62.43
N THR A 836 -9.63 -15.66 63.39
CA THR A 836 -9.85 -14.20 63.16
C THR A 836 -8.47 -13.62 63.45
N ILE A 837 -8.07 -13.60 64.73
CA ILE A 837 -6.75 -13.06 65.14
C ILE A 837 -6.13 -14.11 66.07
N ALA A 838 -6.78 -15.27 66.19
CA ALA A 838 -6.24 -16.35 67.06
C ALA A 838 -5.19 -17.25 66.42
N LEU A 839 -5.56 -18.00 65.38
CA LEU A 839 -4.58 -18.81 64.73
C LEU A 839 -3.83 -18.08 63.64
N ASN A 840 -4.45 -17.09 62.99
CA ASN A 840 -3.73 -16.40 61.92
C ASN A 840 -2.85 -15.27 62.45
N LYS A 841 -2.82 -15.10 63.77
CA LYS A 841 -1.97 -14.10 64.40
C LYS A 841 -0.80 -14.81 65.06
N ALA A 842 -0.98 -16.08 65.43
CA ALA A 842 0.03 -16.84 66.13
C ALA A 842 1.14 -17.33 65.17
N LEU A 843 1.95 -16.36 64.73
CA LEU A 843 3.06 -16.56 63.80
C LEU A 843 4.40 -16.57 64.53
N ASP A 844 4.38 -16.23 65.81
CA ASP A 844 5.60 -16.08 66.60
C ASP A 844 5.99 -17.39 67.25
N GLN A 845 5.23 -18.41 66.91
CA GLN A 845 5.43 -19.77 67.35
C GLN A 845 6.30 -20.52 66.33
N VAL A 846 6.68 -19.83 65.26
CA VAL A 846 7.50 -20.36 64.18
C VAL A 846 8.83 -19.61 64.12
N GLU A 847 9.92 -20.35 64.06
CA GLU A 847 11.28 -19.80 64.07
C GLU A 847 11.69 -19.13 62.77
N GLU A 848 12.92 -18.61 62.78
CA GLU A 848 13.44 -17.88 61.66
C GLU A 848 13.49 -18.71 60.41
N LYS A 849 13.07 -18.09 59.32
CA LYS A 849 12.99 -18.67 57.99
C LYS A 849 11.97 -19.80 57.88
N GLY A 850 11.07 -19.93 58.84
CA GLY A 850 10.02 -20.92 58.70
C GLY A 850 8.97 -20.28 57.81
N LEU A 851 7.99 -21.09 57.40
CA LEU A 851 6.92 -20.62 56.53
C LEU A 851 5.55 -20.95 57.10
N VAL A 852 4.69 -19.95 57.16
CA VAL A 852 3.31 -20.14 57.62
C VAL A 852 2.33 -20.09 56.46
N VAL A 853 1.59 -21.19 56.25
CA VAL A 853 0.65 -21.28 55.16
C VAL A 853 -0.79 -21.12 55.63
N VAL A 854 -1.43 -20.11 55.06
CA VAL A 854 -2.76 -19.71 55.46
C VAL A 854 -3.81 -20.02 54.40
N PHE A 855 -4.86 -20.68 54.85
CA PHE A 855 -6.01 -21.04 54.02
C PHE A 855 -7.24 -20.47 54.73
N PRO A 856 -7.51 -19.16 54.59
CA PRO A 856 -8.52 -18.39 55.28
C PRO A 856 -9.86 -18.65 54.65
N GLU A 857 -10.96 -18.42 55.36
CA GLU A 857 -12.22 -18.39 54.64
C GLU A 857 -12.27 -17.12 53.80
N SER A 858 -11.73 -16.05 54.36
CA SER A 858 -11.72 -14.76 53.71
C SER A 858 -10.32 -14.21 53.52
N VAL A 859 -9.94 -14.09 52.26
CA VAL A 859 -8.62 -13.62 51.87
C VAL A 859 -8.43 -12.20 52.33
N THR A 860 -9.48 -11.39 52.19
CA THR A 860 -9.43 -10.00 52.57
C THR A 860 -8.96 -9.86 54.00
N ARG A 861 -9.43 -10.72 54.90
CA ARG A 861 -8.97 -10.59 56.27
C ARG A 861 -7.53 -11.09 56.40
N ALA A 862 -7.20 -12.21 55.75
CA ALA A 862 -5.85 -12.75 55.90
C ALA A 862 -4.77 -11.79 55.46
N ILE A 863 -5.03 -11.04 54.41
CA ILE A 863 -4.01 -10.14 53.91
C ILE A 863 -4.07 -8.79 54.59
N ASP A 864 -5.04 -8.59 55.48
CA ASP A 864 -5.14 -7.36 56.24
C ASP A 864 -4.35 -7.58 57.52
N LEU A 865 -4.58 -8.75 58.15
CA LEU A 865 -3.93 -9.06 59.41
C LEU A 865 -2.43 -9.18 59.25
N ILE A 866 -1.98 -9.78 58.15
CA ILE A 866 -0.56 -9.92 57.93
C ILE A 866 0.14 -8.57 57.80
N LYS A 867 -0.60 -7.49 57.49
CA LYS A 867 0.02 -6.18 57.32
C LYS A 867 0.18 -5.46 58.65
N VAL A 868 -0.42 -6.01 59.70
CA VAL A 868 -0.39 -5.41 61.03
C VAL A 868 0.97 -5.68 61.64
N ARG A 869 1.67 -6.62 61.04
CA ARG A 869 2.98 -7.04 61.46
C ARG A 869 4.08 -6.31 60.69
N ASN A 870 3.70 -5.31 59.87
CA ASN A 870 4.65 -4.51 59.10
C ASN A 870 5.60 -5.29 58.18
N PRO A 871 5.09 -6.00 57.16
CA PRO A 871 5.84 -6.78 56.19
C PRO A 871 6.64 -5.86 55.29
N ILE A 872 7.69 -6.42 54.71
CA ILE A 872 8.60 -5.77 53.80
C ILE A 872 8.00 -5.58 52.41
N MET B 1 -28.32 60.59 -15.24
CA MET B 1 -27.42 59.46 -15.38
C MET B 1 -28.22 58.18 -15.50
N LYS B 2 -28.00 57.46 -16.59
CA LYS B 2 -28.70 56.21 -16.85
C LYS B 2 -27.78 55.01 -16.81
N ILE B 3 -28.25 53.90 -16.27
CA ILE B 3 -27.44 52.68 -16.30
C ILE B 3 -27.92 51.83 -17.45
N LEU B 4 -27.01 51.50 -18.35
CA LEU B 4 -27.35 50.75 -19.54
C LEU B 4 -27.17 49.26 -19.37
N LYS B 5 -26.11 48.89 -18.65
CA LYS B 5 -25.78 47.47 -18.47
C LYS B 5 -25.04 47.17 -17.18
N THR B 6 -25.32 46.04 -16.54
CA THR B 6 -24.55 45.66 -15.36
C THR B 6 -24.03 44.22 -15.46
N LEU B 7 -22.74 44.03 -15.21
CA LEU B 7 -22.14 42.69 -15.17
C LEU B 7 -21.60 42.37 -13.79
N THR B 8 -21.75 41.12 -13.38
CA THR B 8 -21.18 40.70 -12.11
C THR B 8 -20.10 39.69 -12.40
N LEU B 9 -18.89 39.96 -11.93
CA LEU B 9 -17.78 39.08 -12.19
C LEU B 9 -17.47 38.26 -10.96
N ARG B 10 -17.23 36.98 -11.16
CA ARG B 10 -16.89 36.05 -10.08
C ARG B 10 -15.71 35.17 -10.41
N GLY B 11 -14.52 35.72 -10.35
CA GLY B 11 -13.32 34.97 -10.71
C GLY B 11 -12.34 35.89 -11.40
N PRO B 12 -11.10 35.46 -11.70
CA PRO B 12 -10.04 36.22 -12.33
C PRO B 12 -10.57 36.78 -13.61
N ASN B 13 -10.23 38.02 -13.86
CA ASN B 13 -10.78 38.70 -14.99
C ASN B 13 -9.87 39.76 -15.57
N TYR B 14 -10.41 40.45 -16.55
CA TYR B 14 -9.78 41.53 -17.27
C TYR B 14 -9.31 42.68 -16.38
N TRP B 15 -10.13 43.07 -15.41
CA TRP B 15 -9.83 44.22 -14.56
C TRP B 15 -8.82 43.87 -13.47
N SER B 16 -8.92 42.66 -12.96
CA SER B 16 -8.01 42.18 -11.92
C SER B 16 -7.96 40.66 -11.80
N ILE B 17 -6.79 40.11 -11.51
CA ILE B 17 -6.67 38.68 -11.26
C ILE B 17 -7.09 38.37 -9.82
N ARG B 18 -6.60 39.17 -8.87
CA ARG B 18 -6.90 39.01 -7.46
C ARG B 18 -8.29 39.50 -7.04
N ARG B 19 -8.78 40.56 -7.65
CA ARG B 19 -10.08 41.07 -7.23
C ARG B 19 -11.13 40.35 -8.05
N LYS B 20 -11.53 39.22 -7.49
CA LYS B 20 -12.45 38.27 -8.09
C LYS B 20 -13.89 38.76 -8.08
N LYS B 21 -14.29 39.50 -7.05
CA LYS B 21 -15.66 39.99 -6.89
C LYS B 21 -15.87 41.43 -7.29
N LEU B 22 -16.28 41.63 -8.54
CA LEU B 22 -16.43 42.99 -9.08
C LEU B 22 -17.74 43.20 -9.80
N ILE B 23 -18.26 44.41 -9.73
CA ILE B 23 -19.42 44.82 -10.50
C ILE B 23 -19.02 45.86 -11.50
N VAL B 24 -19.38 45.60 -12.75
CA VAL B 24 -19.05 46.52 -13.82
C VAL B 24 -20.34 47.14 -14.32
N MET B 25 -20.45 48.44 -14.14
CA MET B 25 -21.63 49.17 -14.51
C MET B 25 -21.36 50.07 -15.71
N ARG B 26 -22.21 49.97 -16.73
CA ARG B 26 -22.06 50.79 -17.92
C ARG B 26 -23.02 51.97 -17.76
N LEU B 27 -22.43 53.11 -17.44
CA LEU B 27 -23.15 54.32 -17.07
C LEU B 27 -23.13 55.39 -18.18
N ASP B 28 -24.31 55.81 -18.60
CA ASP B 28 -24.49 56.80 -19.66
C ASP B 28 -24.72 58.22 -19.14
N LEU B 29 -23.71 59.05 -19.22
CA LEU B 29 -23.81 60.38 -18.65
C LEU B 29 -24.43 61.34 -19.67
N GLU B 30 -25.76 61.26 -19.77
CA GLU B 30 -26.52 62.06 -20.74
C GLU B 30 -26.29 63.55 -20.46
N ASP B 31 -26.26 63.87 -19.17
CA ASP B 31 -25.94 65.17 -18.60
C ASP B 31 -24.60 64.97 -17.94
N LEU B 32 -24.05 66.01 -17.35
CA LEU B 32 -22.84 65.94 -16.52
C LEU B 32 -21.53 65.67 -17.28
N ALA B 33 -21.59 64.95 -18.39
CA ALA B 33 -20.44 64.65 -19.25
C ALA B 33 -19.82 65.94 -19.79
N GLU B 34 -20.62 66.99 -19.85
CA GLU B 34 -20.20 68.30 -20.31
C GLU B 34 -20.06 69.31 -19.14
N ARG B 35 -20.21 68.84 -17.89
CA ARG B 35 -20.21 69.71 -16.71
C ARG B 35 -19.30 69.19 -15.59
N PRO B 36 -17.97 69.45 -15.62
CA PRO B 36 -16.99 68.91 -14.70
C PRO B 36 -16.99 69.57 -13.34
N SER B 37 -18.11 69.41 -12.62
CA SER B 37 -18.35 69.89 -11.23
C SER B 37 -18.41 71.39 -11.02
N ASN B 38 -17.48 72.13 -11.58
CA ASN B 38 -17.41 73.57 -11.43
C ASN B 38 -18.54 74.26 -12.18
N SER B 39 -19.25 73.47 -12.95
CA SER B 39 -20.40 73.82 -13.75
C SER B 39 -21.69 73.34 -13.08
N ILE B 40 -21.55 72.79 -11.87
CA ILE B 40 -22.66 72.28 -11.06
C ILE B 40 -22.59 72.94 -9.68
N PRO B 41 -23.16 74.14 -9.49
CA PRO B 41 -23.04 74.90 -8.28
C PRO B 41 -23.52 74.12 -7.07
N GLY B 42 -22.74 74.18 -5.99
CA GLY B 42 -23.08 73.51 -4.74
C GLY B 42 -22.63 72.06 -4.65
N PHE B 43 -22.13 71.47 -5.75
CA PHE B 43 -21.76 70.06 -5.69
C PHE B 43 -20.36 69.77 -5.20
N TYR B 44 -20.14 70.15 -3.97
CA TYR B 44 -18.94 69.89 -3.22
C TYR B 44 -19.39 69.76 -1.81
N GLU B 45 -20.01 70.84 -1.33
CA GLU B 45 -20.54 70.91 0.01
C GLU B 45 -21.69 69.93 0.13
N GLY B 46 -22.54 69.82 -0.91
CA GLY B 46 -23.65 68.89 -0.87
C GLY B 46 -23.14 67.46 -0.77
N LEU B 47 -22.13 67.12 -1.56
CA LEU B 47 -21.67 65.73 -1.53
C LEU B 47 -21.05 65.38 -0.19
N ILE B 48 -20.24 66.27 0.38
CA ILE B 48 -19.62 65.94 1.64
C ILE B 48 -20.60 66.00 2.81
N LYS B 49 -21.56 66.93 2.84
CA LYS B 49 -22.44 66.93 3.99
C LYS B 49 -23.37 65.72 3.99
N VAL B 50 -23.70 65.17 2.81
CA VAL B 50 -24.54 63.98 2.76
C VAL B 50 -23.74 62.78 3.24
N LEU B 51 -22.50 62.68 2.75
CA LEU B 51 -21.61 61.58 3.12
C LEU B 51 -20.26 62.09 3.67
N PRO B 52 -20.18 62.56 4.93
CA PRO B 52 -19.03 63.19 5.59
C PRO B 52 -17.78 62.33 5.64
N SER B 53 -17.97 61.03 5.49
CA SER B 53 -16.92 60.05 5.52
C SER B 53 -16.05 60.01 4.26
N LEU B 54 -16.46 60.68 3.17
CA LEU B 54 -15.72 60.59 1.91
C LEU B 54 -14.44 61.42 1.88
N VAL B 55 -13.55 61.17 2.85
CA VAL B 55 -12.24 61.79 2.99
C VAL B 55 -11.22 60.68 3.00
N GLU B 56 -11.68 59.46 3.18
CA GLU B 56 -10.75 58.35 3.29
C GLU B 56 -10.39 57.79 1.92
N HIS B 57 -10.92 58.42 0.89
CA HIS B 57 -10.66 58.04 -0.47
C HIS B 57 -9.47 58.80 -1.01
N PHE B 58 -8.57 58.03 -1.60
CA PHE B 58 -7.35 58.44 -2.25
C PHE B 58 -7.61 58.26 -3.72
N CYS B 59 -6.99 59.05 -4.57
CA CYS B 59 -7.19 58.86 -6.00
C CYS B 59 -5.83 58.90 -6.65
N SER B 60 -5.64 59.75 -7.66
CA SER B 60 -4.30 59.89 -8.15
C SER B 60 -3.41 60.46 -7.04
N PRO B 61 -3.83 61.49 -6.26
CA PRO B 61 -3.07 61.97 -5.13
C PRO B 61 -3.05 60.87 -4.07
N GLY B 62 -1.87 60.57 -3.54
CA GLY B 62 -1.72 59.55 -2.50
C GLY B 62 -1.96 60.12 -1.11
N TYR B 63 -3.10 60.77 -0.95
CA TYR B 63 -3.41 61.47 0.29
C TYR B 63 -4.78 61.21 0.84
N GLN B 64 -4.89 61.32 2.16
CA GLN B 64 -6.19 61.29 2.81
C GLN B 64 -6.83 62.55 2.30
N GLY B 65 -8.06 62.47 1.83
CA GLY B 65 -8.71 63.63 1.27
C GLY B 65 -8.32 63.86 -0.18
N GLY B 66 -7.53 62.95 -0.79
CA GLY B 66 -7.07 63.08 -2.16
C GLY B 66 -8.26 63.17 -3.09
N PHE B 67 -9.33 62.44 -2.77
CA PHE B 67 -10.56 62.52 -3.53
C PHE B 67 -11.12 63.93 -3.44
N LEU B 68 -11.23 64.45 -2.22
CA LEU B 68 -11.81 65.76 -1.95
C LEU B 68 -10.94 66.93 -2.36
N GLU B 69 -9.67 66.65 -2.71
CA GLU B 69 -8.81 67.69 -3.27
C GLU B 69 -9.35 68.06 -4.65
N ARG B 70 -10.14 67.14 -5.24
CA ARG B 70 -10.79 67.32 -6.50
C ARG B 70 -12.26 67.47 -6.18
N VAL B 71 -13.13 66.76 -6.89
CA VAL B 71 -14.60 66.86 -6.78
C VAL B 71 -15.07 68.23 -7.30
N LYS B 72 -14.58 69.35 -6.70
CA LYS B 72 -14.89 70.73 -7.11
C LYS B 72 -14.30 71.02 -8.49
N GLU B 73 -13.26 70.27 -8.81
CA GLU B 73 -12.58 70.26 -10.09
C GLU B 73 -12.98 68.89 -10.56
N GLY B 74 -14.00 68.82 -11.40
CA GLY B 74 -14.61 67.54 -11.61
C GLY B 74 -13.91 66.56 -12.47
N THR B 75 -14.45 65.37 -12.37
CA THR B 75 -14.07 64.15 -13.01
C THR B 75 -15.19 63.64 -13.90
N TYR B 76 -16.19 64.50 -14.16
CA TYR B 76 -17.35 64.13 -14.98
C TYR B 76 -18.05 62.90 -14.42
N MET B 77 -18.18 62.86 -13.12
CA MET B 77 -18.83 61.81 -12.33
C MET B 77 -18.08 60.47 -12.32
N GLY B 78 -16.86 60.41 -12.88
CA GLY B 78 -16.06 59.23 -12.70
C GLY B 78 -15.60 59.47 -11.31
N HIS B 79 -15.08 58.49 -10.58
CA HIS B 79 -14.69 58.72 -9.19
C HIS B 79 -15.87 58.99 -8.23
N ILE B 80 -16.74 59.92 -8.54
CA ILE B 80 -17.82 60.23 -7.65
C ILE B 80 -18.85 59.11 -7.57
N VAL B 81 -19.33 58.56 -8.69
CA VAL B 81 -20.28 57.47 -8.55
C VAL B 81 -19.58 56.25 -7.95
N GLU B 82 -18.36 56.00 -8.41
CA GLU B 82 -17.51 54.91 -7.95
C GLU B 82 -17.23 54.94 -6.44
N HIS B 83 -16.85 56.11 -5.89
CA HIS B 83 -16.52 56.21 -4.48
C HIS B 83 -17.78 56.19 -3.65
N VAL B 84 -18.88 56.73 -4.14
CA VAL B 84 -20.08 56.67 -3.36
C VAL B 84 -20.55 55.23 -3.25
N ALA B 85 -20.53 54.44 -4.33
CA ALA B 85 -20.97 53.05 -4.20
C ALA B 85 -20.09 52.31 -3.20
N LEU B 86 -18.79 52.56 -3.20
CA LEU B 86 -17.93 51.88 -2.25
C LEU B 86 -18.22 52.31 -0.82
N GLU B 87 -18.48 53.60 -0.60
CA GLU B 87 -18.76 54.11 0.74
C GLU B 87 -20.11 53.64 1.26
N LEU B 88 -21.12 53.55 0.41
CA LEU B 88 -22.40 53.11 0.88
C LEU B 88 -22.28 51.68 1.43
N GLN B 89 -21.41 50.85 0.84
CA GLN B 89 -21.23 49.51 1.36
C GLN B 89 -20.45 49.56 2.70
N GLU B 90 -19.46 50.46 2.81
CA GLU B 90 -18.66 50.58 4.04
C GLU B 90 -19.51 51.03 5.23
N LEU B 91 -20.50 51.90 4.97
CA LEU B 91 -21.37 52.43 6.01
C LEU B 91 -22.22 51.38 6.71
N VAL B 92 -22.37 50.21 6.10
CA VAL B 92 -23.16 49.15 6.68
C VAL B 92 -22.30 47.95 7.05
N GLY B 93 -20.99 48.13 7.07
CA GLY B 93 -20.07 47.07 7.46
C GLY B 93 -19.53 46.13 6.37
N MET B 94 -19.80 46.40 5.10
CA MET B 94 -19.27 45.54 4.05
C MET B 94 -18.09 46.24 3.46
N THR B 95 -16.91 45.69 3.64
CA THR B 95 -15.74 46.40 3.22
C THR B 95 -15.32 46.06 1.81
N ALA B 96 -15.17 47.11 1.01
CA ALA B 96 -14.76 47.05 -0.38
C ALA B 96 -14.00 48.33 -0.65
N GLY B 97 -12.92 48.27 -1.43
CA GLY B 97 -12.18 49.49 -1.71
C GLY B 97 -11.66 49.65 -3.13
N PHE B 98 -11.58 48.57 -3.87
CA PHE B 98 -11.10 48.64 -5.23
C PHE B 98 -12.11 49.24 -6.18
N GLY B 99 -11.64 50.09 -7.07
CA GLY B 99 -12.47 50.57 -8.13
C GLY B 99 -11.70 51.35 -9.18
N ARG B 100 -12.30 51.42 -10.37
CA ARG B 100 -11.77 52.07 -11.55
C ARG B 100 -12.85 52.67 -12.46
N THR B 101 -12.52 53.76 -13.14
CA THR B 101 -13.43 54.29 -14.17
C THR B 101 -12.68 54.46 -15.50
N ARG B 102 -13.29 53.99 -16.59
CA ARG B 102 -12.74 54.13 -17.94
C ARG B 102 -13.79 54.54 -18.97
N GLU B 103 -13.47 55.48 -19.85
CA GLU B 103 -14.44 55.88 -20.87
C GLU B 103 -14.45 54.89 -22.02
N THR B 104 -15.64 54.57 -22.50
CA THR B 104 -15.86 53.66 -23.63
C THR B 104 -16.82 54.21 -24.66
N SER B 105 -17.08 53.42 -25.70
CA SER B 105 -18.04 53.77 -26.74
C SER B 105 -17.93 55.19 -27.23
N THR B 106 -19.08 55.84 -27.34
CA THR B 106 -19.15 57.22 -27.70
C THR B 106 -18.86 58.04 -26.45
N PRO B 107 -18.49 59.31 -26.56
CA PRO B 107 -18.21 60.15 -25.42
C PRO B 107 -19.38 60.17 -24.47
N GLY B 108 -19.08 60.11 -23.19
CA GLY B 108 -20.09 60.12 -22.14
C GLY B 108 -20.45 58.75 -21.58
N VAL B 109 -20.06 57.66 -22.24
CA VAL B 109 -20.39 56.35 -21.66
C VAL B 109 -19.20 55.77 -20.94
N TYR B 110 -19.37 55.47 -19.67
CA TYR B 110 -18.27 54.97 -18.86
C TYR B 110 -18.48 53.63 -18.22
N ASN B 111 -17.38 52.90 -18.08
CA ASN B 111 -17.38 51.68 -17.31
C ASN B 111 -16.92 51.95 -15.92
N VAL B 112 -17.83 51.77 -14.98
CA VAL B 112 -17.57 52.02 -13.59
C VAL B 112 -17.41 50.68 -12.91
N VAL B 113 -16.24 50.43 -12.36
CA VAL B 113 -15.96 49.14 -11.78
C VAL B 113 -15.72 49.25 -10.30
N TYR B 114 -16.45 48.48 -9.51
CA TYR B 114 -16.21 48.53 -8.07
C TYR B 114 -16.32 47.14 -7.43
N GLU B 115 -15.61 46.98 -6.33
CA GLU B 115 -15.58 45.79 -5.51
C GLU B 115 -16.83 45.57 -4.65
N TYR B 116 -17.23 44.30 -4.51
CA TYR B 116 -18.36 43.95 -3.65
C TYR B 116 -18.05 42.82 -2.70
N VAL B 117 -18.84 42.73 -1.63
CA VAL B 117 -18.72 41.62 -0.67
C VAL B 117 -19.88 40.65 -0.90
N ASP B 118 -21.09 41.19 -0.86
CA ASP B 118 -22.32 40.49 -1.17
C ASP B 118 -22.81 40.95 -2.51
N GLU B 119 -23.19 40.01 -3.35
CA GLU B 119 -23.63 40.29 -4.70
C GLU B 119 -24.84 41.20 -4.84
N GLN B 120 -25.85 41.07 -3.99
CA GLN B 120 -27.04 41.88 -4.18
C GLN B 120 -26.85 43.22 -3.54
N ALA B 121 -26.14 43.23 -2.42
CA ALA B 121 -25.85 44.48 -1.76
C ALA B 121 -24.98 45.35 -2.65
N GLY B 122 -24.05 44.72 -3.39
CA GLY B 122 -23.16 45.42 -4.30
C GLY B 122 -23.95 46.10 -5.39
N ARG B 123 -24.84 45.36 -6.06
CA ARG B 123 -25.61 45.99 -7.12
C ARG B 123 -26.51 47.09 -6.57
N TYR B 124 -27.07 46.89 -5.38
CA TYR B 124 -27.95 47.88 -4.76
C TYR B 124 -27.19 49.19 -4.54
N ALA B 125 -25.98 49.11 -3.98
CA ALA B 125 -25.15 50.28 -3.69
C ALA B 125 -24.82 51.05 -4.96
N GLY B 126 -24.63 50.35 -6.07
CA GLY B 126 -24.35 51.00 -7.33
C GLY B 126 -25.52 51.88 -7.75
N ARG B 127 -26.72 51.31 -7.72
CA ARG B 127 -27.90 52.06 -8.11
C ARG B 127 -28.15 53.24 -7.15
N ALA B 128 -27.93 53.01 -5.86
CA ALA B 128 -28.11 54.05 -4.88
C ALA B 128 -27.11 55.18 -5.07
N ALA B 129 -25.85 54.86 -5.43
CA ALA B 129 -24.85 55.89 -5.65
C ALA B 129 -25.25 56.80 -6.77
N VAL B 130 -25.86 56.24 -7.80
CA VAL B 130 -26.28 57.05 -8.91
C VAL B 130 -27.41 57.98 -8.48
N ARG B 131 -28.40 57.49 -7.73
CA ARG B 131 -29.50 58.36 -7.28
C ARG B 131 -29.02 59.49 -6.37
N LEU B 132 -28.10 59.17 -5.46
CA LEU B 132 -27.59 60.17 -4.53
C LEU B 132 -26.84 61.23 -5.30
N CYS B 133 -25.97 60.78 -6.20
CA CYS B 133 -25.16 61.68 -6.99
C CYS B 133 -25.99 62.49 -7.95
N ARG B 134 -27.07 61.92 -8.50
CA ARG B 134 -27.89 62.68 -9.42
C ARG B 134 -28.70 63.74 -8.69
N SER B 135 -29.23 63.46 -7.51
CA SER B 135 -30.00 64.48 -6.82
C SER B 135 -29.14 65.68 -6.47
N LEU B 136 -27.89 65.44 -6.12
CA LEU B 136 -27.00 66.52 -5.73
C LEU B 136 -26.44 67.36 -6.87
N VAL B 137 -26.77 67.03 -8.12
CA VAL B 137 -26.30 67.83 -9.25
C VAL B 137 -27.51 68.51 -9.89
N ASP B 138 -28.63 68.42 -9.17
CA ASP B 138 -29.92 68.99 -9.52
C ASP B 138 -30.22 70.00 -8.41
N THR B 139 -30.30 69.50 -7.18
CA THR B 139 -30.49 70.30 -5.98
C THR B 139 -29.19 70.28 -5.21
N GLY B 140 -29.17 70.91 -4.04
CA GLY B 140 -27.92 71.01 -3.26
C GLY B 140 -27.79 70.05 -2.08
N ASP B 141 -28.73 69.14 -1.89
CA ASP B 141 -28.72 68.28 -0.73
C ASP B 141 -29.41 66.93 -1.01
N TYR B 142 -29.45 66.06 -0.01
CA TYR B 142 -30.08 64.75 -0.14
C TYR B 142 -30.80 64.47 1.18
N PRO B 143 -32.12 64.21 1.20
CA PRO B 143 -32.89 64.02 2.41
C PRO B 143 -32.30 62.94 3.28
N ARG B 144 -32.28 63.16 4.59
CA ARG B 144 -31.70 62.15 5.46
C ARG B 144 -32.46 60.84 5.41
N LEU B 145 -33.77 60.91 5.26
CA LEU B 145 -34.57 59.70 5.27
C LEU B 145 -34.37 58.87 4.02
N GLU B 146 -33.83 59.49 2.96
CA GLU B 146 -33.61 58.80 1.70
C GLU B 146 -32.23 58.16 1.72
N LEU B 147 -31.48 58.40 2.80
CA LEU B 147 -30.19 57.79 2.97
C LEU B 147 -30.36 56.68 3.99
N GLU B 148 -31.13 56.94 5.05
CA GLU B 148 -31.31 55.94 6.08
C GLU B 148 -32.04 54.71 5.57
N LYS B 149 -33.05 54.88 4.71
CA LYS B 149 -33.75 53.69 4.23
C LYS B 149 -32.85 52.85 3.31
N ASP B 150 -31.91 53.47 2.59
CA ASP B 150 -31.08 52.72 1.68
C ASP B 150 -30.06 51.95 2.48
N LEU B 151 -29.58 52.56 3.56
CA LEU B 151 -28.62 51.85 4.39
C LEU B 151 -29.31 50.67 5.05
N GLU B 152 -30.59 50.82 5.43
CA GLU B 152 -31.31 49.69 6.01
C GLU B 152 -31.45 48.54 5.00
N ASP B 153 -31.73 48.86 3.72
CA ASP B 153 -31.83 47.79 2.73
C ASP B 153 -30.50 47.10 2.52
N LEU B 154 -29.39 47.84 2.54
CA LEU B 154 -28.11 47.17 2.39
C LEU B 154 -27.82 46.26 3.56
N ARG B 155 -28.18 46.67 4.79
CA ARG B 155 -27.95 45.81 5.94
C ARG B 155 -28.74 44.52 5.85
N ASP B 156 -29.98 44.58 5.35
CA ASP B 156 -30.74 43.34 5.24
C ASP B 156 -30.20 42.46 4.12
N LEU B 157 -29.81 43.04 2.99
CA LEU B 157 -29.30 42.24 1.89
C LEU B 157 -28.04 41.50 2.28
N GLY B 158 -27.19 42.15 3.07
CA GLY B 158 -25.95 41.55 3.50
C GLY B 158 -26.11 40.56 4.65
N ALA B 159 -27.32 40.45 5.21
CA ALA B 159 -27.59 39.54 6.32
C ALA B 159 -28.22 38.28 5.81
N ASN B 160 -29.08 38.42 4.81
CA ASN B 160 -29.86 37.32 4.27
C ASN B 160 -29.00 36.26 3.63
N SER B 161 -27.85 36.66 3.09
CA SER B 161 -26.93 35.78 2.42
C SER B 161 -25.81 35.25 3.29
N ALA B 162 -25.80 35.62 4.57
CA ALA B 162 -24.71 35.21 5.44
C ALA B 162 -24.73 33.70 5.72
N LEU B 163 -23.53 33.12 5.85
CA LEU B 163 -23.39 31.72 6.25
C LEU B 163 -23.49 31.67 7.76
N GLY B 164 -23.99 30.56 8.32
CA GLY B 164 -23.98 30.51 9.77
C GLY B 164 -22.53 30.35 10.22
N PRO B 165 -22.21 30.64 11.49
CA PRO B 165 -20.89 30.61 12.08
C PRO B 165 -20.17 29.27 12.09
N SER B 166 -20.92 28.17 12.04
CA SER B 166 -20.23 26.89 12.02
C SER B 166 -19.73 26.58 10.62
N THR B 167 -20.35 27.20 9.62
CA THR B 167 -19.95 26.98 8.26
C THR B 167 -18.79 27.90 7.99
N GLU B 168 -18.87 29.13 8.53
CA GLU B 168 -17.79 30.08 8.34
C GLU B 168 -16.50 29.56 8.94
N THR B 169 -16.59 28.87 10.07
CA THR B 169 -15.43 28.32 10.76
C THR B 169 -14.72 27.30 9.85
N ILE B 170 -15.49 26.39 9.22
CA ILE B 170 -14.88 25.38 8.34
C ILE B 170 -14.38 26.00 7.04
N VAL B 171 -15.16 26.89 6.45
CA VAL B 171 -14.78 27.52 5.20
C VAL B 171 -13.52 28.36 5.34
N THR B 172 -13.36 29.11 6.41
CA THR B 172 -12.17 29.92 6.62
C THR B 172 -10.92 29.06 6.68
N GLU B 173 -10.95 27.94 7.40
CA GLU B 173 -9.79 27.08 7.46
C GLU B 173 -9.53 26.44 6.09
N ALA B 174 -10.60 26.08 5.36
CA ALA B 174 -10.42 25.48 4.05
C ALA B 174 -9.67 26.43 3.12
N GLU B 175 -9.97 27.73 3.20
CA GLU B 175 -9.27 28.70 2.36
C GLU B 175 -7.80 28.82 2.74
N ALA B 176 -7.49 28.77 4.03
CA ALA B 176 -6.11 28.84 4.50
C ALA B 176 -5.25 27.70 3.93
N ARG B 177 -5.89 26.54 3.74
CA ARG B 177 -5.29 25.32 3.20
C ARG B 177 -5.40 25.17 1.68
N LYS B 178 -5.92 26.19 1.01
CA LYS B 178 -6.13 26.25 -0.43
C LYS B 178 -7.08 25.19 -0.98
N ILE B 179 -8.17 24.90 -0.26
CA ILE B 179 -9.17 23.96 -0.72
C ILE B 179 -10.30 24.78 -1.34
N PRO B 180 -10.66 24.60 -2.62
CA PRO B 180 -11.68 25.38 -3.28
C PRO B 180 -13.04 25.06 -2.70
N TRP B 181 -13.95 26.04 -2.67
CA TRP B 181 -15.28 25.73 -2.17
C TRP B 181 -16.36 26.43 -2.97
N MET B 182 -17.55 25.83 -2.97
CA MET B 182 -18.73 26.28 -3.69
C MET B 182 -20.02 26.11 -2.94
N LEU B 183 -20.98 26.99 -3.16
CA LEU B 183 -22.30 26.73 -2.59
C LEU B 183 -23.07 25.91 -3.60
N LEU B 184 -23.89 25.01 -3.12
CA LEU B 184 -24.74 24.20 -3.99
C LEU B 184 -26.14 24.74 -4.01
N SER B 185 -26.87 24.37 -5.05
CA SER B 185 -28.23 24.78 -5.32
C SER B 185 -29.34 24.20 -4.41
N ALA B 186 -29.02 23.22 -3.56
CA ALA B 186 -30.07 22.68 -2.70
C ALA B 186 -29.57 22.43 -1.29
N ARG B 187 -30.53 22.58 -0.36
CA ARG B 187 -30.46 22.29 1.08
C ARG B 187 -29.30 22.92 1.82
N ALA B 188 -28.90 24.11 1.42
CA ALA B 188 -27.80 24.83 2.06
C ALA B 188 -26.49 24.03 2.17
N MET B 189 -26.19 23.20 1.17
CA MET B 189 -24.96 22.44 1.20
C MET B 189 -23.79 23.20 0.57
N VAL B 190 -22.59 22.90 1.06
CA VAL B 190 -21.34 23.45 0.54
C VAL B 190 -20.41 22.35 0.04
N GLN B 191 -19.89 22.51 -1.15
CA GLN B 191 -18.94 21.57 -1.71
C GLN B 191 -17.50 22.00 -1.50
N LEU B 192 -16.65 21.06 -1.10
CA LEU B 192 -15.23 21.30 -0.92
C LEU B 192 -14.41 20.41 -1.85
N GLY B 193 -13.54 20.99 -2.66
CA GLY B 193 -12.72 20.23 -3.62
C GLY B 193 -13.37 20.02 -5.00
N TYR B 194 -12.60 19.48 -5.96
CA TYR B 194 -13.07 19.24 -7.35
C TYR B 194 -13.09 17.78 -7.80
N GLY B 195 -14.02 17.47 -8.70
CA GLY B 195 -14.11 16.16 -9.36
C GLY B 195 -14.26 15.01 -8.38
N VAL B 196 -13.45 13.99 -8.58
CA VAL B 196 -13.41 12.81 -7.71
C VAL B 196 -12.94 13.07 -6.27
N TYR B 197 -12.43 14.27 -5.95
CA TYR B 197 -11.98 14.51 -4.59
C TYR B 197 -12.94 15.37 -3.79
N GLN B 198 -14.10 15.63 -4.33
CA GLN B 198 -15.05 16.46 -3.64
C GLN B 198 -15.66 15.84 -2.38
N GLN B 199 -15.97 16.71 -1.42
CA GLN B 199 -16.67 16.42 -0.18
C GLN B 199 -17.80 17.40 0.01
N ARG B 200 -18.82 17.05 0.76
CA ARG B 200 -19.89 17.99 1.08
C ARG B 200 -20.07 18.14 2.56
N ILE B 201 -20.42 19.36 2.95
CA ILE B 201 -20.76 19.66 4.33
C ILE B 201 -22.07 20.43 4.42
N GLN B 202 -22.69 20.38 5.57
CA GLN B 202 -23.85 21.19 5.87
C GLN B 202 -23.77 21.52 7.34
N ALA B 203 -23.33 22.73 7.66
CA ALA B 203 -23.09 23.10 9.05
C ALA B 203 -22.11 22.09 9.67
N THR B 204 -22.57 21.33 10.66
CA THR B 204 -21.77 20.37 11.40
C THR B 204 -21.96 18.90 10.99
N LEU B 205 -22.69 18.66 9.90
CA LEU B 205 -22.84 17.34 9.30
C LEU B 205 -21.98 17.27 8.06
N SER B 206 -21.48 16.09 7.74
CA SER B 206 -20.66 15.95 6.54
C SER B 206 -20.95 14.67 5.81
N SER B 207 -20.27 14.51 4.70
CA SER B 207 -20.33 13.33 3.85
C SER B 207 -19.85 12.05 4.54
N HIS B 208 -19.19 12.19 5.70
CA HIS B 208 -18.71 11.06 6.51
C HIS B 208 -19.65 10.69 7.66
N SER B 209 -20.75 11.42 7.83
CA SER B 209 -21.66 11.17 8.94
C SER B 209 -22.74 10.22 8.49
N GLY B 210 -22.82 9.07 9.14
CA GLY B 210 -23.76 8.03 8.78
C GLY B 210 -25.12 8.28 9.37
N ILE B 211 -26.13 7.79 8.68
CA ILE B 211 -27.49 7.95 9.15
C ILE B 211 -27.86 7.09 10.34
N LEU B 212 -27.32 5.89 10.46
CA LEU B 212 -27.73 5.05 11.57
C LEU B 212 -27.25 5.67 12.89
N GLY B 213 -26.04 6.24 12.87
CA GLY B 213 -25.44 6.88 14.03
C GLY B 213 -26.20 8.12 14.43
N VAL B 214 -26.54 8.97 13.45
CA VAL B 214 -27.25 10.19 13.74
C VAL B 214 -28.63 9.91 14.29
N GLU B 215 -29.36 8.95 13.70
CA GLU B 215 -30.68 8.64 14.25
C GLU B 215 -30.61 8.05 15.64
N LEU B 216 -29.62 7.18 15.93
CA LEU B 216 -29.52 6.61 17.27
C LEU B 216 -29.27 7.70 18.29
N ALA B 217 -28.43 8.66 17.95
CA ALA B 217 -28.09 9.78 18.83
C ALA B 217 -29.29 10.67 19.16
N CYS B 218 -30.36 10.59 18.39
CA CYS B 218 -31.51 11.46 18.61
C CYS B 218 -32.58 10.75 19.42
N ASP B 219 -32.35 9.48 19.73
CA ASP B 219 -33.24 8.61 20.47
C ASP B 219 -32.69 8.45 21.87
N LYS B 220 -33.24 9.17 22.85
CA LYS B 220 -32.63 9.14 24.17
C LYS B 220 -32.71 7.77 24.86
N GLU B 221 -33.82 7.07 24.67
CA GLU B 221 -33.99 5.75 25.26
C GLU B 221 -33.07 4.75 24.59
N GLY B 222 -32.95 4.87 23.26
CA GLY B 222 -32.09 4.01 22.48
C GLY B 222 -30.64 4.20 22.84
N THR B 223 -30.22 5.45 22.98
CA THR B 223 -28.84 5.78 23.29
C THR B 223 -28.47 5.23 24.65
N LYS B 224 -29.33 5.42 25.64
CA LYS B 224 -29.06 4.93 26.98
C LYS B 224 -28.93 3.43 27.02
N THR B 225 -29.80 2.72 26.30
CA THR B 225 -29.77 1.27 26.26
C THR B 225 -28.46 0.76 25.69
N ILE B 226 -28.03 1.34 24.57
CA ILE B 226 -26.79 0.95 23.92
C ILE B 226 -25.59 1.22 24.79
N LEU B 227 -25.53 2.38 25.45
CA LEU B 227 -24.37 2.66 26.26
C LEU B 227 -24.31 1.85 27.55
N GLN B 228 -25.43 1.59 28.23
CA GLN B 228 -25.28 0.84 29.46
C GLN B 228 -24.92 -0.62 29.17
N ASP B 229 -25.25 -1.12 27.98
CA ASP B 229 -24.89 -2.47 27.56
C ASP B 229 -23.40 -2.61 27.27
N ALA B 230 -22.70 -1.49 27.15
CA ALA B 230 -21.27 -1.42 26.86
C ALA B 230 -20.46 -1.15 28.11
N GLY B 231 -21.12 -1.06 29.28
CA GLY B 231 -20.43 -0.75 30.52
C GLY B 231 -20.14 0.74 30.73
N ILE B 232 -20.91 1.63 30.09
CA ILE B 232 -20.72 3.07 30.20
C ILE B 232 -21.70 3.69 31.22
N PRO B 233 -21.25 4.48 32.22
CA PRO B 233 -22.09 5.09 33.25
C PRO B 233 -23.07 6.15 32.73
N VAL B 234 -24.34 5.93 33.01
CA VAL B 234 -25.45 6.78 32.60
C VAL B 234 -26.36 6.96 33.82
N PRO B 235 -27.24 7.96 33.88
CA PRO B 235 -28.20 8.16 34.95
C PRO B 235 -29.19 7.02 35.13
N ARG B 236 -29.54 6.75 36.38
CA ARG B 236 -30.56 5.74 36.72
C ARG B 236 -31.96 6.36 36.71
N GLY B 237 -32.96 5.70 36.10
CA GLY B 237 -34.33 6.27 36.08
C GLY B 237 -35.37 5.34 35.48
N THR B 238 -36.63 5.82 35.36
CA THR B 238 -37.74 4.98 34.89
C THR B 238 -38.74 5.63 33.92
N THR B 239 -39.81 4.87 33.63
CA THR B 239 -40.90 5.31 32.76
C THR B 239 -42.27 5.21 33.46
N ILE B 240 -42.92 6.35 33.66
CA ILE B 240 -44.24 6.39 34.29
C ILE B 240 -45.15 7.16 33.37
N GLN B 241 -46.19 6.54 32.81
CA GLN B 241 -47.01 7.31 31.86
C GLN B 241 -48.13 8.11 32.52
N TYR B 242 -47.69 9.06 33.33
CA TYR B 242 -48.47 10.02 34.10
C TYR B 242 -49.49 9.40 35.03
N PHE B 243 -49.05 8.37 35.74
CA PHE B 243 -49.81 7.70 36.78
C PHE B 243 -49.20 8.18 38.05
N ASP B 244 -49.96 8.29 39.13
CA ASP B 244 -49.30 8.78 40.34
C ASP B 244 -48.57 7.65 41.06
N ASP B 245 -47.46 7.22 40.44
CA ASP B 245 -46.57 6.14 40.89
C ASP B 245 -45.22 6.67 41.34
N LEU B 246 -45.08 7.97 41.41
CA LEU B 246 -43.80 8.59 41.74
C LEU B 246 -43.32 8.20 43.12
N GLU B 247 -44.25 8.06 44.05
CA GLU B 247 -43.94 7.72 45.43
C GLU B 247 -43.37 6.31 45.56
N GLU B 248 -43.56 5.47 44.54
CA GLU B 248 -43.00 4.13 44.57
C GLU B 248 -41.73 4.10 43.73
N ALA B 249 -41.71 4.85 42.62
CA ALA B 249 -40.58 4.85 41.69
C ALA B 249 -39.29 5.25 42.38
N ILE B 250 -39.41 6.17 43.33
CA ILE B 250 -38.23 6.60 44.06
C ILE B 250 -37.57 5.45 44.84
N ASN B 251 -38.28 4.35 45.08
CA ASN B 251 -37.68 3.22 45.77
C ASN B 251 -36.71 2.47 44.87
N ASP B 252 -36.92 2.54 43.55
CA ASP B 252 -36.05 1.84 42.61
C ASP B 252 -34.92 2.77 42.18
N VAL B 253 -35.21 4.06 42.15
CA VAL B 253 -34.28 5.08 41.70
C VAL B 253 -33.26 5.51 42.75
N GLY B 254 -33.66 5.73 44.01
CA GLY B 254 -32.73 6.16 45.05
C GLY B 254 -33.22 7.29 45.96
N GLY B 255 -34.51 7.33 46.26
CA GLY B 255 -35.09 8.32 47.15
C GLY B 255 -35.54 9.55 46.41
N TYR B 256 -35.85 10.61 47.15
CA TYR B 256 -36.40 11.82 46.54
C TYR B 256 -35.51 12.69 45.66
N PRO B 257 -34.18 12.79 45.83
CA PRO B 257 -33.36 13.69 45.01
C PRO B 257 -33.38 13.20 43.58
N VAL B 258 -34.43 13.62 42.88
CA VAL B 258 -34.66 13.18 41.50
C VAL B 258 -34.93 14.31 40.54
N VAL B 259 -34.83 13.96 39.26
CA VAL B 259 -35.08 14.85 38.15
C VAL B 259 -36.32 14.40 37.38
N ILE B 260 -37.28 15.32 37.23
CA ILE B 260 -38.50 15.01 36.48
C ILE B 260 -38.64 15.84 35.22
N LYS B 261 -38.62 15.17 34.07
CA LYS B 261 -38.73 15.84 32.79
C LYS B 261 -40.06 15.47 32.15
N PRO B 262 -40.59 16.27 31.21
CA PRO B 262 -41.77 15.96 30.45
C PRO B 262 -41.34 14.76 29.73
N LEU B 263 -42.21 13.82 29.49
CA LEU B 263 -41.69 12.66 28.84
C LEU B 263 -41.19 12.92 27.41
N ASP B 264 -41.86 13.77 26.64
CA ASP B 264 -41.36 14.00 25.28
C ASP B 264 -40.33 15.14 25.23
N GLY B 265 -39.81 15.40 24.04
CA GLY B 265 -38.83 16.45 23.82
C GLY B 265 -39.41 17.70 23.17
N ASN B 266 -39.80 18.68 23.97
CA ASN B 266 -40.38 19.90 23.43
C ASN B 266 -39.81 21.11 24.15
N HIS B 267 -38.53 21.37 23.89
CA HIS B 267 -37.75 22.43 24.52
C HIS B 267 -37.52 22.21 26.00
N GLY B 268 -36.65 23.03 26.59
CA GLY B 268 -36.24 22.88 27.99
C GLY B 268 -37.26 23.48 28.95
N ARG B 269 -38.45 22.90 28.95
CA ARG B 269 -39.58 23.43 29.72
C ARG B 269 -40.29 22.34 30.51
N GLY B 270 -40.77 22.69 31.70
CA GLY B 270 -41.52 21.73 32.52
C GLY B 270 -40.56 20.76 33.22
N ILE B 271 -39.33 21.20 33.46
CA ILE B 271 -38.31 20.35 34.05
C ILE B 271 -37.91 20.76 35.46
N THR B 272 -38.01 19.82 36.38
CA THR B 272 -37.55 20.08 37.73
C THR B 272 -36.28 19.28 37.96
N ILE B 273 -35.20 19.97 38.28
CA ILE B 273 -33.91 19.33 38.48
C ILE B 273 -33.73 18.68 39.84
N ASN B 274 -34.13 19.32 40.92
CA ASN B 274 -33.88 18.65 42.19
C ASN B 274 -35.12 18.64 43.05
N VAL B 275 -35.84 17.53 42.98
CA VAL B 275 -37.06 17.27 43.72
C VAL B 275 -36.64 16.71 45.05
N ARG B 276 -37.13 17.24 46.14
CA ARG B 276 -36.79 16.77 47.46
C ARG B 276 -38.00 16.25 48.25
N HIS B 277 -39.21 16.68 47.87
CA HIS B 277 -40.41 16.32 48.62
C HIS B 277 -41.56 15.79 47.74
N TRP B 278 -42.49 15.07 48.37
CA TRP B 278 -43.62 14.45 47.65
C TRP B 278 -44.43 15.45 46.83
N GLN B 279 -44.75 16.58 47.43
CA GLN B 279 -45.57 17.58 46.74
C GLN B 279 -44.83 18.27 45.61
N GLU B 280 -43.50 18.21 45.63
CA GLU B 280 -42.71 18.84 44.60
C GLU B 280 -42.73 17.91 43.42
N ALA B 281 -42.70 16.62 43.73
CA ALA B 281 -42.74 15.60 42.70
C ALA B 281 -44.04 15.73 41.95
N ILE B 282 -45.12 16.05 42.68
CA ILE B 282 -46.42 16.23 42.05
C ILE B 282 -46.43 17.51 41.24
N ALA B 283 -45.90 18.60 41.74
CA ALA B 283 -45.92 19.77 40.88
C ALA B 283 -45.18 19.47 39.57
N ALA B 284 -44.04 18.76 39.66
CA ALA B 284 -43.29 18.42 38.46
C ALA B 284 -44.09 17.49 37.56
N TYR B 285 -44.82 16.56 38.17
CA TYR B 285 -45.70 15.61 37.50
C TYR B 285 -46.74 16.31 36.65
N ASP B 286 -47.40 17.29 37.25
CA ASP B 286 -48.44 18.04 36.57
C ASP B 286 -47.89 18.81 35.37
N LEU B 287 -46.65 19.29 35.46
CA LEU B 287 -46.05 19.98 34.34
C LEU B 287 -45.58 18.97 33.30
N ALA B 288 -45.04 17.85 33.74
CA ALA B 288 -44.53 16.84 32.83
C ALA B 288 -45.65 16.34 31.93
N ALA B 289 -46.84 16.24 32.53
CA ALA B 289 -48.09 15.73 31.94
C ALA B 289 -48.54 16.50 30.71
N GLU B 290 -48.00 17.69 30.51
CA GLU B 290 -48.36 18.48 29.34
C GLU B 290 -47.89 17.81 28.03
N GLU B 291 -46.78 17.06 28.06
CA GLU B 291 -46.20 16.44 26.87
C GLU B 291 -46.56 14.95 26.69
N SER B 292 -46.38 14.41 25.48
CA SER B 292 -46.71 13.00 25.19
C SER B 292 -46.01 12.01 26.11
N LYS B 293 -46.76 10.98 26.52
CA LYS B 293 -46.35 9.94 27.47
C LYS B 293 -45.45 8.77 27.03
N ILE B 297 -38.13 9.12 30.68
CA ILE B 297 -37.22 10.07 31.31
C ILE B 297 -37.79 10.71 32.59
N ILE B 298 -38.39 9.88 33.45
CA ILE B 298 -39.00 10.42 34.66
C ILE B 298 -38.33 9.78 35.88
N VAL B 299 -38.29 10.53 36.96
CA VAL B 299 -37.68 10.11 38.22
C VAL B 299 -36.25 9.64 37.99
N GLU B 300 -35.40 10.49 37.43
CA GLU B 300 -34.02 10.05 37.33
C GLU B 300 -33.33 10.41 38.61
N ARG B 301 -32.33 9.66 38.98
CA ARG B 301 -31.59 10.06 40.13
C ARG B 301 -30.90 11.38 39.78
N TYR B 302 -30.85 12.28 40.74
CA TYR B 302 -30.14 13.54 40.60
C TYR B 302 -28.67 13.37 40.94
N TYR B 303 -27.80 13.84 40.06
CA TYR B 303 -26.36 13.75 40.30
C TYR B 303 -25.81 15.15 40.47
N GLU B 304 -24.82 15.31 41.34
CA GLU B 304 -24.23 16.62 41.54
C GLU B 304 -23.01 16.82 40.66
N GLY B 305 -22.77 18.06 40.27
CA GLY B 305 -21.60 18.38 39.49
C GLY B 305 -21.87 19.50 38.51
N SER B 306 -20.88 19.79 37.67
CA SER B 306 -21.00 20.83 36.68
C SER B 306 -21.31 20.20 35.34
N ASP B 307 -21.83 21.00 34.42
CA ASP B 307 -22.14 20.58 33.06
C ASP B 307 -20.97 20.80 32.09
N HIS B 308 -20.38 19.71 31.62
CA HIS B 308 -19.23 19.78 30.74
C HIS B 308 -19.56 19.31 29.34
N ARG B 309 -19.06 20.03 28.36
CA ARG B 309 -19.20 19.65 26.97
C ARG B 309 -17.89 19.17 26.39
N VAL B 310 -17.90 17.94 25.91
CA VAL B 310 -16.71 17.34 25.33
C VAL B 310 -16.89 17.15 23.83
N LEU B 311 -15.95 17.66 23.04
CA LEU B 311 -16.00 17.53 21.59
C LEU B 311 -15.00 16.49 21.06
N VAL B 312 -15.52 15.50 20.36
CA VAL B 312 -14.76 14.40 19.75
C VAL B 312 -14.97 14.46 18.23
N VAL B 313 -13.90 14.45 17.43
CA VAL B 313 -14.05 14.57 15.96
C VAL B 313 -13.84 13.32 15.11
N ASN B 314 -12.81 12.57 15.32
CA ASN B 314 -12.63 11.39 14.46
C ASN B 314 -12.24 10.23 15.34
N GLY B 315 -12.99 10.04 16.40
CA GLY B 315 -12.66 9.02 17.39
C GLY B 315 -11.53 9.52 18.28
N LYS B 316 -11.33 10.82 18.26
CA LYS B 316 -10.27 11.50 18.99
C LYS B 316 -10.75 12.81 19.60
N LEU B 317 -10.41 13.03 20.87
CA LEU B 317 -10.78 14.24 21.60
C LEU B 317 -10.14 15.53 21.10
N VAL B 318 -10.97 16.56 20.88
CA VAL B 318 -10.53 17.87 20.43
C VAL B 318 -10.62 18.96 21.49
N ALA B 319 -11.76 19.07 22.20
CA ALA B 319 -11.90 20.17 23.17
C ALA B 319 -12.85 19.86 24.32
N VAL B 320 -12.63 20.50 25.47
CA VAL B 320 -13.54 20.36 26.63
C VAL B 320 -13.90 21.74 27.21
N ALA B 321 -15.19 22.00 27.45
CA ALA B 321 -15.59 23.27 28.05
C ALA B 321 -16.62 23.11 29.17
N GLU B 322 -16.46 23.89 30.22
CA GLU B 322 -17.39 23.90 31.33
C GLU B 322 -18.43 25.00 31.15
N ARG B 323 -19.70 24.61 31.22
CA ARG B 323 -20.79 25.54 30.98
C ARG B 323 -21.54 25.95 32.23
N ILE B 324 -21.65 27.25 32.44
CA ILE B 324 -22.31 27.82 33.61
C ILE B 324 -23.45 28.78 33.22
N PRO B 325 -24.66 28.65 33.78
CA PRO B 325 -25.84 29.47 33.51
C PRO B 325 -25.69 30.91 33.99
N ALA B 326 -26.45 31.81 33.34
CA ALA B 326 -26.46 33.25 33.65
C ALA B 326 -26.70 33.47 35.11
N HIS B 327 -25.90 34.36 35.72
CA HIS B 327 -26.01 34.61 37.14
C HIS B 327 -25.43 35.94 37.57
N VAL B 328 -25.76 36.29 38.81
CA VAL B 328 -25.19 37.44 39.51
C VAL B 328 -24.71 36.97 40.86
N THR B 329 -23.80 37.72 41.46
CA THR B 329 -23.32 37.33 42.77
C THR B 329 -23.38 38.48 43.75
N GLY B 330 -23.23 38.15 45.03
CA GLY B 330 -23.24 39.11 46.13
C GLY B 330 -22.00 39.99 46.16
N ASP B 331 -21.87 40.81 45.12
CA ASP B 331 -20.79 41.74 44.89
C ASP B 331 -21.13 43.02 45.66
N GLY B 332 -21.10 42.89 46.97
CA GLY B 332 -21.47 43.95 47.89
C GLY B 332 -22.96 43.86 48.22
N SER B 333 -23.43 44.72 49.12
CA SER B 333 -24.83 44.69 49.58
C SER B 333 -25.79 45.40 48.62
N SER B 334 -25.93 44.82 47.45
CA SER B 334 -26.77 45.33 46.37
C SER B 334 -27.87 44.34 46.04
N THR B 335 -28.95 44.84 45.44
CA THR B 335 -30.05 43.96 45.08
C THR B 335 -29.79 43.26 43.79
N ILE B 336 -30.60 42.25 43.48
CA ILE B 336 -30.43 41.58 42.22
C ILE B 336 -30.66 42.53 41.04
N SER B 337 -31.71 43.36 41.04
CA SER B 337 -31.84 44.22 39.88
C SER B 337 -30.65 45.17 39.74
N GLU B 338 -30.05 45.58 40.86
CA GLU B 338 -28.88 46.44 40.83
C GLU B 338 -27.65 45.69 40.32
N LEU B 339 -27.49 44.44 40.74
CA LEU B 339 -26.38 43.60 40.33
C LEU B 339 -26.46 43.30 38.85
N ILE B 340 -27.66 43.08 38.35
CA ILE B 340 -27.79 42.81 36.93
C ILE B 340 -27.37 44.04 36.17
N GLU B 341 -27.84 45.22 36.58
CA GLU B 341 -27.43 46.38 35.83
C GLU B 341 -25.92 46.61 35.93
N LYS B 342 -25.32 46.32 37.08
CA LYS B 342 -23.88 46.48 37.25
C LYS B 342 -23.05 45.56 36.34
N THR B 343 -23.43 44.27 36.24
CA THR B 343 -22.63 43.33 35.46
C THR B 343 -23.04 43.27 33.99
N ASN B 344 -24.24 43.75 33.65
CA ASN B 344 -24.71 43.69 32.27
C ASN B 344 -24.09 44.81 31.44
N GLN B 345 -23.27 45.64 32.08
CA GLN B 345 -22.53 46.72 31.44
C GLN B 345 -21.14 46.28 31.02
N ASP B 346 -20.79 45.03 31.32
CA ASP B 346 -19.49 44.49 30.97
C ASP B 346 -19.32 44.59 29.45
N PRO B 347 -18.24 45.20 28.92
CA PRO B 347 -17.98 45.47 27.51
C PRO B 347 -17.85 44.22 26.65
N ASN B 348 -17.75 43.05 27.27
CA ASN B 348 -17.62 41.83 26.53
C ASN B 348 -18.98 41.16 26.36
N ARG B 349 -20.04 41.91 26.65
CA ARG B 349 -21.43 41.40 26.52
C ARG B 349 -22.15 42.11 25.36
N GLY B 350 -22.21 41.47 24.19
CA GLY B 350 -22.86 42.05 23.00
C GLY B 350 -23.91 41.54 22.03
N ASP B 351 -25.20 41.76 22.34
CA ASP B 351 -26.31 41.31 21.46
C ASP B 351 -26.39 39.83 21.05
N GLY B 352 -26.53 39.57 19.75
CA GLY B 352 -26.63 38.20 19.24
C GLY B 352 -25.50 37.64 18.38
N HIS B 353 -24.58 36.89 19.00
CA HIS B 353 -23.43 36.28 18.28
C HIS B 353 -22.43 37.36 17.90
N ASP B 354 -22.67 38.56 18.37
CA ASP B 354 -21.78 39.75 18.16
C ASP B 354 -20.55 39.91 19.09
N ASN B 355 -20.65 39.58 20.38
CA ASN B 355 -19.58 39.83 21.38
C ASN B 355 -19.39 38.45 22.01
N ILE B 356 -18.39 38.20 22.86
CA ILE B 356 -18.32 36.89 23.51
C ILE B 356 -19.49 36.38 24.33
N LEU B 357 -19.96 37.24 25.22
CA LEU B 357 -21.04 37.01 26.14
C LEU B 357 -22.26 37.78 25.70
N THR B 358 -23.42 37.44 26.22
CA THR B 358 -24.56 38.26 25.86
C THR B 358 -25.20 38.82 27.09
N LYS B 359 -26.27 39.55 26.88
CA LYS B 359 -26.96 40.27 27.92
C LYS B 359 -27.84 39.39 28.81
N ILE B 360 -27.96 39.80 30.06
CA ILE B 360 -28.86 39.18 31.00
C ILE B 360 -30.22 39.82 30.92
N VAL B 361 -31.20 38.98 30.66
CA VAL B 361 -32.58 39.40 30.53
C VAL B 361 -33.45 38.69 31.54
N VAL B 362 -34.26 39.46 32.26
CA VAL B 362 -35.16 38.86 33.22
C VAL B 362 -36.59 38.96 32.75
N ASN B 363 -37.27 37.86 32.96
CA ASN B 363 -38.64 37.58 32.59
C ASN B 363 -39.25 36.71 33.68
N LYS B 364 -40.51 36.33 33.52
CA LYS B 364 -41.21 35.51 34.52
C LYS B 364 -40.50 34.18 34.80
N THR B 365 -39.72 33.69 33.83
CA THR B 365 -39.03 32.44 34.00
C THR B 365 -37.76 32.64 34.83
N ALA B 366 -37.20 33.85 34.82
CA ALA B 366 -36.01 34.14 35.60
C ALA B 366 -36.47 34.30 37.02
N ILE B 367 -37.67 34.86 37.16
CA ILE B 367 -38.23 35.08 38.47
C ILE B 367 -38.54 33.74 39.09
N ASP B 368 -39.14 32.84 38.33
CA ASP B 368 -39.43 31.52 38.88
C ASP B 368 -38.12 30.86 39.38
N VAL B 369 -37.02 30.99 38.62
CA VAL B 369 -35.75 30.43 39.05
C VAL B 369 -35.24 31.13 40.33
N MET B 370 -35.33 32.46 40.39
CA MET B 370 -34.89 33.19 41.58
C MET B 370 -35.74 32.91 42.83
N GLU B 371 -37.05 32.74 42.67
CA GLU B 371 -37.93 32.47 43.81
C GLU B 371 -37.55 31.18 44.50
N ARG B 372 -37.16 30.17 43.73
CA ARG B 372 -36.76 28.89 44.30
C ARG B 372 -35.49 28.98 45.15
N GLN B 373 -34.71 30.04 44.96
CA GLN B 373 -33.47 30.24 45.68
C GLN B 373 -33.72 31.13 46.89
N GLY B 374 -34.96 31.62 47.05
CA GLY B 374 -35.31 32.53 48.12
C GLY B 374 -35.07 34.01 47.79
N TYR B 375 -34.97 34.38 46.52
CA TYR B 375 -34.69 35.77 46.15
C TYR B 375 -35.59 36.31 45.05
N ASN B 376 -35.68 37.63 44.97
CA ASN B 376 -36.39 38.31 43.89
C ASN B 376 -35.59 39.56 43.52
N LEU B 377 -36.06 40.34 42.55
CA LEU B 377 -35.31 41.48 42.03
C LEU B 377 -34.97 42.56 43.06
N ASP B 378 -35.80 42.73 44.08
CA ASP B 378 -35.51 43.76 45.08
C ASP B 378 -34.77 43.20 46.31
N SER B 379 -34.38 41.94 46.26
CA SER B 379 -33.68 41.32 47.39
C SER B 379 -32.21 41.61 47.34
N VAL B 380 -31.60 41.80 48.53
CA VAL B 380 -30.15 42.01 48.66
C VAL B 380 -29.45 40.70 48.92
N LEU B 381 -28.39 40.44 48.16
CA LEU B 381 -27.71 39.18 48.38
C LEU B 381 -26.60 39.32 49.43
N PRO B 382 -26.38 38.32 50.30
CA PRO B 382 -25.28 38.23 51.22
C PRO B 382 -23.98 38.20 50.46
N LYS B 383 -22.91 38.70 51.07
CA LYS B 383 -21.63 38.69 50.40
C LYS B 383 -21.26 37.31 49.90
N ASP B 384 -20.85 37.26 48.63
CA ASP B 384 -20.41 36.07 47.88
C ASP B 384 -21.49 35.03 47.57
N GLU B 385 -22.76 35.37 47.80
CA GLU B 385 -23.89 34.52 47.45
C GLU B 385 -24.03 34.44 45.94
N VAL B 386 -24.34 33.27 45.39
CA VAL B 386 -24.53 33.18 43.95
C VAL B 386 -25.97 32.85 43.60
N VAL B 387 -26.58 33.70 42.78
CA VAL B 387 -27.96 33.51 42.35
C VAL B 387 -28.06 33.35 40.86
N TYR B 388 -28.69 32.26 40.46
CA TYR B 388 -28.82 31.95 39.06
C TYR B 388 -30.10 32.51 38.50
N LEU B 389 -30.02 33.01 37.27
CA LEU B 389 -31.18 33.56 36.59
C LEU B 389 -31.77 32.61 35.55
N ARG B 390 -31.12 31.44 35.40
CA ARG B 390 -31.50 30.40 34.45
C ARG B 390 -31.28 29.01 35.04
N ALA B 391 -32.12 28.07 34.67
CA ALA B 391 -31.96 26.68 35.11
C ALA B 391 -30.85 25.91 34.35
N THR B 392 -30.58 26.28 33.10
CA THR B 392 -29.58 25.56 32.29
C THR B 392 -28.55 26.51 31.71
N ALA B 393 -27.38 25.98 31.33
CA ALA B 393 -26.33 26.79 30.73
C ALA B 393 -26.43 26.91 29.23
N ASN B 394 -26.26 28.13 28.75
CA ASN B 394 -26.25 28.48 27.34
C ASN B 394 -25.61 29.86 27.15
N LEU B 395 -24.61 29.96 26.29
CA LEU B 395 -23.95 31.26 26.07
C LEU B 395 -24.91 32.29 25.52
N SER B 396 -25.87 31.85 24.72
CA SER B 396 -26.84 32.75 24.09
C SER B 396 -27.86 33.32 25.07
N THR B 397 -27.89 32.79 26.31
CA THR B 397 -28.83 33.28 27.29
C THR B 397 -28.10 34.08 28.35
N GLY B 398 -26.80 34.31 28.15
CA GLY B 398 -26.03 35.10 29.11
C GLY B 398 -25.10 34.32 30.03
N GLY B 399 -24.88 33.02 29.77
CA GLY B 399 -23.98 32.23 30.61
C GLY B 399 -22.54 32.38 30.15
N ILE B 400 -21.68 31.53 30.69
CA ILE B 400 -20.26 31.56 30.37
C ILE B 400 -19.75 30.18 29.96
N ALA B 401 -18.57 30.14 29.33
CA ALA B 401 -17.94 28.89 28.95
C ALA B 401 -16.46 28.97 29.23
N ILE B 402 -15.96 28.01 29.99
CA ILE B 402 -14.58 27.98 30.40
C ILE B 402 -13.82 26.83 29.77
N ASP B 403 -12.72 27.11 29.10
CA ASP B 403 -11.93 26.04 28.50
C ASP B 403 -11.24 25.20 29.57
N ARG B 404 -11.46 23.88 29.55
CA ARG B 404 -10.90 22.94 30.50
C ARG B 404 -10.21 21.82 29.73
N THR B 405 -9.74 22.11 28.53
CA THR B 405 -9.22 21.07 27.65
C THR B 405 -8.01 20.36 28.18
N ASP B 406 -7.14 21.08 28.86
CA ASP B 406 -5.91 20.48 29.32
C ASP B 406 -6.01 19.90 30.72
N ASP B 407 -7.20 19.94 31.33
CA ASP B 407 -7.39 19.43 32.68
C ASP B 407 -8.07 18.07 32.75
N ILE B 408 -8.31 17.45 31.62
CA ILE B 408 -9.04 16.18 31.61
C ILE B 408 -8.13 14.96 31.78
N HIS B 409 -8.52 14.11 32.71
CA HIS B 409 -7.80 12.88 33.07
C HIS B 409 -7.74 11.87 31.90
N PRO B 410 -6.60 11.19 31.63
CA PRO B 410 -6.39 10.18 30.60
C PRO B 410 -7.43 9.07 30.54
N GLU B 411 -8.01 8.68 31.67
CA GLU B 411 -9.01 7.64 31.63
C GLU B 411 -10.31 8.20 31.11
N ASN B 412 -10.59 9.46 31.42
CA ASN B 412 -11.82 10.07 30.97
C ASN B 412 -11.69 10.33 29.49
N ILE B 413 -10.48 10.56 29.00
CA ILE B 413 -10.29 10.77 27.57
C ILE B 413 -10.64 9.48 26.85
N TRP B 414 -10.14 8.36 27.36
CA TRP B 414 -10.41 7.05 26.81
C TRP B 414 -11.90 6.73 26.77
N LEU B 415 -12.60 7.01 27.86
CA LEU B 415 -14.02 6.74 27.88
C LEU B 415 -14.79 7.57 26.86
N MET B 416 -14.49 8.86 26.71
CA MET B 416 -15.22 9.69 25.77
C MET B 416 -15.08 9.24 24.34
N GLU B 417 -13.89 8.80 23.98
CA GLU B 417 -13.66 8.33 22.63
C GLU B 417 -14.42 7.02 22.39
N ARG B 418 -14.47 6.15 23.41
CA ARG B 418 -15.20 4.90 23.29
C ARG B 418 -16.70 5.16 23.11
N VAL B 419 -17.25 6.18 23.77
CA VAL B 419 -18.68 6.51 23.64
C VAL B 419 -19.03 6.91 22.22
N ALA B 420 -18.22 7.76 21.60
CA ALA B 420 -18.51 8.19 20.24
C ALA B 420 -18.49 7.01 19.25
N LYS B 421 -17.57 6.06 19.46
CA LYS B 421 -17.45 4.88 18.62
C LYS B 421 -18.60 3.90 18.79
N VAL B 422 -19.09 3.73 20.01
CA VAL B 422 -20.23 2.86 20.31
C VAL B 422 -21.50 3.36 19.64
N ILE B 423 -21.73 4.68 19.69
CA ILE B 423 -22.90 5.27 19.04
C ILE B 423 -22.69 5.66 17.58
N GLY B 424 -21.59 5.23 16.97
CA GLY B 424 -21.37 5.56 15.58
C GLY B 424 -21.38 6.92 14.91
N LEU B 425 -20.91 7.93 15.65
CA LEU B 425 -20.90 9.33 15.14
C LEU B 425 -19.47 9.82 14.97
N ASP B 426 -19.17 10.50 13.86
CA ASP B 426 -17.86 11.12 13.76
C ASP B 426 -17.70 12.41 14.53
N ILE B 427 -18.54 13.39 14.25
CA ILE B 427 -18.43 14.62 15.01
C ILE B 427 -19.53 14.61 16.06
N ALA B 428 -19.11 14.60 17.32
CA ALA B 428 -20.04 14.49 18.41
C ALA B 428 -19.76 15.33 19.62
N GLY B 429 -20.83 15.82 20.22
CA GLY B 429 -20.75 16.50 21.50
C GLY B 429 -21.22 15.57 22.59
N ILE B 430 -20.50 15.48 23.68
CA ILE B 430 -20.92 14.62 24.76
C ILE B 430 -21.14 15.45 26.02
N ASP B 431 -22.33 15.33 26.61
CA ASP B 431 -22.71 16.05 27.82
C ASP B 431 -22.45 15.22 29.06
N VAL B 432 -21.52 15.70 29.89
CA VAL B 432 -21.05 15.02 31.09
C VAL B 432 -21.31 15.81 32.37
N VAL B 433 -21.83 15.14 33.39
CA VAL B 433 -22.01 15.79 34.68
C VAL B 433 -21.03 15.23 35.69
N THR B 434 -20.19 16.12 36.20
CA THR B 434 -19.14 15.74 37.15
C THR B 434 -18.69 16.90 37.98
N SER B 435 -18.26 16.62 39.18
CA SER B 435 -17.69 17.64 40.03
C SER B 435 -16.23 17.95 39.74
N ASP B 436 -15.52 17.00 39.10
CA ASP B 436 -14.11 17.21 38.83
C ASP B 436 -13.64 16.44 37.59
N ILE B 437 -13.42 17.15 36.50
CA ILE B 437 -13.05 16.55 35.21
C ILE B 437 -11.62 15.97 35.24
N SER B 438 -10.85 16.31 36.28
CA SER B 438 -9.48 15.89 36.44
C SER B 438 -9.34 14.57 37.18
N LYS B 439 -10.45 14.00 37.61
CA LYS B 439 -10.47 12.71 38.30
C LYS B 439 -11.33 11.77 37.47
N PRO B 440 -11.17 10.44 37.54
CA PRO B 440 -11.99 9.48 36.85
C PRO B 440 -13.47 9.61 37.21
N LEU B 441 -14.35 9.41 36.23
CA LEU B 441 -15.78 9.55 36.54
C LEU B 441 -16.24 8.52 37.57
N ARG B 442 -15.59 7.36 37.65
CA ARG B 442 -16.03 6.36 38.63
C ARG B 442 -15.71 6.77 40.08
N GLU B 443 -14.79 7.73 40.27
CA GLU B 443 -14.39 8.13 41.61
C GLU B 443 -15.19 9.32 42.09
N THR B 444 -15.65 10.14 41.15
CA THR B 444 -16.42 11.34 41.45
C THR B 444 -17.92 11.09 41.32
N ASN B 445 -18.28 9.86 40.96
CA ASN B 445 -19.66 9.44 40.69
C ASN B 445 -20.33 10.26 39.59
N GLY B 446 -19.61 10.51 38.50
CA GLY B 446 -20.15 11.27 37.39
C GLY B 446 -20.89 10.40 36.40
N VAL B 447 -21.69 11.03 35.56
CA VAL B 447 -22.44 10.34 34.50
C VAL B 447 -22.42 11.01 33.15
N ILE B 448 -22.72 10.22 32.11
CA ILE B 448 -22.90 10.77 30.78
C ILE B 448 -24.37 10.91 30.55
N VAL B 449 -24.78 12.13 30.30
CA VAL B 449 -26.16 12.49 30.19
C VAL B 449 -26.69 12.45 28.76
N GLU B 450 -25.92 12.97 27.82
CA GLU B 450 -26.42 13.04 26.45
C GLU B 450 -25.33 12.95 25.38
N VAL B 451 -25.66 12.38 24.23
CA VAL B 451 -24.77 12.38 23.09
C VAL B 451 -25.45 13.16 21.95
N ASN B 452 -24.79 14.19 21.45
CA ASN B 452 -25.34 15.06 20.42
C ASN B 452 -24.65 15.01 19.07
N ALA B 453 -25.37 14.60 18.06
CA ALA B 453 -24.81 14.57 16.74
C ALA B 453 -24.74 15.98 16.23
N ALA B 454 -23.70 16.32 15.48
CA ALA B 454 -23.60 17.64 14.84
C ALA B 454 -23.71 18.85 15.80
N PRO B 455 -22.84 18.95 16.82
CA PRO B 455 -22.80 19.99 17.86
C PRO B 455 -22.33 21.31 17.31
N GLY B 456 -22.64 22.43 17.98
CA GLY B 456 -22.11 23.72 17.53
C GLY B 456 -20.70 23.97 18.07
N PHE B 457 -20.06 25.04 17.60
CA PHE B 457 -18.68 25.34 18.01
C PHE B 457 -18.37 26.64 18.78
N ARG B 458 -19.26 27.58 18.92
CA ARG B 458 -19.05 28.88 19.59
C ARG B 458 -18.36 28.75 20.94
N MET B 459 -18.65 27.78 21.73
CA MET B 459 -18.10 27.68 23.07
C MET B 459 -16.63 27.24 23.06
N HIS B 460 -16.18 26.70 21.93
CA HIS B 460 -14.81 26.20 21.82
C HIS B 460 -13.93 27.16 21.02
N VAL B 461 -14.52 27.91 20.10
CA VAL B 461 -13.72 28.84 19.30
C VAL B 461 -13.78 30.25 19.86
N ALA B 462 -14.74 30.54 20.74
CA ALA B 462 -14.85 31.83 21.38
C ALA B 462 -15.32 31.69 22.84
N PRO B 463 -14.52 31.04 23.72
CA PRO B 463 -14.80 30.82 25.12
C PRO B 463 -14.71 32.13 25.87
N SER B 464 -15.35 32.25 27.02
CA SER B 464 -15.20 33.49 27.78
C SER B 464 -13.99 33.46 28.69
N GLN B 465 -13.54 32.26 29.04
CA GLN B 465 -12.31 32.12 29.81
C GLN B 465 -11.47 31.04 29.17
N GLY B 466 -10.16 31.22 29.20
CA GLY B 466 -9.27 30.23 28.63
C GLY B 466 -8.92 30.58 27.20
N LEU B 467 -8.23 29.68 26.52
CA LEU B 467 -7.72 29.98 25.19
C LEU B 467 -8.64 29.37 24.12
N PRO B 468 -8.94 30.06 22.99
CA PRO B 468 -9.68 29.57 21.81
C PRO B 468 -9.02 28.38 21.13
N ARG B 469 -9.81 27.45 20.61
CA ARG B 469 -9.24 26.29 19.93
C ARG B 469 -9.59 26.21 18.45
N ASN B 470 -8.65 25.76 17.63
CA ASN B 470 -8.96 25.62 16.21
C ASN B 470 -9.61 24.28 15.97
N VAL B 471 -10.92 24.31 16.06
CA VAL B 471 -11.80 23.16 15.92
C VAL B 471 -11.88 22.66 14.48
N ALA B 472 -11.89 23.57 13.51
CA ALA B 472 -11.98 23.20 12.10
C ALA B 472 -10.82 22.38 11.60
N ALA B 473 -9.62 22.63 12.08
CA ALA B 473 -8.48 21.92 11.52
C ALA B 473 -8.64 20.38 11.60
N PRO B 474 -9.04 19.74 12.72
CA PRO B 474 -9.34 18.32 12.82
C PRO B 474 -10.48 17.84 11.94
N VAL B 475 -11.35 18.72 11.46
CA VAL B 475 -12.45 18.31 10.62
C VAL B 475 -11.91 18.19 9.21
N LEU B 476 -11.18 19.20 8.76
CA LEU B 476 -10.64 19.16 7.42
C LEU B 476 -9.61 18.07 7.27
N ASP B 477 -8.91 17.71 8.34
CA ASP B 477 -7.96 16.62 8.28
C ASP B 477 -8.65 15.26 8.08
N MET B 478 -9.93 15.07 8.46
CA MET B 478 -10.50 13.76 8.20
C MET B 478 -11.07 13.74 6.79
N LEU B 479 -11.54 14.91 6.33
CA LEU B 479 -12.14 15.00 5.00
C LEU B 479 -11.08 14.93 3.91
N PHE B 480 -9.94 15.56 4.15
CA PHE B 480 -8.81 15.60 3.23
C PHE B 480 -7.54 15.19 3.96
N PRO B 481 -7.30 13.90 4.22
CA PRO B 481 -6.21 13.38 5.01
C PRO B 481 -4.89 13.89 4.45
N PRO B 482 -3.86 14.10 5.29
CA PRO B 482 -2.57 14.58 4.88
C PRO B 482 -2.02 13.69 3.79
N GLY B 483 -1.46 14.33 2.78
CA GLY B 483 -0.91 13.62 1.64
C GLY B 483 -1.88 13.46 0.48
N THR B 484 -3.18 13.76 0.68
CA THR B 484 -4.10 13.59 -0.42
C THR B 484 -4.39 14.94 -1.09
N PRO B 485 -4.76 14.96 -2.39
CA PRO B 485 -5.22 16.10 -3.14
C PRO B 485 -6.66 16.49 -2.85
N SER B 486 -6.99 17.75 -3.09
CA SER B 486 -8.35 18.27 -3.04
C SER B 486 -8.82 18.73 -4.42
N ARG B 487 -7.91 18.69 -5.39
CA ARG B 487 -8.11 19.13 -6.77
C ARG B 487 -7.72 18.11 -7.80
N ILE B 488 -8.30 18.25 -8.99
CA ILE B 488 -7.95 17.43 -10.12
C ILE B 488 -7.20 18.35 -11.09
N PRO B 489 -6.36 17.86 -12.01
CA PRO B 489 -5.68 18.65 -13.00
C PRO B 489 -6.60 19.40 -13.93
N ILE B 490 -6.25 20.65 -14.20
CA ILE B 490 -6.99 21.49 -15.12
C ILE B 490 -6.07 22.02 -16.20
N LEU B 491 -6.47 21.79 -17.45
CA LEU B 491 -5.74 22.24 -18.60
C LEU B 491 -6.63 23.21 -19.36
N ALA B 492 -6.25 24.48 -19.35
CA ALA B 492 -7.05 25.55 -19.95
C ALA B 492 -6.46 26.02 -21.28
N VAL B 493 -7.27 25.99 -22.33
CA VAL B 493 -6.77 26.35 -23.66
C VAL B 493 -7.43 27.60 -24.22
N THR B 494 -6.64 28.61 -24.57
CA THR B 494 -7.24 29.80 -25.17
C THR B 494 -6.44 30.30 -26.38
N GLY B 495 -6.91 31.36 -27.01
CA GLY B 495 -6.28 31.96 -28.19
C GLY B 495 -7.33 32.27 -29.23
N THR B 496 -7.01 33.12 -30.20
CA THR B 496 -8.01 33.49 -31.21
C THR B 496 -8.44 32.32 -32.08
N ASN B 497 -7.50 31.52 -32.61
CA ASN B 497 -7.83 30.39 -33.48
C ASN B 497 -7.23 29.06 -33.02
N GLY B 498 -7.95 27.96 -33.26
CA GLY B 498 -7.45 26.61 -33.00
C GLY B 498 -7.83 25.94 -31.67
N LYS B 499 -8.54 26.65 -30.80
CA LYS B 499 -8.94 26.11 -29.50
C LYS B 499 -9.70 24.80 -29.49
N THR B 500 -10.73 24.67 -30.30
CA THR B 500 -11.53 23.46 -30.30
C THR B 500 -10.75 22.25 -30.76
N THR B 501 -9.94 22.40 -31.80
CA THR B 501 -9.15 21.31 -32.33
C THR B 501 -8.10 20.85 -31.31
N THR B 502 -7.44 21.82 -30.66
CA THR B 502 -6.40 21.54 -29.69
C THR B 502 -7.01 20.83 -28.47
N THR B 503 -8.19 21.27 -28.05
CA THR B 503 -8.93 20.73 -26.91
C THR B 503 -9.34 19.27 -27.15
N ARG B 504 -9.86 18.95 -28.35
CA ARG B 504 -10.25 17.57 -28.63
C ARG B 504 -9.04 16.63 -28.66
N LEU B 505 -7.91 17.09 -29.22
CA LEU B 505 -6.72 16.26 -29.27
C LEU B 505 -6.12 16.04 -27.90
N LEU B 506 -6.06 17.08 -27.08
CA LEU B 506 -5.47 16.95 -25.78
C LEU B 506 -6.32 16.02 -24.91
N ALA B 507 -7.64 16.11 -24.99
CA ALA B 507 -8.51 15.22 -24.23
C ALA B 507 -8.33 13.77 -24.67
N HIS B 508 -8.15 13.54 -25.99
CA HIS B 508 -7.92 12.23 -26.59
C HIS B 508 -6.62 11.60 -26.08
N ILE B 509 -5.55 12.40 -25.96
CA ILE B 509 -4.27 11.90 -25.45
C ILE B 509 -4.39 11.47 -23.98
N TYR B 510 -5.04 12.28 -23.13
CA TYR B 510 -5.19 11.92 -21.72
C TYR B 510 -5.99 10.67 -21.53
N ARG B 511 -6.97 10.50 -22.37
CA ARG B 511 -7.86 9.37 -22.35
C ARG B 511 -7.13 8.04 -22.59
N GLN B 512 -5.92 8.06 -23.17
CA GLN B 512 -5.20 6.83 -23.48
C GLN B 512 -4.55 6.28 -22.23
N THR B 513 -4.64 7.01 -21.13
CA THR B 513 -4.10 6.56 -19.87
C THR B 513 -5.17 5.81 -19.06
N GLY B 514 -6.41 5.76 -19.57
CA GLY B 514 -7.52 5.05 -18.91
C GLY B 514 -8.31 5.85 -17.87
N LYS B 515 -8.06 7.13 -17.75
CA LYS B 515 -8.73 8.00 -16.78
C LYS B 515 -10.01 8.59 -17.33
N THR B 516 -10.88 9.05 -16.43
CA THR B 516 -12.08 9.75 -16.88
C THR B 516 -11.75 11.20 -17.17
N VAL B 517 -12.00 11.56 -18.41
CA VAL B 517 -11.67 12.87 -18.89
C VAL B 517 -12.90 13.61 -19.30
N GLY B 518 -13.09 14.76 -18.71
CA GLY B 518 -14.22 15.59 -19.05
C GLY B 518 -13.73 16.80 -19.80
N TYR B 519 -14.52 17.28 -20.74
CA TYR B 519 -14.12 18.48 -21.43
C TYR B 519 -15.26 19.29 -21.98
N THR B 520 -14.98 20.55 -22.21
CA THR B 520 -15.98 21.43 -22.79
C THR B 520 -15.44 22.12 -24.02
N SER B 521 -16.33 22.30 -24.98
CA SER B 521 -16.01 22.97 -26.22
C SER B 521 -17.22 23.74 -26.71
N THR B 522 -17.06 24.38 -27.86
CA THR B 522 -18.17 25.09 -28.48
C THR B 522 -19.21 24.15 -29.12
N ASP B 523 -18.94 22.85 -29.18
CA ASP B 523 -19.92 21.95 -29.77
C ASP B 523 -20.80 21.23 -28.73
N ALA B 524 -20.19 20.84 -27.58
CA ALA B 524 -20.81 20.03 -26.53
C ALA B 524 -19.95 19.90 -25.25
N ILE B 525 -20.57 19.32 -24.21
CA ILE B 525 -19.87 18.91 -22.99
C ILE B 525 -19.80 17.39 -23.00
N TYR B 526 -18.59 16.85 -22.88
CA TYR B 526 -18.35 15.41 -22.87
C TYR B 526 -17.65 14.82 -21.68
N ILE B 527 -18.01 13.58 -21.36
CA ILE B 527 -17.27 12.77 -20.40
C ILE B 527 -16.97 11.40 -21.01
N ASN B 528 -15.71 11.08 -21.25
CA ASN B 528 -15.34 9.76 -21.83
C ASN B 528 -16.15 9.37 -23.05
N GLU B 529 -16.31 10.29 -23.98
CA GLU B 529 -17.08 10.11 -25.22
C GLU B 529 -18.61 10.03 -25.08
N TYR B 530 -19.16 10.31 -23.91
CA TYR B 530 -20.59 10.41 -23.78
C TYR B 530 -20.93 11.88 -23.80
N CYS B 531 -21.97 12.23 -24.51
CA CYS B 531 -22.33 13.64 -24.56
C CYS B 531 -23.31 13.98 -23.45
N VAL B 532 -22.94 14.96 -22.63
CA VAL B 532 -23.75 15.38 -21.50
C VAL B 532 -24.71 16.47 -21.97
N GLU B 533 -24.18 17.48 -22.66
CA GLU B 533 -24.99 18.59 -23.19
C GLU B 533 -24.50 18.99 -24.57
N LYS B 534 -25.38 19.52 -25.42
CA LYS B 534 -24.97 20.01 -26.75
C LYS B 534 -25.10 21.52 -26.87
N GLY B 535 -24.34 22.12 -27.79
CA GLY B 535 -24.40 23.56 -28.03
C GLY B 535 -23.15 24.25 -27.55
N ASP B 536 -23.12 25.57 -27.58
CA ASP B 536 -21.91 26.27 -27.18
C ASP B 536 -21.78 26.20 -25.70
N ASN B 537 -20.82 25.41 -25.26
CA ASN B 537 -20.63 25.14 -23.88
C ASN B 537 -19.37 25.73 -23.33
N THR B 538 -18.89 26.79 -23.94
CA THR B 538 -17.76 27.45 -23.36
C THR B 538 -18.29 28.39 -22.29
N GLY B 539 -17.42 28.89 -21.43
CA GLY B 539 -17.83 29.80 -20.39
C GLY B 539 -17.89 29.09 -19.02
N PRO B 540 -17.92 29.87 -17.94
CA PRO B 540 -17.87 29.44 -16.55
C PRO B 540 -19.04 28.60 -16.07
N GLN B 541 -20.18 28.67 -16.74
CA GLN B 541 -21.29 27.87 -16.31
C GLN B 541 -21.10 26.43 -16.72
N SER B 542 -20.37 26.18 -17.80
CA SER B 542 -20.16 24.84 -18.28
C SER B 542 -18.96 24.23 -17.60
N ALA B 543 -17.99 25.07 -17.27
CA ALA B 543 -16.80 24.61 -16.59
C ALA B 543 -17.20 24.02 -15.25
N GLY B 544 -18.23 24.62 -14.64
CA GLY B 544 -18.75 24.17 -13.37
C GLY B 544 -19.48 22.81 -13.42
N VAL B 545 -19.89 22.37 -14.61
CA VAL B 545 -20.56 21.09 -14.74
C VAL B 545 -19.50 20.03 -14.61
N ILE B 546 -18.37 20.24 -15.28
CA ILE B 546 -17.27 19.29 -15.19
C ILE B 546 -16.63 19.29 -13.80
N LEU B 547 -16.38 20.45 -13.21
CA LEU B 547 -15.71 20.49 -11.92
C LEU B 547 -16.55 19.91 -10.78
N ARG B 548 -17.87 20.02 -10.86
CA ARG B 548 -18.71 19.44 -9.81
C ARG B 548 -19.01 17.95 -10.02
N ASP B 549 -18.60 17.37 -11.14
CA ASP B 549 -18.92 15.99 -11.47
C ASP B 549 -18.04 15.00 -10.69
N PRO B 550 -18.63 14.11 -9.85
CA PRO B 550 -17.98 13.19 -8.94
C PRO B 550 -17.13 12.11 -9.60
N THR B 551 -17.22 11.96 -10.91
CA THR B 551 -16.45 10.93 -11.59
C THR B 551 -15.22 11.46 -12.34
N VAL B 552 -15.10 12.76 -12.52
CA VAL B 552 -14.03 13.29 -13.37
C VAL B 552 -12.65 13.36 -12.71
N GLU B 553 -11.64 12.86 -13.43
CA GLU B 553 -10.27 12.85 -12.96
C GLU B 553 -9.40 13.92 -13.63
N VAL B 554 -9.69 14.24 -14.89
CA VAL B 554 -8.96 15.27 -15.66
C VAL B 554 -9.93 16.23 -16.33
N ALA B 555 -9.70 17.54 -16.23
CA ALA B 555 -10.56 18.52 -16.93
C ALA B 555 -9.80 19.31 -18.00
N VAL B 556 -10.30 19.26 -19.22
CA VAL B 556 -9.70 20.01 -20.34
C VAL B 556 -10.77 21.03 -20.80
N LEU B 557 -10.48 22.32 -20.69
CA LEU B 557 -11.52 23.32 -20.96
C LEU B 557 -11.17 24.38 -22.04
N GLU B 558 -11.92 24.50 -23.16
CA GLU B 558 -11.53 25.59 -24.06
C GLU B 558 -12.11 26.87 -23.45
N THR B 559 -11.35 27.95 -23.44
CA THR B 559 -11.79 29.21 -22.86
C THR B 559 -11.86 30.36 -23.85
N ALA B 560 -13.04 30.93 -23.94
CA ALA B 560 -13.35 32.03 -24.84
C ALA B 560 -13.38 33.37 -24.12
N ARG B 561 -13.13 34.44 -24.90
CA ARG B 561 -13.19 35.80 -24.40
C ARG B 561 -14.56 36.23 -23.95
N GLY B 562 -15.62 35.69 -24.54
CA GLY B 562 -16.95 36.13 -24.13
C GLY B 562 -17.18 35.76 -22.67
N GLY B 563 -16.72 34.58 -22.29
CA GLY B 563 -16.87 34.09 -20.95
C GLY B 563 -16.09 34.93 -19.98
N ILE B 564 -14.83 35.23 -20.30
CA ILE B 564 -14.02 36.00 -19.38
C ILE B 564 -14.56 37.40 -19.20
N LEU B 565 -14.89 38.07 -20.29
CA LEU B 565 -15.37 39.44 -20.20
C LEU B 565 -16.72 39.56 -19.52
N ARG B 566 -17.59 38.59 -19.71
CA ARG B 566 -18.90 38.62 -19.09
C ARG B 566 -18.92 38.23 -17.61
N ALA B 567 -18.17 37.19 -17.19
CA ALA B 567 -18.25 36.78 -15.79
C ALA B 567 -16.94 36.32 -15.09
N GLY B 568 -15.76 36.38 -15.74
CA GLY B 568 -14.52 35.89 -15.13
C GLY B 568 -14.33 34.37 -15.32
N LEU B 569 -13.20 33.82 -14.86
CA LEU B 569 -12.95 32.37 -14.97
C LEU B 569 -13.60 31.58 -13.83
N ALA B 570 -14.04 30.35 -14.12
CA ALA B 570 -14.68 29.49 -13.10
C ALA B 570 -13.78 28.76 -12.13
N PHE B 571 -12.50 28.66 -12.41
CA PHE B 571 -11.63 27.83 -11.59
C PHE B 571 -10.55 28.46 -10.72
N ASP B 572 -10.33 29.77 -10.77
CA ASP B 572 -9.27 30.46 -10.00
C ASP B 572 -7.81 30.15 -10.39
N SER B 573 -7.43 28.88 -10.44
CA SER B 573 -6.07 28.50 -10.84
C SER B 573 -6.04 27.20 -11.60
N CYS B 574 -4.98 27.00 -12.38
CA CYS B 574 -4.82 25.77 -13.17
C CYS B 574 -3.38 25.29 -13.30
N ASP B 575 -3.21 24.08 -13.84
CA ASP B 575 -1.89 23.46 -13.95
C ASP B 575 -1.20 23.78 -15.24
N VAL B 576 -1.95 23.79 -16.32
CA VAL B 576 -1.39 24.12 -17.60
C VAL B 576 -2.26 25.19 -18.25
N GLY B 577 -1.63 26.25 -18.70
CA GLY B 577 -2.35 27.28 -19.42
C GLY B 577 -1.75 27.42 -20.80
N VAL B 578 -2.56 27.24 -21.82
CA VAL B 578 -2.05 27.28 -23.19
C VAL B 578 -2.61 28.47 -23.96
N VAL B 579 -1.72 29.30 -24.51
CA VAL B 579 -2.18 30.42 -25.34
C VAL B 579 -1.68 30.16 -26.75
N LEU B 580 -2.58 30.00 -27.69
CA LEU B 580 -2.18 29.61 -29.03
C LEU B 580 -1.81 30.76 -29.97
N ASN B 581 -2.49 31.90 -29.88
CA ASN B 581 -2.26 33.03 -30.79
C ASN B 581 -3.14 34.24 -30.44
N VAL B 582 -2.68 35.43 -30.79
CA VAL B 582 -3.52 36.62 -30.68
C VAL B 582 -3.73 37.22 -32.06
N ALA B 583 -4.96 37.46 -32.45
CA ALA B 583 -5.22 38.01 -33.79
C ALA B 583 -6.38 38.98 -33.75
N ALA B 584 -6.45 39.84 -34.76
CA ALA B 584 -7.45 40.91 -34.78
C ALA B 584 -8.84 40.47 -35.18
N ASP B 585 -9.44 39.67 -34.31
CA ASP B 585 -10.79 39.20 -34.43
C ASP B 585 -11.57 39.83 -33.31
N HIS B 586 -12.87 39.95 -33.47
CA HIS B 586 -13.75 40.48 -32.43
C HIS B 586 -13.34 41.83 -31.91
N LEU B 587 -12.78 42.69 -32.75
CA LEU B 587 -12.42 43.98 -32.23
C LEU B 587 -13.63 44.85 -32.37
N GLY B 588 -13.82 45.68 -31.38
CA GLY B 588 -14.92 46.60 -31.29
C GLY B 588 -16.01 46.03 -30.38
N LEU B 589 -15.91 44.74 -30.04
CA LEU B 589 -16.91 44.13 -29.19
C LEU B 589 -16.43 44.04 -27.76
N GLY B 590 -17.33 44.21 -26.80
CA GLY B 590 -16.96 44.01 -25.39
C GLY B 590 -16.02 45.10 -24.90
N ASP B 591 -16.09 46.28 -25.51
CA ASP B 591 -15.23 47.41 -25.20
C ASP B 591 -13.74 47.19 -25.55
N ILE B 592 -13.43 46.18 -26.36
CA ILE B 592 -12.05 45.99 -26.80
C ILE B 592 -11.87 46.34 -28.25
N ASP B 593 -11.19 47.44 -28.48
CA ASP B 593 -10.97 48.00 -29.80
C ASP B 593 -9.61 47.68 -30.42
N THR B 594 -8.60 47.45 -29.58
CA THR B 594 -7.26 47.26 -30.14
C THR B 594 -6.71 45.87 -29.90
N ILE B 595 -5.62 45.56 -30.61
CA ILE B 595 -4.96 44.27 -30.47
C ILE B 595 -4.23 44.18 -29.14
N GLU B 596 -3.69 45.31 -28.67
CA GLU B 596 -3.00 45.34 -27.39
C GLU B 596 -3.95 45.03 -26.25
N GLN B 597 -5.22 45.45 -26.38
CA GLN B 597 -6.23 45.13 -25.39
C GLN B 597 -6.61 43.65 -25.48
N MET B 598 -6.70 43.12 -26.71
CA MET B 598 -7.08 41.72 -26.86
C MET B 598 -6.05 40.81 -26.22
N ALA B 599 -4.80 41.21 -26.29
CA ALA B 599 -3.72 40.47 -25.68
C ALA B 599 -3.87 40.41 -24.15
N LYS B 600 -4.49 41.44 -23.52
CA LYS B 600 -4.68 41.49 -22.08
C LYS B 600 -5.78 40.54 -21.63
N VAL B 601 -6.71 40.26 -22.53
CA VAL B 601 -7.74 39.31 -22.21
C VAL B 601 -7.15 37.90 -22.26
N LYS B 602 -6.37 37.61 -23.31
CA LYS B 602 -5.85 36.26 -23.45
C LYS B 602 -4.84 35.93 -22.36
N SER B 603 -4.11 36.94 -21.89
CA SER B 603 -3.09 36.77 -20.87
C SER B 603 -3.67 36.37 -19.52
N VAL B 604 -4.99 36.45 -19.34
CA VAL B 604 -5.62 36.08 -18.07
C VAL B 604 -5.31 34.61 -17.80
N ILE B 605 -5.32 33.75 -18.83
CA ILE B 605 -5.01 32.35 -18.59
C ILE B 605 -3.58 32.13 -18.14
N ALA B 606 -2.63 32.78 -18.77
CA ALA B 606 -1.24 32.62 -18.41
C ALA B 606 -0.97 33.05 -16.96
N GLU B 607 -1.66 34.09 -16.51
CA GLU B 607 -1.47 34.63 -15.17
C GLU B 607 -2.19 33.88 -14.04
N VAL B 608 -2.96 32.84 -14.36
CA VAL B 608 -3.63 32.09 -13.30
C VAL B 608 -3.02 30.71 -13.17
N VAL B 609 -1.91 30.48 -13.86
CA VAL B 609 -1.29 29.19 -13.72
C VAL B 609 -0.51 29.18 -12.40
N ASP B 610 -0.72 28.14 -11.62
CA ASP B 610 -0.06 27.93 -10.34
C ASP B 610 1.46 27.95 -10.52
N PRO B 611 2.28 28.54 -9.62
CA PRO B 611 3.74 28.60 -9.74
C PRO B 611 4.39 27.23 -9.98
N SER B 612 3.77 26.12 -9.57
CA SER B 612 4.35 24.81 -9.78
C SER B 612 4.03 24.24 -11.18
N GLY B 613 3.16 24.93 -11.93
CA GLY B 613 2.70 24.54 -13.24
C GLY B 613 3.41 25.26 -14.37
N TYR B 614 2.82 25.16 -15.57
CA TYR B 614 3.37 25.72 -16.80
C TYR B 614 2.45 26.53 -17.66
N ALA B 615 3.03 27.51 -18.32
CA ALA B 615 2.38 28.26 -19.36
C ALA B 615 2.98 27.80 -20.67
N VAL B 616 2.15 27.54 -21.67
CA VAL B 616 2.63 27.13 -22.97
C VAL B 616 2.37 28.24 -23.97
N LEU B 617 3.46 28.82 -24.47
CA LEU B 617 3.38 29.97 -25.35
C LEU B 617 3.88 29.70 -26.75
N ASN B 618 3.33 30.43 -27.70
CA ASN B 618 3.70 30.37 -29.10
C ASN B 618 4.87 31.32 -29.37
N ALA B 619 6.06 30.79 -29.63
CA ALA B 619 7.26 31.63 -29.78
C ALA B 619 7.30 32.33 -31.13
N ASP B 620 6.39 31.98 -32.03
CA ASP B 620 6.33 32.59 -33.34
C ASP B 620 5.33 33.74 -33.36
N ASP B 621 4.72 34.05 -32.20
CA ASP B 621 3.73 35.09 -32.05
C ASP B 621 4.22 36.19 -31.08
N PRO B 622 4.59 37.40 -31.58
CA PRO B 622 5.12 38.51 -30.81
C PRO B 622 4.29 38.99 -29.62
N LEU B 623 2.97 38.79 -29.63
CA LEU B 623 2.19 39.27 -28.50
C LEU B 623 2.11 38.19 -27.45
N VAL B 624 2.13 36.94 -27.91
CA VAL B 624 2.04 35.82 -27.00
C VAL B 624 3.36 35.55 -26.30
N ALA B 625 4.47 35.58 -27.03
CA ALA B 625 5.77 35.32 -26.42
C ALA B 625 6.06 36.32 -25.30
N ALA B 626 5.59 37.55 -25.48
CA ALA B 626 5.77 38.67 -24.55
C ALA B 626 5.06 38.46 -23.21
N MET B 627 4.12 37.51 -23.15
CA MET B 627 3.35 37.24 -21.95
C MET B 627 4.23 36.53 -20.95
N ALA B 628 5.37 36.03 -21.41
CA ALA B 628 6.29 35.26 -20.60
C ALA B 628 6.84 36.09 -19.47
N ASP B 629 6.79 37.41 -19.59
CA ASP B 629 7.35 38.29 -18.59
C ASP B 629 6.34 38.65 -17.49
N LYS B 630 5.12 38.15 -17.60
CA LYS B 630 4.08 38.37 -16.61
C LYS B 630 3.82 37.09 -15.82
N VAL B 631 4.11 35.96 -16.44
CA VAL B 631 3.89 34.65 -15.87
C VAL B 631 4.76 34.32 -14.66
N LYS B 632 4.11 33.85 -13.58
CA LYS B 632 4.74 33.44 -12.33
C LYS B 632 5.10 31.95 -12.33
N ALA B 633 4.56 31.26 -13.31
CA ALA B 633 4.67 29.83 -13.59
C ALA B 633 5.87 29.59 -14.48
N LYS B 634 6.17 28.34 -14.75
CA LYS B 634 7.26 28.01 -15.64
C LYS B 634 6.79 28.22 -17.06
N VAL B 635 7.68 28.50 -17.98
CA VAL B 635 7.27 28.70 -19.37
C VAL B 635 7.88 27.70 -20.32
N ALA B 636 7.03 27.12 -21.17
CA ALA B 636 7.43 26.21 -22.23
C ALA B 636 7.05 26.87 -23.54
N TYR B 637 7.82 26.62 -24.60
CA TYR B 637 7.49 27.22 -25.90
C TYR B 637 7.34 26.27 -27.04
N PHE B 638 6.53 26.64 -28.01
CA PHE B 638 6.48 25.85 -29.21
C PHE B 638 6.67 26.72 -30.44
N SER B 639 7.17 26.12 -31.52
CA SER B 639 7.36 26.85 -32.79
C SER B 639 7.40 25.96 -34.03
N MET B 640 7.22 26.58 -35.19
CA MET B 640 7.30 25.89 -36.48
C MET B 640 8.64 26.07 -37.17
N ASN B 641 9.56 26.65 -36.47
CA ASN B 641 10.89 26.95 -36.96
C ASN B 641 11.91 26.81 -35.85
N PRO B 642 12.73 25.75 -35.79
CA PRO B 642 13.74 25.53 -34.78
C PRO B 642 14.70 26.71 -34.65
N ASP B 643 14.92 27.43 -35.74
CA ASP B 643 15.81 28.57 -35.72
C ASP B 643 15.06 29.83 -35.35
N ASN B 644 14.66 29.86 -34.10
CA ASN B 644 13.92 30.92 -33.47
C ASN B 644 14.73 31.27 -32.24
N PRO B 645 15.34 32.46 -32.16
CA PRO B 645 16.19 32.91 -31.09
C PRO B 645 15.60 32.70 -29.71
N ILE B 646 14.27 32.74 -29.58
CA ILE B 646 13.63 32.53 -28.29
C ILE B 646 13.84 31.11 -27.85
N ILE B 647 13.66 30.18 -28.79
CA ILE B 647 13.74 28.76 -28.52
C ILE B 647 15.15 28.42 -28.18
N GLN B 648 16.09 28.98 -28.92
CA GLN B 648 17.48 28.66 -28.69
C GLN B 648 17.96 29.19 -27.34
N ALA B 649 17.59 30.43 -27.00
CA ALA B 649 18.00 30.98 -25.74
C ALA B 649 17.43 30.18 -24.58
N HIS B 650 16.21 29.71 -24.75
CA HIS B 650 15.47 28.95 -23.75
C HIS B 650 16.04 27.55 -23.51
N VAL B 651 16.32 26.78 -24.57
CA VAL B 651 16.84 25.43 -24.33
C VAL B 651 18.28 25.48 -23.77
N ARG B 652 19.02 26.54 -24.07
CA ARG B 652 20.38 26.70 -23.55
C ARG B 652 20.41 26.93 -22.04
N ARG B 653 19.25 27.21 -21.43
CA ARG B 653 19.11 27.42 -20.00
C ARG B 653 18.33 26.25 -19.40
N ASN B 654 18.29 25.15 -20.17
CA ASN B 654 17.59 23.91 -19.89
C ASN B 654 16.06 23.99 -19.79
N GLY B 655 15.45 24.80 -20.65
CA GLY B 655 14.01 24.84 -20.71
C GLY B 655 13.52 23.74 -21.66
N ILE B 656 12.22 23.74 -21.90
CA ILE B 656 11.53 22.76 -22.72
C ILE B 656 10.84 23.45 -23.89
N ALA B 657 10.97 22.88 -25.06
CA ALA B 657 10.30 23.43 -26.22
C ALA B 657 9.85 22.35 -27.19
N ALA B 658 8.83 22.64 -27.96
CA ALA B 658 8.39 21.72 -29.00
C ALA B 658 8.55 22.36 -30.35
N VAL B 659 9.24 21.69 -31.24
CA VAL B 659 9.44 22.26 -32.56
C VAL B 659 9.12 21.29 -33.67
N TYR B 660 8.88 21.85 -34.83
CA TYR B 660 8.74 21.03 -36.01
C TYR B 660 10.07 21.04 -36.79
N GLU B 661 10.69 19.87 -36.94
CA GLU B 661 11.98 19.79 -37.62
C GLU B 661 12.15 18.49 -38.40
N SER B 662 12.77 18.56 -39.57
CA SER B 662 13.08 17.39 -40.38
C SER B 662 11.88 16.46 -40.63
N GLY B 663 10.68 17.02 -40.72
CA GLY B 663 9.47 16.22 -40.94
C GLY B 663 8.87 15.66 -39.66
N TYR B 664 9.52 15.89 -38.52
CA TYR B 664 9.09 15.40 -37.22
C TYR B 664 8.62 16.42 -36.23
N LEU B 665 7.71 15.96 -35.40
CA LEU B 665 7.27 16.74 -34.29
C LEU B 665 8.09 16.23 -33.14
N SER B 666 8.91 17.11 -32.54
CA SER B 666 9.83 16.68 -31.49
C SER B 666 9.91 17.64 -30.32
N ILE B 667 10.33 17.10 -29.20
CA ILE B 667 10.51 17.85 -27.97
C ILE B 667 11.96 18.02 -27.60
N LEU B 668 12.31 19.26 -27.35
CA LEU B 668 13.65 19.63 -26.98
C LEU B 668 13.70 19.80 -25.49
N GLU B 669 14.44 18.95 -24.82
CA GLU B 669 14.51 19.01 -23.37
C GLU B 669 15.97 19.21 -23.01
N GLY B 670 16.34 20.45 -22.76
CA GLY B 670 17.76 20.72 -22.58
C GLY B 670 18.49 20.36 -23.87
N SER B 671 19.55 19.55 -23.76
CA SER B 671 20.36 19.13 -24.90
C SER B 671 19.83 17.93 -25.66
N TRP B 672 18.81 17.25 -25.14
CA TRP B 672 18.32 16.04 -25.77
C TRP B 672 17.10 16.27 -26.65
N THR B 673 17.02 15.54 -27.75
CA THR B 673 15.87 15.64 -28.64
C THR B 673 15.03 14.39 -28.60
N LEU B 674 13.73 14.54 -28.38
CA LEU B 674 12.81 13.44 -28.34
C LEU B 674 11.86 13.50 -29.52
N ARG B 675 11.95 12.56 -30.43
CA ARG B 675 11.04 12.61 -31.56
C ARG B 675 9.76 11.90 -31.22
N VAL B 676 8.61 12.53 -31.49
CA VAL B 676 7.36 11.89 -31.16
C VAL B 676 6.87 11.16 -32.39
N GLU B 677 6.66 11.87 -33.49
CA GLU B 677 6.19 11.21 -34.72
C GLU B 677 6.44 12.08 -35.96
N GLN B 678 6.14 11.55 -37.14
CA GLN B 678 6.26 12.29 -38.39
C GLN B 678 4.96 13.00 -38.70
N ALA B 679 5.03 14.22 -39.21
CA ALA B 679 3.80 14.94 -39.48
C ALA B 679 2.89 14.23 -40.46
N LYS B 680 3.47 13.58 -41.45
CA LYS B 680 2.70 12.91 -42.48
C LYS B 680 1.96 11.68 -42.01
N LEU B 681 2.32 11.16 -40.83
CA LEU B 681 1.68 9.98 -40.31
C LEU B 681 0.65 10.30 -39.23
N ILE B 682 0.37 11.59 -39.02
CA ILE B 682 -0.62 11.99 -38.03
C ILE B 682 -1.86 12.46 -38.79
N PRO B 683 -3.00 11.73 -38.77
CA PRO B 683 -4.21 11.96 -39.55
C PRO B 683 -4.86 13.34 -39.51
N MET B 684 -4.67 14.12 -38.44
CA MET B 684 -5.32 15.44 -38.40
C MET B 684 -4.65 16.39 -39.38
N THR B 685 -3.42 16.11 -39.76
CA THR B 685 -2.69 16.98 -40.65
C THR B 685 -2.80 16.35 -42.01
N MET B 686 -3.19 17.12 -43.01
CA MET B 686 -3.41 16.54 -44.33
C MET B 686 -2.12 16.13 -45.04
N GLY B 687 -1.46 15.08 -44.55
CA GLY B 687 -0.23 14.58 -45.14
C GLY B 687 0.93 15.53 -44.93
N GLY B 688 0.87 16.34 -43.90
CA GLY B 688 1.89 17.35 -43.65
C GLY B 688 1.62 18.68 -44.39
N MET B 689 0.48 18.79 -45.09
CA MET B 689 0.14 19.98 -45.88
C MET B 689 -0.66 21.09 -45.20
N ALA B 690 -0.87 21.00 -43.89
CA ALA B 690 -1.65 21.99 -43.16
C ALA B 690 -0.90 22.51 -41.93
N PRO B 691 -0.01 23.51 -42.09
CA PRO B 691 0.89 24.07 -41.07
C PRO B 691 0.21 24.48 -39.78
N PHE B 692 -1.04 24.86 -39.87
CA PHE B 692 -1.81 25.30 -38.73
C PHE B 692 -2.30 24.10 -37.93
N MET B 693 -2.40 22.92 -38.54
CA MET B 693 -2.81 21.73 -37.84
C MET B 693 -1.59 21.18 -37.15
N ILE B 694 -0.42 21.41 -37.75
CA ILE B 694 0.83 20.94 -37.16
C ILE B 694 1.07 21.75 -35.90
N ALA B 695 0.88 23.06 -35.97
CA ALA B 695 1.06 23.90 -34.80
C ALA B 695 0.10 23.53 -33.66
N ASN B 696 -1.15 23.16 -34.00
CA ASN B 696 -2.10 22.79 -32.96
C ASN B 696 -1.64 21.47 -32.30
N ALA B 697 -1.11 20.54 -33.10
CA ALA B 697 -0.59 19.28 -32.60
C ALA B 697 0.62 19.49 -31.70
N LEU B 698 1.50 20.45 -32.04
CA LEU B 698 2.66 20.69 -31.19
C LEU B 698 2.25 21.20 -29.83
N ALA B 699 1.25 22.09 -29.78
CA ALA B 699 0.78 22.63 -28.51
C ALA B 699 0.18 21.54 -27.62
N ALA B 700 -0.60 20.61 -28.20
CA ALA B 700 -1.20 19.52 -27.44
C ALA B 700 -0.16 18.54 -26.92
N CYS B 701 0.87 18.26 -27.71
CA CYS B 701 1.92 17.34 -27.32
C CYS B 701 2.75 17.91 -26.19
N LEU B 702 3.04 19.21 -26.27
CA LEU B 702 3.84 19.86 -25.27
C LEU B 702 3.08 19.96 -23.95
N ALA B 703 1.78 20.28 -23.99
CA ALA B 703 1.01 20.35 -22.75
C ALA B 703 0.95 18.99 -22.05
N ALA B 704 0.77 17.91 -22.81
CA ALA B 704 0.72 16.58 -22.21
C ALA B 704 2.06 16.20 -21.61
N PHE B 705 3.16 16.57 -22.28
CA PHE B 705 4.51 16.29 -21.81
C PHE B 705 4.87 17.02 -20.53
N VAL B 706 4.62 18.34 -20.47
CA VAL B 706 5.02 19.10 -19.29
C VAL B 706 4.17 18.75 -18.09
N ASN B 707 2.98 18.17 -18.31
CA ASN B 707 2.16 17.76 -17.20
C ASN B 707 2.40 16.30 -16.80
N GLY B 708 3.48 15.68 -17.30
CA GLY B 708 3.85 14.34 -16.87
C GLY B 708 3.49 13.11 -17.70
N LEU B 709 2.96 13.25 -18.92
CA LEU B 709 2.67 12.04 -19.68
C LEU B 709 3.91 11.56 -20.41
N ASP B 710 4.00 10.25 -20.58
CA ASP B 710 5.10 9.64 -21.32
C ASP B 710 4.94 9.84 -22.81
N VAL B 711 6.05 9.76 -23.52
CA VAL B 711 6.08 9.96 -24.96
C VAL B 711 5.33 8.88 -25.69
N GLU B 712 5.41 7.64 -25.23
CA GLU B 712 4.72 6.57 -25.93
C GLU B 712 3.21 6.79 -25.90
N VAL B 713 2.69 7.32 -24.79
CA VAL B 713 1.27 7.60 -24.65
C VAL B 713 0.89 8.70 -25.64
N ILE B 714 1.74 9.72 -25.74
CA ILE B 714 1.50 10.83 -26.63
C ILE B 714 1.46 10.31 -28.08
N ARG B 715 2.40 9.43 -28.46
CA ARG B 715 2.41 8.86 -29.81
C ARG B 715 1.14 8.11 -30.13
N GLN B 716 0.67 7.30 -29.19
CA GLN B 716 -0.54 6.54 -29.40
C GLN B 716 -1.72 7.49 -29.63
N GLY B 717 -1.78 8.55 -28.84
CA GLY B 717 -2.82 9.54 -28.95
C GLY B 717 -2.83 10.27 -30.28
N VAL B 718 -1.68 10.74 -30.77
CA VAL B 718 -1.74 11.49 -32.02
C VAL B 718 -2.07 10.57 -33.21
N ARG B 719 -1.59 9.34 -33.20
CA ARG B 719 -1.80 8.38 -34.27
C ARG B 719 -3.25 7.94 -34.47
N THR B 720 -4.05 7.89 -33.41
CA THR B 720 -5.41 7.42 -33.53
C THR B 720 -6.47 8.52 -33.51
N PHE B 721 -6.05 9.77 -33.49
CA PHE B 721 -7.00 10.87 -33.40
C PHE B 721 -7.60 11.25 -34.73
N THR B 722 -8.91 11.45 -34.79
CA THR B 722 -9.52 11.88 -36.04
C THR B 722 -10.37 13.14 -35.89
N THR B 723 -10.44 13.86 -37.02
CA THR B 723 -11.24 15.05 -37.23
C THR B 723 -11.97 14.86 -38.56
N SER B 724 -12.81 13.84 -38.67
CA SER B 724 -13.45 13.54 -39.95
C SER B 724 -14.66 14.42 -40.19
N ALA B 725 -15.19 14.36 -41.41
CA ALA B 725 -16.43 15.04 -41.65
C ALA B 725 -17.41 14.38 -40.72
N GLU B 726 -18.37 15.16 -40.24
CA GLU B 726 -19.41 14.76 -39.30
C GLU B 726 -18.88 14.50 -37.86
N GLN B 727 -17.59 14.76 -37.62
CA GLN B 727 -17.01 14.76 -36.27
C GLN B 727 -16.65 16.20 -35.98
N THR B 728 -16.01 16.82 -36.96
CA THR B 728 -15.64 18.21 -36.92
C THR B 728 -16.06 18.85 -38.24
N PRO B 729 -17.45 19.07 -38.39
CA PRO B 729 -17.98 19.58 -39.64
C PRO B 729 -17.56 21.02 -39.78
N GLY B 730 -17.18 21.40 -40.99
CA GLY B 730 -16.81 22.77 -41.29
C GLY B 730 -15.36 23.08 -40.96
N ARG B 731 -14.62 22.08 -40.49
CA ARG B 731 -13.23 22.32 -40.13
C ARG B 731 -12.32 21.41 -40.97
N MET B 732 -11.83 21.91 -42.10
CA MET B 732 -11.05 21.13 -43.04
C MET B 732 -11.68 19.80 -43.48
N ASN B 733 -12.90 19.83 -44.03
CA ASN B 733 -13.50 18.57 -44.47
C ASN B 733 -13.15 18.37 -45.94
N LEU B 734 -12.23 17.46 -46.22
CA LEU B 734 -11.80 17.27 -47.61
C LEU B 734 -12.53 16.06 -48.19
N PHE B 735 -13.26 16.29 -49.27
CA PHE B 735 -14.06 15.28 -49.92
C PHE B 735 -13.44 14.81 -51.23
N ASN B 736 -13.35 13.50 -51.38
CA ASN B 736 -12.80 12.78 -52.53
C ASN B 736 -13.87 12.36 -53.55
N LEU B 737 -13.90 12.97 -54.73
CA LEU B 737 -14.96 12.66 -55.69
C LEU B 737 -14.34 12.21 -57.02
N GLY B 738 -13.88 10.97 -57.08
CA GLY B 738 -13.15 10.47 -58.25
C GLY B 738 -11.87 11.29 -58.38
N GLN B 739 -11.49 11.72 -59.58
CA GLN B 739 -10.26 12.52 -59.68
C GLN B 739 -10.60 13.98 -59.48
N HIS B 740 -11.03 14.30 -58.28
CA HIS B 740 -11.50 15.63 -57.94
C HIS B 740 -11.63 15.82 -56.44
N HIS B 741 -11.28 16.99 -55.93
CA HIS B 741 -11.51 17.18 -54.52
C HIS B 741 -12.20 18.49 -54.20
N ALA B 742 -12.93 18.47 -53.10
CA ALA B 742 -13.58 19.67 -52.61
C ALA B 742 -13.35 19.81 -51.12
N LEU B 743 -13.09 21.03 -50.69
CA LEU B 743 -12.81 21.29 -49.29
C LEU B 743 -13.80 22.25 -48.68
N VAL B 744 -14.41 21.82 -47.58
CA VAL B 744 -15.35 22.70 -46.89
C VAL B 744 -14.73 23.18 -45.60
N ASP B 745 -14.70 24.50 -45.42
CA ASP B 745 -14.13 25.08 -44.21
C ASP B 745 -14.96 26.27 -43.77
N TYR B 746 -14.56 26.93 -42.69
CA TYR B 746 -15.40 27.99 -42.18
C TYR B 746 -14.61 29.08 -41.45
N ALA B 747 -13.79 29.80 -42.18
CA ALA B 747 -12.90 30.87 -41.68
C ALA B 747 -13.75 32.03 -41.17
N HIS B 748 -13.17 32.97 -40.42
CA HIS B 748 -13.92 34.11 -39.90
C HIS B 748 -13.06 35.32 -40.04
N ASN B 749 -12.09 35.41 -39.16
CA ASN B 749 -11.14 36.46 -39.26
C ASN B 749 -10.20 36.01 -40.35
N PRO B 750 -9.42 36.94 -40.95
CA PRO B 750 -8.43 36.74 -41.98
C PRO B 750 -7.39 35.67 -41.71
N ALA B 751 -7.04 35.39 -40.44
CA ALA B 751 -6.03 34.38 -40.25
C ALA B 751 -6.50 33.04 -40.74
N GLY B 752 -7.80 32.78 -40.70
CA GLY B 752 -8.30 31.50 -41.12
C GLY B 752 -8.35 31.40 -42.64
N TYR B 753 -8.26 32.53 -43.33
CA TYR B 753 -8.30 32.49 -44.77
C TYR B 753 -6.90 32.26 -45.23
N ARG B 754 -5.93 32.82 -44.51
CA ARG B 754 -4.56 32.59 -44.87
C ARG B 754 -4.17 31.15 -44.54
N ALA B 755 -4.62 30.63 -43.39
CA ALA B 755 -4.29 29.26 -43.04
C ALA B 755 -4.82 28.27 -44.09
N VAL B 756 -6.04 28.48 -44.57
CA VAL B 756 -6.56 27.62 -45.60
C VAL B 756 -5.81 27.84 -46.89
N GLY B 757 -5.52 29.10 -47.23
CA GLY B 757 -4.82 29.39 -48.46
C GLY B 757 -3.48 28.65 -48.53
N ASP B 758 -2.77 28.50 -47.41
CA ASP B 758 -1.51 27.77 -47.47
C ASP B 758 -1.73 26.29 -47.78
N PHE B 759 -2.80 25.70 -47.25
CA PHE B 759 -3.10 24.31 -47.61
C PHE B 759 -3.29 24.21 -49.12
N VAL B 760 -4.06 25.15 -49.66
CA VAL B 760 -4.35 25.15 -51.08
C VAL B 760 -3.08 25.31 -51.93
N LYS B 761 -2.18 26.20 -51.53
CA LYS B 761 -0.93 26.41 -52.26
C LYS B 761 -0.11 25.13 -52.40
N ASN B 762 -0.18 24.24 -51.41
CA ASN B 762 0.56 22.99 -51.44
C ASN B 762 -0.13 21.90 -52.28
N TRP B 763 -1.31 22.18 -52.79
CA TRP B 763 -2.05 21.18 -53.51
C TRP B 763 -1.48 20.97 -54.89
N GLN B 764 -0.59 20.00 -55.02
CA GLN B 764 0.03 19.77 -56.33
C GLN B 764 -0.86 18.92 -57.22
N GLY B 765 -1.93 19.56 -57.65
CA GLY B 765 -3.00 19.03 -58.49
C GLY B 765 -3.17 19.96 -59.66
N GLN B 766 -4.41 20.27 -60.03
CA GLN B 766 -4.63 21.15 -61.17
C GLN B 766 -5.12 22.55 -60.80
N ARG B 767 -6.36 22.92 -61.14
CA ARG B 767 -6.77 24.29 -60.82
C ARG B 767 -7.14 24.45 -59.37
N PHE B 768 -6.94 25.66 -58.86
CA PHE B 768 -7.33 26.02 -57.52
C PHE B 768 -8.53 26.93 -57.62
N GLY B 769 -9.70 26.42 -57.28
CA GLY B 769 -10.87 27.25 -57.41
C GLY B 769 -11.46 27.58 -56.07
N VAL B 770 -12.02 28.76 -55.99
CA VAL B 770 -12.71 29.19 -54.79
C VAL B 770 -14.07 29.67 -55.17
N VAL B 771 -15.02 29.28 -54.37
CA VAL B 771 -16.39 29.64 -54.65
C VAL B 771 -17.02 30.53 -53.61
N GLY B 772 -16.29 31.49 -53.04
CA GLY B 772 -16.92 32.35 -52.06
C GLY B 772 -16.04 33.37 -51.37
N GLY B 773 -16.67 34.03 -50.38
CA GLY B 773 -16.12 35.08 -49.56
C GLY B 773 -17.06 35.32 -48.36
N PRO B 774 -16.87 36.42 -47.62
CA PRO B 774 -17.52 36.86 -46.38
C PRO B 774 -19.01 37.16 -46.48
N GLY B 775 -19.68 37.13 -45.32
CA GLY B 775 -21.08 37.49 -45.22
C GLY B 775 -21.21 38.99 -45.01
N ASP B 776 -22.40 39.46 -44.64
CA ASP B 776 -22.64 40.90 -44.53
C ASP B 776 -22.39 41.52 -43.16
N ARG B 777 -21.94 40.72 -42.20
CA ARG B 777 -21.78 41.23 -40.84
C ARG B 777 -20.34 41.53 -40.46
N ARG B 778 -19.46 41.50 -41.44
CA ARG B 778 -18.07 41.81 -41.23
C ARG B 778 -17.85 43.31 -41.38
N ASP B 779 -16.74 43.80 -40.85
CA ASP B 779 -16.40 45.21 -40.96
C ASP B 779 -15.70 45.42 -42.29
N SER B 780 -14.92 46.47 -42.46
CA SER B 780 -14.31 46.74 -43.76
C SER B 780 -13.05 45.90 -44.01
N ASP B 781 -13.24 44.59 -44.10
CA ASP B 781 -12.17 43.62 -44.32
C ASP B 781 -12.48 42.77 -45.54
N LEU B 782 -13.44 43.26 -46.34
CA LEU B 782 -13.84 42.56 -47.54
C LEU B 782 -12.73 42.67 -48.56
N ILE B 783 -12.04 43.80 -48.56
CA ILE B 783 -10.96 43.97 -49.50
C ILE B 783 -9.83 43.03 -49.12
N GLU B 784 -9.53 42.93 -47.81
CA GLU B 784 -8.45 42.05 -47.39
C GLU B 784 -8.75 40.63 -47.84
N LEU B 785 -10.01 40.18 -47.73
CA LEU B 785 -10.28 38.83 -48.19
C LEU B 785 -10.01 38.77 -49.67
N GLY B 786 -10.49 39.73 -50.43
CA GLY B 786 -10.28 39.66 -51.85
C GLY B 786 -8.79 39.59 -52.19
N GLN B 787 -7.97 40.32 -51.44
CA GLN B 787 -6.54 40.30 -51.66
C GLN B 787 -5.93 38.93 -51.37
N ILE B 788 -6.47 38.21 -50.38
CA ILE B 788 -5.99 36.87 -50.05
C ILE B 788 -6.38 35.90 -51.15
N ALA B 789 -7.62 35.92 -51.61
CA ALA B 789 -8.00 34.98 -52.65
C ALA B 789 -7.20 35.20 -53.94
N ALA B 790 -6.95 36.46 -54.28
CA ALA B 790 -6.26 36.80 -55.52
C ALA B 790 -4.92 36.16 -55.89
N GLN B 791 -4.15 35.85 -54.86
CA GLN B 791 -2.86 35.20 -54.92
C GLN B 791 -2.81 33.73 -54.56
N VAL B 792 -3.97 33.19 -54.25
CA VAL B 792 -4.08 31.78 -53.91
C VAL B 792 -4.84 30.92 -54.90
N PHE B 793 -5.78 31.53 -55.62
CA PHE B 793 -6.67 30.78 -56.49
C PHE B 793 -6.56 31.32 -57.93
N ASP B 794 -6.72 30.43 -58.92
CA ASP B 794 -6.74 30.85 -60.34
C ASP B 794 -8.15 30.82 -60.95
N ARG B 795 -9.13 30.38 -60.17
CA ARG B 795 -10.55 30.39 -60.53
C ARG B 795 -11.33 31.05 -59.40
N ILE B 796 -11.63 32.35 -59.52
CA ILE B 796 -12.30 32.99 -58.39
C ILE B 796 -13.70 33.43 -58.73
N ILE B 797 -14.71 32.77 -58.13
CA ILE B 797 -16.09 33.13 -58.44
C ILE B 797 -16.78 33.61 -57.18
N VAL B 798 -17.42 34.76 -57.28
CA VAL B 798 -18.09 35.39 -56.15
C VAL B 798 -19.60 35.07 -56.01
N LYS B 799 -20.01 34.66 -54.79
CA LYS B 799 -21.40 34.30 -54.43
C LYS B 799 -21.91 35.11 -53.24
N GLU B 800 -21.32 36.25 -52.99
CA GLU B 800 -21.66 36.99 -51.79
C GLU B 800 -22.95 37.81 -51.88
N ASP B 801 -24.04 37.05 -51.84
CA ASP B 801 -25.43 37.49 -51.85
C ASP B 801 -26.16 36.36 -51.13
N ASP B 802 -25.93 36.24 -49.82
CA ASP B 802 -26.40 35.08 -49.10
C ASP B 802 -27.87 35.22 -48.74
N ASP B 803 -28.42 34.28 -47.97
CA ASP B 803 -29.84 34.35 -47.70
C ASP B 803 -30.16 35.27 -46.54
N LYS B 804 -29.22 35.42 -45.60
CA LYS B 804 -29.45 36.25 -44.44
C LYS B 804 -29.58 37.71 -44.85
N ARG B 805 -28.75 38.17 -45.81
CA ARG B 805 -28.81 39.53 -46.32
C ARG B 805 -28.85 40.57 -45.23
N GLY B 806 -27.88 40.49 -44.34
CA GLY B 806 -27.78 41.39 -43.21
C GLY B 806 -27.74 42.84 -43.69
N ARG B 807 -27.12 43.08 -44.85
CA ARG B 807 -27.09 44.43 -45.39
C ARG B 807 -27.43 44.47 -46.88
N SER B 808 -28.52 45.15 -47.21
CA SER B 808 -28.96 45.31 -48.59
C SER B 808 -29.01 44.00 -49.40
N GLU B 809 -28.28 43.96 -50.54
CA GLU B 809 -28.29 42.79 -51.43
C GLU B 809 -26.88 42.28 -51.77
N GLY B 810 -26.38 42.64 -52.96
CA GLY B 810 -25.12 42.15 -53.51
C GLY B 810 -23.89 43.04 -53.28
N GLU B 811 -24.01 44.07 -52.44
CA GLU B 811 -22.87 44.96 -52.22
C GLU B 811 -21.65 44.22 -51.67
N THR B 812 -21.84 43.18 -50.87
CA THR B 812 -20.69 42.46 -50.36
C THR B 812 -19.94 41.85 -51.54
N ALA B 813 -20.67 41.19 -52.47
CA ALA B 813 -20.03 40.65 -53.66
C ALA B 813 -19.32 41.71 -54.47
N ASP B 814 -19.89 42.91 -54.54
CA ASP B 814 -19.26 43.95 -55.31
C ASP B 814 -17.93 44.38 -54.69
N LEU B 815 -17.85 44.38 -53.35
CA LEU B 815 -16.61 44.75 -52.69
C LEU B 815 -15.58 43.65 -52.82
N ILE B 816 -16.02 42.40 -52.84
CA ILE B 816 -15.07 41.33 -53.02
C ILE B 816 -14.51 41.42 -54.42
N VAL B 817 -15.35 41.67 -55.42
CA VAL B 817 -14.86 41.78 -56.77
C VAL B 817 -13.84 42.93 -56.86
N LYS B 818 -14.13 44.06 -56.23
CA LYS B 818 -13.16 45.15 -56.24
C LYS B 818 -11.82 44.69 -55.67
N GLY B 819 -11.84 43.99 -54.54
CA GLY B 819 -10.61 43.52 -53.91
C GLY B 819 -9.83 42.51 -54.75
N ILE B 820 -10.49 41.50 -55.31
CA ILE B 820 -9.77 40.46 -56.04
C ILE B 820 -9.15 40.98 -57.35
N LEU B 821 -9.80 41.94 -57.98
CA LEU B 821 -9.30 42.52 -59.23
C LEU B 821 -8.19 43.53 -58.98
N GLN B 822 -7.93 43.82 -57.71
CA GLN B 822 -6.94 44.77 -57.33
C GLN B 822 -5.57 44.15 -57.37
N GLU B 823 -5.49 42.84 -57.11
CA GLU B 823 -4.19 42.20 -57.05
C GLU B 823 -3.88 41.35 -58.27
N ASN B 824 -4.88 40.66 -58.82
CA ASN B 824 -4.58 39.78 -59.94
C ASN B 824 -5.77 39.59 -60.86
N PRO B 825 -6.11 40.55 -61.74
CA PRO B 825 -7.29 40.55 -62.57
C PRO B 825 -7.19 39.62 -63.80
N GLY B 826 -6.90 38.34 -63.56
CA GLY B 826 -6.78 37.32 -64.58
C GLY B 826 -7.24 35.90 -64.13
N ALA B 827 -8.31 35.81 -63.33
CA ALA B 827 -8.80 34.52 -62.80
C ALA B 827 -10.28 34.29 -63.06
N SER B 828 -10.75 34.61 -64.27
CA SER B 828 -12.14 34.38 -64.64
C SER B 828 -13.11 34.91 -63.60
N TYR B 829 -13.01 36.19 -63.31
CA TYR B 829 -13.74 36.79 -62.21
C TYR B 829 -15.21 37.02 -62.40
N GLU B 830 -15.92 35.92 -62.38
CA GLU B 830 -17.35 35.84 -62.49
C GLU B 830 -17.98 36.12 -61.14
N VAL B 831 -19.11 36.80 -61.17
CA VAL B 831 -19.90 36.95 -59.97
C VAL B 831 -21.22 36.31 -60.33
N ILE B 832 -21.66 35.38 -59.50
CA ILE B 832 -22.88 34.64 -59.76
C ILE B 832 -23.93 34.93 -58.71
N LEU B 833 -23.47 35.36 -57.53
CA LEU B 833 -24.29 35.72 -56.38
C LEU B 833 -24.96 34.52 -55.69
N ASP B 834 -25.69 33.69 -56.43
CA ASP B 834 -26.32 32.52 -55.77
C ASP B 834 -25.30 31.50 -55.23
N GLU B 835 -25.63 30.96 -54.05
CA GLU B 835 -24.74 30.02 -53.31
C GLU B 835 -25.52 28.86 -52.68
N THR B 836 -26.57 28.36 -53.33
CA THR B 836 -27.46 27.30 -52.78
C THR B 836 -27.03 26.07 -53.59
N ILE B 837 -27.36 26.03 -54.88
CA ILE B 837 -26.98 24.89 -55.76
C ILE B 837 -26.39 25.51 -57.03
N ALA B 838 -26.20 26.84 -57.03
CA ALA B 838 -25.62 27.52 -58.21
C ALA B 838 -24.09 27.52 -58.27
N LEU B 839 -23.41 28.17 -57.32
CA LEU B 839 -21.98 28.13 -57.34
C LEU B 839 -21.40 26.92 -56.63
N ASN B 840 -22.09 26.40 -55.61
CA ASN B 840 -21.53 25.25 -54.90
C ASN B 840 -21.85 23.94 -55.58
N LYS B 841 -22.53 24.00 -56.72
CA LYS B 841 -22.86 22.81 -57.49
C LYS B 841 -21.96 22.79 -58.72
N ALA B 842 -21.51 23.96 -59.17
CA ALA B 842 -20.71 24.09 -60.38
C ALA B 842 -19.25 23.67 -60.14
N LEU B 843 -19.07 22.36 -59.97
CA LEU B 843 -17.78 21.72 -59.70
C LEU B 843 -17.22 21.06 -60.97
N ASP B 844 -18.03 21.00 -62.01
CA ASP B 844 -17.67 20.30 -63.24
C ASP B 844 -16.95 21.22 -64.20
N GLN B 845 -16.70 22.42 -63.72
CA GLN B 845 -15.96 23.46 -64.42
C GLN B 845 -14.48 23.38 -64.06
N VAL B 846 -14.13 22.42 -63.19
CA VAL B 846 -12.77 22.20 -62.71
C VAL B 846 -12.30 20.81 -63.15
N GLU B 847 -11.11 20.75 -63.72
CA GLU B 847 -10.54 19.52 -64.26
C GLU B 847 -10.05 18.53 -63.22
N GLU B 848 -9.54 17.41 -63.72
CA GLU B 848 -9.11 16.34 -62.85
C GLU B 848 -8.02 16.77 -61.92
N LYS B 849 -8.15 16.36 -60.68
CA LYS B 849 -7.24 16.63 -59.58
C LYS B 849 -7.21 18.12 -59.20
N GLY B 850 -8.19 18.90 -59.63
CA GLY B 850 -8.23 20.27 -59.19
C GLY B 850 -8.90 20.24 -57.83
N LEU B 851 -8.89 21.38 -57.15
CA LEU B 851 -9.47 21.51 -55.83
C LEU B 851 -10.46 22.67 -55.73
N VAL B 852 -11.65 22.38 -55.22
CA VAL B 852 -12.66 23.41 -55.01
C VAL B 852 -12.80 23.76 -53.54
N VAL B 853 -12.56 25.03 -53.20
CA VAL B 853 -12.63 25.48 -51.83
C VAL B 853 -13.90 26.26 -51.54
N VAL B 854 -14.66 25.75 -50.59
CA VAL B 854 -15.96 26.27 -50.27
C VAL B 854 -15.99 26.96 -48.90
N PHE B 855 -16.49 28.17 -48.92
CA PHE B 855 -16.67 28.99 -47.72
C PHE B 855 -18.16 29.38 -47.67
N PRO B 856 -19.04 28.47 -47.21
CA PRO B 856 -20.48 28.57 -47.23
C PRO B 856 -20.93 29.46 -46.10
N GLU B 857 -22.12 30.04 -46.17
CA GLU B 857 -22.65 30.64 -44.95
C GLU B 857 -23.04 29.52 -43.99
N SER B 858 -23.56 28.44 -44.56
CA SER B 858 -24.01 27.30 -43.77
C SER B 858 -23.31 26.02 -44.17
N VAL B 859 -22.54 25.49 -43.23
CA VAL B 859 -21.76 24.29 -43.43
C VAL B 859 -22.67 23.12 -43.68
N THR B 860 -23.78 23.07 -42.95
CA THR B 860 -24.73 22.00 -43.06
C THR B 860 -25.18 21.84 -44.51
N ARG B 861 -25.40 22.94 -45.22
CA ARG B 861 -25.80 22.80 -46.61
C ARG B 861 -24.62 22.38 -47.46
N ALA B 862 -23.44 22.96 -47.23
CA ALA B 862 -22.29 22.63 -48.08
C ALA B 862 -21.94 21.16 -48.04
N ILE B 863 -22.06 20.54 -46.87
CA ILE B 863 -21.67 19.15 -46.76
C ILE B 863 -22.81 18.22 -47.11
N ASP B 864 -23.99 18.78 -47.40
CA ASP B 864 -25.12 17.98 -47.83
C ASP B 864 -25.07 17.92 -49.34
N LEU B 865 -24.83 19.07 -49.97
CA LEU B 865 -24.79 19.14 -51.43
C LEU B 865 -23.65 18.33 -51.99
N ILE B 866 -22.50 18.37 -51.34
CA ILE B 866 -21.36 17.62 -51.83
C ILE B 866 -21.62 16.10 -51.82
N LYS B 867 -22.60 15.62 -51.03
CA LYS B 867 -22.89 14.21 -50.95
C LYS B 867 -23.81 13.75 -52.07
N VAL B 868 -24.38 14.71 -52.81
CA VAL B 868 -25.33 14.42 -53.88
C VAL B 868 -24.55 13.94 -55.08
N ARG B 869 -23.25 14.19 -55.04
CA ARG B 869 -22.33 13.82 -56.08
C ARG B 869 -21.66 12.46 -55.80
N ASN B 870 -22.12 11.77 -54.75
CA ASN B 870 -21.60 10.46 -54.38
C ASN B 870 -20.09 10.37 -54.14
N PRO B 871 -19.54 11.06 -53.14
CA PRO B 871 -18.13 11.09 -52.76
C PRO B 871 -17.72 9.74 -52.20
N ILE B 872 -16.43 9.48 -52.27
CA ILE B 872 -15.78 8.28 -51.79
C ILE B 872 -15.65 8.25 -50.28
N MET C 1 57.54 37.20 -3.34
CA MET C 1 56.21 36.83 -2.91
C MET C 1 56.20 35.46 -2.28
N LYS C 2 55.75 35.39 -1.04
CA LYS C 2 55.71 34.13 -0.31
C LYS C 2 54.28 33.67 -0.03
N ILE C 3 54.04 32.37 -0.11
CA ILE C 3 52.71 31.87 0.24
C ILE C 3 52.78 31.33 1.65
N LEU C 4 51.93 31.86 2.52
CA LEU C 4 51.94 31.51 3.92
C LEU C 4 50.96 30.39 4.24
N LYS C 5 49.82 30.42 3.59
CA LYS C 5 48.76 29.44 3.87
C LYS C 5 47.85 29.17 2.69
N THR C 6 47.43 27.91 2.50
CA THR C 6 46.46 27.63 1.44
C THR C 6 45.26 26.81 1.97
N LEU C 7 44.05 27.27 1.67
CA LEU C 7 42.83 26.54 2.02
C LEU C 7 42.06 26.11 0.79
N THR C 8 41.49 24.92 0.84
CA THR C 8 40.66 24.46 -0.27
C THR C 8 39.23 24.36 0.24
N LEU C 9 38.32 25.05 -0.41
CA LEU C 9 36.93 25.05 0.02
C LEU C 9 36.13 24.16 -0.90
N ARG C 10 35.26 23.34 -0.30
CA ARG C 10 34.38 22.45 -1.03
C ARG C 10 32.94 22.50 -0.55
N GLY C 11 32.23 23.54 -0.90
CA GLY C 11 30.86 23.72 -0.45
C GLY C 11 30.60 25.19 -0.21
N PRO C 12 29.35 25.60 0.09
CA PRO C 12 28.93 26.98 0.33
C PRO C 12 29.80 27.56 1.38
N ASN C 13 30.20 28.80 1.17
CA ASN C 13 31.13 29.42 2.05
C ASN C 13 30.99 30.92 2.13
N TYR C 14 31.90 31.50 2.88
CA TYR C 14 32.03 32.91 3.13
C TYR C 14 32.16 33.75 1.86
N TRP C 15 32.95 33.29 0.89
CA TRP C 15 33.21 34.05 -0.31
C TRP C 15 32.08 33.96 -1.31
N SER C 16 31.46 32.78 -1.38
CA SER C 16 30.35 32.55 -2.27
C SER C 16 29.48 31.35 -1.88
N ILE C 17 28.18 31.45 -2.09
CA ILE C 17 27.30 30.31 -1.85
C ILE C 17 27.32 29.36 -3.05
N ARG C 18 27.25 29.93 -4.25
CA ARG C 18 27.27 29.16 -5.50
C ARG C 18 28.67 28.67 -5.92
N ARG C 19 29.71 29.44 -5.64
CA ARG C 19 31.03 29.00 -6.09
C ARG C 19 31.61 28.15 -4.97
N LYS C 20 31.29 26.88 -5.08
CA LYS C 20 31.62 25.86 -4.10
C LYS C 20 33.08 25.47 -4.11
N LYS C 21 33.71 25.49 -5.29
CA LYS C 21 35.11 25.08 -5.46
C LYS C 21 36.09 26.22 -5.56
N LEU C 22 36.67 26.60 -4.42
CA LEU C 22 37.57 27.74 -4.36
C LEU C 22 38.86 27.45 -3.62
N ILE C 23 39.94 28.10 -4.04
CA ILE C 23 41.20 28.07 -3.34
C ILE C 23 41.51 29.41 -2.79
N VAL C 24 41.81 29.45 -1.51
CA VAL C 24 42.13 30.69 -0.85
C VAL C 24 43.59 30.67 -0.47
N MET C 25 44.35 31.56 -1.06
CA MET C 25 45.78 31.62 -0.84
C MET C 25 46.15 32.87 -0.05
N ARG C 26 46.90 32.69 1.02
CA ARG C 26 47.35 33.79 1.86
C ARG C 26 48.75 34.16 1.40
N LEU C 27 48.84 35.25 0.66
CA LEU C 27 50.05 35.68 -0.02
C LEU C 27 50.70 36.89 0.65
N ASP C 28 51.97 36.74 1.01
CA ASP C 28 52.75 37.76 1.70
C ASP C 28 53.65 38.56 0.74
N LEU C 29 53.25 39.79 0.44
CA LEU C 29 53.98 40.58 -0.52
C LEU C 29 55.12 41.33 0.17
N GLU C 30 56.20 40.60 0.42
CA GLU C 30 57.37 41.14 1.13
C GLU C 30 57.93 42.33 0.35
N ASP C 31 57.94 42.15 -0.96
CA ASP C 31 58.32 43.15 -1.98
C ASP C 31 57.02 43.49 -2.67
N LEU C 32 57.04 44.38 -3.63
CA LEU C 32 55.90 44.69 -4.50
C LEU C 32 54.73 45.42 -3.83
N ALA C 33 54.52 45.21 -2.54
CA ALA C 33 53.48 45.89 -1.74
C ALA C 33 53.68 47.40 -1.74
N GLU C 34 54.93 47.81 -1.96
CA GLU C 34 55.32 49.21 -2.03
C GLU C 34 55.61 49.66 -3.47
N ARG C 35 55.38 48.80 -4.46
CA ARG C 35 55.71 49.08 -5.85
C ARG C 35 54.56 48.79 -6.82
N PRO C 36 53.59 49.69 -7.01
CA PRO C 36 52.38 49.49 -7.79
C PRO C 36 52.59 49.54 -9.30
N SER C 37 53.37 48.58 -9.81
CA SER C 37 53.69 48.36 -11.24
C SER C 37 54.52 49.42 -11.94
N ASN C 38 54.18 50.67 -11.75
CA ASN C 38 54.88 51.77 -12.40
C ASN C 38 56.27 51.97 -11.81
N SER C 39 56.52 51.23 -10.74
CA SER C 39 57.76 51.17 -9.99
C SER C 39 58.52 49.89 -10.33
N ILE C 40 58.00 49.12 -11.30
CA ILE C 40 58.57 47.87 -11.76
C ILE C 40 58.72 47.95 -13.29
N PRO C 41 59.82 48.51 -13.81
CA PRO C 41 60.00 48.76 -15.21
C PRO C 41 59.87 47.49 -16.03
N GLY C 42 59.14 47.58 -17.14
CA GLY C 42 58.95 46.46 -18.05
C GLY C 42 57.78 45.54 -17.69
N PHE C 43 57.16 45.73 -16.52
CA PHE C 43 56.10 44.81 -16.13
C PHE C 43 54.71 45.15 -16.63
N TYR C 44 54.60 45.15 -17.94
CA TYR C 44 53.37 45.33 -18.67
C TYR C 44 53.55 44.52 -19.92
N GLU C 45 54.60 44.87 -20.66
CA GLU C 45 54.95 44.18 -21.87
C GLU C 45 55.38 42.77 -21.54
N GLY C 46 56.13 42.60 -20.45
CA GLY C 46 56.58 41.27 -20.06
C GLY C 46 55.37 40.39 -19.73
N LEU C 47 54.42 40.92 -18.97
CA LEU C 47 53.31 40.09 -18.58
C LEU C 47 52.45 39.69 -19.78
N ILE C 48 52.20 40.62 -20.68
CA ILE C 48 51.36 40.27 -21.82
C ILE C 48 52.10 39.41 -22.83
N LYS C 49 53.40 39.61 -23.07
CA LYS C 49 54.03 38.74 -24.06
C LYS C 49 54.16 37.30 -23.56
N VAL C 50 54.27 37.10 -22.24
CA VAL C 50 54.36 35.75 -21.71
C VAL C 50 52.99 35.09 -21.83
N LEU C 51 51.94 35.82 -21.46
CA LEU C 51 50.57 35.32 -21.52
C LEU C 51 49.65 36.25 -22.35
N PRO C 52 49.72 36.23 -23.70
CA PRO C 52 49.01 37.10 -24.65
C PRO C 52 47.49 37.08 -24.52
N SER C 53 46.98 36.02 -23.92
CA SER C 53 45.57 35.81 -23.73
C SER C 53 44.95 36.66 -22.63
N LEU C 54 45.77 37.34 -21.79
CA LEU C 54 45.21 38.08 -20.66
C LEU C 54 44.57 39.42 -21.04
N VAL C 55 43.61 39.38 -21.94
CA VAL C 55 42.81 40.50 -22.43
C VAL C 55 41.37 40.19 -22.15
N GLU C 56 41.10 38.92 -21.87
CA GLU C 56 39.70 38.51 -21.68
C GLU C 56 39.25 38.73 -20.26
N HIS C 57 40.13 39.28 -19.46
CA HIS C 57 39.85 39.60 -18.09
C HIS C 57 39.31 41.01 -17.95
N PHE C 58 38.20 41.08 -17.24
CA PHE C 58 37.46 42.27 -16.90
C PHE C 58 37.72 42.48 -15.42
N CYS C 59 37.71 43.72 -14.96
CA CYS C 59 37.92 43.95 -13.54
C CYS C 59 36.86 44.91 -13.08
N SER C 60 37.26 46.01 -12.44
CA SER C 60 36.26 47.01 -12.15
C SER C 60 35.69 47.54 -13.48
N PRO C 61 36.52 47.86 -14.53
CA PRO C 61 36.02 48.26 -15.81
C PRO C 61 35.32 47.06 -16.43
N GLY C 62 34.12 47.27 -16.95
CA GLY C 62 33.33 46.20 -17.59
C GLY C 62 33.69 46.06 -19.07
N TYR C 63 34.98 45.89 -19.32
CA TYR C 63 35.48 45.86 -20.69
C TYR C 63 36.45 44.73 -20.98
N GLN C 64 36.47 44.32 -22.24
CA GLN C 64 37.49 43.39 -22.70
C GLN C 64 38.75 44.21 -22.58
N GLY C 65 39.78 43.65 -21.99
CA GLY C 65 41.00 44.39 -21.81
C GLY C 65 40.95 45.26 -20.55
N GLY C 66 39.85 45.18 -19.77
CA GLY C 66 39.67 45.99 -18.56
C GLY C 66 40.82 45.74 -17.60
N PHE C 67 41.29 44.50 -17.55
CA PHE C 67 42.45 44.17 -16.74
C PHE C 67 43.66 44.94 -17.25
N LEU C 68 43.90 44.86 -18.55
CA LEU C 68 45.07 45.48 -19.19
C LEU C 68 44.99 46.99 -19.28
N GLU C 69 43.81 47.57 -18.99
CA GLU C 69 43.69 49.02 -18.91
C GLU C 69 44.49 49.48 -17.68
N ARG C 70 44.72 48.56 -16.75
CA ARG C 70 45.48 48.77 -15.56
C ARG C 70 46.77 48.00 -15.75
N VAL C 71 47.20 47.22 -14.76
CA VAL C 71 48.48 46.50 -14.75
C VAL C 71 49.66 47.49 -14.69
N LYS C 72 49.77 48.40 -15.67
CA LYS C 72 50.81 49.46 -15.73
C LYS C 72 50.62 50.46 -14.59
N GLU C 73 49.38 50.54 -14.14
CA GLU C 73 48.92 51.32 -13.01
C GLU C 73 48.58 50.20 -12.06
N GLY C 74 49.48 49.90 -11.15
CA GLY C 74 49.34 48.65 -10.46
C GLY C 74 48.32 48.55 -9.39
N THR C 75 48.13 47.30 -9.04
CA THR C 75 47.23 46.78 -8.06
C THR C 75 47.98 46.07 -6.95
N TYR C 76 49.30 46.30 -6.89
CA TYR C 76 50.17 45.68 -5.87
C TYR C 76 50.05 44.17 -5.91
N MET C 77 50.01 43.62 -7.11
CA MET C 77 49.92 42.20 -7.43
C MET C 77 48.57 41.55 -7.06
N GLY C 78 47.58 42.34 -6.64
CA GLY C 78 46.25 41.78 -6.48
C GLY C 78 45.85 41.74 -7.92
N HIS C 79 44.82 41.02 -8.32
CA HIS C 79 44.47 40.93 -9.75
C HIS C 79 45.52 40.18 -10.60
N ILE C 80 46.77 40.55 -10.55
CA ILE C 80 47.76 39.92 -11.37
C ILE C 80 48.01 38.47 -10.96
N VAL C 81 48.25 38.18 -9.68
CA VAL C 81 48.45 36.77 -9.35
C VAL C 81 47.14 35.99 -9.58
N GLU C 82 46.03 36.60 -9.19
CA GLU C 82 44.69 36.06 -9.34
C GLU C 82 44.33 35.71 -10.78
N HIS C 83 44.57 36.64 -11.72
CA HIS C 83 44.21 36.42 -13.11
C HIS C 83 45.17 35.46 -13.77
N VAL C 84 46.44 35.46 -13.37
CA VAL C 84 47.33 34.50 -13.95
C VAL C 84 46.95 33.09 -13.53
N ALA C 85 46.63 32.86 -12.25
CA ALA C 85 46.25 31.50 -11.86
C ALA C 85 45.01 31.05 -12.63
N LEU C 86 44.05 31.95 -12.85
CA LEU C 86 42.87 31.55 -13.60
C LEU C 86 43.20 31.25 -15.05
N GLU C 87 44.09 32.04 -15.67
CA GLU C 87 44.45 31.83 -17.07
C GLU C 87 45.28 30.57 -17.26
N LEU C 88 46.17 30.26 -16.33
CA LEU C 88 46.96 29.07 -16.49
C LEU C 88 46.06 27.84 -16.53
N GLN C 89 44.95 27.86 -15.79
CA GLN C 89 44.02 26.74 -15.85
C GLN C 89 43.27 26.74 -17.19
N GLU C 90 42.89 27.92 -17.70
CA GLU C 90 42.16 28.03 -18.98
C GLU C 90 43.00 27.53 -20.16
N LEU C 91 44.31 27.76 -20.11
CA LEU C 91 45.23 27.36 -21.18
C LEU C 91 45.31 25.85 -21.38
N VAL C 92 44.88 25.07 -20.40
CA VAL C 92 44.92 23.63 -20.50
C VAL C 92 43.52 23.03 -20.53
N GLY C 93 42.51 23.86 -20.74
CA GLY C 93 41.13 23.39 -20.84
C GLY C 93 40.29 23.33 -19.57
N MET C 94 40.78 23.82 -18.44
CA MET C 94 39.99 23.78 -17.22
C MET C 94 39.45 25.15 -17.03
N THR C 95 38.14 25.29 -17.13
CA THR C 95 37.56 26.62 -17.09
C THR C 95 37.17 27.05 -15.70
N ALA C 96 37.69 28.20 -15.31
CA ALA C 96 37.44 28.84 -14.05
C ALA C 96 37.51 30.34 -14.30
N GLY C 97 36.66 31.12 -13.66
CA GLY C 97 36.70 32.57 -13.88
C GLY C 97 36.50 33.44 -12.65
N PHE C 98 35.92 32.89 -11.61
CA PHE C 98 35.71 33.67 -10.41
C PHE C 98 36.98 33.91 -9.63
N GLY C 99 37.10 35.12 -9.12
CA GLY C 99 38.18 35.42 -8.20
C GLY C 99 38.05 36.79 -7.57
N ARG C 100 38.71 36.92 -6.42
CA ARG C 100 38.73 38.12 -5.58
C ARG C 100 40.04 38.30 -4.83
N THR C 101 40.42 39.56 -4.59
CA THR C 101 41.56 39.84 -3.72
C THR C 101 41.16 40.82 -2.61
N ARG C 102 41.53 40.49 -1.36
CA ARG C 102 41.28 41.35 -0.20
C ARG C 102 42.48 41.45 0.73
N GLU C 103 42.80 42.66 1.21
CA GLU C 103 43.94 42.80 2.12
C GLU C 103 43.52 42.41 3.54
N THR C 104 44.40 41.69 4.22
CA THR C 104 44.23 41.26 5.60
C THR C 104 45.43 41.52 6.47
N SER C 105 45.34 41.13 7.74
CA SER C 105 46.43 41.22 8.69
C SER C 105 47.14 42.56 8.67
N THR C 106 48.47 42.48 8.65
CA THR C 106 49.29 43.65 8.53
C THR C 106 49.36 44.01 7.06
N PRO C 107 49.74 45.24 6.69
CA PRO C 107 49.83 45.66 5.32
C PRO C 107 50.72 44.72 4.54
N GLY C 108 50.30 44.40 3.33
CA GLY C 108 51.06 43.52 2.45
C GLY C 108 50.58 42.08 2.42
N VAL C 109 49.74 41.66 3.38
CA VAL C 109 49.27 40.27 3.31
C VAL C 109 47.88 40.22 2.71
N TYR C 110 47.74 39.46 1.64
CA TYR C 110 46.47 39.39 0.94
C TYR C 110 45.86 38.01 0.82
N ASN C 111 44.54 37.99 0.81
CA ASN C 111 43.81 36.77 0.51
C ASN C 111 43.43 36.76 -0.94
N VAL C 112 44.01 35.82 -1.66
CA VAL C 112 43.78 35.67 -3.08
C VAL C 112 42.87 34.49 -3.28
N VAL C 113 41.69 34.73 -3.82
CA VAL C 113 40.72 33.68 -3.95
C VAL C 113 40.43 33.40 -5.40
N TYR C 114 40.55 32.14 -5.81
CA TYR C 114 40.23 31.82 -7.19
C TYR C 114 39.52 30.47 -7.31
N GLU C 115 38.73 30.36 -8.36
CA GLU C 115 37.99 29.16 -8.72
C GLU C 115 38.83 28.05 -9.34
N TYR C 116 38.48 26.79 -9.01
CA TYR C 116 39.16 25.63 -9.57
C TYR C 116 38.20 24.59 -10.12
N VAL C 117 38.71 23.74 -10.99
CA VAL C 117 37.93 22.63 -11.53
C VAL C 117 38.41 21.33 -10.87
N ASP C 118 39.72 21.10 -10.97
CA ASP C 118 40.41 20.00 -10.32
C ASP C 118 41.20 20.55 -9.17
N GLU C 119 41.10 19.91 -8.03
CA GLU C 119 41.75 20.35 -6.82
C GLU C 119 43.27 20.47 -6.87
N GLN C 120 43.97 19.53 -7.52
CA GLN C 120 45.42 19.60 -7.50
C GLN C 120 45.90 20.51 -8.57
N ALA C 121 45.20 20.53 -9.69
CA ALA C 121 45.56 21.43 -10.76
C ALA C 121 45.38 22.87 -10.30
N GLY C 122 44.33 23.13 -9.50
CA GLY C 122 44.04 24.44 -8.98
C GLY C 122 45.18 24.92 -8.10
N ARG C 123 45.60 24.10 -7.14
CA ARG C 123 46.68 24.55 -6.28
C ARG C 123 47.98 24.74 -7.07
N TYR C 124 48.23 23.88 -8.06
CA TYR C 124 49.42 23.96 -8.88
C TYR C 124 49.46 25.31 -9.61
N ALA C 125 48.33 25.71 -10.23
CA ALA C 125 48.24 26.96 -10.98
C ALA C 125 48.50 28.16 -10.09
N GLY C 126 48.08 28.09 -8.83
CA GLY C 126 48.32 29.17 -7.90
C GLY C 126 49.81 29.38 -7.69
N ARG C 127 50.51 28.29 -7.40
CA ARG C 127 51.94 28.38 -7.17
C ARG C 127 52.67 28.84 -8.43
N ALA C 128 52.24 28.33 -9.59
CA ALA C 128 52.85 28.71 -10.84
C ALA C 128 52.63 30.19 -11.15
N ALA C 129 51.44 30.73 -10.83
CA ALA C 129 51.16 32.14 -11.07
C ALA C 129 52.09 33.02 -10.29
N VAL C 130 52.42 32.60 -9.08
CA VAL C 130 53.31 33.39 -8.26
C VAL C 130 54.71 33.36 -8.87
N ARG C 131 55.21 32.19 -9.31
CA ARG C 131 56.55 32.14 -9.91
C ARG C 131 56.66 32.96 -11.19
N LEU C 132 55.62 32.90 -12.03
CA LEU C 132 55.63 33.63 -13.29
C LEU C 132 55.64 35.11 -13.00
N CYS C 133 54.76 35.54 -12.10
CA CYS C 133 54.63 36.93 -11.74
C CYS C 133 55.87 37.45 -11.03
N ARG C 134 56.52 36.61 -10.22
CA ARG C 134 57.71 37.07 -9.53
C ARG C 134 58.88 37.23 -10.49
N SER C 135 59.06 36.32 -11.45
CA SER C 135 60.17 36.47 -12.35
C SER C 135 60.06 37.74 -13.17
N LEU C 136 58.84 38.11 -13.55
CA LEU C 136 58.63 39.29 -14.37
C LEU C 136 58.71 40.63 -13.65
N VAL C 137 58.94 40.62 -12.33
CA VAL C 137 59.09 41.87 -11.59
C VAL C 137 60.53 41.97 -11.09
N ASP C 138 61.36 41.06 -11.62
CA ASP C 138 62.78 40.93 -11.36
C ASP C 138 63.45 41.18 -12.71
N THR C 139 63.13 40.33 -13.68
CA THR C 139 63.60 40.45 -15.05
C THR C 139 62.42 40.87 -15.91
N GLY C 140 62.61 40.98 -17.21
CA GLY C 140 61.54 41.44 -18.09
C GLY C 140 60.79 40.38 -18.90
N ASP C 141 61.09 39.11 -18.67
CA ASP C 141 60.50 38.04 -19.47
C ASP C 141 60.40 36.73 -18.69
N TYR C 142 59.86 35.70 -19.32
CA TYR C 142 59.72 34.39 -18.69
C TYR C 142 60.04 33.34 -19.76
N PRO C 143 61.00 32.42 -19.55
CA PRO C 143 61.43 31.46 -20.55
C PRO C 143 60.28 30.65 -21.06
N ARG C 144 60.24 30.38 -22.36
CA ARG C 144 59.14 29.61 -22.90
C ARG C 144 59.09 28.21 -22.33
N LEU C 145 60.23 27.61 -22.08
CA LEU C 145 60.26 26.24 -21.60
C LEU C 145 59.78 26.14 -20.15
N GLU C 146 59.76 27.26 -19.43
CA GLU C 146 59.33 27.27 -18.05
C GLU C 146 57.83 27.50 -17.99
N LEU C 147 57.22 27.71 -19.16
CA LEU C 147 55.79 27.87 -19.24
C LEU C 147 55.25 26.57 -19.80
N GLU C 148 55.93 26.00 -20.81
CA GLU C 148 55.45 24.78 -21.42
C GLU C 148 55.46 23.61 -20.44
N LYS C 149 56.49 23.50 -19.59
CA LYS C 149 56.49 22.37 -18.67
C LYS C 149 55.38 22.50 -17.61
N ASP C 150 54.99 23.73 -17.26
CA ASP C 150 53.98 23.89 -16.23
C ASP C 150 52.63 23.57 -16.82
N LEU C 151 52.44 23.92 -18.08
CA LEU C 151 51.18 23.62 -18.72
C LEU C 151 51.06 22.09 -18.87
N GLU C 152 52.18 21.40 -19.14
CA GLU C 152 52.13 19.95 -19.23
C GLU C 152 51.74 19.33 -17.89
N ASP C 153 52.27 19.85 -16.77
CA ASP C 153 51.90 19.31 -15.47
C ASP C 153 50.43 19.55 -15.18
N LEU C 154 49.88 20.70 -15.55
CA LEU C 154 48.47 20.91 -15.32
C LEU C 154 47.62 19.96 -16.14
N ARG C 155 48.02 19.68 -17.39
CA ARG C 155 47.25 18.75 -18.20
C ARG C 155 47.24 17.36 -17.60
N ASP C 156 48.37 16.91 -17.04
CA ASP C 156 48.36 15.59 -16.43
C ASP C 156 47.54 15.56 -15.14
N LEU C 157 47.64 16.60 -14.32
CA LEU C 157 46.89 16.62 -13.06
C LEU C 157 45.40 16.59 -13.31
N GLY C 158 44.95 17.27 -14.35
CA GLY C 158 43.55 17.32 -14.68
C GLY C 158 43.04 16.07 -15.41
N ALA C 159 43.95 15.16 -15.77
CA ALA C 159 43.58 13.94 -16.48
C ALA C 159 43.49 12.79 -15.50
N ASN C 160 44.39 12.79 -14.53
CA ASN C 160 44.52 11.70 -13.58
C ASN C 160 43.29 11.54 -12.70
N SER C 161 42.60 12.65 -12.46
CA SER C 161 41.42 12.68 -11.62
C SER C 161 40.11 12.58 -12.38
N ALA C 162 40.16 12.43 -13.69
CA ALA C 162 38.94 12.39 -14.48
C ALA C 162 38.13 11.12 -14.23
N LEU C 163 36.80 11.25 -14.28
CA LEU C 163 35.90 10.12 -14.20
C LEU C 163 35.80 9.50 -15.58
N GLY C 164 35.58 8.20 -15.68
CA GLY C 164 35.39 7.66 -17.02
C GLY C 164 34.04 8.16 -17.53
N PRO C 165 33.81 8.13 -18.85
CA PRO C 165 32.62 8.62 -19.53
C PRO C 165 31.30 7.95 -19.16
N SER C 166 31.34 6.70 -18.66
CA SER C 166 30.09 6.08 -18.28
C SER C 166 29.65 6.59 -16.92
N THR C 167 30.60 7.07 -16.13
CA THR C 167 30.28 7.57 -14.81
C THR C 167 29.82 9.00 -15.00
N GLU C 168 30.48 9.72 -15.91
CA GLU C 168 30.11 11.10 -16.16
C GLU C 168 28.68 11.19 -16.68
N THR C 169 28.29 10.22 -17.50
CA THR C 169 26.94 10.18 -18.07
C THR C 169 25.89 10.06 -16.95
N ILE C 170 26.12 9.17 -15.97
CA ILE C 170 25.16 9.00 -14.88
C ILE C 170 25.19 10.19 -13.92
N VAL C 171 26.39 10.66 -13.58
CA VAL C 171 26.53 11.78 -12.66
C VAL C 171 25.90 13.05 -13.20
N THR C 172 26.05 13.35 -14.49
CA THR C 172 25.47 14.55 -15.06
C THR C 172 23.95 14.53 -14.95
N GLU C 173 23.32 13.39 -15.26
CA GLU C 173 21.87 13.31 -15.14
C GLU C 173 21.45 13.42 -13.67
N ALA C 174 22.23 12.83 -12.75
CA ALA C 174 21.89 12.90 -11.34
C ALA C 174 21.86 14.35 -10.87
N GLU C 175 22.80 15.18 -11.34
CA GLU C 175 22.81 16.58 -10.97
C GLU C 175 21.60 17.33 -11.50
N ALA C 176 21.18 17.01 -12.73
CA ALA C 176 20.01 17.64 -13.34
C ALA C 176 18.74 17.40 -12.50
N ARG C 177 18.68 16.24 -11.86
CA ARG C 177 17.58 15.77 -11.00
C ARG C 177 17.74 16.12 -9.53
N LYS C 178 18.79 16.87 -9.19
CA LYS C 178 19.14 17.29 -7.84
C LYS C 178 19.44 16.14 -6.87
N ILE C 179 20.13 15.09 -7.34
CA ILE C 179 20.52 13.98 -6.50
C ILE C 179 21.96 14.24 -6.08
N PRO C 180 22.30 14.34 -4.78
CA PRO C 180 23.64 14.63 -4.32
C PRO C 180 24.56 13.46 -4.62
N TRP C 181 25.84 13.72 -4.88
CA TRP C 181 26.74 12.62 -5.12
C TRP C 181 28.11 12.86 -4.50
N MET C 182 28.78 11.75 -4.18
CA MET C 182 30.09 11.73 -3.52
C MET C 182 31.02 10.65 -4.04
N LEU C 183 32.31 10.89 -4.03
CA LEU C 183 33.21 9.81 -4.34
C LEU C 183 33.53 9.09 -3.06
N LEU C 184 33.70 7.79 -3.11
CA LEU C 184 34.06 7.02 -1.95
C LEU C 184 35.54 6.68 -1.96
N SER C 185 36.05 6.38 -0.78
CA SER C 185 37.45 6.05 -0.54
C SER C 185 37.98 4.72 -1.07
N ALA C 186 37.11 3.84 -1.57
CA ALA C 186 37.60 2.56 -2.09
C ALA C 186 36.93 2.16 -3.38
N ARG C 187 37.72 1.45 -4.20
CA ARG C 187 37.36 0.78 -5.45
C ARG C 187 36.65 1.63 -6.48
N ALA C 188 36.97 2.91 -6.55
CA ALA C 188 36.37 3.83 -7.50
C ALA C 188 34.84 3.86 -7.46
N MET C 189 34.24 3.72 -6.28
CA MET C 189 32.80 3.77 -6.17
C MET C 189 32.28 5.19 -5.96
N VAL C 190 31.05 5.43 -6.43
CA VAL C 190 30.35 6.70 -6.26
C VAL C 190 29.04 6.50 -5.53
N GLN C 191 28.80 7.32 -4.51
CA GLN C 191 27.55 7.27 -3.76
C GLN C 191 26.56 8.31 -4.26
N LEU C 192 25.31 7.89 -4.41
CA LEU C 192 24.22 8.77 -4.80
C LEU C 192 23.15 8.82 -3.70
N GLY C 193 22.82 10.02 -3.22
CA GLY C 193 21.81 10.18 -2.16
C GLY C 193 22.38 10.15 -0.73
N TYR C 194 21.54 10.46 0.28
CA TYR C 194 21.95 10.49 1.70
C TYR C 194 21.25 9.49 2.61
N GLY C 195 21.95 9.05 3.66
CA GLY C 195 21.40 8.21 4.73
C GLY C 195 20.81 6.92 4.21
N VAL C 196 19.61 6.62 4.67
CA VAL C 196 18.87 5.44 4.24
C VAL C 196 18.47 5.40 2.76
N TYR C 197 18.64 6.48 2.01
CA TYR C 197 18.25 6.46 0.61
C TYR C 197 19.42 6.35 -0.34
N GLN C 198 20.61 6.11 0.20
CA GLN C 198 21.78 6.03 -0.63
C GLN C 198 21.83 4.79 -1.54
N GLN C 199 22.45 4.98 -2.69
CA GLN C 199 22.76 3.96 -3.69
C GLN C 199 24.22 4.07 -4.08
N ARG C 200 24.80 2.99 -4.57
CA ARG C 200 26.17 3.05 -5.07
C ARG C 200 26.27 2.58 -6.49
N ILE C 201 27.17 3.19 -7.24
CA ILE C 201 27.48 2.78 -8.59
C ILE C 201 28.98 2.66 -8.80
N GLN C 202 29.35 1.90 -9.80
CA GLN C 202 30.72 1.81 -10.24
C GLN C 202 30.69 1.62 -11.74
N ALA C 203 30.93 2.68 -12.48
CA ALA C 203 30.78 2.62 -13.93
C ALA C 203 29.36 2.16 -14.27
N THR C 204 29.25 0.98 -14.90
CA THR C 204 27.99 0.41 -15.34
C THR C 204 27.40 -0.69 -14.45
N LEU C 205 28.01 -0.90 -13.27
CA LEU C 205 27.49 -1.81 -12.25
C LEU C 205 26.85 -0.98 -11.15
N SER C 206 25.83 -1.52 -10.50
CA SER C 206 25.19 -0.80 -9.42
C SER C 206 24.83 -1.70 -8.27
N SER C 207 24.29 -1.09 -7.25
CA SER C 207 23.80 -1.74 -6.04
C SER C 207 22.64 -2.71 -6.31
N HIS C 208 22.04 -2.66 -7.51
CA HIS C 208 20.97 -3.55 -7.93
C HIS C 208 21.44 -4.72 -8.80
N SER C 209 22.73 -4.78 -9.09
CA SER C 209 23.26 -5.85 -9.95
C SER C 209 23.71 -7.01 -9.09
N GLY C 210 23.08 -8.16 -9.30
CA GLY C 210 23.37 -9.36 -8.53
C GLY C 210 24.59 -10.08 -9.03
N ILE C 211 25.25 -10.76 -8.11
CA ILE C 211 26.43 -11.52 -8.46
C ILE C 211 26.16 -12.78 -9.26
N LEU C 212 25.06 -13.47 -9.01
CA LEU C 212 24.85 -14.71 -9.73
C LEU C 212 24.64 -14.43 -11.22
N GLY C 213 23.93 -13.34 -11.51
CA GLY C 213 23.65 -12.90 -12.88
C GLY C 213 24.91 -12.48 -13.60
N VAL C 214 25.73 -11.67 -12.93
CA VAL C 214 26.95 -11.19 -13.55
C VAL C 214 27.91 -12.33 -13.81
N GLU C 215 28.07 -13.27 -12.88
CA GLU C 215 28.95 -14.39 -13.15
C GLU C 215 28.45 -15.29 -14.26
N LEU C 216 27.13 -15.53 -14.34
CA LEU C 216 26.61 -16.37 -15.41
C LEU C 216 26.87 -15.74 -16.75
N ALA C 217 26.71 -14.43 -16.85
CA ALA C 217 26.93 -13.69 -18.09
C ALA C 217 28.38 -13.74 -18.57
N CYS C 218 29.32 -14.11 -17.72
CA CYS C 218 30.72 -14.12 -18.10
C CYS C 218 31.16 -15.51 -18.51
N ASP C 219 30.27 -16.47 -18.39
CA ASP C 219 30.48 -17.87 -18.70
C ASP C 219 29.79 -18.19 -20.01
N LYS C 220 30.54 -18.24 -21.12
CA LYS C 220 29.87 -18.40 -22.41
C LYS C 220 29.16 -19.73 -22.57
N GLU C 221 29.72 -20.81 -22.06
CA GLU C 221 29.11 -22.11 -22.15
C GLU C 221 27.87 -22.18 -21.26
N GLY C 222 27.96 -21.58 -20.07
CA GLY C 222 26.86 -21.53 -19.14
C GLY C 222 25.71 -20.73 -19.69
N THR C 223 26.00 -19.57 -20.29
CA THR C 223 24.98 -18.70 -20.83
C THR C 223 24.24 -19.39 -21.96
N LYS C 224 24.97 -20.04 -22.86
CA LYS C 224 24.36 -20.71 -23.98
C LYS C 224 23.45 -21.83 -23.51
N THR C 225 23.87 -22.60 -22.52
CA THR C 225 23.08 -23.70 -22.00
C THR C 225 21.76 -23.19 -21.41
N ILE C 226 21.82 -22.14 -20.61
CA ILE C 226 20.63 -21.58 -20.00
C ILE C 226 19.68 -21.01 -21.03
N LEU C 227 20.18 -20.32 -22.04
CA LEU C 227 19.27 -19.75 -23.01
C LEU C 227 18.66 -20.79 -23.95
N GLN C 228 19.40 -21.80 -24.38
CA GLN C 228 18.74 -22.73 -25.29
C GLN C 228 17.69 -23.58 -24.57
N ASP C 229 17.83 -23.74 -23.25
CA ASP C 229 16.86 -24.46 -22.44
C ASP C 229 15.55 -23.67 -22.27
N ALA C 230 15.57 -22.38 -22.61
CA ALA C 230 14.44 -21.48 -22.50
C ALA C 230 13.78 -21.25 -23.86
N GLY C 231 14.26 -21.93 -24.91
CA GLY C 231 13.71 -21.75 -26.24
C GLY C 231 14.25 -20.51 -26.97
N ILE C 232 15.43 -20.01 -26.59
CA ILE C 232 16.02 -18.82 -27.20
C ILE C 232 17.07 -19.21 -28.27
N PRO C 233 17.01 -18.69 -29.52
CA PRO C 233 17.95 -19.02 -30.60
C PRO C 233 19.38 -18.53 -30.37
N VAL C 234 20.31 -19.48 -30.43
CA VAL C 234 21.73 -19.26 -30.22
C VAL C 234 22.47 -20.02 -31.34
N PRO C 235 23.74 -19.74 -31.64
CA PRO C 235 24.54 -20.44 -32.61
C PRO C 235 24.76 -21.91 -32.30
N ARG C 236 24.77 -22.74 -33.33
CA ARG C 236 25.06 -24.17 -33.22
C ARG C 236 26.58 -24.45 -33.26
N GLY C 237 27.12 -25.28 -32.37
CA GLY C 237 28.58 -25.54 -32.41
C GLY C 237 29.01 -26.63 -31.43
N THR C 238 30.34 -26.88 -31.34
CA THR C 238 30.88 -27.97 -30.51
C THR C 238 32.16 -27.66 -29.72
N THR C 239 32.69 -28.71 -29.09
CA THR C 239 33.93 -28.67 -28.31
C THR C 239 34.96 -29.71 -28.79
N ILE C 240 36.09 -29.23 -29.31
CA ILE C 240 37.16 -30.12 -29.77
C ILE C 240 38.42 -29.69 -29.07
N GLN C 241 39.03 -30.53 -28.24
CA GLN C 241 40.23 -30.05 -27.53
C GLN C 241 41.52 -30.25 -28.30
N TYR C 242 41.58 -29.54 -29.42
CA TYR C 242 42.66 -29.48 -30.38
C TYR C 242 43.09 -30.82 -30.95
N PHE C 243 42.11 -31.62 -31.31
CA PHE C 243 42.29 -32.89 -31.98
C PHE C 243 41.91 -32.63 -33.39
N ASP C 244 42.49 -33.31 -34.36
CA ASP C 244 42.09 -33.00 -35.73
C ASP C 244 40.79 -33.73 -36.09
N ASP C 245 39.69 -33.25 -35.48
CA ASP C 245 38.33 -33.78 -35.62
C ASP C 245 37.42 -32.80 -36.36
N LEU C 246 37.99 -31.74 -36.88
CA LEU C 246 37.20 -30.69 -37.53
C LEU C 246 36.45 -31.21 -38.74
N GLU C 247 37.08 -32.12 -39.47
CA GLU C 247 36.50 -32.69 -40.67
C GLU C 247 35.26 -33.53 -40.38
N GLU C 248 35.06 -33.93 -39.11
CA GLU C 248 33.89 -34.69 -38.76
C GLU C 248 32.88 -33.75 -38.08
N ALA C 249 33.37 -32.78 -37.30
CA ALA C 249 32.51 -31.87 -36.55
C ALA C 249 31.58 -31.11 -37.46
N ILE C 250 32.06 -30.78 -38.65
CA ILE C 250 31.24 -30.05 -39.60
C ILE C 250 29.98 -30.87 -39.99
N ASN C 251 29.98 -32.18 -39.78
CA ASN C 251 28.81 -32.98 -40.12
C ASN C 251 27.68 -32.74 -39.11
N ASP C 252 28.02 -32.35 -37.87
CA ASP C 252 27.03 -32.11 -36.85
C ASP C 252 26.61 -30.64 -36.87
N VAL C 253 27.54 -29.79 -37.25
CA VAL C 253 27.35 -28.34 -37.28
C VAL C 253 26.61 -27.83 -38.51
N GLY C 254 26.94 -28.30 -39.71
CA GLY C 254 26.27 -27.81 -40.93
C GLY C 254 27.20 -27.51 -42.11
N GLY C 255 28.28 -28.27 -42.27
CA GLY C 255 29.18 -28.10 -43.39
C GLY C 255 30.31 -27.13 -43.05
N TYR C 256 31.06 -26.72 -44.07
CA TYR C 256 32.22 -25.87 -43.86
C TYR C 256 32.02 -24.43 -43.42
N PRO C 257 30.94 -23.69 -43.74
CA PRO C 257 30.80 -22.29 -43.37
C PRO C 257 30.70 -22.20 -41.87
N VAL C 258 31.87 -22.19 -41.23
CA VAL C 258 31.98 -22.19 -39.78
C VAL C 258 32.90 -21.13 -39.23
N VAL C 259 32.76 -20.91 -37.94
CA VAL C 259 33.56 -19.99 -37.17
C VAL C 259 34.45 -20.72 -36.17
N ILE C 260 35.75 -20.47 -36.24
CA ILE C 260 36.68 -21.11 -35.31
C ILE C 260 37.37 -20.11 -34.40
N LYS C 261 37.12 -20.24 -33.11
CA LYS C 261 37.69 -19.34 -32.12
C LYS C 261 38.67 -20.11 -31.26
N PRO C 262 39.64 -19.46 -30.60
CA PRO C 262 40.55 -20.07 -29.66
C PRO C 262 39.62 -20.53 -28.62
N LEU C 263 39.88 -21.65 -27.99
CA LEU C 263 38.89 -22.05 -27.04
C LEU C 263 38.76 -21.11 -25.84
N ASP C 264 39.85 -20.53 -25.35
CA ASP C 264 39.69 -19.63 -24.20
C ASP C 264 39.43 -18.18 -24.64
N GLY C 265 39.25 -17.30 -23.66
CA GLY C 265 39.01 -15.89 -23.92
C GLY C 265 40.22 -15.01 -23.66
N ASN C 266 40.99 -14.72 -24.71
CA ASN C 266 42.18 -13.90 -24.56
C ASN C 266 42.27 -12.90 -25.69
N HIS C 267 41.36 -11.93 -25.67
CA HIS C 267 41.22 -10.90 -26.71
C HIS C 267 40.75 -11.46 -28.04
N GLY C 268 40.39 -10.55 -28.94
CA GLY C 268 39.83 -10.92 -30.26
C GLY C 268 40.90 -11.33 -31.25
N ARG C 269 41.61 -12.41 -30.93
CA ARG C 269 42.74 -12.86 -31.71
C ARG C 269 42.68 -14.35 -32.01
N GLY C 270 43.17 -14.74 -33.20
CA GLY C 270 43.19 -16.16 -33.58
C GLY C 270 41.81 -16.64 -34.00
N ILE C 271 40.98 -15.71 -34.49
CA ILE C 271 39.62 -16.04 -34.87
C ILE C 271 39.36 -15.98 -36.35
N THR C 272 38.83 -17.08 -36.89
CA THR C 272 38.45 -17.09 -38.30
C THR C 272 36.94 -17.13 -38.36
N ILE C 273 36.37 -16.12 -39.02
CA ILE C 273 34.92 -16.00 -39.11
C ILE C 273 34.28 -16.86 -40.19
N ASN C 274 34.85 -16.93 -41.36
CA ASN C 274 34.16 -17.76 -42.35
C ASN C 274 35.12 -18.71 -43.03
N VAL C 275 35.14 -19.94 -42.52
CA VAL C 275 35.95 -21.03 -43.00
C VAL C 275 35.15 -21.69 -44.10
N ARG C 276 35.75 -21.91 -45.25
CA ARG C 276 35.08 -22.55 -46.35
C ARG C 276 35.75 -23.86 -46.79
N HIS C 277 37.03 -24.04 -46.46
CA HIS C 277 37.77 -25.21 -46.92
C HIS C 277 38.55 -25.93 -45.80
N TRP C 278 38.89 -27.20 -46.05
CA TRP C 278 39.57 -28.03 -45.06
C TRP C 278 40.87 -27.41 -44.55
N GLN C 279 41.69 -26.91 -45.46
CA GLN C 279 42.96 -26.33 -45.06
C GLN C 279 42.82 -25.02 -44.31
N GLU C 280 41.66 -24.37 -44.44
CA GLU C 280 41.45 -23.11 -43.77
C GLU C 280 41.09 -23.45 -42.36
N ALA C 281 40.34 -24.54 -42.21
CA ALA C 281 39.94 -25.00 -40.90
C ALA C 281 41.19 -25.34 -40.11
N ILE C 282 42.19 -25.92 -40.79
CA ILE C 282 43.44 -26.25 -40.14
C ILE C 282 44.22 -24.99 -39.81
N ALA C 283 44.28 -24.02 -40.71
CA ALA C 283 45.02 -22.83 -40.28
C ALA C 283 44.37 -22.23 -39.04
N ALA C 284 43.02 -22.21 -38.99
CA ALA C 284 42.33 -21.67 -37.83
C ALA C 284 42.60 -22.52 -36.60
N TYR C 285 42.67 -23.83 -36.77
CA TYR C 285 42.95 -24.82 -35.73
C TYR C 285 44.29 -24.53 -35.07
N ASP C 286 45.32 -24.33 -35.90
CA ASP C 286 46.66 -24.07 -35.42
C ASP C 286 46.73 -22.78 -34.61
N LEU C 287 45.92 -21.77 -34.98
CA LEU C 287 45.89 -20.53 -34.22
C LEU C 287 45.07 -20.72 -32.95
N ALA C 288 43.97 -21.46 -33.05
CA ALA C 288 43.10 -21.66 -31.91
C ALA C 288 43.87 -22.34 -30.78
N ALA C 289 44.76 -23.25 -31.18
CA ALA C 289 45.59 -24.11 -30.34
C ALA C 289 46.51 -23.33 -29.40
N GLU C 290 46.71 -22.05 -29.66
CA GLU C 290 47.54 -21.23 -28.80
C GLU C 290 46.93 -21.06 -27.40
N GLU C 291 45.59 -21.07 -27.28
CA GLU C 291 44.89 -20.84 -26.02
C GLU C 291 44.43 -22.13 -25.32
N SER C 292 44.11 -22.05 -24.01
CA SER C 292 43.67 -23.22 -23.24
C SER C 292 42.45 -23.93 -23.84
N LYS C 293 42.50 -25.26 -23.79
CA LYS C 293 41.50 -26.18 -24.38
C LYS C 293 40.17 -26.45 -23.66
N ILE C 297 33.83 -23.53 -27.92
CA ILE C 297 33.51 -22.52 -28.93
C ILE C 297 34.20 -22.76 -30.29
N ILE C 298 34.18 -24.00 -30.75
CA ILE C 298 34.85 -24.32 -32.01
C ILE C 298 33.83 -24.89 -33.01
N VAL C 299 34.08 -24.64 -34.28
CA VAL C 299 33.22 -25.07 -35.37
C VAL C 299 31.80 -24.60 -35.14
N GLU C 300 31.58 -23.30 -35.00
CA GLU C 300 30.20 -22.88 -34.89
C GLU C 300 29.68 -22.65 -36.27
N ARG C 301 28.41 -22.83 -36.46
CA ARG C 301 27.87 -22.51 -37.76
C ARG C 301 28.04 -21.01 -37.94
N TYR C 302 28.38 -20.61 -39.16
CA TYR C 302 28.47 -19.20 -39.52
C TYR C 302 27.10 -18.68 -39.93
N TYR C 303 26.71 -17.55 -39.36
CA TYR C 303 25.43 -16.93 -39.69
C TYR C 303 25.68 -15.61 -40.38
N GLU C 304 24.85 -15.26 -41.35
CA GLU C 304 25.03 -13.99 -42.04
C GLU C 304 24.20 -12.89 -41.40
N GLY C 305 24.69 -11.66 -41.48
CA GLY C 305 23.95 -10.53 -40.97
C GLY C 305 24.87 -9.47 -40.41
N SER C 306 24.29 -8.45 -39.82
CA SER C 306 25.03 -7.36 -39.23
C SER C 306 25.09 -7.56 -37.74
N ASP C 307 26.06 -6.91 -37.10
CA ASP C 307 26.23 -6.94 -35.65
C ASP C 307 25.46 -5.82 -34.94
N HIS C 308 24.43 -6.20 -34.19
CA HIS C 308 23.59 -5.23 -33.51
C HIS C 308 23.75 -5.30 -32.00
N ARG C 309 23.82 -4.14 -31.38
CA ARG C 309 23.87 -4.05 -29.93
C ARG C 309 22.58 -3.53 -29.36
N VAL C 310 21.97 -4.32 -28.49
CA VAL C 310 20.71 -3.96 -27.87
C VAL C 310 20.92 -3.70 -26.38
N LEU C 311 20.48 -2.53 -25.92
CA LEU C 311 20.60 -2.16 -24.51
C LEU C 311 19.26 -2.26 -23.77
N VAL C 312 19.25 -3.08 -22.71
CA VAL C 312 18.08 -3.32 -21.86
C VAL C 312 18.44 -2.88 -20.43
N VAL C 313 17.61 -2.04 -19.78
CA VAL C 313 17.97 -1.54 -18.43
C VAL C 313 17.20 -2.10 -17.24
N ASN C 314 15.91 -2.21 -17.29
CA ASN C 314 15.22 -2.74 -16.11
C ASN C 314 14.18 -3.74 -16.57
N GLY C 315 14.61 -4.65 -17.43
CA GLY C 315 13.69 -5.60 -18.04
C GLY C 315 12.91 -4.91 -19.15
N LYS C 316 13.44 -3.77 -19.59
CA LYS C 316 12.84 -2.93 -20.61
C LYS C 316 13.88 -2.37 -21.58
N LEU C 317 13.58 -2.46 -22.88
CA LEU C 317 14.47 -1.96 -23.93
C LEU C 317 14.65 -0.44 -23.97
N VAL C 318 15.92 -0.02 -24.02
CA VAL C 318 16.29 1.39 -24.09
C VAL C 318 16.85 1.83 -25.45
N ALA C 319 17.79 1.08 -26.03
CA ALA C 319 18.39 1.52 -27.29
C ALA C 319 18.91 0.39 -28.16
N VAL C 320 18.94 0.61 -29.49
CA VAL C 320 19.52 -0.36 -30.43
C VAL C 320 20.50 0.31 -31.40
N ALA C 321 21.70 -0.24 -31.58
CA ALA C 321 22.66 0.33 -32.54
C ALA C 321 23.32 -0.72 -33.41
N GLU C 322 23.50 -0.38 -34.68
CA GLU C 322 24.18 -1.24 -35.64
C GLU C 322 25.65 -0.89 -35.73
N ARG C 323 26.51 -1.88 -35.54
CA ARG C 323 27.94 -1.66 -35.51
C ARG C 323 28.67 -2.17 -36.74
N ILE C 324 29.43 -1.28 -37.37
CA ILE C 324 30.16 -1.59 -38.59
C ILE C 324 31.67 -1.31 -38.43
N PRO C 325 32.57 -2.25 -38.79
CA PRO C 325 34.02 -2.14 -38.70
C PRO C 325 34.61 -1.11 -39.64
N ALA C 326 35.79 -0.60 -39.27
CA ALA C 326 36.53 0.41 -40.04
C ALA C 326 36.71 -0.04 -41.47
N HIS C 327 36.45 0.87 -42.40
CA HIS C 327 36.53 0.54 -43.81
C HIS C 327 36.70 1.72 -44.73
N VAL C 328 37.05 1.40 -45.96
CA VAL C 328 37.10 2.36 -47.06
C VAL C 328 36.32 1.80 -48.22
N THR C 329 35.88 2.66 -49.13
CA THR C 329 35.15 2.17 -50.27
C THR C 329 35.70 2.70 -51.57
N GLY C 330 35.28 2.09 -52.66
CA GLY C 330 35.68 2.46 -54.02
C GLY C 330 35.10 3.80 -54.47
N ASP C 331 35.54 4.85 -53.79
CA ASP C 331 35.15 6.22 -54.01
C ASP C 331 36.03 6.78 -55.12
N GLY C 332 35.80 6.25 -56.31
CA GLY C 332 36.59 6.56 -57.48
C GLY C 332 37.76 5.60 -57.61
N SER C 333 38.52 5.72 -58.69
CA SER C 333 39.63 4.79 -58.98
C SER C 333 40.91 5.15 -58.23
N SER C 334 40.84 5.02 -56.91
CA SER C 334 41.93 5.34 -55.99
C SER C 334 42.37 4.10 -55.25
N THR C 335 43.60 4.11 -54.73
CA THR C 335 44.09 2.97 -53.99
C THR C 335 43.63 3.00 -52.58
N ILE C 336 43.81 1.89 -51.86
CA ILE C 336 43.44 1.88 -50.46
C ILE C 336 44.25 2.90 -49.66
N SER C 337 45.58 2.99 -49.85
CA SER C 337 46.25 3.98 -49.02
C SER C 337 45.78 5.40 -49.34
N GLU C 338 45.38 5.65 -50.59
CA GLU C 338 44.85 6.96 -50.97
C GLU C 338 43.47 7.20 -50.37
N LEU C 339 42.63 6.17 -50.35
CA LEU C 339 41.29 6.25 -49.80
C LEU C 339 41.34 6.45 -48.31
N ILE C 340 42.29 5.83 -47.63
CA ILE C 340 42.40 6.03 -46.21
C ILE C 340 42.78 7.47 -45.96
N GLU C 341 43.74 8.00 -46.69
CA GLU C 341 44.11 9.37 -46.42
C GLU C 341 42.95 10.31 -46.74
N LYS C 342 42.17 10.02 -47.78
CA LYS C 342 41.03 10.86 -48.14
C LYS C 342 39.93 10.88 -47.06
N THR C 343 39.58 9.71 -46.49
CA THR C 343 38.49 9.68 -45.52
C THR C 343 38.95 9.90 -44.08
N ASN C 344 40.24 9.76 -43.81
CA ASN C 344 40.73 9.92 -42.46
C ASN C 344 40.91 11.40 -42.12
N GLN C 345 40.59 12.26 -43.08
CA GLN C 345 40.61 13.72 -42.92
C GLN C 345 39.25 14.25 -42.52
N ASP C 346 38.25 13.37 -42.41
CA ASP C 346 36.91 13.75 -42.03
C ASP C 346 36.98 14.43 -40.66
N PRO C 347 36.45 15.66 -40.49
CA PRO C 347 36.51 16.49 -39.28
C PRO C 347 35.82 15.87 -38.07
N ASN C 348 35.06 14.80 -38.26
CA ASN C 348 34.37 14.18 -37.17
C ASN C 348 35.18 12.99 -36.64
N ARG C 349 36.45 12.92 -37.06
CA ARG C 349 37.36 11.83 -36.62
C ARG C 349 38.45 12.38 -35.71
N GLY C 350 38.27 12.25 -34.39
CA GLY C 350 39.26 12.76 -33.41
C GLY C 350 39.96 12.13 -32.22
N ASP C 351 41.13 11.52 -32.46
CA ASP C 351 41.91 10.87 -31.37
C ASP C 351 41.24 9.83 -30.49
N GLY C 352 41.36 9.98 -29.16
CA GLY C 352 40.76 9.04 -28.20
C GLY C 352 39.60 9.50 -27.33
N HIS C 353 38.37 9.19 -27.75
CA HIS C 353 37.15 9.57 -26.99
C HIS C 353 36.91 11.07 -27.10
N ASP C 354 37.70 11.71 -27.91
CA ASP C 354 37.62 13.18 -28.22
C ASP C 354 36.57 13.64 -29.26
N ASN C 355 36.34 12.90 -30.35
CA ASN C 355 35.47 13.33 -31.48
C ASN C 355 34.52 12.14 -31.63
N ILE C 356 33.46 12.18 -32.43
CA ILE C 356 32.64 10.99 -32.61
C ILE C 356 33.27 9.69 -33.08
N LEU C 357 34.03 9.81 -34.16
CA LEU C 357 34.73 8.75 -34.83
C LEU C 357 36.20 8.85 -34.55
N THR C 358 36.95 7.80 -34.81
CA THR C 358 38.37 7.94 -34.64
C THR C 358 39.10 7.62 -35.92
N LYS C 359 40.40 7.70 -35.86
CA LYS C 359 41.26 7.53 -37.00
C LYS C 359 41.45 6.09 -37.44
N ILE C 360 41.64 5.92 -38.74
CA ILE C 360 41.96 4.65 -39.32
C ILE C 360 43.46 4.44 -39.31
N VAL C 361 43.87 3.35 -38.71
CA VAL C 361 45.26 3.00 -38.57
C VAL C 361 45.52 1.64 -39.20
N VAL C 362 46.54 1.57 -40.04
CA VAL C 362 46.88 0.30 -40.66
C VAL C 362 48.17 -0.22 -40.10
N ASN C 363 48.15 -1.52 -39.86
CA ASN C 363 49.19 -2.34 -39.28
C ASN C 363 49.13 -3.70 -39.94
N LYS C 364 50.01 -4.61 -39.54
CA LYS C 364 50.05 -5.96 -40.13
C LYS C 364 48.73 -6.70 -40.00
N THR C 365 47.91 -6.35 -39.02
CA THR C 365 46.64 -7.01 -38.82
C THR C 365 45.60 -6.46 -39.79
N ALA C 366 45.77 -5.22 -40.25
CA ALA C 366 44.85 -4.63 -41.21
C ALA C 366 45.18 -5.22 -42.54
N ILE C 367 46.47 -5.48 -42.74
CA ILE C 367 46.93 -6.04 -43.98
C ILE C 367 46.41 -7.45 -44.07
N ASP C 368 46.52 -8.23 -43.00
CA ASP C 368 46.01 -9.59 -43.03
C ASP C 368 44.50 -9.58 -43.42
N VAL C 369 43.72 -8.63 -42.86
CA VAL C 369 42.30 -8.53 -43.21
C VAL C 369 42.13 -8.16 -44.69
N MET C 370 42.90 -7.19 -45.19
CA MET C 370 42.80 -6.79 -46.59
C MET C 370 43.24 -7.88 -47.57
N GLU C 371 44.27 -8.66 -47.23
CA GLU C 371 44.75 -9.71 -48.12
C GLU C 371 43.67 -10.75 -48.37
N ARG C 372 42.88 -11.07 -47.34
CA ARG C 372 41.81 -12.04 -47.49
C ARG C 372 40.71 -11.59 -48.45
N GLN C 373 40.63 -10.29 -48.71
CA GLN C 373 39.62 -9.71 -49.57
C GLN C 373 40.18 -9.56 -50.99
N GLY C 374 41.46 -9.89 -51.17
CA GLY C 374 42.14 -9.73 -52.45
C GLY C 374 42.76 -8.35 -52.67
N TYR C 375 43.00 -7.58 -51.60
CA TYR C 375 43.54 -6.23 -51.75
C TYR C 375 44.70 -5.91 -50.82
N ASN C 376 45.48 -4.91 -51.18
CA ASN C 376 46.54 -4.39 -50.33
C ASN C 376 46.58 -2.86 -50.48
N LEU C 377 47.48 -2.19 -49.78
CA LEU C 377 47.50 -0.72 -49.78
C LEU C 377 47.69 -0.05 -51.14
N ASP C 378 48.37 -0.70 -52.07
CA ASP C 378 48.58 -0.09 -53.37
C ASP C 378 47.54 -0.55 -54.41
N SER C 379 46.53 -1.31 -53.98
CA SER C 379 45.51 -1.80 -54.89
C SER C 379 44.43 -0.77 -55.10
N VAL C 380 43.91 -0.69 -56.32
CA VAL C 380 42.78 0.19 -56.67
C VAL C 380 41.47 -0.54 -56.54
N LEU C 381 40.52 0.08 -55.86
CA LEU C 381 39.25 -0.62 -55.70
C LEU C 381 38.29 -0.27 -56.84
N PRO C 382 37.50 -1.23 -57.33
CA PRO C 382 36.41 -1.04 -58.29
C PRO C 382 35.38 -0.11 -57.70
N LYS C 383 34.70 0.65 -58.54
CA LYS C 383 33.68 1.55 -58.04
C LYS C 383 32.68 0.84 -57.15
N ASP C 384 32.44 1.45 -55.98
CA ASP C 384 31.51 1.02 -54.93
C ASP C 384 31.90 -0.27 -54.18
N GLU C 385 33.12 -0.75 -54.37
CA GLU C 385 33.65 -1.90 -53.64
C GLU C 385 33.88 -1.52 -52.19
N VAL C 386 33.58 -2.42 -51.25
CA VAL C 386 33.84 -2.09 -49.85
C VAL C 386 34.91 -3.00 -49.26
N VAL C 387 35.96 -2.38 -48.73
CA VAL C 387 37.06 -3.13 -48.12
C VAL C 387 37.20 -2.79 -46.65
N TYR C 388 37.19 -3.84 -45.86
CA TYR C 388 37.29 -3.68 -44.42
C TYR C 388 38.71 -3.73 -43.95
N LEU C 389 39.04 -2.89 -42.99
CA LEU C 389 40.37 -2.84 -42.42
C LEU C 389 40.47 -3.55 -41.07
N ARG C 390 39.33 -4.06 -40.59
CA ARG C 390 39.18 -4.75 -39.32
C ARG C 390 38.19 -5.90 -39.43
N ALA C 391 38.44 -6.96 -38.66
CA ALA C 391 37.52 -8.10 -38.62
C ALA C 391 36.26 -7.86 -37.77
N THR C 392 36.34 -7.00 -36.76
CA THR C 392 35.21 -6.76 -35.86
C THR C 392 34.91 -5.28 -35.74
N ALA C 393 33.68 -4.95 -35.32
CA ALA C 393 33.29 -3.56 -35.15
C ALA C 393 33.59 -3.01 -33.77
N ASN C 394 34.13 -1.80 -33.74
CA ASN C 394 34.46 -1.05 -32.53
C ASN C 394 34.68 0.43 -32.89
N LEU C 395 33.97 1.34 -32.23
CA LEU C 395 34.13 2.76 -32.53
C LEU C 395 35.55 3.24 -32.26
N SER C 396 36.20 2.66 -31.27
CA SER C 396 37.56 3.06 -30.88
C SER C 396 38.60 2.63 -31.89
N THR C 397 38.25 1.78 -32.86
CA THR C 397 39.19 1.32 -33.86
C THR C 397 38.89 1.97 -35.20
N GLY C 398 37.94 2.92 -35.22
CA GLY C 398 37.61 3.62 -36.46
C GLY C 398 36.32 3.19 -37.16
N GLY C 399 35.47 2.38 -36.50
CA GLY C 399 34.22 1.97 -37.11
C GLY C 399 33.12 3.00 -36.87
N ILE C 400 31.90 2.62 -37.17
CA ILE C 400 30.76 3.51 -37.03
C ILE C 400 29.63 2.84 -36.23
N ALA C 401 28.69 3.65 -35.74
CA ALA C 401 27.52 3.13 -35.04
C ALA C 401 26.30 3.90 -35.48
N ILE C 402 25.29 3.15 -35.91
CA ILE C 402 24.06 3.72 -36.42
C ILE C 402 22.87 3.44 -35.53
N ASP C 403 22.17 4.48 -35.10
CA ASP C 403 20.99 4.27 -34.26
C ASP C 403 19.86 3.63 -35.05
N ARG C 404 19.36 2.49 -34.55
CA ARG C 404 18.27 1.73 -35.18
C ARG C 404 17.19 1.49 -34.16
N THR C 405 17.07 2.37 -33.19
CA THR C 405 16.17 2.13 -32.06
C THR C 405 14.72 2.05 -32.43
N ASP C 406 14.29 2.84 -33.40
CA ASP C 406 12.90 2.87 -33.75
C ASP C 406 12.53 1.88 -34.87
N ASP C 407 13.49 1.08 -35.32
CA ASP C 407 13.25 0.13 -36.41
C ASP C 407 13.09 -1.32 -35.94
N ILE C 408 13.07 -1.54 -34.64
CA ILE C 408 13.02 -2.90 -34.12
C ILE C 408 11.59 -3.42 -33.97
N HIS C 409 11.37 -4.62 -34.52
CA HIS C 409 10.08 -5.30 -34.50
C HIS C 409 9.61 -5.66 -33.08
N PRO C 410 8.31 -5.49 -32.72
CA PRO C 410 7.71 -5.83 -31.43
C PRO C 410 7.99 -7.23 -30.89
N GLU C 411 8.17 -8.21 -31.76
CA GLU C 411 8.45 -9.54 -31.27
C GLU C 411 9.90 -9.62 -30.85
N ASN C 412 10.77 -8.88 -31.52
CA ASN C 412 12.17 -8.91 -31.20
C ASN C 412 12.36 -8.15 -29.90
N ILE C 413 11.50 -7.16 -29.64
CA ILE C 413 11.61 -6.41 -28.40
C ILE C 413 11.29 -7.36 -27.25
N TRP C 414 10.22 -8.13 -27.41
CA TRP C 414 9.80 -9.10 -26.42
C TRP C 414 10.89 -10.13 -26.13
N LEU C 415 11.52 -10.66 -27.16
CA LEU C 415 12.57 -11.62 -26.96
C LEU C 415 13.77 -11.05 -26.20
N MET C 416 14.20 -9.83 -26.52
CA MET C 416 15.37 -9.26 -25.86
C MET C 416 15.14 -9.06 -24.37
N GLU C 417 13.95 -8.63 -24.01
CA GLU C 417 13.64 -8.43 -22.60
C GLU C 417 13.60 -9.77 -21.86
N ARG C 418 13.08 -10.82 -22.52
CA ARG C 418 13.05 -12.15 -21.92
C ARG C 418 14.46 -12.67 -21.68
N VAL C 419 15.41 -12.40 -22.60
CA VAL C 419 16.80 -12.86 -22.43
C VAL C 419 17.44 -12.25 -21.20
N ALA C 420 17.28 -10.94 -20.99
CA ALA C 420 17.88 -10.31 -19.83
C ALA C 420 17.35 -10.89 -18.51
N LYS C 421 16.05 -11.20 -18.48
CA LYS C 421 15.39 -11.77 -17.30
C LYS C 421 15.83 -13.20 -17.02
N VAL C 422 16.02 -14.00 -18.05
CA VAL C 422 16.49 -15.39 -17.93
C VAL C 422 17.90 -15.44 -17.34
N ILE C 423 18.79 -14.57 -17.81
CA ILE C 423 20.15 -14.51 -17.28
C ILE C 423 20.32 -13.60 -16.06
N GLY C 424 19.23 -13.14 -15.46
CA GLY C 424 19.37 -12.29 -14.30
C GLY C 424 20.17 -11.02 -14.13
N LEU C 425 20.22 -10.23 -15.20
CA LEU C 425 21.01 -8.98 -15.20
C LEU C 425 20.09 -7.77 -15.36
N ASP C 426 20.31 -6.71 -14.57
CA ASP C 426 19.55 -5.50 -14.82
C ASP C 426 20.02 -4.66 -15.99
N ILE C 427 21.28 -4.25 -15.98
CA ILE C 427 21.76 -3.50 -17.13
C ILE C 427 22.57 -4.44 -17.99
N ALA C 428 22.09 -4.65 -19.21
CA ALA C 428 22.71 -5.62 -20.10
C ALA C 428 22.80 -5.21 -21.54
N GLY C 429 23.90 -5.61 -22.16
CA GLY C 429 24.05 -5.46 -23.59
C GLY C 429 23.84 -6.81 -24.25
N ILE C 430 23.08 -6.86 -25.31
CA ILE C 430 22.87 -8.12 -26.00
C ILE C 430 23.38 -8.01 -27.43
N ASP C 431 24.25 -8.94 -27.82
CA ASP C 431 24.83 -8.98 -29.16
C ASP C 431 24.04 -9.91 -30.07
N VAL C 432 23.44 -9.33 -31.10
CA VAL C 432 22.57 -10.02 -32.04
C VAL C 432 23.07 -9.97 -33.47
N VAL C 433 23.04 -11.11 -34.15
CA VAL C 433 23.42 -11.14 -35.56
C VAL C 433 22.19 -11.40 -36.42
N THR C 434 21.90 -10.43 -37.27
CA THR C 434 20.73 -10.49 -38.14
C THR C 434 20.87 -9.62 -39.36
N SER C 435 20.23 -10.02 -40.43
CA SER C 435 20.23 -9.21 -41.63
C SER C 435 19.19 -8.10 -41.61
N ASP C 436 18.16 -8.24 -40.77
CA ASP C 436 17.11 -7.25 -40.72
C ASP C 436 16.43 -7.18 -39.35
N ILE C 437 16.73 -6.13 -38.59
CA ILE C 437 16.23 -5.96 -37.22
C ILE C 437 14.71 -5.67 -37.19
N SER C 438 14.14 -5.35 -38.36
CA SER C 438 12.75 -5.00 -38.51
C SER C 438 11.85 -6.21 -38.78
N LYS C 439 12.44 -7.39 -38.88
CA LYS C 439 11.71 -8.63 -39.08
C LYS C 439 12.01 -9.54 -37.89
N PRO C 440 11.16 -10.50 -37.53
CA PRO C 440 11.42 -11.45 -36.47
C PRO C 440 12.69 -12.26 -36.71
N LEU C 441 13.43 -12.55 -35.64
CA LEU C 441 14.67 -13.31 -35.82
C LEU C 441 14.41 -14.70 -36.39
N ARG C 442 13.24 -15.29 -36.14
CA ARG C 442 12.97 -16.62 -36.68
C ARG C 442 12.78 -16.61 -38.21
N GLU C 443 12.50 -15.45 -38.80
CA GLU C 443 12.24 -15.38 -40.23
C GLU C 443 13.50 -15.04 -41.00
N THR C 444 14.41 -14.34 -40.35
CA THR C 444 15.66 -13.91 -40.95
C THR C 444 16.81 -14.86 -40.60
N ASN C 445 16.50 -15.89 -39.81
CA ASN C 445 17.46 -16.86 -39.28
C ASN C 445 18.57 -16.21 -38.46
N GLY C 446 18.20 -15.26 -37.60
CA GLY C 446 19.18 -14.57 -36.76
C GLY C 446 19.43 -15.31 -35.46
N VAL C 447 20.53 -14.96 -34.81
CA VAL C 447 20.89 -15.55 -33.51
C VAL C 447 21.37 -14.56 -32.46
N ILE C 448 21.31 -14.98 -31.20
CA ILE C 448 21.88 -14.19 -30.13
C ILE C 448 23.22 -14.78 -29.82
N VAL C 449 24.24 -13.96 -29.95
CA VAL C 449 25.61 -14.40 -29.83
C VAL C 449 26.17 -14.22 -28.42
N GLU C 450 25.90 -13.09 -27.79
CA GLU C 450 26.49 -12.84 -26.48
C GLU C 450 25.63 -11.96 -25.56
N VAL C 451 25.73 -12.20 -24.26
CA VAL C 451 25.09 -11.34 -23.28
C VAL C 451 26.18 -10.71 -22.41
N ASN C 452 26.24 -9.38 -22.36
CA ASN C 452 27.27 -8.65 -21.63
C ASN C 452 26.79 -7.87 -20.42
N ALA C 453 27.28 -8.24 -19.26
CA ALA C 453 26.92 -7.51 -18.07
C ALA C 453 27.68 -6.20 -18.09
N ALA C 454 27.05 -5.13 -17.60
CA ALA C 454 27.73 -3.85 -17.46
C ALA C 454 28.36 -3.29 -18.75
N PRO C 455 27.59 -3.09 -19.83
CA PRO C 455 28.00 -2.61 -21.15
C PRO C 455 28.37 -1.14 -21.14
N GLY C 456 29.15 -0.67 -22.11
CA GLY C 456 29.44 0.76 -22.18
C GLY C 456 28.34 1.52 -22.91
N PHE C 457 28.40 2.87 -22.89
CA PHE C 457 27.37 3.69 -23.53
C PHE C 457 27.71 4.59 -24.72
N ARG C 458 28.96 4.81 -25.07
CA ARG C 458 29.39 5.70 -26.16
C ARG C 458 28.61 5.52 -27.44
N MET C 459 28.26 4.34 -27.83
CA MET C 459 27.60 4.10 -29.11
C MET C 459 26.15 4.54 -29.10
N HIS C 460 25.58 4.75 -27.90
CA HIS C 460 24.18 5.12 -27.78
C HIS C 460 24.03 6.59 -27.44
N VAL C 461 25.03 7.18 -26.77
CA VAL C 461 24.92 8.59 -26.41
C VAL C 461 25.66 9.48 -27.40
N ALA C 462 26.53 8.90 -28.24
CA ALA C 462 27.25 9.62 -29.26
C ALA C 462 27.41 8.77 -30.53
N PRO C 463 26.33 8.40 -31.21
CA PRO C 463 26.30 7.60 -32.42
C PRO C 463 26.83 8.42 -33.57
N SER C 464 27.32 7.78 -34.62
CA SER C 464 27.78 8.56 -35.77
C SER C 464 26.65 8.88 -36.73
N GLN C 465 25.60 8.07 -36.70
CA GLN C 465 24.42 8.35 -37.50
C GLN C 465 23.19 8.17 -36.62
N GLY C 466 22.20 9.00 -36.84
CA GLY C 466 20.97 8.89 -36.07
C GLY C 466 21.01 9.84 -34.88
N LEU C 467 20.01 9.74 -34.01
CA LEU C 467 19.88 10.68 -32.92
C LEU C 467 20.45 10.08 -31.61
N PRO C 468 21.17 10.84 -30.75
CA PRO C 468 21.65 10.46 -29.42
C PRO C 468 20.54 10.12 -28.44
N ARG C 469 20.76 9.15 -27.56
CA ARG C 469 19.73 8.78 -26.59
C ARG C 469 20.13 9.05 -25.15
N ASN C 470 19.18 9.47 -24.32
CA ASN C 470 19.52 9.66 -22.93
C ASN C 470 19.38 8.36 -22.17
N VAL C 471 20.48 7.66 -22.14
CA VAL C 471 20.63 6.36 -21.52
C VAL C 471 20.58 6.40 -19.99
N ALA C 472 21.17 7.43 -19.41
CA ALA C 472 21.19 7.57 -17.95
C ALA C 472 19.82 7.72 -17.31
N ALA C 473 18.90 8.40 -17.97
CA ALA C 473 17.62 8.64 -17.33
C ALA C 473 16.93 7.32 -16.86
N PRO C 474 16.81 6.24 -17.66
CA PRO C 474 16.30 4.94 -17.24
C PRO C 474 17.09 4.26 -16.13
N VAL C 475 18.34 4.66 -15.90
CA VAL C 475 19.13 4.03 -14.86
C VAL C 475 18.76 4.70 -13.56
N LEU C 476 18.72 6.01 -13.55
CA LEU C 476 18.38 6.73 -12.35
C LEU C 476 16.95 6.47 -11.93
N ASP C 477 16.07 6.22 -12.88
CA ASP C 477 14.70 5.88 -12.56
C ASP C 477 14.57 4.54 -11.84
N MET C 478 15.50 3.58 -12.01
CA MET C 478 15.32 2.34 -11.26
C MET C 478 15.93 2.51 -9.88
N LEU C 479 16.99 3.31 -9.78
CA LEU C 479 17.68 3.52 -8.51
C LEU C 479 16.87 4.40 -7.58
N PHE C 480 16.21 5.41 -8.14
CA PHE C 480 15.38 6.35 -7.41
C PHE C 480 14.01 6.46 -8.07
N PRO C 481 13.10 5.49 -7.90
CA PRO C 481 11.83 5.41 -8.58
C PRO C 481 11.04 6.70 -8.37
N PRO C 482 10.20 7.11 -9.33
CA PRO C 482 9.41 8.30 -9.23
C PRO C 482 8.60 8.29 -7.96
N GLY C 483 8.56 9.41 -7.29
CA GLY C 483 7.84 9.55 -6.05
C GLY C 483 8.69 9.30 -4.81
N THR C 484 9.90 8.78 -4.97
CA THR C 484 10.71 8.53 -3.77
C THR C 484 11.74 9.63 -3.58
N PRO C 485 12.19 9.91 -2.34
CA PRO C 485 13.27 10.80 -1.97
C PRO C 485 14.65 10.23 -2.23
N SER C 486 15.61 11.13 -2.40
CA SER C 486 17.02 10.79 -2.48
C SER C 486 17.81 11.35 -1.30
N ARG C 487 17.12 12.13 -0.46
CA ARG C 487 17.67 12.84 0.69
C ARG C 487 16.90 12.60 1.97
N ILE C 488 17.58 12.81 3.08
CA ILE C 488 16.97 12.74 4.39
C ILE C 488 16.93 14.18 4.91
N PRO C 489 16.04 14.55 5.85
CA PRO C 489 15.98 15.86 6.44
C PRO C 489 17.26 16.27 7.15
N ILE C 490 17.66 17.52 6.94
CA ILE C 490 18.82 18.10 7.59
C ILE C 490 18.43 19.36 8.34
N LEU C 491 18.77 19.38 9.62
CA LEU C 491 18.51 20.52 10.47
C LEU C 491 19.85 21.06 10.95
N ALA C 492 20.20 22.24 10.47
CA ALA C 492 21.50 22.85 10.76
C ALA C 492 21.40 23.98 11.77
N VAL C 493 22.16 23.88 12.86
CA VAL C 493 22.09 24.87 13.92
C VAL C 493 23.36 25.68 14.09
N THR C 494 23.26 27.01 14.00
CA THR C 494 24.45 27.82 14.22
C THR C 494 24.16 29.04 15.10
N GLY C 495 25.18 29.82 15.38
CA GLY C 495 25.09 31.02 16.22
C GLY C 495 26.25 31.06 17.19
N THR C 496 26.54 32.21 17.78
CA THR C 496 27.67 32.30 18.70
C THR C 496 27.50 31.47 19.97
N ASN C 497 26.33 31.53 20.62
CA ASN C 497 26.10 30.77 21.85
C ASN C 497 24.84 29.90 21.82
N GLY C 498 24.88 28.74 22.49
CA GLY C 498 23.72 27.86 22.65
C GLY C 498 23.55 26.70 21.66
N LYS C 499 24.44 26.57 20.68
CA LYS C 499 24.36 25.51 19.69
C LYS C 499 24.30 24.09 20.20
N THR C 500 25.18 23.71 21.11
CA THR C 500 25.21 22.34 21.60
C THR C 500 23.96 21.97 22.36
N THR C 501 23.46 22.87 23.20
CA THR C 501 22.27 22.62 23.98
C THR C 501 21.05 22.47 23.08
N THR C 502 20.94 23.36 22.08
CA THR C 502 19.82 23.37 21.15
C THR C 502 19.83 22.08 20.33
N THR C 503 21.01 21.65 19.89
CA THR C 503 21.23 20.45 19.09
C THR C 503 20.82 19.19 19.84
N ARG C 504 21.21 19.06 21.12
CA ARG C 504 20.83 17.88 21.89
C ARG C 504 19.32 17.80 22.12
N LEU C 505 18.67 18.95 22.37
CA LEU C 505 17.23 18.95 22.58
C LEU C 505 16.48 18.64 21.31
N LEU C 506 16.90 19.20 20.19
CA LEU C 506 16.19 18.97 18.95
C LEU C 506 16.33 17.50 18.54
N ALA C 507 17.51 16.90 18.71
CA ALA C 507 17.68 15.49 18.39
C ALA C 507 16.80 14.61 19.29
N HIS C 508 16.66 14.97 20.57
CA HIS C 508 15.83 14.28 21.55
C HIS C 508 14.35 14.31 21.16
N ILE C 509 13.87 15.45 20.66
CA ILE C 509 12.48 15.57 20.23
C ILE C 509 12.21 14.68 19.01
N TYR C 510 13.10 14.68 18.01
CA TYR C 510 12.88 13.84 16.82
C TYR C 510 12.88 12.38 17.14
N ARG C 511 13.69 12.01 18.09
CA ARG C 511 13.84 10.66 18.55
C ARG C 511 12.54 10.10 19.14
N GLN C 512 11.60 10.94 19.55
CA GLN C 512 10.37 10.48 20.19
C GLN C 512 9.40 9.96 19.15
N THR C 513 9.75 10.12 17.87
CA THR C 513 8.93 9.63 16.79
C THR C 513 9.35 8.20 16.40
N GLY C 514 10.43 7.68 17.01
CA GLY C 514 10.91 6.32 16.75
C GLY C 514 11.90 6.16 15.59
N LYS C 515 12.35 7.26 15.02
CA LYS C 515 13.28 7.25 13.89
C LYS C 515 14.73 7.21 14.32
N THR C 516 15.61 6.81 13.41
CA THR C 516 17.03 6.86 13.72
C THR C 516 17.56 8.26 13.47
N VAL C 517 18.08 8.83 14.54
CA VAL C 517 18.55 10.19 14.50
C VAL C 517 20.03 10.24 14.76
N GLY C 518 20.73 10.84 13.84
CA GLY C 518 22.15 10.99 13.99
C GLY C 518 22.46 12.45 14.24
N TYR C 519 23.48 12.72 15.03
CA TYR C 519 23.85 14.10 15.24
C TYR C 519 25.29 14.31 15.61
N THR C 520 25.75 15.52 15.36
CA THR C 520 27.12 15.87 15.71
C THR C 520 27.16 17.10 16.57
N SER C 521 28.09 17.09 17.50
CA SER C 521 28.32 18.20 18.39
C SER C 521 29.80 18.32 18.73
N THR C 522 30.10 19.29 19.56
CA THR C 522 31.48 19.46 20.03
C THR C 522 31.93 18.40 21.04
N ASP C 523 31.01 17.55 21.51
CA ASP C 523 31.41 16.53 22.46
C ASP C 523 31.67 15.15 21.82
N ALA C 524 30.83 14.79 20.81
CA ALA C 524 30.81 13.48 20.16
C ALA C 524 29.91 13.40 18.93
N ILE C 525 30.00 12.27 18.22
CA ILE C 525 29.07 11.91 17.14
C ILE C 525 28.21 10.76 17.65
N TYR C 526 26.90 10.94 17.61
CA TYR C 526 25.92 9.95 18.06
C TYR C 526 24.91 9.47 17.07
N ILE C 527 24.52 8.20 17.22
CA ILE C 527 23.37 7.63 16.52
C ILE C 527 22.45 6.94 17.52
N ASN C 528 21.24 7.44 17.74
CA ASN C 528 20.29 6.81 18.68
C ASN C 528 20.88 6.49 20.03
N GLU C 529 21.60 7.43 20.61
CA GLU C 529 22.28 7.30 21.91
C GLU C 529 23.50 6.38 21.96
N TYR C 530 24.00 5.91 20.82
CA TYR C 530 25.24 5.19 20.82
C TYR C 530 26.31 6.14 20.38
N CYS C 531 27.45 6.12 21.03
CA CYS C 531 28.50 7.03 20.63
C CYS C 531 29.39 6.41 19.59
N VAL C 532 29.52 7.08 18.45
CA VAL C 532 30.32 6.60 17.33
C VAL C 532 31.75 7.10 17.49
N GLU C 533 31.91 8.39 17.76
CA GLU C 533 33.23 9.01 17.96
C GLU C 533 33.17 10.05 19.07
N LYS C 534 34.28 10.27 19.77
CA LYS C 534 34.33 11.32 20.80
C LYS C 534 35.25 12.46 20.42
N GLY C 535 35.03 13.65 21.00
CA GLY C 535 35.87 14.81 20.75
C GLY C 535 35.12 15.85 19.92
N ASP C 536 35.81 16.91 19.50
CA ASP C 536 35.12 17.96 18.79
C ASP C 536 34.83 17.46 17.41
N ASN C 537 33.55 17.22 17.16
CA ASN C 537 33.11 16.64 15.94
C ASN C 537 32.31 17.58 15.11
N THR C 538 32.54 18.86 15.27
CA THR C 538 31.88 19.79 14.39
C THR C 538 32.72 19.87 13.11
N GLY C 539 32.15 20.43 12.07
CA GLY C 539 32.88 20.57 10.82
C GLY C 539 32.42 19.53 9.79
N PRO C 540 32.74 19.75 8.51
CA PRO C 540 32.35 18.98 7.36
C PRO C 540 32.83 17.54 7.30
N GLN C 541 33.89 17.22 8.02
CA GLN C 541 34.36 15.85 8.00
C GLN C 541 33.48 14.97 8.86
N SER C 542 32.84 15.54 9.88
CA SER C 542 32.00 14.76 10.76
C SER C 542 30.60 14.70 10.20
N ALA C 543 30.20 15.76 9.52
CA ALA C 543 28.88 15.81 8.92
C ALA C 543 28.76 14.69 7.90
N GLY C 544 29.88 14.40 7.23
CA GLY C 544 29.96 13.32 6.24
C GLY C 544 29.85 11.92 6.83
N VAL C 545 30.08 11.75 8.12
CA VAL C 545 29.98 10.44 8.74
C VAL C 545 28.52 10.14 8.87
N ILE C 546 27.75 11.12 9.32
CA ILE C 546 26.31 10.95 9.45
C ILE C 546 25.62 10.81 8.09
N LEU C 547 25.97 11.66 7.12
CA LEU C 547 25.31 11.60 5.83
C LEU C 547 25.58 10.33 5.04
N ARG C 548 26.75 9.73 5.20
CA ARG C 548 27.05 8.48 4.50
C ARG C 548 26.54 7.24 5.24
N ASP C 549 25.98 7.38 6.44
CA ASP C 549 25.56 6.25 7.25
C ASP C 549 24.23 5.67 6.76
N PRO C 550 24.16 4.39 6.34
CA PRO C 550 23.02 3.73 5.73
C PRO C 550 21.81 3.56 6.63
N THR C 551 21.94 3.83 7.92
CA THR C 551 20.82 3.67 8.82
C THR C 551 20.13 4.98 9.22
N VAL C 552 20.74 6.13 8.93
CA VAL C 552 20.21 7.39 9.45
C VAL C 552 19.03 7.96 8.67
N GLU C 553 17.97 8.34 9.40
CA GLU C 553 16.77 8.91 8.83
C GLU C 553 16.68 10.42 9.00
N VAL C 554 17.22 10.95 10.11
CA VAL C 554 17.22 12.38 10.40
C VAL C 554 18.63 12.85 10.81
N ALA C 555 19.12 13.96 10.24
CA ALA C 555 20.42 14.49 10.65
C ALA C 555 20.31 15.87 11.31
N VAL C 556 20.83 15.98 12.54
CA VAL C 556 20.84 17.26 13.25
C VAL C 556 22.32 17.65 13.46
N LEU C 557 22.75 18.77 12.89
CA LEU C 557 24.20 19.08 12.91
C LEU C 557 24.57 20.45 13.51
N GLU C 558 25.37 20.52 14.61
CA GLU C 558 25.72 21.89 15.04
C GLU C 558 26.82 22.36 14.09
N THR C 559 26.75 23.61 13.64
CA THR C 559 27.74 24.16 12.71
C THR C 559 28.50 25.35 13.26
N ALA C 560 29.82 25.19 13.28
CA ALA C 560 30.74 26.19 13.78
C ALA C 560 31.42 26.98 12.66
N ARG C 561 31.85 28.19 13.00
CA ARG C 561 32.57 29.06 12.08
C ARG C 561 33.91 28.51 11.65
N GLY C 562 34.58 27.73 12.49
CA GLY C 562 35.88 27.22 12.09
C GLY C 562 35.73 26.31 10.89
N GLY C 563 34.68 25.51 10.87
CA GLY C 563 34.41 24.60 9.80
C GLY C 563 34.10 25.35 8.52
N ILE C 564 33.24 26.36 8.61
CA ILE C 564 32.87 27.07 7.39
C ILE C 564 34.05 27.81 6.80
N LEU C 565 34.79 28.53 7.64
CA LEU C 565 35.91 29.30 7.14
C LEU C 565 37.05 28.46 6.60
N ARG C 566 37.28 27.29 7.19
CA ARG C 566 38.33 26.43 6.74
C ARG C 566 37.99 25.61 5.48
N ALA C 567 36.77 25.06 5.37
CA ALA C 567 36.47 24.23 4.21
C ALA C 567 35.06 24.33 3.58
N GLY C 568 34.18 25.21 4.04
CA GLY C 568 32.80 25.28 3.52
C GLY C 568 31.86 24.27 4.18
N LEU C 569 30.57 24.29 3.81
CA LEU C 569 29.59 23.34 4.38
C LEU C 569 29.61 21.99 3.66
N ALA C 570 29.36 20.90 4.38
CA ALA C 570 29.34 19.55 3.79
C ALA C 570 28.10 19.13 3.03
N PHE C 571 26.99 19.82 3.20
CA PHE C 571 25.74 19.36 2.62
C PHE C 571 25.07 20.13 1.49
N ASP C 572 25.59 21.28 1.07
CA ASP C 572 24.98 22.13 0.01
C ASP C 572 23.63 22.78 0.33
N SER C 573 22.64 22.01 0.76
CA SER C 573 21.34 22.59 1.13
C SER C 573 20.69 21.84 2.29
N CYS C 574 19.77 22.52 2.98
CA CYS C 574 19.07 21.91 4.11
C CYS C 574 17.62 22.34 4.24
N ASP C 575 16.88 21.68 5.15
CA ASP C 575 15.46 21.94 5.32
C ASP C 575 15.18 22.99 6.35
N VAL C 576 15.93 22.96 7.43
CA VAL C 576 15.76 23.95 8.46
C VAL C 576 17.11 24.53 8.80
N GLY C 577 17.20 25.84 8.80
CA GLY C 577 18.43 26.51 9.19
C GLY C 577 18.13 27.39 10.38
N VAL C 578 18.81 27.18 11.49
CA VAL C 578 18.55 27.94 12.70
C VAL C 578 19.72 28.83 13.07
N VAL C 579 19.49 30.13 13.22
CA VAL C 579 20.54 31.04 13.66
C VAL C 579 20.12 31.58 15.01
N LEU C 580 20.89 31.29 16.04
CA LEU C 580 20.49 31.66 17.38
C LEU C 580 20.87 33.06 17.84
N ASN C 581 22.04 33.55 17.44
CA ASN C 581 22.56 34.86 17.88
C ASN C 581 23.89 35.22 17.24
N VAL C 582 24.17 36.51 17.12
CA VAL C 582 25.51 36.94 16.69
C VAL C 582 26.14 37.78 17.81
N ALA C 583 27.34 37.43 18.22
CA ALA C 583 27.98 38.18 19.31
C ALA C 583 29.46 38.29 19.07
N ALA C 584 30.10 39.27 19.72
CA ALA C 584 31.50 39.58 19.49
C ALA C 584 32.48 38.64 20.15
N ASP C 585 32.46 37.41 19.67
CA ASP C 585 33.37 36.35 20.08
C ASP C 585 34.25 36.05 18.89
N HIS C 586 35.43 35.51 19.13
CA HIS C 586 36.33 35.10 18.06
C HIS C 586 36.66 36.20 17.08
N LEU C 587 36.72 37.44 17.53
CA LEU C 587 37.05 38.47 16.58
C LEU C 587 38.54 38.55 16.53
N GLY C 588 39.04 38.76 15.34
CA GLY C 588 40.46 38.85 15.06
C GLY C 588 40.97 37.52 14.50
N LEU C 589 40.17 36.46 14.61
CA LEU C 589 40.61 35.17 14.12
C LEU C 589 40.02 34.87 12.76
N GLY C 590 40.77 34.20 11.90
CA GLY C 590 40.20 33.78 10.62
C GLY C 590 39.95 34.94 9.69
N ASP C 591 40.68 36.03 9.87
CA ASP C 591 40.54 37.26 9.12
C ASP C 591 39.20 38.01 9.36
N ILE C 592 38.48 37.66 10.43
CA ILE C 592 37.26 38.40 10.76
C ILE C 592 37.44 39.24 11.98
N ASP C 593 37.47 40.55 11.76
CA ASP C 593 37.72 41.54 12.79
C ASP C 593 36.48 42.22 13.34
N THR C 594 35.41 42.30 12.54
CA THR C 594 34.25 43.05 12.98
C THR C 594 33.02 42.18 13.17
N ILE C 595 32.01 42.75 13.83
CA ILE C 595 30.77 42.06 14.07
C ILE C 595 29.95 41.93 12.78
N GLU C 596 30.06 42.92 11.90
CA GLU C 596 29.37 42.89 10.62
C GLU C 596 29.89 41.75 9.76
N GLN C 597 31.19 41.46 9.87
CA GLN C 597 31.76 40.34 9.15
C GLN C 597 31.31 39.01 9.77
N MET C 598 31.23 38.97 11.11
CA MET C 598 30.83 37.73 11.76
C MET C 598 29.41 37.35 11.37
N ALA C 599 28.57 38.35 11.17
CA ALA C 599 27.21 38.15 10.73
C ALA C 599 27.16 37.50 9.34
N LYS C 600 28.16 37.76 8.48
CA LYS C 600 28.19 37.21 7.12
C LYS C 600 28.58 35.74 7.13
N VAL C 601 29.29 35.33 8.17
CA VAL C 601 29.62 33.93 8.30
C VAL C 601 28.39 33.17 8.76
N LYS C 602 27.69 33.71 9.75
CA LYS C 602 26.54 32.99 10.29
C LYS C 602 25.40 32.89 9.28
N SER C 603 25.28 33.90 8.42
CA SER C 603 24.23 33.99 7.43
C SER C 603 24.37 32.91 6.35
N VAL C 604 25.50 32.21 6.29
CA VAL C 604 25.70 31.16 5.31
C VAL C 604 24.65 30.09 5.51
N ILE C 605 24.29 29.77 6.76
CA ILE C 605 23.27 28.74 6.97
C ILE C 605 21.91 29.19 6.48
N ALA C 606 21.52 30.41 6.76
CA ALA C 606 20.23 30.91 6.33
C ALA C 606 20.08 30.90 4.81
N GLU C 607 21.17 31.17 4.10
CA GLU C 607 21.15 31.24 2.65
C GLU C 607 21.25 29.90 1.92
N VAL C 608 21.38 28.79 2.64
CA VAL C 608 21.44 27.50 1.97
C VAL C 608 20.18 26.71 2.25
N VAL C 609 19.19 27.35 2.87
CA VAL C 609 17.97 26.62 3.11
C VAL C 609 17.18 26.59 1.80
N ASP C 610 16.71 25.41 1.44
CA ASP C 610 15.92 25.16 0.25
C ASP C 610 14.68 26.05 0.26
N PRO C 611 14.21 26.63 -0.86
CA PRO C 611 13.03 27.48 -0.92
C PRO C 611 11.76 26.86 -0.31
N SER C 612 11.67 25.53 -0.25
CA SER C 612 10.50 24.88 0.34
C SER C 612 10.62 24.75 1.87
N GLY C 613 11.79 25.08 2.42
CA GLY C 613 12.10 24.97 3.84
C GLY C 613 12.00 26.29 4.57
N TYR C 614 12.56 26.31 5.78
CA TYR C 614 12.52 27.45 6.69
C TYR C 614 13.81 27.88 7.31
N ALA C 615 13.90 29.17 7.55
CA ALA C 615 14.96 29.75 8.33
C ALA C 615 14.34 30.17 9.65
N VAL C 616 15.00 29.85 10.75
CA VAL C 616 14.51 30.23 12.07
C VAL C 616 15.41 31.30 12.65
N LEU C 617 14.86 32.49 12.81
CA LEU C 617 15.64 33.64 13.26
C LEU C 617 15.20 34.18 14.61
N ASN C 618 16.15 34.77 15.31
CA ASN C 618 15.94 35.39 16.60
C ASN C 618 15.51 36.85 16.42
N ALA C 619 14.24 37.16 16.72
CA ALA C 619 13.68 38.49 16.46
C ALA C 619 14.17 39.51 17.47
N ASP C 620 14.83 39.06 18.53
CA ASP C 620 15.34 39.94 19.56
C ASP C 620 16.81 40.31 19.28
N ASP C 621 17.35 39.84 18.16
CA ASP C 621 18.73 40.07 17.76
C ASP C 621 18.80 40.86 16.44
N PRO C 622 19.18 42.16 16.46
CA PRO C 622 19.25 43.05 15.30
C PRO C 622 20.09 42.58 14.12
N LEU C 623 21.10 41.73 14.33
CA LEU C 623 21.89 41.30 13.18
C LEU C 623 21.27 40.07 12.58
N VAL C 624 20.65 39.26 13.42
CA VAL C 624 20.03 38.03 12.95
C VAL C 624 18.70 38.29 12.26
N ALA C 625 17.86 39.15 12.83
CA ALA C 625 16.57 39.43 12.21
C ALA C 625 16.73 39.98 10.80
N ALA C 626 17.80 40.75 10.59
CA ALA C 626 18.15 41.39 9.33
C ALA C 626 18.51 40.41 8.22
N MET C 627 18.79 39.15 8.58
CA MET C 627 19.17 38.13 7.63
C MET C 627 17.95 37.71 6.84
N ALA C 628 16.78 38.08 7.33
CA ALA C 628 15.51 37.70 6.74
C ALA C 628 15.37 38.25 5.34
N ASP C 629 16.13 39.30 5.01
CA ASP C 629 16.03 39.93 3.71
C ASP C 629 16.96 39.31 2.67
N LYS C 630 17.73 38.30 3.07
CA LYS C 630 18.62 37.59 2.17
C LYS C 630 18.08 36.19 1.90
N VAL C 631 17.30 35.68 2.82
CA VAL C 631 16.73 34.34 2.76
C VAL C 631 15.70 34.15 1.64
N LYS C 632 15.89 33.08 0.86
CA LYS C 632 15.02 32.66 -0.24
C LYS C 632 13.92 31.69 0.23
N ALA C 633 14.11 31.20 1.44
CA ALA C 633 13.29 30.25 2.17
C ALA C 633 12.24 30.99 2.96
N LYS C 634 11.35 30.28 3.61
CA LYS C 634 10.35 30.90 4.44
C LYS C 634 11.00 31.30 5.75
N VAL C 635 10.49 32.30 6.43
CA VAL C 635 11.08 32.71 7.70
C VAL C 635 10.14 32.57 8.87
N ALA C 636 10.63 31.96 9.93
CA ALA C 636 9.92 31.82 11.20
C ALA C 636 10.71 32.58 12.25
N TYR C 637 10.04 33.14 13.24
CA TYR C 637 10.77 33.88 14.28
C TYR C 637 10.51 33.44 15.69
N PHE C 638 11.49 33.63 16.55
CA PHE C 638 11.22 33.39 17.95
C PHE C 638 11.65 34.59 18.78
N SER C 639 11.02 34.75 19.95
CA SER C 639 11.37 35.84 20.87
C SER C 639 10.99 35.60 22.32
N MET C 640 11.59 36.37 23.23
CA MET C 640 11.29 36.31 24.66
C MET C 640 10.32 37.40 25.11
N ASN C 641 9.78 38.11 24.15
CA ASN C 641 8.87 39.21 24.39
C ASN C 641 7.83 39.27 23.28
N PRO C 642 6.57 38.86 23.51
CA PRO C 642 5.50 38.88 22.53
C PRO C 642 5.30 40.26 21.91
N ASP C 643 5.62 41.32 22.67
CA ASP C 643 5.47 42.67 22.17
C ASP C 643 6.73 43.12 21.48
N ASN C 644 6.96 42.50 20.34
CA ASN C 644 8.08 42.72 19.47
C ASN C 644 7.46 43.02 18.12
N PRO C 645 7.58 44.24 17.58
CA PRO C 645 6.99 44.67 16.34
C PRO C 645 7.24 43.73 15.18
N ILE C 646 8.37 43.01 15.17
CA ILE C 646 8.66 42.07 14.10
C ILE C 646 7.69 40.93 14.16
N ILE C 647 7.44 40.43 15.37
CA ILE C 647 6.59 39.28 15.59
C ILE C 647 5.18 39.65 15.24
N GLN C 648 4.77 40.83 15.65
CA GLN C 648 3.41 41.24 15.40
C GLN C 648 3.16 41.45 13.91
N ALA C 649 4.09 42.10 13.21
CA ALA C 649 3.90 42.32 11.79
C ALA C 649 3.84 41.01 11.04
N HIS C 650 4.64 40.05 11.48
CA HIS C 650 4.75 38.73 10.88
C HIS C 650 3.50 37.87 11.07
N VAL C 651 2.97 37.77 12.29
CA VAL C 651 1.79 36.92 12.47
C VAL C 651 0.56 37.53 11.80
N ARG C 652 0.52 38.85 11.64
CA ARG C 652 -0.59 39.53 10.95
C ARG C 652 -0.65 39.21 9.45
N ARG C 653 0.41 38.61 8.92
CA ARG C 653 0.50 38.21 7.52
C ARG C 653 0.47 36.69 7.45
N ASN C 654 0.00 36.07 8.53
CA ASN C 654 -0.09 34.63 8.76
C ASN C 654 1.22 33.85 8.79
N GLY C 655 2.26 34.45 9.38
CA GLY C 655 3.49 33.74 9.58
C GLY C 655 3.41 32.95 10.88
N ILE C 656 4.54 32.33 11.24
CA ILE C 656 4.67 31.48 12.41
C ILE C 656 5.73 32.03 13.33
N ALA C 657 5.45 32.07 14.62
CA ALA C 657 6.42 32.53 15.59
C ALA C 657 6.32 31.78 16.89
N ALA C 658 7.41 31.73 17.63
CA ALA C 658 7.39 31.13 18.95
C ALA C 658 7.75 32.16 19.98
N VAL C 659 6.90 32.31 20.98
CA VAL C 659 7.16 33.30 22.00
C VAL C 659 7.03 32.76 23.40
N TYR C 660 7.65 33.45 24.32
CA TYR C 660 7.44 33.15 25.72
C TYR C 660 6.41 34.12 26.29
N GLU C 661 5.29 33.60 26.78
CA GLU C 661 4.22 34.45 27.31
C GLU C 661 3.46 33.79 28.45
N SER C 662 3.10 34.58 29.46
CA SER C 662 2.30 34.10 30.59
C SER C 662 2.84 32.82 31.26
N GLY C 663 4.15 32.65 31.28
CA GLY C 663 4.76 31.46 31.87
C GLY C 663 4.86 30.27 30.92
N TYR C 664 4.31 30.41 29.71
CA TYR C 664 4.28 29.36 28.71
C TYR C 664 5.13 29.57 27.49
N LEU C 665 5.56 28.46 26.96
CA LEU C 665 6.23 28.45 25.69
C LEU C 665 5.15 28.10 24.71
N SER C 666 4.87 29.01 23.78
CA SER C 666 3.77 28.82 22.84
C SER C 666 4.08 29.21 21.41
N ILE C 667 3.33 28.64 20.49
CA ILE C 667 3.45 28.89 19.08
C ILE C 667 2.29 29.68 18.53
N LEU C 668 2.62 30.74 17.85
CA LEU C 668 1.65 31.62 17.24
C LEU C 668 1.56 31.27 15.78
N GLU C 669 0.42 30.77 15.37
CA GLU C 669 0.24 30.37 13.99
C GLU C 669 -0.92 31.18 13.43
N GLY C 670 -0.60 32.26 12.73
CA GLY C 670 -1.66 33.16 12.33
C GLY C 670 -2.34 33.70 13.59
N SER C 671 -3.67 33.60 13.64
CA SER C 671 -4.45 34.09 14.78
C SER C 671 -4.57 33.13 15.96
N TRP C 672 -4.12 31.88 15.80
CA TRP C 672 -4.29 30.89 16.84
C TRP C 672 -3.06 30.73 17.72
N THR C 673 -3.27 30.48 19.00
CA THR C 673 -2.15 30.26 19.90
C THR C 673 -2.12 28.82 20.39
N LEU C 674 -0.98 28.18 20.25
CA LEU C 674 -0.78 26.82 20.69
C LEU C 674 0.16 26.76 21.87
N ARG C 675 -0.32 26.38 23.03
CA ARG C 675 0.60 26.32 24.16
C ARG C 675 1.26 24.97 24.21
N VAL C 676 2.58 24.95 24.36
CA VAL C 676 3.26 23.67 24.40
C VAL C 676 3.41 23.26 25.85
N GLU C 677 4.07 24.07 26.66
CA GLU C 677 4.24 23.72 28.07
C GLU C 677 4.61 24.95 28.91
N GLN C 678 4.71 24.78 30.23
CA GLN C 678 5.13 25.84 31.14
C GLN C 678 6.63 25.81 31.32
N ALA C 679 7.27 26.96 31.38
CA ALA C 679 8.72 26.96 31.52
C ALA C 679 9.20 26.25 32.76
N LYS C 680 8.46 26.40 33.86
CA LYS C 680 8.87 25.81 35.12
C LYS C 680 8.77 24.30 35.16
N LEU C 681 8.09 23.70 34.20
CA LEU C 681 7.95 22.26 34.19
C LEU C 681 8.87 21.60 33.17
N ILE C 682 9.78 22.38 32.56
CA ILE C 682 10.72 21.83 31.60
C ILE C 682 12.09 21.80 32.28
N PRO C 683 12.66 20.62 32.62
CA PRO C 683 13.88 20.42 33.40
C PRO C 683 15.15 21.13 32.95
N MET C 684 15.30 21.48 31.67
CA MET C 684 16.54 22.14 31.26
C MET C 684 16.58 23.57 31.78
N THR C 685 15.43 24.13 32.12
CA THR C 685 15.38 25.50 32.58
C THR C 685 15.27 25.41 34.07
N MET C 686 16.11 26.13 34.79
CA MET C 686 16.11 26.02 36.24
C MET C 686 14.87 26.62 36.91
N GLY C 687 13.73 25.98 36.74
CA GLY C 687 12.48 26.45 37.34
C GLY C 687 11.99 27.74 36.71
N GLY C 688 12.37 27.98 35.46
CA GLY C 688 12.02 29.23 34.79
C GLY C 688 13.03 30.36 35.07
N MET C 689 14.12 30.09 35.80
CA MET C 689 15.12 31.10 36.18
C MET C 689 16.31 31.30 35.24
N ALA C 690 16.30 30.68 34.07
CA ALA C 690 17.42 30.79 33.13
C ALA C 690 16.93 31.17 31.73
N PRO C 691 16.74 32.48 31.44
CA PRO C 691 16.17 33.04 30.22
C PRO C 691 16.83 32.57 28.94
N PHE C 692 18.10 32.23 29.03
CA PHE C 692 18.86 31.78 27.89
C PHE C 692 18.55 30.31 27.58
N MET C 693 18.07 29.55 28.57
CA MET C 693 17.71 28.18 28.36
C MET C 693 16.33 28.16 27.76
N ILE C 694 15.52 29.16 28.14
CA ILE C 694 14.16 29.27 27.62
C ILE C 694 14.26 29.59 26.14
N ALA C 695 15.13 30.54 25.78
CA ALA C 695 15.31 30.89 24.39
C ALA C 695 15.81 29.71 23.55
N ASN C 696 16.69 28.87 24.11
CA ASN C 696 17.19 27.72 23.36
C ASN C 696 16.04 26.72 23.14
N ALA C 697 15.18 26.56 24.15
CA ALA C 697 14.03 25.67 24.05
C ALA C 697 13.02 26.18 23.02
N LEU C 698 12.83 27.51 22.92
CA LEU C 698 11.90 28.03 21.93
C LEU C 698 12.38 27.74 20.52
N ALA C 699 13.68 27.89 20.28
CA ALA C 699 14.23 27.62 18.96
C ALA C 699 14.08 26.16 18.55
N ALA C 700 14.29 25.22 19.49
CA ALA C 700 14.15 23.80 19.21
C ALA C 700 12.69 23.41 18.94
N CYS C 701 11.76 24.01 19.68
CA CYS C 701 10.35 23.72 19.51
C CYS C 701 9.85 24.22 18.18
N LEU C 702 10.30 25.41 17.79
CA LEU C 702 9.87 26.01 16.54
C LEU C 702 10.42 25.24 15.36
N ALA C 703 11.68 24.80 15.42
CA ALA C 703 12.25 24.03 14.32
C ALA C 703 11.52 22.71 14.12
N ALA C 704 11.17 22.03 15.22
CA ALA C 704 10.43 20.77 15.12
C ALA C 704 9.04 20.98 14.53
N PHE C 705 8.38 22.08 14.92
CA PHE C 705 7.06 22.42 14.45
C PHE C 705 7.01 22.74 12.97
N VAL C 706 7.91 23.62 12.50
CA VAL C 706 7.86 24.02 11.10
C VAL C 706 8.27 22.90 10.17
N ASN C 707 8.98 21.89 10.69
CA ASN C 707 9.36 20.76 9.88
C ASN C 707 8.32 19.62 9.97
N GLY C 708 7.15 19.88 10.54
CA GLY C 708 6.08 18.88 10.55
C GLY C 708 5.82 18.02 11.78
N LEU C 709 6.45 18.26 12.93
CA LEU C 709 6.13 17.42 14.08
C LEU C 709 4.91 17.94 14.80
N ASP C 710 4.15 17.04 15.40
CA ASP C 710 2.98 17.40 16.17
C ASP C 710 3.37 17.97 17.53
N VAL C 711 2.47 18.74 18.10
CA VAL C 711 2.69 19.40 19.38
C VAL C 711 2.82 18.41 20.51
N GLU C 712 2.05 17.33 20.48
CA GLU C 712 2.13 16.37 21.57
C GLU C 712 3.52 15.72 21.62
N VAL C 713 4.12 15.49 20.46
CA VAL C 713 5.45 14.91 20.37
C VAL C 713 6.46 15.89 20.95
N ILE C 714 6.29 17.17 20.63
CA ILE C 714 7.18 18.21 21.11
C ILE C 714 7.07 18.27 22.63
N ARG C 715 5.85 18.21 23.21
CA ARG C 715 5.68 18.23 24.66
C ARG C 715 6.38 17.08 25.34
N GLN C 716 6.25 15.89 24.78
CA GLN C 716 6.89 14.73 25.36
C GLN C 716 8.41 14.91 25.37
N GLY C 717 8.94 15.44 24.28
CA GLY C 717 10.36 15.69 24.15
C GLY C 717 10.88 16.71 25.15
N VAL C 718 10.22 17.84 25.33
CA VAL C 718 10.79 18.81 26.26
C VAL C 718 10.70 18.33 27.71
N ARG C 719 9.64 17.62 28.07
CA ARG C 719 9.42 17.13 29.42
C ARG C 719 10.42 16.08 29.90
N THR C 720 10.97 15.26 29.01
CA THR C 720 11.87 14.21 29.42
C THR C 720 13.34 14.50 29.13
N PHE C 721 13.65 15.69 28.65
CA PHE C 721 15.03 16.00 28.29
C PHE C 721 15.87 16.43 29.47
N THR C 722 17.08 15.91 29.59
CA THR C 722 17.94 16.35 30.68
C THR C 722 19.31 16.83 30.20
N THR C 723 19.87 17.72 31.01
CA THR C 723 21.20 18.31 30.90
C THR C 723 21.85 18.21 32.27
N SER C 724 22.03 17.01 32.81
CA SER C 724 22.52 16.87 34.17
C SER C 724 24.04 16.99 34.22
N ALA C 725 24.57 17.08 35.44
CA ALA C 725 26.00 17.03 35.55
C ALA C 725 26.39 15.68 35.01
N GLU C 726 27.56 15.62 34.40
CA GLU C 726 28.12 14.43 33.75
C GLU C 726 27.39 14.03 32.45
N GLN C 727 26.42 14.84 32.00
CA GLN C 727 25.80 14.68 30.68
C GLN C 727 26.22 15.89 29.88
N THR C 728 26.12 17.05 30.53
CA THR C 728 26.54 18.31 29.98
C THR C 728 27.38 19.03 31.05
N PRO C 729 28.68 18.52 31.25
CA PRO C 729 29.51 19.06 32.30
C PRO C 729 29.94 20.44 31.91
N GLY C 730 29.94 21.35 32.86
CA GLY C 730 30.40 22.71 32.64
C GLY C 730 29.31 23.61 32.09
N ARG C 731 28.11 23.07 31.91
CA ARG C 731 27.03 23.87 31.35
C ARG C 731 25.87 23.93 32.35
N MET C 732 25.83 24.96 33.19
CA MET C 732 24.85 25.09 34.27
C MET C 732 24.73 23.87 35.18
N ASN C 733 25.82 23.43 35.81
CA ASN C 733 25.69 22.29 36.71
C ASN C 733 25.44 22.81 38.11
N LEU C 734 24.21 22.70 38.59
CA LEU C 734 23.90 23.23 39.91
C LEU C 734 23.93 22.10 40.94
N PHE C 735 24.77 22.25 41.95
CA PHE C 735 24.97 21.27 42.99
C PHE C 735 24.33 21.68 44.29
N ASN C 736 23.58 20.75 44.87
CA ASN C 736 22.84 20.88 46.14
C ASN C 736 23.62 20.32 47.34
N LEU C 737 24.10 21.18 48.24
CA LEU C 737 24.91 20.70 49.35
C LEU C 737 24.29 21.13 50.69
N GLY C 738 23.24 20.43 51.12
CA GLY C 738 22.49 20.84 52.31
C GLY C 738 21.86 22.19 52.02
N GLN C 739 21.89 23.13 52.96
CA GLN C 739 21.30 24.43 52.66
C GLN C 739 22.33 25.32 52.01
N HIS C 740 22.74 24.94 50.83
CA HIS C 740 23.82 25.60 50.10
C HIS C 740 23.88 25.17 48.65
N HIS C 741 24.14 26.10 47.74
CA HIS C 741 24.30 25.65 46.38
C HIS C 741 25.53 26.20 45.71
N ALA C 742 26.04 25.42 44.76
CA ALA C 742 27.17 25.84 43.96
C ALA C 742 26.90 25.57 42.50
N LEU C 743 27.29 26.51 41.66
CA LEU C 743 27.04 26.40 40.23
C LEU C 743 28.32 26.40 39.44
N VAL C 744 28.51 25.37 38.61
CA VAL C 744 29.69 25.32 37.77
C VAL C 744 29.30 25.59 36.33
N ASP C 745 29.96 26.57 35.72
CA ASP C 745 29.65 26.92 34.33
C ASP C 745 30.94 27.26 33.60
N TYR C 746 30.85 27.61 32.32
CA TYR C 746 32.07 27.82 31.57
C TYR C 746 31.91 28.84 30.45
N ALA C 747 31.68 30.08 30.81
CA ALA C 747 31.45 31.22 29.88
C ALA C 747 32.73 31.49 29.11
N HIS C 748 32.66 32.28 28.02
CA HIS C 748 33.84 32.59 27.22
C HIS C 748 33.78 34.04 26.86
N ASN C 749 32.93 34.33 25.91
CA ASN C 749 32.69 35.68 25.55
C ASN C 749 31.77 36.20 26.63
N PRO C 750 31.67 37.53 26.80
CA PRO C 750 30.82 38.25 27.73
C PRO C 750 29.36 37.87 27.73
N ALA C 751 28.80 37.42 26.60
CA ALA C 751 27.39 37.11 26.67
C ALA C 751 27.12 35.98 27.63
N GLY C 752 28.08 35.08 27.82
CA GLY C 752 27.86 33.95 28.69
C GLY C 752 28.00 34.36 30.14
N TYR C 753 28.59 35.53 30.40
CA TYR C 753 28.75 35.96 31.76
C TYR C 753 27.50 36.68 32.13
N ARG C 754 26.91 37.39 31.17
CA ARG C 754 25.66 38.06 31.45
C ARG C 754 24.54 37.03 31.58
N ALA C 755 24.52 36.00 30.73
CA ALA C 755 23.48 35.00 30.83
C ALA C 755 23.51 34.30 32.20
N VAL C 756 24.70 33.98 32.70
CA VAL C 756 24.78 33.38 34.00
C VAL C 756 24.40 34.38 35.07
N GLY C 757 24.86 35.63 34.93
CA GLY C 757 24.54 36.64 35.91
C GLY C 757 23.04 36.81 36.09
N ASP C 758 22.24 36.69 35.02
CA ASP C 758 20.80 36.81 35.20
C ASP C 758 20.23 35.65 36.01
N PHE C 759 20.76 34.44 35.82
CA PHE C 759 20.31 33.33 36.66
C PHE C 759 20.58 33.65 38.12
N VAL C 760 21.77 34.16 38.39
CA VAL C 760 22.17 34.48 39.75
C VAL C 760 21.27 35.57 40.36
N LYS C 761 20.94 36.60 39.58
CA LYS C 761 20.07 37.68 40.08
C LYS C 761 18.72 37.16 40.57
N ASN C 762 18.21 36.11 39.95
CA ASN C 762 16.92 35.53 40.32
C ASN C 762 17.00 34.60 41.53
N TRP C 763 18.20 34.37 42.03
CA TRP C 763 18.36 33.44 43.12
C TRP C 763 17.91 34.05 44.43
N GLN C 764 16.67 33.81 44.79
CA GLN C 764 16.14 34.40 46.03
C GLN C 764 16.54 33.57 47.24
N GLY C 765 17.82 33.65 47.54
CA GLY C 765 18.51 32.95 48.61
C GLY C 765 19.27 33.98 49.41
N GLN C 766 20.52 33.69 49.78
CA GLN C 766 21.29 34.65 50.57
C GLN C 766 22.40 35.34 49.80
N ARG C 767 23.68 35.08 50.11
CA ARG C 767 24.72 35.82 49.40
C ARG C 767 24.98 35.26 48.03
N PHE C 768 25.40 36.14 47.12
CA PHE C 768 25.78 35.75 45.77
C PHE C 768 27.28 35.86 45.69
N GLY C 769 27.96 34.73 45.66
CA GLY C 769 29.40 34.81 45.62
C GLY C 769 29.93 34.28 44.31
N VAL C 770 31.03 34.87 43.89
CA VAL C 770 31.71 34.44 42.70
C VAL C 770 33.14 34.22 43.03
N VAL C 771 33.67 33.14 42.51
CA VAL C 771 35.04 32.78 42.78
C VAL C 771 35.94 32.78 41.58
N GLY C 772 35.76 33.73 40.65
CA GLY C 772 36.65 33.74 39.50
C GLY C 772 36.39 34.76 38.42
N GLY C 773 37.17 34.60 37.34
CA GLY C 773 37.19 35.44 36.16
C GLY C 773 37.99 34.72 35.06
N PRO C 774 38.34 35.43 33.97
CA PRO C 774 38.99 35.01 32.73
C PRO C 774 40.41 34.48 32.86
N GLY C 775 40.84 33.71 31.87
CA GLY C 775 42.20 33.21 31.79
C GLY C 775 43.08 34.24 31.10
N ASP C 776 44.30 33.85 30.72
CA ASP C 776 45.25 34.80 30.15
C ASP C 776 45.23 34.95 28.63
N ARG C 777 44.34 34.24 27.96
CA ARG C 777 44.34 34.26 26.50
C ARG C 777 43.25 35.13 25.90
N ARG C 778 42.59 35.90 26.74
CA ARG C 778 41.56 36.83 26.30
C ARG C 778 42.19 38.15 25.90
N ASP C 779 41.46 38.95 25.13
CA ASP C 779 41.93 40.25 24.72
C ASP C 779 41.59 41.24 25.83
N SER C 780 41.51 42.53 25.54
CA SER C 780 41.27 43.50 26.62
C SER C 780 39.79 43.60 27.01
N ASP C 781 39.26 42.51 27.55
CA ASP C 781 37.88 42.40 27.97
C ASP C 781 37.81 41.99 29.44
N LEU C 782 38.95 42.13 30.12
CA LEU C 782 39.03 41.78 31.51
C LEU C 782 38.26 42.80 32.32
N ILE C 783 38.28 44.04 31.86
CA ILE C 783 37.56 45.06 32.58
C ILE C 783 36.08 44.81 32.43
N GLU C 784 35.64 44.45 31.21
CA GLU C 784 34.22 44.19 31.00
C GLU C 784 33.76 43.08 31.93
N LEU C 785 34.56 42.03 32.11
CA LEU C 785 34.13 40.99 33.02
C LEU C 785 34.01 41.59 34.40
N GLY C 786 35.01 42.34 34.84
CA GLY C 786 34.93 42.87 36.17
C GLY C 786 33.68 43.72 36.36
N GLN C 787 33.30 44.47 35.33
CA GLN C 787 32.11 45.29 35.39
C GLN C 787 30.84 44.46 35.52
N ILE C 788 30.81 43.27 34.90
CA ILE C 788 29.67 42.37 34.99
C ILE C 788 29.57 41.78 36.39
N ALA C 789 30.69 41.30 36.94
CA ALA C 789 30.61 40.72 38.27
C ALA C 789 30.19 41.74 39.31
N ALA C 790 30.68 42.98 39.19
CA ALA C 790 30.39 44.03 40.17
C ALA C 790 28.97 44.36 40.59
N GLN C 791 28.06 44.18 39.65
CA GLN C 791 26.64 44.38 39.80
C GLN C 791 25.77 43.15 39.95
N VAL C 792 26.44 42.00 39.97
CA VAL C 792 25.73 40.74 40.14
C VAL C 792 26.03 40.00 41.42
N PHE C 793 27.20 40.22 41.99
CA PHE C 793 27.65 39.46 43.14
C PHE C 793 27.98 40.42 44.30
N ASP C 794 27.75 39.99 45.55
CA ASP C 794 28.13 40.77 46.72
C ASP C 794 29.36 40.21 47.45
N ARG C 795 29.88 39.08 46.97
CA ARG C 795 31.11 38.46 47.45
C ARG C 795 32.01 38.18 46.24
N ILE C 796 32.95 39.07 45.95
CA ILE C 796 33.75 38.83 44.75
C ILE C 796 35.20 38.54 45.06
N ILE C 797 35.63 37.29 44.82
CA ILE C 797 37.01 36.94 45.13
C ILE C 797 37.73 36.53 43.86
N VAL C 798 38.89 37.11 43.63
CA VAL C 798 39.67 36.86 42.43
C VAL C 798 40.76 35.76 42.56
N LYS C 799 40.76 34.82 41.60
CA LYS C 799 41.69 33.67 41.51
C LYS C 799 42.44 33.63 40.18
N GLU C 800 42.52 34.75 39.50
CA GLU C 800 43.09 34.73 38.17
C GLU C 800 44.62 34.72 38.10
N ASP C 801 45.13 33.54 38.44
CA ASP C 801 46.53 33.14 38.44
C ASP C 801 46.48 31.63 38.21
N ASP C 802 46.09 31.22 37.01
CA ASP C 802 45.79 29.82 36.77
C ASP C 802 47.06 29.03 36.53
N ASP C 803 46.95 27.75 36.20
CA ASP C 803 48.16 26.95 36.06
C ASP C 803 48.79 27.10 34.69
N LYS C 804 47.98 27.40 33.68
CA LYS C 804 48.51 27.54 32.33
C LYS C 804 49.43 28.75 32.23
N ARG C 805 49.06 29.85 32.88
CA ARG C 805 49.90 31.06 32.92
C ARG C 805 50.38 31.48 31.55
N GLY C 806 49.42 31.63 30.63
CA GLY C 806 49.71 32.01 29.26
C GLY C 806 50.49 33.31 29.23
N ARG C 807 50.21 34.23 30.18
CA ARG C 807 50.96 35.47 30.21
C ARG C 807 51.41 35.83 31.62
N SER C 808 52.72 35.88 31.81
CA SER C 808 53.32 36.24 33.11
C SER C 808 52.76 35.47 34.31
N GLU C 809 52.23 36.20 35.31
CA GLU C 809 51.71 35.60 36.54
C GLU C 809 50.29 36.06 36.89
N GLY C 810 50.18 37.01 37.84
CA GLY C 810 48.90 37.49 38.38
C GLY C 810 48.32 38.75 37.73
N GLU C 811 48.89 39.21 36.62
CA GLU C 811 48.38 40.43 36.00
C GLU C 811 46.91 40.32 35.61
N THR C 812 46.44 39.14 35.23
CA THR C 812 45.03 39.01 34.88
C THR C 812 44.20 39.34 36.12
N ALA C 813 44.56 38.75 37.28
CA ALA C 813 43.84 39.07 38.51
C ALA C 813 43.90 40.55 38.83
N ASP C 814 45.02 41.20 38.56
CA ASP C 814 45.12 42.61 38.87
C ASP C 814 44.16 43.44 38.01
N LEU C 815 43.96 43.03 36.75
CA LEU C 815 43.05 43.75 35.88
C LEU C 815 41.62 43.49 36.27
N ILE C 816 41.33 42.29 36.75
CA ILE C 816 39.97 42.02 37.18
C ILE C 816 39.68 42.86 38.41
N VAL C 817 40.63 42.95 39.35
CA VAL C 817 40.40 43.75 40.53
C VAL C 817 40.18 45.21 40.11
N LYS C 818 40.96 45.72 39.17
CA LYS C 818 40.72 47.09 38.71
C LYS C 818 39.29 47.26 38.19
N GLY C 819 38.82 46.32 37.38
CA GLY C 819 37.47 46.39 36.82
C GLY C 819 36.36 46.31 37.87
N ILE C 820 36.45 45.37 38.80
CA ILE C 820 35.36 45.18 39.77
C ILE C 820 35.23 46.35 40.76
N LEU C 821 36.36 46.97 41.09
CA LEU C 821 36.36 48.11 42.01
C LEU C 821 35.96 49.40 41.32
N GLN C 822 35.76 49.33 40.01
CA GLN C 822 35.39 50.47 39.23
C GLN C 822 33.91 50.72 39.35
N GLU C 823 33.12 49.66 39.54
CA GLU C 823 31.68 49.84 39.56
C GLU C 823 31.10 49.76 40.96
N ASN C 824 31.63 48.88 41.80
CA ASN C 824 31.02 48.73 43.11
C ASN C 824 32.00 48.25 44.17
N PRO C 825 32.88 49.12 44.69
CA PRO C 825 33.98 48.77 45.59
C PRO C 825 33.51 48.52 47.05
N GLY C 826 32.56 47.60 47.23
CA GLY C 826 32.03 47.21 48.52
C GLY C 826 31.63 45.72 48.61
N ALA C 827 32.39 44.80 48.00
CA ALA C 827 32.06 43.36 48.00
C ALA C 827 33.21 42.48 48.47
N SER C 828 33.90 42.90 49.54
CA SER C 828 34.99 42.10 50.11
C SER C 828 35.97 41.65 49.06
N TYR C 829 36.54 42.60 48.34
CA TYR C 829 37.37 42.30 47.18
C TYR C 829 38.75 41.77 47.42
N GLU C 830 38.75 40.53 47.86
CA GLU C 830 39.92 39.75 48.13
C GLU C 830 40.47 39.17 46.84
N VAL C 831 41.78 39.11 46.75
CA VAL C 831 42.40 38.40 45.65
C VAL C 831 43.21 37.32 46.35
N ILE C 832 43.00 36.08 45.93
CA ILE C 832 43.67 34.95 46.55
C ILE C 832 44.59 34.27 45.57
N LEU C 833 44.32 34.44 44.28
CA LEU C 833 45.09 33.90 43.16
C LEU C 833 44.94 32.38 42.99
N ASP C 834 45.19 31.59 44.03
CA ASP C 834 45.03 30.13 43.88
C ASP C 834 43.57 29.70 43.61
N GLU C 835 43.45 28.70 42.72
CA GLU C 835 42.13 28.20 42.25
C GLU C 835 42.11 26.67 42.14
N THR C 836 42.79 25.94 43.03
CA THR C 836 42.92 24.46 42.96
C THR C 836 41.97 24.01 44.08
N ILE C 837 42.37 24.23 45.33
CA ILE C 837 41.54 23.85 46.51
C ILE C 837 41.49 25.08 47.43
N ALA C 838 42.03 26.20 46.96
CA ALA C 838 42.03 27.44 47.77
C ALA C 838 40.75 28.27 47.69
N LEU C 839 40.43 28.81 46.50
CA LEU C 839 39.21 29.55 46.39
C LEU C 839 38.01 28.68 46.06
N ASN C 840 38.21 27.56 45.36
CA ASN C 840 37.05 26.74 45.02
C ASN C 840 36.69 25.77 46.13
N LYS C 841 37.41 25.84 47.25
CA LYS C 841 37.13 25.01 48.41
C LYS C 841 36.50 25.88 49.49
N ALA C 842 36.78 27.18 49.45
CA ALA C 842 36.29 28.12 50.46
C ALA C 842 34.82 28.48 50.23
N LEU C 843 33.96 27.51 50.50
CA LEU C 843 32.51 27.60 50.34
C LEU C 843 31.82 27.81 51.68
N ASP C 844 32.57 27.68 52.76
CA ASP C 844 32.02 27.75 54.11
C ASP C 844 31.99 29.17 54.63
N GLN C 845 32.37 30.07 53.74
CA GLN C 845 32.38 31.50 53.98
C GLN C 845 31.05 32.11 53.52
N VAL C 846 30.17 31.26 52.99
CA VAL C 846 28.85 31.65 52.48
C VAL C 846 27.77 30.96 53.32
N GLU C 847 26.78 31.74 53.75
CA GLU C 847 25.71 31.28 54.61
C GLU C 847 24.66 30.42 53.92
N GLU C 848 23.69 29.97 54.70
CA GLU C 848 22.67 29.09 54.23
C GLU C 848 21.89 29.70 53.09
N LYS C 849 21.65 28.88 52.09
CA LYS C 849 20.92 29.20 50.88
C LYS C 849 21.65 30.24 50.01
N GLY C 850 22.93 30.48 50.25
CA GLY C 850 23.66 31.37 49.37
C GLY C 850 24.06 30.53 48.18
N LEU C 851 24.59 31.20 47.16
CA LEU C 851 25.02 30.54 45.93
C LEU C 851 26.45 30.88 45.56
N VAL C 852 27.25 29.85 45.30
CA VAL C 852 28.63 30.06 44.86
C VAL C 852 28.78 29.75 43.37
N VAL C 853 29.22 30.75 42.61
CA VAL C 853 29.37 30.60 41.17
C VAL C 853 30.83 30.43 40.78
N VAL C 854 31.10 29.31 40.13
CA VAL C 854 32.45 28.91 39.78
C VAL C 854 32.69 28.98 38.28
N PHE C 855 33.77 29.65 37.93
CA PHE C 855 34.23 29.79 36.55
C PHE C 855 35.68 29.29 36.52
N PRO C 856 35.90 27.96 36.49
CA PRO C 856 37.16 27.28 36.61
C PRO C 856 37.89 27.35 35.31
N GLU C 857 39.20 27.18 35.30
CA GLU C 857 39.85 26.96 34.01
C GLU C 857 39.48 25.56 33.53
N SER C 858 39.41 24.64 34.48
CA SER C 858 39.10 23.25 34.18
C SER C 858 37.87 22.76 34.91
N VAL C 859 36.86 22.44 34.13
CA VAL C 859 35.58 21.98 34.64
C VAL C 859 35.75 20.68 35.37
N THR C 860 36.58 19.81 34.80
CA THR C 860 36.83 18.50 35.38
C THR C 860 37.26 18.64 36.82
N ARG C 861 38.11 19.61 37.14
CA ARG C 861 38.51 19.76 38.52
C ARG C 861 37.37 20.35 39.35
N ALA C 862 36.67 21.35 38.81
CA ALA C 862 35.62 21.98 39.61
C ALA C 862 34.53 21.02 40.03
N ILE C 863 34.18 20.08 39.16
CA ILE C 863 33.11 19.17 39.48
C ILE C 863 33.62 17.95 40.24
N ASP C 864 34.92 17.86 40.44
CA ASP C 864 35.51 16.78 41.23
C ASP C 864 35.57 17.27 42.66
N LEU C 865 36.05 18.51 42.84
CA LEU C 865 36.21 19.08 44.16
C LEU C 865 34.87 19.25 44.86
N ILE C 866 33.85 19.67 44.12
CA ILE C 866 32.54 19.85 44.71
C ILE C 866 31.96 18.53 45.24
N LYS C 867 32.45 17.38 44.78
CA LYS C 867 31.93 16.09 45.20
C LYS C 867 32.58 15.63 46.49
N VAL C 868 33.64 16.31 46.92
CA VAL C 868 34.39 15.96 48.11
C VAL C 868 33.60 16.40 49.32
N ARG C 869 32.63 17.27 49.06
CA ARG C 869 31.77 17.82 50.07
C ARG C 869 30.46 17.04 50.19
N ASN C 870 30.37 15.89 49.49
CA ASN C 870 29.20 15.02 49.54
C ASN C 870 27.86 15.68 49.20
N PRO C 871 27.66 16.17 47.96
CA PRO C 871 26.46 16.80 47.47
C PRO C 871 25.33 15.79 47.35
N ILE C 872 24.12 16.31 47.37
CA ILE C 872 22.89 15.54 47.26
C ILE C 872 22.60 15.08 45.85
N MET D 1 18.06 -63.78 -17.67
CA MET D 1 17.18 -62.63 -17.48
C MET D 1 17.70 -61.44 -18.24
N LYS D 2 16.87 -60.92 -19.14
CA LYS D 2 17.23 -59.77 -19.95
C LYS D 2 16.43 -58.53 -19.61
N ILE D 3 17.06 -57.36 -19.65
CA ILE D 3 16.30 -56.13 -19.42
C ILE D 3 16.01 -55.51 -20.77
N LEU D 4 14.73 -55.30 -21.04
CA LEU D 4 14.30 -54.79 -22.33
C LEU D 4 14.17 -53.29 -22.34
N LYS D 5 13.68 -52.74 -21.23
CA LYS D 5 13.42 -51.30 -21.15
C LYS D 5 13.52 -50.74 -19.73
N THR D 6 14.07 -49.53 -19.58
CA THR D 6 14.07 -48.90 -18.26
C THR D 6 13.51 -47.47 -18.30
N LEU D 7 12.57 -47.17 -17.40
CA LEU D 7 12.03 -45.83 -17.26
C LEU D 7 12.33 -45.24 -15.91
N THR D 8 12.63 -43.95 -15.88
CA THR D 8 12.85 -43.28 -14.61
C THR D 8 11.74 -42.28 -14.40
N LEU D 9 11.02 -42.40 -13.30
CA LEU D 9 9.91 -41.52 -13.03
C LEU D 9 10.31 -40.48 -12.00
N ARG D 10 9.93 -39.24 -12.26
CA ARG D 10 10.21 -38.13 -11.36
C ARG D 10 9.00 -37.25 -11.11
N GLY D 11 8.08 -37.71 -10.30
CA GLY D 11 6.85 -36.98 -10.03
C GLY D 11 5.71 -37.95 -9.89
N PRO D 12 4.49 -37.51 -9.50
CA PRO D 12 3.31 -38.31 -9.28
C PRO D 12 3.05 -39.11 -10.51
N ASN D 13 2.69 -40.36 -10.31
CA ASN D 13 2.55 -41.26 -11.41
C ASN D 13 1.53 -42.35 -11.18
N TYR D 14 1.46 -43.23 -12.15
CA TYR D 14 0.59 -44.37 -12.19
C TYR D 14 0.77 -45.33 -11.01
N TRP D 15 2.02 -45.58 -10.62
CA TRP D 15 2.31 -46.54 -9.56
C TRP D 15 2.07 -45.96 -8.18
N SER D 16 2.38 -44.68 -8.03
CA SER D 16 2.18 -43.99 -6.76
C SER D 16 2.13 -42.46 -6.90
N ILE D 17 1.30 -41.82 -6.11
CA ILE D 17 1.27 -40.36 -6.09
C ILE D 17 2.40 -39.82 -5.21
N ARG D 18 2.58 -40.41 -4.03
CA ARG D 18 3.61 -40.02 -3.09
C ARG D 18 5.03 -40.52 -3.45
N ARG D 19 5.14 -41.69 -4.04
CA ARG D 19 6.48 -42.19 -4.34
C ARG D 19 6.85 -41.67 -5.72
N LYS D 20 7.43 -40.49 -5.68
CA LYS D 20 7.79 -39.72 -6.85
C LYS D 20 9.01 -40.26 -7.59
N LYS D 21 9.96 -40.84 -6.84
CA LYS D 21 11.21 -41.37 -7.40
C LYS D 21 11.23 -42.86 -7.60
N LEU D 22 10.89 -43.31 -8.79
CA LEU D 22 10.78 -44.74 -9.08
C LEU D 22 11.46 -45.14 -10.36
N ILE D 23 11.99 -46.36 -10.38
CA ILE D 23 12.53 -46.96 -11.59
C ILE D 23 11.70 -48.12 -11.99
N VAL D 24 11.28 -48.12 -13.25
CA VAL D 24 10.46 -49.18 -13.76
C VAL D 24 11.27 -49.96 -14.78
N MET D 25 11.53 -51.21 -14.47
CA MET D 25 12.34 -52.04 -15.31
C MET D 25 11.49 -53.13 -15.97
N ARG D 26 11.61 -53.25 -17.28
CA ARG D 26 10.86 -54.26 -18.04
C ARG D 26 11.79 -55.45 -18.23
N LEU D 27 11.55 -56.49 -17.45
CA LEU D 27 12.42 -57.65 -17.34
C LEU D 27 11.84 -58.88 -18.03
N ASP D 28 12.60 -59.44 -18.96
CA ASP D 28 12.20 -60.60 -19.76
C ASP D 28 12.77 -61.92 -19.21
N LEU D 29 11.93 -62.71 -18.56
CA LEU D 29 12.41 -63.92 -17.93
C LEU D 29 12.40 -65.06 -18.93
N GLU D 30 13.43 -65.09 -19.78
CA GLU D 30 13.56 -66.08 -20.85
C GLU D 30 13.61 -67.49 -20.23
N ASP D 31 14.33 -67.56 -19.12
CA ASP D 31 14.46 -68.72 -18.25
C ASP D 31 13.72 -68.36 -16.99
N LEU D 32 13.66 -69.23 -16.02
CA LEU D 32 13.12 -68.95 -14.68
C LEU D 32 11.60 -68.74 -14.60
N ALA D 33 10.97 -68.24 -15.67
CA ALA D 33 9.52 -68.04 -15.77
C ALA D 33 8.78 -69.36 -15.62
N GLU D 34 9.46 -70.45 -15.94
CA GLU D 34 8.94 -71.80 -15.83
C GLU D 34 9.54 -72.57 -14.64
N ARG D 35 10.34 -71.90 -13.81
CA ARG D 35 11.04 -72.54 -12.70
C ARG D 35 10.89 -71.80 -11.37
N PRO D 36 9.81 -71.98 -10.61
CA PRO D 36 9.48 -71.24 -9.41
C PRO D 36 10.30 -71.65 -8.18
N SER D 37 11.61 -71.43 -8.26
CA SER D 37 12.62 -71.67 -7.19
C SER D 37 12.87 -73.12 -6.79
N ASN D 38 11.82 -73.88 -6.59
CA ASN D 38 11.94 -75.27 -6.18
C ASN D 38 12.48 -76.14 -7.30
N SER D 39 12.59 -75.53 -8.47
CA SER D 39 13.10 -76.08 -9.70
C SER D 39 14.52 -75.57 -9.97
N ILE D 40 15.06 -74.81 -9.01
CA ILE D 40 16.39 -74.23 -9.07
C ILE D 40 17.16 -74.63 -7.80
N PRO D 41 17.79 -75.80 -7.76
CA PRO D 41 18.42 -76.33 -6.57
C PRO D 41 19.45 -75.38 -6.02
N GLY D 42 19.43 -75.21 -4.70
CA GLY D 42 20.38 -74.35 -3.99
C GLY D 42 19.97 -72.88 -3.92
N PHE D 43 18.91 -72.47 -4.62
CA PHE D 43 18.55 -71.06 -4.62
C PHE D 43 17.67 -70.60 -3.48
N TYR D 44 18.20 -70.75 -2.30
CA TYR D 44 17.62 -70.29 -1.06
C TYR D 44 18.78 -69.96 -0.19
N GLU D 45 19.62 -70.97 0.04
CA GLU D 45 20.82 -70.82 0.82
C GLU D 45 21.78 -69.90 0.09
N GLY D 46 21.88 -70.02 -1.23
CA GLY D 46 22.77 -69.17 -1.99
C GLY D 46 22.33 -67.71 -1.87
N LEU D 47 21.04 -67.45 -2.01
CA LEU D 47 20.60 -66.07 -1.96
C LEU D 47 20.81 -65.45 -0.58
N ILE D 48 20.52 -66.19 0.47
CA ILE D 48 20.71 -65.60 1.79
C ILE D 48 22.17 -65.52 2.20
N LYS D 49 23.03 -66.47 1.83
CA LYS D 49 24.40 -66.31 2.26
C LYS D 49 25.11 -65.18 1.53
N VAL D 50 24.68 -64.86 0.30
CA VAL D 50 25.29 -63.75 -0.43
C VAL D 50 24.83 -62.45 0.20
N LEU D 51 23.52 -62.35 0.49
CA LEU D 51 22.94 -61.16 1.09
C LEU D 51 22.15 -61.50 2.39
N PRO D 52 22.84 -61.73 3.54
CA PRO D 52 22.30 -62.17 4.83
C PRO D 52 21.25 -61.25 5.41
N SER D 53 21.25 -60.01 4.96
CA SER D 53 20.35 -58.98 5.41
C SER D 53 18.91 -59.11 4.87
N LEU D 54 18.68 -59.99 3.88
CA LEU D 54 17.34 -60.07 3.27
C LEU D 54 16.32 -60.83 4.11
N VAL D 55 16.12 -60.38 5.34
CA VAL D 55 15.16 -60.88 6.31
C VAL D 55 14.26 -59.74 6.70
N GLU D 56 14.68 -58.53 6.37
CA GLU D 56 13.91 -57.36 6.78
C GLU D 56 12.81 -57.03 5.79
N HIS D 57 12.70 -57.87 4.78
CA HIS D 57 11.71 -57.72 3.76
C HIS D 57 10.45 -58.50 4.12
N PHE D 58 9.34 -57.80 4.02
CA PHE D 58 7.99 -58.25 4.26
C PHE D 58 7.36 -58.34 2.89
N CYS D 59 6.42 -59.23 2.69
CA CYS D 59 5.76 -59.30 1.40
C CYS D 59 4.28 -59.38 1.65
N SER D 60 3.61 -60.38 1.08
CA SER D 60 2.22 -60.54 1.46
C SER D 60 2.16 -60.85 2.96
N PRO D 61 3.00 -61.75 3.54
CA PRO D 61 3.03 -61.99 4.96
C PRO D 61 3.56 -60.72 5.63
N GLY D 62 2.86 -60.27 6.67
CA GLY D 62 3.27 -59.08 7.42
C GLY D 62 4.28 -59.41 8.51
N TYR D 63 5.35 -60.07 8.11
CA TYR D 63 6.33 -60.56 9.07
C TYR D 63 7.77 -60.29 8.69
N GLN D 64 8.62 -60.17 9.70
CA GLN D 64 10.04 -60.11 9.49
C GLN D 64 10.35 -61.47 8.94
N GLY D 65 11.10 -61.54 7.85
CA GLY D 65 11.38 -62.81 7.25
C GLY D 65 10.25 -63.26 6.32
N GLY D 66 9.21 -62.43 6.13
CA GLY D 66 8.07 -62.77 5.30
C GLY D 66 8.52 -63.08 3.88
N PHE D 67 9.54 -62.37 3.42
CA PHE D 67 10.13 -62.66 2.12
C PHE D 67 10.72 -64.06 2.13
N LEU D 68 11.54 -64.36 3.15
CA LEU D 68 12.24 -65.63 3.26
C LEU D 68 11.35 -66.80 3.62
N GLU D 69 10.10 -66.52 4.01
CA GLU D 69 9.11 -67.59 4.23
C GLU D 69 8.81 -68.22 2.87
N ARG D 70 9.07 -67.47 1.80
CA ARG D 70 8.91 -67.91 0.44
C ARG D 70 10.31 -68.07 -0.12
N VAL D 71 10.59 -67.54 -1.31
CA VAL D 71 11.87 -67.72 -2.03
C VAL D 71 12.03 -69.18 -2.46
N LYS D 72 12.04 -70.13 -1.51
CA LYS D 72 12.13 -71.59 -1.77
C LYS D 72 10.89 -72.09 -2.51
N GLU D 73 9.81 -71.35 -2.32
CA GLU D 73 8.53 -71.52 -2.96
C GLU D 73 8.52 -70.27 -3.81
N GLY D 74 8.88 -70.41 -5.07
CA GLY D 74 9.19 -69.23 -5.81
C GLY D 74 8.06 -68.38 -6.28
N THR D 75 8.52 -67.22 -6.71
CA THR D 75 7.78 -66.11 -7.23
C THR D 75 8.17 -65.82 -8.66
N TYR D 76 8.88 -66.75 -9.29
CA TYR D 76 9.36 -66.61 -10.67
C TYR D 76 10.18 -65.34 -10.83
N MET D 77 11.03 -65.09 -9.86
CA MET D 77 11.94 -63.95 -9.77
C MET D 77 11.26 -62.58 -9.56
N GLY D 78 9.94 -62.56 -9.34
CA GLY D 78 9.31 -61.31 -8.96
C GLY D 78 9.73 -61.28 -7.53
N HIS D 79 9.67 -60.18 -6.82
CA HIS D 79 10.14 -60.13 -5.43
C HIS D 79 11.67 -60.29 -5.29
N ILE D 80 12.26 -61.31 -5.86
CA ILE D 80 13.67 -61.52 -5.70
C ILE D 80 14.50 -60.45 -6.41
N VAL D 81 14.23 -60.14 -7.68
CA VAL D 81 15.04 -59.09 -8.30
C VAL D 81 14.74 -57.75 -7.62
N GLU D 82 13.46 -57.52 -7.35
CA GLU D 82 12.95 -56.32 -6.68
C GLU D 82 13.57 -56.07 -5.30
N HIS D 83 13.63 -57.10 -4.46
CA HIS D 83 14.17 -56.94 -3.11
C HIS D 83 15.68 -56.85 -3.14
N VAL D 84 16.33 -57.53 -4.08
CA VAL D 84 17.76 -57.39 -4.14
C VAL D 84 18.13 -55.97 -4.56
N ALA D 85 17.46 -55.39 -5.56
CA ALA D 85 17.83 -54.02 -5.95
C ALA D 85 17.63 -53.07 -4.77
N LEU D 86 16.55 -53.26 -3.99
CA LEU D 86 16.34 -52.37 -2.86
C LEU D 86 17.42 -52.56 -1.80
N GLU D 87 17.82 -53.81 -1.54
CA GLU D 87 18.84 -54.08 -0.52
C GLU D 87 20.22 -53.60 -0.95
N LEU D 88 20.56 -53.72 -2.22
CA LEU D 88 21.87 -53.27 -2.64
C LEU D 88 22.00 -51.77 -2.38
N GLN D 89 20.90 -51.01 -2.52
CA GLN D 89 20.97 -49.59 -2.21
C GLN D 89 21.09 -49.37 -0.69
N GLU D 90 20.38 -50.17 0.11
CA GLU D 90 20.42 -50.04 1.58
C GLU D 90 21.83 -50.32 2.14
N LEU D 91 22.53 -51.26 1.53
CA LEU D 91 23.88 -51.65 1.97
C LEU D 91 24.90 -50.54 1.86
N VAL D 92 24.62 -49.51 1.08
CA VAL D 92 25.55 -48.41 0.92
C VAL D 92 24.98 -47.11 1.49
N GLY D 93 23.91 -47.21 2.28
CA GLY D 93 23.32 -46.05 2.94
C GLY D 93 22.21 -45.30 2.19
N MET D 94 21.73 -45.80 1.07
CA MET D 94 20.67 -45.10 0.36
C MET D 94 19.40 -45.84 0.68
N THR D 95 18.50 -45.20 1.39
CA THR D 95 17.32 -45.91 1.83
C THR D 95 16.16 -45.80 0.88
N ALA D 96 15.66 -46.96 0.48
CA ALA D 96 14.52 -47.11 -0.40
C ALA D 96 13.81 -48.39 0.03
N GLY D 97 12.49 -48.41 -0.01
CA GLY D 97 11.78 -49.62 0.40
C GLY D 97 10.57 -49.99 -0.43
N PHE D 98 10.02 -49.04 -1.16
CA PHE D 98 8.86 -49.34 -1.98
C PHE D 98 9.20 -50.14 -3.21
N GLY D 99 8.34 -51.11 -3.51
CA GLY D 99 8.47 -51.82 -4.76
C GLY D 99 7.27 -52.72 -5.03
N ARG D 100 7.12 -53.03 -6.32
CA ARG D 100 6.03 -53.85 -6.86
C ARG D 100 6.45 -54.65 -8.09
N THR D 101 5.85 -55.83 -8.27
CA THR D 101 6.05 -56.58 -9.52
C THR D 101 4.70 -56.95 -10.14
N ARG D 102 4.56 -56.70 -11.45
CA ARG D 102 3.35 -57.04 -12.20
C ARG D 102 3.66 -57.68 -13.55
N GLU D 103 2.94 -58.74 -13.92
CA GLU D 103 3.19 -59.36 -15.22
C GLU D 103 2.50 -58.59 -16.33
N THR D 104 3.19 -58.42 -17.45
CA THR D 104 2.68 -57.75 -18.64
C THR D 104 2.92 -58.52 -19.90
N SER D 105 2.50 -57.95 -21.04
CA SER D 105 2.74 -58.51 -22.36
C SER D 105 2.44 -59.99 -22.45
N THR D 106 3.37 -60.71 -23.06
CA THR D 106 3.29 -62.14 -23.15
C THR D 106 3.81 -62.70 -21.84
N PRO D 107 3.51 -63.95 -21.49
CA PRO D 107 3.96 -64.56 -20.27
C PRO D 107 5.47 -64.48 -20.16
N GLY D 108 5.94 -64.18 -18.96
CA GLY D 108 7.36 -64.06 -18.69
C GLY D 108 7.90 -62.64 -18.68
N VAL D 109 7.15 -61.65 -19.18
CA VAL D 109 7.67 -60.30 -19.14
C VAL D 109 7.07 -59.53 -17.98
N TYR D 110 7.91 -59.03 -17.11
CA TYR D 110 7.43 -58.34 -15.91
C TYR D 110 7.88 -56.92 -15.76
N ASN D 111 7.02 -56.12 -15.13
CA ASN D 111 7.39 -54.78 -14.75
C ASN D 111 7.81 -54.77 -13.30
N VAL D 112 9.08 -54.49 -13.09
CA VAL D 112 9.66 -54.47 -11.77
C VAL D 112 9.85 -53.02 -11.37
N VAL D 113 9.17 -52.62 -10.32
CA VAL D 113 9.20 -51.24 -9.91
C VAL D 113 9.85 -51.08 -8.57
N TYR D 114 10.85 -50.21 -8.47
CA TYR D 114 11.46 -49.99 -7.18
C TYR D 114 11.84 -48.52 -6.96
N GLU D 115 11.87 -48.15 -5.71
CA GLU D 115 12.24 -46.82 -5.23
C GLU D 115 13.74 -46.53 -5.27
N TYR D 116 14.08 -45.28 -5.60
CA TYR D 116 15.48 -44.84 -5.62
C TYR D 116 15.70 -43.54 -4.87
N VAL D 117 16.95 -43.31 -4.47
CA VAL D 117 17.32 -42.06 -3.82
C VAL D 117 18.10 -41.20 -4.83
N ASP D 118 19.15 -41.80 -5.39
CA ASP D 118 19.96 -41.22 -6.45
C ASP D 118 19.62 -41.94 -7.74
N GLU D 119 19.41 -41.18 -8.79
CA GLU D 119 19.03 -41.71 -10.07
C GLU D 119 19.99 -42.71 -10.70
N GLN D 120 21.30 -42.47 -10.62
CA GLN D 120 22.22 -43.38 -11.30
C GLN D 120 22.50 -44.56 -10.44
N ALA D 121 22.54 -44.35 -9.13
CA ALA D 121 22.74 -45.45 -8.23
C ALA D 121 21.57 -46.40 -8.30
N GLY D 122 20.35 -45.87 -8.48
CA GLY D 122 19.15 -46.66 -8.59
C GLY D 122 19.21 -47.57 -9.80
N ARG D 123 19.54 -47.00 -10.97
CA ARG D 123 19.60 -47.84 -12.15
C ARG D 123 20.72 -48.89 -12.03
N TYR D 124 21.84 -48.51 -11.41
CA TYR D 124 22.97 -49.41 -11.23
C TYR D 124 22.54 -50.63 -10.41
N ALA D 125 21.85 -50.39 -9.28
CA ALA D 125 21.39 -51.44 -8.37
C ALA D 125 20.45 -52.40 -9.08
N GLY D 126 19.64 -51.90 -9.99
CA GLY D 126 18.72 -52.74 -10.74
C GLY D 126 19.50 -53.75 -11.57
N ARG D 127 20.47 -53.25 -12.33
CA ARG D 127 21.26 -54.12 -13.17
C ARG D 127 22.08 -55.12 -12.34
N ALA D 128 22.61 -54.65 -11.22
CA ALA D 128 23.38 -55.51 -10.33
C ALA D 128 22.50 -56.61 -9.73
N ALA D 129 21.25 -56.29 -9.37
CA ALA D 129 20.35 -57.28 -8.80
C ALA D 129 20.09 -58.40 -9.77
N VAL D 130 19.99 -58.06 -11.05
CA VAL D 130 19.76 -59.08 -12.04
C VAL D 130 20.98 -59.97 -12.17
N ARG D 131 22.20 -59.40 -12.21
CA ARG D 131 23.40 -60.25 -12.31
C ARG D 131 23.58 -61.17 -11.11
N LEU D 132 23.32 -60.65 -9.91
CA LEU D 132 23.47 -61.44 -8.69
C LEU D 132 22.49 -62.58 -8.72
N CYS D 133 21.23 -62.26 -9.02
CA CYS D 133 20.17 -63.22 -9.04
C CYS D 133 20.35 -64.25 -10.15
N ARG D 134 20.90 -63.83 -11.30
CA ARG D 134 21.10 -64.78 -12.38
C ARG D 134 22.23 -65.75 -12.05
N SER D 135 23.33 -65.29 -11.45
CA SER D 135 24.41 -66.21 -11.15
C SER D 135 23.96 -67.28 -10.17
N LEU D 136 23.11 -66.92 -9.23
CA LEU D 136 22.66 -67.87 -8.22
C LEU D 136 21.60 -68.86 -8.67
N VAL D 137 21.15 -68.78 -9.93
CA VAL D 137 20.18 -69.73 -10.43
C VAL D 137 20.84 -70.58 -11.52
N ASP D 138 22.17 -70.42 -11.59
CA ASP D 138 23.06 -71.11 -12.50
C ASP D 138 24.00 -71.93 -11.60
N THR D 139 24.73 -71.22 -10.74
CA THR D 139 25.60 -71.81 -9.74
C THR D 139 24.97 -71.59 -8.38
N GLY D 140 25.64 -72.00 -7.32
CA GLY D 140 25.06 -71.89 -5.98
C GLY D 140 25.57 -70.74 -5.10
N ASP D 141 26.40 -69.87 -5.64
CA ASP D 141 26.99 -68.81 -4.85
C ASP D 141 27.33 -67.58 -5.70
N TYR D 142 27.88 -66.55 -5.07
CA TYR D 142 28.25 -65.32 -5.76
C TYR D 142 29.58 -64.85 -5.14
N PRO D 143 30.66 -64.65 -5.92
CA PRO D 143 31.96 -64.30 -5.41
C PRO D 143 31.91 -63.05 -4.56
N ARG D 144 32.65 -63.04 -3.46
CA ARG D 144 32.61 -61.87 -2.60
C ARG D 144 33.14 -60.63 -3.31
N LEU D 145 34.14 -60.80 -4.15
CA LEU D 145 34.73 -59.64 -4.81
C LEU D 145 33.81 -59.04 -5.85
N GLU D 146 32.80 -59.80 -6.29
CA GLU D 146 31.87 -59.33 -7.30
C GLU D 146 30.72 -58.63 -6.62
N LEU D 147 30.72 -58.63 -5.28
CA LEU D 147 29.72 -57.93 -4.52
C LEU D 147 30.37 -56.67 -4.00
N GLU D 148 31.62 -56.78 -3.52
CA GLU D 148 32.30 -55.63 -2.97
C GLU D 148 32.54 -54.55 -4.02
N LYS D 149 32.90 -54.93 -5.25
CA LYS D 149 33.13 -53.88 -6.23
C LYS D 149 31.84 -53.16 -6.62
N ASP D 150 30.69 -53.85 -6.56
CA ASP D 150 29.45 -53.22 -6.95
C ASP D 150 29.01 -52.28 -5.87
N LEU D 151 29.26 -52.65 -4.62
CA LEU D 151 28.89 -51.77 -3.53
C LEU D 151 29.78 -50.52 -3.60
N GLU D 152 31.06 -50.67 -3.99
CA GLU D 152 31.92 -49.50 -4.12
C GLU D 152 31.40 -48.55 -5.22
N ASP D 153 30.92 -49.10 -6.35
CA ASP D 153 30.39 -48.24 -7.39
C ASP D 153 29.14 -47.51 -6.94
N LEU D 154 28.27 -48.18 -6.16
CA LEU D 154 27.09 -47.48 -5.68
C LEU D 154 27.48 -46.37 -4.73
N ARG D 155 28.48 -46.57 -3.87
CA ARG D 155 28.89 -45.51 -2.95
C ARG D 155 29.42 -44.31 -3.71
N ASP D 156 30.17 -44.52 -4.79
CA ASP D 156 30.66 -43.36 -5.53
C ASP D 156 29.53 -42.66 -6.28
N LEU D 157 28.61 -43.41 -6.88
CA LEU D 157 27.52 -42.78 -7.62
C LEU D 157 26.66 -41.92 -6.72
N GLY D 158 26.45 -42.37 -5.49
CA GLY D 158 25.63 -41.64 -4.55
C GLY D 158 26.36 -40.47 -3.88
N ALA D 159 27.67 -40.34 -4.13
CA ALA D 159 28.46 -39.27 -3.54
C ALA D 159 28.63 -38.15 -4.54
N ASN D 160 28.79 -38.52 -5.81
CA ASN D 160 29.06 -37.57 -6.87
C ASN D 160 27.93 -36.58 -7.09
N SER D 161 26.71 -37.01 -6.81
CA SER D 161 25.51 -36.21 -6.98
C SER D 161 25.05 -35.49 -5.72
N ALA D 162 25.78 -35.61 -4.63
CA ALA D 162 25.36 -35.00 -3.39
C ALA D 162 25.44 -33.47 -3.44
N LEU D 163 24.51 -32.81 -2.75
CA LEU D 163 24.54 -31.36 -2.59
C LEU D 163 25.47 -31.04 -1.45
N GLY D 164 26.13 -29.90 -1.47
CA GLY D 164 26.94 -29.58 -0.31
C GLY D 164 25.99 -29.27 0.85
N PRO D 165 26.46 -29.32 2.10
CA PRO D 165 25.70 -29.12 3.33
C PRO D 165 25.04 -27.76 3.50
N SER D 166 25.57 -26.71 2.85
CA SER D 166 24.93 -25.42 3.00
C SER D 166 23.71 -25.34 2.10
N THR D 167 23.68 -26.15 1.04
CA THR D 167 22.57 -26.16 0.12
C THR D 167 21.52 -27.05 0.74
N GLU D 168 21.96 -28.16 1.34
CA GLU D 168 21.02 -29.08 1.96
C GLU D 168 20.25 -28.40 3.08
N THR D 169 20.94 -27.53 3.83
CA THR D 169 20.33 -26.80 4.92
C THR D 169 19.18 -25.91 4.42
N ILE D 170 19.41 -25.17 3.33
CA ILE D 170 18.35 -24.30 2.78
C ILE D 170 17.24 -25.11 2.13
N VAL D 171 17.60 -26.13 1.37
CA VAL D 171 16.62 -26.95 0.68
C VAL D 171 15.70 -27.69 1.64
N THR D 172 16.22 -28.22 2.73
CA THR D 172 15.40 -28.92 3.70
C THR D 172 14.35 -27.99 4.32
N GLU D 173 14.74 -26.77 4.68
CA GLU D 173 13.76 -25.85 5.24
C GLU D 173 12.74 -25.45 4.16
N ALA D 174 13.18 -25.28 2.91
CA ALA D 174 12.26 -24.91 1.85
C ALA D 174 11.19 -25.97 1.69
N GLU D 175 11.54 -27.25 1.81
CA GLU D 175 10.54 -28.31 1.70
C GLU D 175 9.55 -28.28 2.86
N ALA D 176 10.02 -27.98 4.06
CA ALA D 176 9.16 -27.89 5.23
C ALA D 176 8.07 -26.84 5.05
N ARG D 177 8.41 -25.76 4.34
CA ARG D 177 7.56 -24.61 4.03
C ARG D 177 6.77 -24.74 2.71
N LYS D 178 6.88 -25.89 2.06
CA LYS D 178 6.25 -26.21 0.79
C LYS D 178 6.66 -25.32 -0.38
N ILE D 179 7.95 -24.97 -0.46
CA ILE D 179 8.47 -24.17 -1.56
C ILE D 179 9.09 -25.16 -2.55
N PRO D 180 8.66 -25.22 -3.82
CA PRO D 180 9.16 -26.16 -4.79
C PRO D 180 10.60 -25.82 -5.15
N TRP D 181 11.42 -26.81 -5.47
CA TRP D 181 12.78 -26.51 -5.87
C TRP D 181 13.25 -27.40 -7.00
N MET D 182 14.20 -26.86 -7.77
CA MET D 182 14.79 -27.51 -8.94
C MET D 182 16.28 -27.28 -9.09
N LEU D 183 16.99 -28.23 -9.66
CA LEU D 183 18.37 -27.94 -9.99
C LEU D 183 18.40 -27.35 -11.38
N LEU D 184 19.31 -26.42 -11.61
CA LEU D 184 19.46 -25.84 -12.93
C LEU D 184 20.64 -26.44 -13.66
N SER D 185 20.62 -26.31 -14.97
CA SER D 185 21.63 -26.83 -15.89
C SER D 185 23.00 -26.16 -15.87
N ALA D 186 23.18 -25.03 -15.19
CA ALA D 186 24.49 -24.39 -15.17
C ALA D 186 24.88 -23.88 -13.80
N ARG D 187 26.19 -23.92 -13.56
CA ARG D 187 26.93 -23.38 -12.41
C ARG D 187 26.43 -23.80 -11.05
N ALA D 188 25.93 -25.02 -10.92
CA ALA D 188 25.43 -25.56 -9.66
C ALA D 188 24.37 -24.68 -9.00
N MET D 189 23.51 -24.03 -9.77
CA MET D 189 22.46 -23.20 -9.19
C MET D 189 21.20 -23.99 -8.91
N VAL D 190 20.46 -23.54 -7.89
CA VAL D 190 19.17 -24.11 -7.49
C VAL D 190 18.07 -23.07 -7.57
N GLN D 191 16.96 -23.41 -8.21
CA GLN D 191 15.82 -22.52 -8.29
C GLN D 191 14.78 -22.85 -7.22
N LEU D 192 14.26 -21.81 -6.59
CA LEU D 192 13.20 -21.93 -5.60
C LEU D 192 11.95 -21.17 -6.05
N GLY D 193 10.81 -21.84 -6.11
CA GLY D 193 9.55 -21.20 -6.55
C GLY D 193 9.29 -21.28 -8.07
N TYR D 194 8.08 -20.88 -8.50
CA TYR D 194 7.67 -20.91 -9.94
C TYR D 194 7.37 -19.55 -10.57
N GLY D 195 7.61 -19.44 -11.88
CA GLY D 195 7.24 -18.29 -12.69
C GLY D 195 7.85 -17.00 -12.18
N VAL D 196 7.01 -15.98 -12.06
CA VAL D 196 7.41 -14.68 -11.55
C VAL D 196 7.85 -14.66 -10.07
N TYR D 197 7.68 -15.73 -9.32
CA TYR D 197 8.09 -15.72 -7.92
C TYR D 197 9.36 -16.47 -7.67
N GLN D 198 10.04 -16.89 -8.71
CA GLN D 198 11.26 -17.64 -8.54
C GLN D 198 12.42 -16.83 -7.98
N GLN D 199 13.27 -17.54 -7.23
CA GLN D 199 14.53 -17.07 -6.68
C GLN D 199 15.62 -18.08 -6.99
N ARG D 200 16.87 -17.64 -7.01
CA ARG D 200 17.98 -18.57 -7.21
C ARG D 200 18.98 -18.48 -6.07
N ILE D 201 19.56 -19.62 -5.74
CA ILE D 201 20.63 -19.70 -4.78
C ILE D 201 21.80 -20.52 -5.31
N GLN D 202 22.96 -20.29 -4.73
CA GLN D 202 24.13 -21.09 -5.00
C GLN D 202 24.91 -21.16 -3.71
N ALA D 203 24.79 -22.27 -3.01
CA ALA D 203 25.40 -22.38 -1.68
C ALA D 203 24.88 -21.23 -0.80
N THR D 204 25.78 -20.34 -0.40
CA THR D 204 25.49 -19.21 0.48
C THR D 204 25.33 -17.85 -0.20
N LEU D 205 25.30 -17.84 -1.53
CA LEU D 205 25.01 -16.65 -2.35
C LEU D 205 23.60 -16.75 -2.87
N SER D 206 22.94 -15.62 -3.05
CA SER D 206 21.59 -15.65 -3.59
C SER D 206 21.35 -14.54 -4.55
N SER D 207 20.15 -14.54 -5.11
CA SER D 207 19.66 -13.54 -6.03
C SER D 207 19.58 -12.13 -5.41
N HIS D 208 19.69 -12.03 -4.09
CA HIS D 208 19.70 -10.75 -3.38
C HIS D 208 21.11 -10.24 -3.02
N SER D 209 22.14 -10.99 -3.38
CA SER D 209 23.50 -10.59 -3.05
C SER D 209 24.09 -9.80 -4.19
N GLY D 210 24.45 -8.54 -3.90
CA GLY D 210 24.97 -7.64 -4.91
C GLY D 210 26.43 -7.86 -5.16
N ILE D 211 26.86 -7.56 -6.36
CA ILE D 211 28.24 -7.70 -6.74
C ILE D 211 29.18 -6.68 -6.13
N LEU D 212 28.73 -5.44 -5.94
CA LEU D 212 29.66 -4.45 -5.41
C LEU D 212 30.03 -4.80 -3.98
N GLY D 213 29.06 -5.29 -3.21
CA GLY D 213 29.25 -5.70 -1.82
C GLY D 213 30.18 -6.89 -1.71
N VAL D 214 29.94 -7.91 -2.53
CA VAL D 214 30.76 -9.10 -2.48
C VAL D 214 32.19 -8.80 -2.89
N GLU D 215 32.40 -7.99 -3.93
CA GLU D 215 33.78 -7.67 -4.29
C GLU D 215 34.48 -6.83 -3.23
N LEU D 216 33.79 -5.89 -2.59
CA LEU D 216 34.43 -5.09 -1.55
C LEU D 216 34.86 -5.96 -0.39
N ALA D 217 34.03 -6.93 -0.03
CA ALA D 217 34.30 -7.84 1.08
C ALA D 217 35.52 -8.73 0.81
N CYS D 218 35.97 -8.85 -0.43
CA CYS D 218 37.09 -9.72 -0.75
C CYS D 218 38.40 -8.94 -0.81
N ASP D 219 38.29 -7.63 -0.66
CA ASP D 219 39.40 -6.70 -0.72
C ASP D 219 39.74 -6.26 0.70
N LYS D 220 40.78 -6.83 1.31
CA LYS D 220 41.02 -6.52 2.70
C LYS D 220 41.40 -5.08 2.97
N GLU D 221 42.17 -4.47 2.08
CA GLU D 221 42.57 -3.09 2.23
C GLU D 221 41.38 -2.17 2.02
N GLY D 222 40.53 -2.50 1.05
CA GLY D 222 39.34 -1.75 0.75
C GLY D 222 38.36 -1.80 1.89
N THR D 223 38.15 -2.99 2.46
CA THR D 223 37.22 -3.17 3.55
C THR D 223 37.65 -2.37 4.75
N LYS D 224 38.93 -2.44 5.11
CA LYS D 224 39.43 -1.72 6.25
C LYS D 224 39.26 -0.22 6.09
N THR D 225 39.54 0.31 4.90
CA THR D 225 39.42 1.73 4.63
C THR D 225 37.98 2.19 4.82
N ILE D 226 37.03 1.45 4.26
CA ILE D 226 35.62 1.80 4.37
C ILE D 226 35.14 1.74 5.80
N LEU D 227 35.53 0.73 6.56
CA LEU D 227 35.05 0.66 7.92
C LEU D 227 35.68 1.68 8.85
N GLN D 228 36.96 1.98 8.72
CA GLN D 228 37.49 2.95 9.67
C GLN D 228 36.96 4.36 9.39
N ASP D 229 36.53 4.63 8.15
CA ASP D 229 35.92 5.90 7.78
C ASP D 229 34.52 6.06 8.36
N ALA D 230 33.93 4.97 8.86
CA ALA D 230 32.60 4.94 9.44
C ALA D 230 32.65 4.93 10.96
N GLY D 231 33.86 5.02 11.53
CA GLY D 231 34.00 4.97 12.98
C GLY D 231 33.96 3.56 13.57
N ILE D 232 34.29 2.52 12.77
CA ILE D 232 34.27 1.14 13.23
C ILE D 232 35.69 0.66 13.60
N PRO D 233 35.93 0.08 14.82
CA PRO D 233 37.24 -0.40 15.27
C PRO D 233 37.81 -1.57 14.48
N VAL D 234 39.00 -1.37 13.96
CA VAL D 234 39.73 -2.35 13.15
C VAL D 234 41.18 -2.36 13.65
N PRO D 235 41.99 -3.39 13.38
CA PRO D 235 43.40 -3.44 13.74
C PRO D 235 44.25 -2.35 13.13
N ARG D 236 45.23 -1.87 13.88
CA ARG D 236 46.20 -0.88 13.41
C ARG D 236 47.39 -1.56 12.71
N GLY D 237 47.84 -1.08 11.55
CA GLY D 237 48.97 -1.73 10.86
C GLY D 237 49.45 -0.96 9.62
N THR D 238 50.44 -1.52 8.90
CA THR D 238 51.05 -0.84 7.75
C THR D 238 51.36 -1.71 6.51
N THR D 239 52.04 -1.07 5.55
CA THR D 239 52.47 -1.70 4.31
C THR D 239 53.98 -1.57 4.07
N ILE D 240 54.70 -2.69 4.07
CA ILE D 240 56.13 -2.69 3.85
C ILE D 240 56.41 -3.65 2.72
N GLN D 241 56.92 -3.21 1.57
CA GLN D 241 57.11 -4.17 0.49
C GLN D 241 58.44 -4.90 0.52
N TYR D 242 58.59 -5.67 1.58
CA TYR D 242 59.71 -6.52 1.93
C TYR D 242 61.05 -5.79 2.01
N PHE D 243 61.03 -4.64 2.65
CA PHE D 243 62.20 -3.85 2.94
C PHE D 243 62.45 -4.06 4.40
N ASP D 244 63.69 -4.02 4.86
CA ASP D 244 63.87 -4.26 6.29
C ASP D 244 63.60 -2.97 7.09
N ASP D 245 62.31 -2.60 7.14
CA ASP D 245 61.77 -1.41 7.80
C ASP D 245 60.94 -1.78 9.02
N LEU D 246 60.94 -3.05 9.40
CA LEU D 246 60.10 -3.51 10.49
C LEU D 246 60.46 -2.87 11.81
N GLU D 247 61.74 -2.62 12.00
CA GLU D 247 62.26 -2.03 13.22
C GLU D 247 61.78 -0.59 13.41
N GLU D 248 61.31 0.04 12.34
CA GLU D 248 60.79 1.40 12.44
C GLU D 248 59.27 1.35 12.48
N ALA D 249 58.67 0.42 11.72
CA ALA D 249 57.21 0.32 11.61
C ALA D 249 56.58 0.11 12.97
N ILE D 250 57.25 -0.62 13.83
CA ILE D 250 56.72 -0.87 15.16
C ILE D 250 56.54 0.45 15.96
N ASN D 251 57.20 1.53 15.56
CA ASN D 251 57.05 2.79 16.25
C ASN D 251 55.69 3.43 15.94
N ASP D 252 55.12 3.12 14.77
CA ASP D 252 53.84 3.67 14.38
C ASP D 252 52.71 2.76 14.83
N VAL D 253 53.01 1.47 14.88
CA VAL D 253 52.04 0.43 15.21
C VAL D 253 51.81 0.25 16.71
N GLY D 254 52.87 0.24 17.54
CA GLY D 254 52.71 0.05 18.98
C GLY D 254 53.70 -0.94 19.64
N GLY D 255 54.92 -0.99 19.14
CA GLY D 255 55.96 -1.83 19.72
C GLY D 255 55.99 -3.21 19.08
N TYR D 256 56.72 -4.14 19.69
CA TYR D 256 56.89 -5.46 19.10
C TYR D 256 55.71 -6.42 19.05
N PRO D 257 54.70 -6.42 19.95
CA PRO D 257 53.62 -7.39 19.91
C PRO D 257 52.80 -7.16 18.66
N VAL D 258 53.29 -7.76 17.56
CA VAL D 258 52.69 -7.58 16.26
C VAL D 258 52.43 -8.88 15.52
N VAL D 259 51.60 -8.75 14.49
CA VAL D 259 51.24 -9.83 13.61
C VAL D 259 51.80 -9.60 12.21
N ILE D 260 52.55 -10.57 11.70
CA ILE D 260 53.12 -10.47 10.36
C ILE D 260 52.57 -11.51 9.41
N LYS D 261 51.87 -11.05 8.38
CA LYS D 261 51.27 -11.94 7.40
C LYS D 261 51.98 -11.76 6.06
N PRO D 262 51.94 -12.74 5.15
CA PRO D 262 52.47 -12.63 3.82
C PRO D 262 51.64 -11.55 3.27
N LEU D 263 52.17 -10.72 2.42
CA LEU D 263 51.31 -9.66 1.98
C LEU D 263 50.11 -10.14 1.14
N ASP D 264 50.27 -11.16 0.30
CA ASP D 264 49.11 -11.59 -0.47
C ASP D 264 48.29 -12.66 0.26
N GLY D 265 47.21 -13.09 -0.37
CA GLY D 265 46.34 -14.11 0.20
C GLY D 265 46.51 -15.49 -0.43
N ASN D 266 47.34 -16.33 0.17
CA ASN D 266 47.58 -17.65 -0.38
C ASN D 266 47.58 -18.69 0.73
N HIS D 267 46.39 -18.92 1.28
CA HIS D 267 46.16 -19.83 2.42
C HIS D 267 46.79 -19.32 3.71
N GLY D 268 46.45 -19.99 4.82
CA GLY D 268 46.89 -19.57 6.15
C GLY D 268 48.32 -20.04 6.46
N ARG D 269 49.26 -19.54 5.68
CA ARG D 269 50.65 -19.98 5.76
C ARG D 269 51.63 -18.81 5.81
N GLY D 270 52.73 -18.98 6.56
CA GLY D 270 53.74 -17.93 6.64
C GLY D 270 53.30 -16.80 7.57
N ILE D 271 52.44 -17.12 8.53
CA ILE D 271 51.90 -16.13 9.44
C ILE D 271 52.37 -16.27 10.86
N THR D 272 52.92 -15.19 11.39
CA THR D 272 53.32 -15.18 12.79
C THR D 272 52.37 -14.27 13.55
N ILE D 273 51.70 -14.85 14.54
CA ILE D 273 50.70 -14.11 15.31
C ILE D 273 51.28 -13.23 16.40
N ASN D 274 52.25 -13.69 17.16
CA ASN D 274 52.73 -12.80 18.19
C ASN D 274 54.24 -12.71 18.20
N VAL D 275 54.74 -11.66 17.54
CA VAL D 275 56.14 -11.34 17.41
C VAL D 275 56.51 -10.53 18.63
N ARG D 276 57.57 -10.90 19.31
CA ARG D 276 58.00 -10.18 20.49
C ARG D 276 59.42 -9.60 20.34
N HIS D 277 60.22 -10.15 19.43
CA HIS D 277 61.61 -9.74 19.30
C HIS D 277 62.04 -9.44 17.86
N TRP D 278 63.12 -8.67 17.70
CA TRP D 278 63.60 -8.24 16.38
C TRP D 278 63.87 -9.42 15.44
N GLN D 279 64.54 -10.44 15.94
CA GLN D 279 64.87 -11.58 15.10
C GLN D 279 63.66 -12.42 14.72
N GLU D 280 62.57 -12.28 15.48
CA GLU D 280 61.37 -13.04 15.21
C GLU D 280 60.68 -12.34 14.07
N ALA D 281 60.75 -11.01 14.11
CA ALA D 281 60.15 -10.19 13.08
C ALA D 281 60.82 -10.53 11.76
N ILE D 282 62.14 -10.76 11.80
CA ILE D 282 62.86 -11.13 10.59
C ILE D 282 62.48 -12.53 10.16
N ALA D 283 62.38 -13.48 11.06
CA ALA D 283 61.97 -14.78 10.55
C ALA D 283 60.60 -14.68 9.86
N ALA D 284 59.68 -13.90 10.45
CA ALA D 284 58.37 -13.73 9.86
C ALA D 284 58.47 -13.02 8.52
N TYR D 285 59.37 -12.05 8.41
CA TYR D 285 59.66 -11.26 7.22
C TYR D 285 60.07 -12.16 6.07
N ASP D 286 61.02 -13.06 6.36
CA ASP D 286 61.54 -13.98 5.35
C ASP D 286 60.44 -14.90 4.83
N LEU D 287 59.50 -15.30 5.69
CA LEU D 287 58.40 -16.14 5.23
C LEU D 287 57.37 -15.31 4.48
N ALA D 288 57.12 -14.09 4.96
CA ALA D 288 56.13 -13.23 4.33
C ALA D 288 56.52 -12.96 2.89
N ALA D 289 57.83 -12.83 2.68
CA ALA D 289 58.50 -12.49 1.42
C ALA D 289 58.22 -13.49 0.31
N GLU D 290 57.73 -14.67 0.64
CA GLU D 290 57.41 -15.66 -0.36
C GLU D 290 56.25 -15.21 -1.28
N GLU D 291 55.31 -14.41 -0.75
CA GLU D 291 54.11 -13.97 -1.49
C GLU D 291 54.25 -12.56 -2.10
N SER D 292 53.38 -12.23 -3.07
CA SER D 292 53.42 -10.91 -3.74
C SER D 292 53.30 -9.74 -2.77
N LYS D 293 54.09 -8.70 -3.04
CA LYS D 293 54.23 -7.48 -2.23
C LYS D 293 53.16 -6.36 -2.28
N ILE D 297 49.22 -5.67 4.85
CA ILE D 297 48.88 -6.45 6.04
C ILE D 297 50.11 -6.88 6.87
N ILE D 298 51.04 -5.96 7.08
CA ILE D 298 52.25 -6.30 7.81
C ILE D 298 52.36 -5.42 9.05
N VAL D 299 52.98 -5.97 10.08
CA VAL D 299 53.16 -5.30 11.37
C VAL D 299 51.82 -4.80 11.91
N GLU D 300 50.85 -5.68 12.09
CA GLU D 300 49.64 -5.19 12.70
C GLU D 300 49.81 -5.29 14.18
N ARG D 301 49.16 -4.44 14.91
CA ARG D 301 49.21 -4.59 16.33
C ARG D 301 48.53 -5.91 16.67
N TYR D 302 49.08 -6.64 17.63
CA TYR D 302 48.48 -7.86 18.14
C TYR D 302 47.46 -7.54 19.21
N TYR D 303 46.26 -8.11 19.07
CA TYR D 303 45.21 -7.90 20.06
C TYR D 303 44.92 -9.22 20.77
N GLU D 304 44.61 -9.16 22.04
CA GLU D 304 44.31 -10.39 22.77
C GLU D 304 42.82 -10.67 22.78
N GLY D 305 42.46 -11.95 22.83
CA GLY D 305 41.06 -12.34 22.91
C GLY D 305 40.80 -13.61 22.15
N SER D 306 39.54 -13.99 22.08
CA SER D 306 39.12 -15.20 21.40
C SER D 306 38.59 -14.83 20.04
N ASP D 307 38.56 -15.81 19.14
CA ASP D 307 38.02 -15.66 17.80
C ASP D 307 36.52 -15.97 17.71
N HIS D 308 35.70 -14.95 17.49
CA HIS D 308 34.27 -15.12 17.42
C HIS D 308 33.72 -14.91 16.03
N ARG D 309 32.80 -15.77 15.64
CA ARG D 309 32.11 -15.64 14.37
C ARG D 309 30.68 -15.21 14.56
N VAL D 310 30.34 -14.07 13.96
CA VAL D 310 29.00 -13.52 14.05
C VAL D 310 28.30 -13.60 12.71
N LEU D 311 27.11 -14.20 12.69
CA LEU D 311 26.31 -14.33 11.47
C LEU D 311 25.14 -13.35 11.42
N VAL D 312 25.12 -12.51 10.38
CA VAL D 312 24.09 -11.51 10.14
C VAL D 312 23.41 -11.85 8.80
N VAL D 313 22.07 -11.91 8.76
CA VAL D 313 21.38 -12.29 7.51
C VAL D 313 20.66 -11.21 6.72
N ASN D 314 19.89 -10.37 7.34
CA ASN D 314 19.19 -9.36 6.55
C ASN D 314 19.29 -8.04 7.27
N GLY D 315 20.51 -7.69 7.67
CA GLY D 315 20.73 -6.52 8.47
C GLY D 315 20.33 -6.78 9.91
N LYS D 316 20.22 -8.06 10.25
CA LYS D 316 19.80 -8.55 11.54
C LYS D 316 20.62 -9.76 12.00
N LEU D 317 21.06 -9.73 13.25
CA LEU D 317 21.85 -10.82 13.83
C LEU D 317 21.10 -12.13 14.02
N VAL D 318 21.72 -13.22 13.56
CA VAL D 318 21.18 -14.57 13.68
C VAL D 318 21.92 -15.46 14.67
N ALA D 319 23.25 -15.51 14.62
CA ALA D 319 23.97 -16.43 15.51
C ALA D 319 25.39 -15.97 15.85
N VAL D 320 25.89 -16.37 17.02
CA VAL D 320 27.28 -16.10 17.43
C VAL D 320 27.99 -17.37 17.92
N ALA D 321 29.20 -17.65 17.44
CA ALA D 321 29.95 -18.82 17.92
C ALA D 321 31.40 -18.53 18.21
N GLU D 322 31.91 -19.10 19.28
CA GLU D 322 33.31 -18.97 19.66
C GLU D 322 34.13 -20.12 19.12
N ARG D 323 35.19 -19.81 18.39
CA ARG D 323 36.00 -20.82 17.74
C ARG D 323 37.35 -21.04 18.39
N ILE D 324 37.63 -22.29 18.73
CA ILE D 324 38.85 -22.69 19.42
C ILE D 324 39.63 -23.76 18.62
N PRO D 325 40.95 -23.60 18.37
CA PRO D 325 41.80 -24.51 17.62
C PRO D 325 42.03 -25.83 18.34
N ALA D 326 42.34 -26.87 17.55
CA ALA D 326 42.60 -28.23 18.05
C ALA D 326 43.64 -28.21 19.14
N HIS D 327 43.37 -28.93 20.22
CA HIS D 327 44.27 -28.95 21.35
C HIS D 327 44.12 -30.14 22.27
N VAL D 328 45.11 -30.30 23.14
CA VAL D 328 45.08 -31.26 24.22
C VAL D 328 45.44 -30.54 25.51
N THR D 329 45.06 -31.12 26.63
CA THR D 329 45.38 -30.49 27.89
C THR D 329 46.04 -31.45 28.85
N GLY D 330 46.63 -30.89 29.91
CA GLY D 330 47.31 -31.65 30.96
C GLY D 330 46.34 -32.43 31.84
N ASP D 331 45.70 -33.42 31.22
CA ASP D 331 44.74 -34.31 31.81
C ASP D 331 45.52 -35.45 32.45
N GLY D 332 46.22 -35.09 33.51
CA GLY D 332 47.11 -35.99 34.23
C GLY D 332 48.52 -35.93 33.64
N SER D 333 49.46 -36.65 34.25
CA SER D 333 50.86 -36.61 33.83
C SER D 333 51.15 -37.52 32.64
N SER D 334 50.58 -37.17 31.51
CA SER D 334 50.68 -37.90 30.25
C SER D 334 51.37 -37.06 29.19
N THR D 335 51.93 -37.70 28.19
CA THR D 335 52.60 -36.97 27.12
C THR D 335 51.61 -36.48 26.11
N ILE D 336 52.06 -35.60 25.22
CA ILE D 336 51.16 -35.15 24.17
C ILE D 336 50.74 -36.30 23.27
N SER D 337 51.65 -37.17 22.83
CA SER D 337 51.15 -38.23 21.96
C SER D 337 50.14 -39.12 22.69
N GLU D 338 50.30 -39.29 24.00
CA GLU D 338 49.36 -40.08 24.79
C GLU D 338 48.02 -39.37 24.94
N LEU D 339 48.06 -38.06 25.15
CA LEU D 339 46.86 -37.25 25.29
C LEU D 339 46.08 -37.20 24.01
N ILE D 340 46.77 -37.15 22.87
CA ILE D 340 46.07 -37.13 21.62
C ILE D 340 45.37 -38.46 21.46
N GLU D 341 46.04 -39.57 21.73
CA GLU D 341 45.35 -40.82 21.56
C GLU D 341 44.18 -40.95 22.53
N LYS D 342 44.31 -40.43 23.75
CA LYS D 342 43.22 -40.48 24.72
C LYS D 342 41.99 -39.68 24.29
N THR D 343 42.17 -38.46 23.77
CA THR D 343 41.02 -37.63 23.43
C THR D 343 40.53 -37.85 22.00
N ASN D 344 41.34 -38.44 21.14
CA ASN D 344 40.96 -38.64 19.76
C ASN D 344 40.04 -39.86 19.62
N GLN D 345 39.77 -40.52 20.75
CA GLN D 345 38.86 -41.66 20.83
C GLN D 345 37.45 -41.21 21.20
N ASP D 346 37.27 -39.92 21.43
CA ASP D 346 35.96 -39.38 21.78
C ASP D 346 34.97 -39.73 20.66
N PRO D 347 33.82 -40.37 20.95
CA PRO D 347 32.83 -40.86 20.02
C PRO D 347 32.16 -39.78 19.17
N ASN D 348 32.37 -38.51 19.53
CA ASN D 348 31.77 -37.44 18.79
C ASN D 348 32.76 -36.88 17.76
N ARG D 349 33.84 -37.63 17.53
CA ARG D 349 34.89 -37.23 16.55
C ARG D 349 34.86 -38.16 15.33
N GLY D 350 34.21 -37.74 14.25
CA GLY D 350 34.11 -38.56 13.02
C GLY D 350 34.40 -38.27 11.56
N ASP D 351 35.64 -38.52 11.13
CA ASP D 351 36.05 -38.28 9.72
C ASP D 351 35.80 -36.92 9.07
N GLY D 352 35.17 -36.89 7.89
CA GLY D 352 34.88 -35.63 7.18
C GLY D 352 33.44 -35.18 7.03
N HIS D 353 32.99 -34.28 7.92
CA HIS D 353 31.60 -33.75 7.88
C HIS D 353 30.62 -34.81 8.33
N ASP D 354 31.15 -35.93 8.79
CA ASP D 354 30.37 -37.08 9.32
C ASP D 354 29.89 -37.01 10.80
N ASN D 355 30.68 -36.46 11.72
CA ASN D 355 30.37 -36.47 13.19
C ASN D 355 30.51 -35.00 13.56
N ILE D 356 30.14 -34.55 14.75
CA ILE D 356 30.38 -33.14 15.10
C ILE D 356 31.78 -32.56 15.01
N LEU D 357 32.70 -33.27 15.61
CA LEU D 357 34.10 -32.95 15.71
C LEU D 357 34.91 -33.85 14.80
N THR D 358 36.13 -33.49 14.50
CA THR D 358 36.92 -34.42 13.71
C THR D 358 38.18 -34.79 14.44
N LYS D 359 38.97 -35.61 13.80
CA LYS D 359 40.17 -36.17 14.37
C LYS D 359 41.34 -35.20 14.44
N ILE D 360 42.17 -35.39 15.45
CA ILE D 360 43.41 -34.66 15.59
C ILE D 360 44.53 -35.38 14.87
N VAL D 361 45.14 -34.65 13.97
CA VAL D 361 46.22 -35.16 13.15
C VAL D 361 47.47 -34.34 13.36
N VAL D 362 48.59 -35.02 13.61
CA VAL D 362 49.84 -34.31 13.78
C VAL D 362 50.75 -34.56 12.61
N ASN D 363 51.38 -33.48 12.20
CA ASN D 363 52.29 -33.34 11.09
C ASN D 363 53.35 -32.33 11.46
N LYS D 364 54.28 -32.05 10.56
CA LYS D 364 55.37 -31.11 10.83
C LYS D 364 54.87 -29.72 11.22
N THR D 365 53.66 -29.37 10.79
CA THR D 365 53.11 -28.06 11.11
C THR D 365 52.54 -28.05 12.51
N ALA D 366 52.15 -29.21 13.04
CA ALA D 366 51.63 -29.29 14.39
C ALA D 366 52.81 -29.23 15.31
N ILE D 367 53.91 -29.82 14.84
CA ILE D 367 55.12 -29.84 15.62
C ILE D 367 55.65 -28.43 15.71
N ASP D 368 55.68 -27.71 14.61
CA ASP D 368 56.15 -26.33 14.64
C ASP D 368 55.32 -25.52 15.68
N VAL D 369 53.98 -25.73 15.71
CA VAL D 369 53.14 -25.03 16.68
C VAL D 369 53.49 -25.46 18.11
N MET D 370 53.67 -26.77 18.35
CA MET D 370 54.02 -27.25 19.69
C MET D 370 55.41 -26.80 20.16
N GLU D 371 56.39 -26.73 19.25
CA GLU D 371 57.74 -26.32 19.65
C GLU D 371 57.74 -24.91 20.18
N ARG D 372 56.94 -24.02 19.61
CA ARG D 372 56.86 -22.65 20.08
C ARG D 372 56.30 -22.52 21.49
N GLN D 373 55.61 -23.55 21.97
CA GLN D 373 55.00 -23.55 23.27
C GLN D 373 55.93 -24.24 24.28
N GLY D 374 57.07 -24.76 23.78
CA GLY D 374 58.02 -25.49 24.61
C GLY D 374 57.72 -26.98 24.75
N TYR D 375 56.93 -27.56 23.83
CA TYR D 375 56.58 -28.97 23.92
C TYR D 375 56.73 -29.75 22.63
N ASN D 376 56.83 -31.07 22.75
CA ASN D 376 56.83 -31.96 21.60
C ASN D 376 56.03 -33.22 21.96
N LEU D 377 55.92 -34.17 21.05
CA LEU D 377 55.07 -35.35 21.27
C LEU D 377 55.43 -36.20 22.48
N ASP D 378 56.70 -36.24 22.87
CA ASP D 378 57.08 -37.06 24.01
C ASP D 378 57.14 -36.26 25.32
N SER D 379 56.72 -34.99 25.29
CA SER D 379 56.75 -34.15 26.47
C SER D 379 55.52 -34.38 27.32
N VAL D 380 55.70 -34.32 28.65
CA VAL D 380 54.59 -34.43 29.62
C VAL D 380 54.09 -33.06 29.99
N LEU D 381 52.77 -32.88 29.93
CA LEU D 381 52.26 -31.56 30.27
C LEU D 381 51.95 -31.46 31.76
N PRO D 382 52.21 -30.31 32.41
CA PRO D 382 51.82 -29.99 33.76
C PRO D 382 50.31 -30.02 33.88
N LYS D 383 49.81 -30.36 35.06
CA LYS D 383 48.36 -30.40 35.24
C LYS D 383 47.71 -29.10 34.82
N ASP D 384 46.65 -29.26 34.00
CA ASP D 384 45.80 -28.20 33.44
C ASP D 384 46.46 -27.28 32.40
N GLU D 385 47.64 -27.65 31.93
CA GLU D 385 48.33 -26.93 30.86
C GLU D 385 47.59 -27.13 29.55
N VAL D 386 47.48 -26.08 28.72
CA VAL D 386 46.81 -26.27 27.43
C VAL D 386 47.79 -26.09 26.28
N VAL D 387 47.87 -27.09 25.43
CA VAL D 387 48.76 -27.05 24.27
C VAL D 387 47.99 -27.16 22.99
N TYR D 388 48.22 -26.19 22.12
CA TYR D 388 47.53 -26.14 20.86
C TYR D 388 48.29 -26.86 19.78
N LEU D 389 47.57 -27.56 18.92
CA LEU D 389 48.17 -28.29 17.81
C LEU D 389 48.01 -27.56 16.48
N ARG D 390 47.34 -26.41 16.51
CA ARG D 390 47.06 -25.57 15.35
C ARG D 390 47.12 -24.10 15.72
N ALA D 391 47.55 -23.27 14.78
CA ALA D 391 47.59 -21.82 14.98
C ALA D 391 46.22 -21.14 14.86
N THR D 392 45.30 -21.70 14.06
CA THR D 392 43.98 -21.09 13.85
C THR D 392 42.86 -22.07 14.12
N ALA D 393 41.66 -21.54 14.38
CA ALA D 393 40.50 -22.39 14.64
C ALA D 393 39.74 -22.77 13.39
N ASN D 394 39.38 -24.06 13.32
CA ASN D 394 38.61 -24.64 12.24
C ASN D 394 38.06 -26.00 12.69
N LEU D 395 36.74 -26.20 12.58
CA LEU D 395 36.15 -27.47 12.99
C LEU D 395 36.69 -28.63 12.19
N SER D 396 37.01 -28.40 10.92
CA SER D 396 37.50 -29.44 10.03
C SER D 396 38.91 -29.88 10.35
N THR D 397 39.62 -29.16 11.23
CA THR D 397 40.97 -29.51 11.58
C THR D 397 41.01 -30.07 12.99
N GLY D 398 39.83 -30.27 13.61
CA GLY D 398 39.79 -30.83 14.95
C GLY D 398 39.50 -29.85 16.08
N GLY D 399 39.10 -28.60 15.77
CA GLY D 399 38.79 -27.64 16.82
C GLY D 399 37.35 -27.78 17.28
N ILE D 400 36.90 -26.81 18.05
CA ILE D 400 35.55 -26.82 18.60
C ILE D 400 34.82 -25.50 18.32
N ALA D 401 33.50 -25.51 18.46
CA ALA D 401 32.69 -24.30 18.30
C ALA D 401 31.64 -24.27 19.38
N ILE D 402 31.60 -23.15 20.10
CA ILE D 402 30.69 -22.97 21.21
C ILE D 402 29.64 -21.91 20.93
N ASP D 403 28.37 -22.25 21.05
CA ASP D 403 27.33 -21.25 20.84
C ASP D 403 27.32 -20.21 21.94
N ARG D 404 27.42 -18.94 21.56
CA ARG D 404 27.44 -17.81 22.49
C ARG D 404 26.38 -16.80 22.06
N THR D 405 25.33 -17.27 21.40
CA THR D 405 24.35 -16.38 20.80
C THR D 405 23.61 -15.53 21.79
N ASP D 406 23.31 -16.06 22.95
CA ASP D 406 22.53 -15.33 23.92
C ASP D 406 23.37 -14.51 24.89
N ASP D 407 24.69 -14.50 24.71
CA ASP D 407 25.59 -13.79 25.61
C ASP D 407 26.11 -12.47 25.05
N ILE D 408 25.63 -12.06 23.88
CA ILE D 408 26.16 -10.87 23.25
C ILE D 408 25.44 -9.60 23.68
N HIS D 409 26.25 -8.61 24.06
CA HIS D 409 25.79 -7.31 24.54
C HIS D 409 25.02 -6.51 23.45
N PRO D 410 23.89 -5.83 23.77
CA PRO D 410 23.09 -5.00 22.88
C PRO D 410 23.85 -3.96 22.05
N GLU D 411 24.94 -3.43 22.56
CA GLU D 411 25.68 -2.47 21.78
C GLU D 411 26.50 -3.18 20.73
N ASN D 412 26.96 -4.39 21.04
CA ASN D 412 27.75 -5.13 20.10
C ASN D 412 26.84 -5.63 19.01
N ILE D 413 25.57 -5.88 19.35
CA ILE D 413 24.62 -6.33 18.33
C ILE D 413 24.43 -5.21 17.32
N TRP D 414 24.25 -3.98 17.83
CA TRP D 414 24.08 -2.81 17.00
C TRP D 414 25.27 -2.59 16.08
N LEU D 415 26.48 -2.70 16.61
CA LEU D 415 27.64 -2.51 15.78
C LEU D 415 27.75 -3.54 14.67
N MET D 416 27.49 -4.82 14.94
CA MET D 416 27.62 -5.85 13.91
C MET D 416 26.66 -5.64 12.76
N GLU D 417 25.45 -5.22 13.05
CA GLU D 417 24.48 -4.97 12.02
C GLU D 417 24.89 -3.77 11.17
N ARG D 418 25.47 -2.73 11.81
CA ARG D 418 25.93 -1.56 11.09
C ARG D 418 27.08 -1.94 10.13
N VAL D 419 27.97 -2.85 10.54
CA VAL D 419 29.08 -3.27 9.69
C VAL D 419 28.59 -3.93 8.41
N ALA D 420 27.62 -4.84 8.52
CA ALA D 420 27.12 -5.51 7.33
C ALA D 420 26.48 -4.53 6.34
N LYS D 421 25.79 -3.52 6.86
CA LYS D 421 25.14 -2.49 6.05
C LYS D 421 26.13 -1.55 5.35
N VAL D 422 27.22 -1.20 6.04
CA VAL D 422 28.28 -0.35 5.49
C VAL D 422 28.98 -1.04 4.32
N ILE D 423 29.27 -2.33 4.45
CA ILE D 423 29.90 -3.09 3.37
C ILE D 423 28.92 -3.71 2.39
N GLY D 424 27.64 -3.34 2.43
CA GLY D 424 26.70 -3.91 1.50
C GLY D 424 26.41 -5.35 1.18
N LEU D 425 26.48 -6.19 2.23
CA LEU D 425 26.28 -7.65 2.06
C LEU D 425 25.03 -8.10 2.82
N ASP D 426 24.19 -8.93 2.21
CA ASP D 426 23.09 -9.49 2.98
C ASP D 426 23.46 -10.63 3.91
N ILE D 427 24.05 -11.68 3.40
CA ILE D 427 24.46 -12.75 4.29
C ILE D 427 25.95 -12.61 4.50
N ALA D 428 26.32 -12.37 5.76
CA ALA D 428 27.69 -12.10 6.09
C ALA D 428 28.19 -12.72 7.37
N GLY D 429 29.45 -13.14 7.34
CA GLY D 429 30.12 -13.58 8.53
C GLY D 429 31.08 -12.50 8.98
N ILE D 430 31.09 -12.19 10.26
CA ILE D 430 32.01 -11.17 10.74
C ILE D 430 32.94 -11.80 11.77
N ASP D 431 34.25 -11.62 11.56
CA ASP D 431 35.28 -12.15 12.47
C ASP D 431 35.72 -11.10 13.46
N VAL D 432 35.46 -11.38 14.73
CA VAL D 432 35.71 -10.48 15.84
C VAL D 432 36.69 -11.03 16.87
N VAL D 433 37.65 -10.22 17.29
CA VAL D 433 38.57 -10.65 18.34
C VAL D 433 38.30 -9.87 19.61
N THR D 434 37.93 -10.61 20.64
CA THR D 434 37.59 -10.01 21.93
C THR D 434 37.74 -10.99 23.06
N SER D 435 38.04 -10.48 24.23
CA SER D 435 38.13 -11.30 25.42
C SER D 435 36.77 -11.57 26.05
N ASP D 436 35.78 -10.73 25.78
CA ASP D 436 34.48 -10.89 26.40
C ASP D 436 33.35 -10.33 25.53
N ILE D 437 32.59 -11.21 24.89
CA ILE D 437 31.52 -10.83 23.96
C ILE D 437 30.32 -10.17 24.68
N SER D 438 30.30 -10.28 26.02
CA SER D 438 29.23 -9.76 26.85
C SER D 438 29.47 -8.32 27.29
N LYS D 439 30.60 -7.74 26.91
CA LYS D 439 30.93 -6.37 27.23
C LYS D 439 31.12 -5.63 25.90
N PRO D 440 30.94 -4.31 25.82
CA PRO D 440 31.18 -3.52 24.63
C PRO D 440 32.61 -3.68 24.12
N LEU D 441 32.78 -3.70 22.80
CA LEU D 441 34.14 -3.85 22.26
C LEU D 441 35.04 -2.69 22.66
N ARG D 442 34.49 -1.49 22.88
CA ARG D 442 35.34 -0.37 23.26
C ARG D 442 35.92 -0.51 24.67
N GLU D 443 35.33 -1.36 25.51
CA GLU D 443 35.77 -1.49 26.89
C GLU D 443 36.77 -2.63 27.04
N THR D 444 36.66 -3.62 26.16
CA THR D 444 37.53 -4.79 26.18
C THR D 444 38.68 -4.65 25.18
N ASN D 445 38.72 -3.52 24.48
CA ASN D 445 39.67 -3.23 23.40
C ASN D 445 39.64 -4.26 22.28
N GLY D 446 38.45 -4.66 21.86
CA GLY D 446 38.31 -5.64 20.79
C GLY D 446 38.30 -4.99 19.41
N VAL D 447 38.53 -5.80 18.39
CA VAL D 447 38.52 -5.34 17.00
C VAL D 447 37.77 -6.23 16.03
N ILE D 448 37.39 -5.67 14.89
CA ILE D 448 36.82 -6.45 13.81
C ILE D 448 37.91 -6.71 12.83
N VAL D 449 38.17 -7.98 12.61
CA VAL D 449 39.27 -8.41 11.80
C VAL D 449 38.90 -8.66 10.35
N GLU D 450 37.76 -9.29 10.10
CA GLU D 450 37.40 -9.62 8.73
C GLU D 450 35.90 -9.67 8.47
N VAL D 451 35.49 -9.32 7.25
CA VAL D 451 34.11 -9.48 6.83
C VAL D 451 34.07 -10.47 5.67
N ASN D 452 33.30 -11.55 5.82
CA ASN D 452 33.22 -12.62 4.82
C ASN D 452 31.89 -12.76 4.11
N ALA D 453 31.89 -12.57 2.82
CA ALA D 453 30.67 -12.74 2.06
C ALA D 453 30.41 -14.22 1.95
N ALA D 454 29.15 -14.62 1.98
CA ALA D 454 28.78 -16.02 1.75
C ALA D 454 29.48 -17.05 2.67
N PRO D 455 29.35 -16.94 4.02
CA PRO D 455 29.95 -17.76 5.05
C PRO D 455 29.33 -19.14 5.10
N GLY D 456 30.02 -20.14 5.66
CA GLY D 456 29.41 -21.45 5.82
C GLY D 456 28.57 -21.53 7.10
N PHE D 457 27.82 -22.63 7.27
CA PHE D 457 26.94 -22.79 8.43
C PHE D 457 27.19 -23.90 9.46
N ARG D 458 28.06 -24.86 9.23
CA ARG D 458 28.32 -26.00 10.12
C ARG D 458 28.51 -25.60 11.58
N MET D 459 29.15 -24.52 11.88
CA MET D 459 29.44 -24.15 13.25
C MET D 459 28.21 -23.66 13.99
N HIS D 460 27.15 -23.29 13.25
CA HIS D 460 25.95 -22.75 13.84
C HIS D 460 24.83 -23.77 13.86
N VAL D 461 24.84 -24.71 12.92
CA VAL D 461 23.78 -25.71 12.88
C VAL D 461 24.21 -27.02 13.55
N ALA D 462 25.51 -27.20 13.77
CA ALA D 462 26.04 -28.36 14.45
C ALA D 462 27.23 -27.99 15.34
N PRO D 463 27.05 -27.16 16.38
CA PRO D 463 28.05 -26.71 17.31
C PRO D 463 28.46 -27.86 18.20
N SER D 464 29.64 -27.82 18.79
CA SER D 464 30.03 -28.88 19.71
C SER D 464 29.54 -28.63 21.12
N GLN D 465 29.30 -27.37 21.45
CA GLN D 465 28.72 -27.03 22.74
C GLN D 465 27.60 -26.04 22.51
N GLY D 466 26.55 -26.14 23.29
CA GLY D 466 25.44 -25.21 23.16
C GLY D 466 24.36 -25.79 22.27
N LEU D 467 23.36 -24.99 21.96
CA LEU D 467 22.21 -25.48 21.22
C LEU D 467 22.33 -25.12 19.72
N PRO D 468 21.98 -26.01 18.77
CA PRO D 468 21.91 -25.78 17.31
C PRO D 468 20.91 -24.69 16.93
N ARG D 469 21.21 -23.91 15.90
CA ARG D 469 20.30 -22.86 15.47
C ARG D 469 19.74 -23.06 14.07
N ASN D 470 18.48 -22.70 13.86
CA ASN D 470 17.94 -22.84 12.51
C ASN D 470 18.26 -21.59 11.71
N VAL D 471 19.39 -21.67 11.06
CA VAL D 471 19.96 -20.63 10.24
C VAL D 471 19.20 -20.38 8.95
N ALA D 472 18.72 -21.45 8.32
CA ALA D 472 17.98 -21.34 7.07
C ALA D 472 16.68 -20.56 7.17
N ALA D 473 15.98 -20.66 8.29
CA ALA D 473 14.69 -20.00 8.35
C ALA D 473 14.78 -18.48 8.06
N PRO D 474 15.70 -17.67 8.62
CA PRO D 474 15.93 -16.28 8.29
C PRO D 474 16.35 -16.02 6.84
N VAL D 475 16.83 -17.02 6.12
CA VAL D 475 17.25 -16.82 4.75
C VAL D 475 16.00 -16.92 3.90
N LEU D 476 15.21 -17.94 4.13
CA LEU D 476 14.00 -18.11 3.34
C LEU D 476 13.01 -17.00 3.61
N ASP D 477 13.01 -16.44 4.80
CA ASP D 477 12.14 -15.32 5.11
C ASP D 477 12.52 -14.06 4.32
N MET D 478 13.78 -13.87 3.87
CA MET D 478 14.03 -12.66 3.10
C MET D 478 13.70 -12.93 1.64
N LEU D 479 13.89 -14.17 1.20
CA LEU D 479 13.65 -14.53 -0.19
C LEU D 479 12.16 -14.60 -0.49
N PHE D 480 11.39 -15.11 0.47
CA PHE D 480 9.94 -15.25 0.37
C PHE D 480 9.28 -14.66 1.60
N PRO D 481 9.16 -13.31 1.72
CA PRO D 481 8.67 -12.62 2.89
C PRO D 481 7.30 -13.14 3.27
N PRO D 482 6.94 -13.14 4.56
CA PRO D 482 5.67 -13.60 5.04
C PRO D 482 4.55 -12.91 4.31
N GLY D 483 3.56 -13.68 3.92
CA GLY D 483 2.43 -13.15 3.20
C GLY D 483 2.56 -13.25 1.69
N THR D 484 3.75 -13.57 1.17
CA THR D 484 3.88 -13.65 -0.27
C THR D 484 3.83 -15.12 -0.75
N PRO D 485 3.40 -15.38 -1.99
CA PRO D 485 3.41 -16.66 -2.67
C PRO D 485 4.79 -17.07 -3.17
N SER D 486 4.98 -18.37 -3.33
CA SER D 486 6.16 -18.94 -3.97
C SER D 486 5.80 -19.67 -5.27
N ARG D 487 4.50 -19.73 -5.54
CA ARG D 487 3.92 -20.43 -6.69
C ARG D 487 2.96 -19.59 -7.48
N ILE D 488 2.77 -19.97 -8.73
CA ILE D 488 1.79 -19.33 -9.60
C ILE D 488 0.69 -20.37 -9.80
N PRO D 489 -0.56 -20.00 -10.15
CA PRO D 489 -1.64 -20.92 -10.43
C PRO D 489 -1.36 -21.86 -11.57
N ILE D 490 -1.72 -23.13 -11.36
CA ILE D 490 -1.59 -24.16 -12.39
C ILE D 490 -2.93 -24.81 -12.64
N LEU D 491 -3.31 -24.82 -13.92
CA LEU D 491 -4.55 -25.43 -14.36
C LEU D 491 -4.19 -26.56 -15.31
N ALA D 492 -4.43 -27.79 -14.85
CA ALA D 492 -4.04 -28.99 -15.61
C ALA D 492 -5.25 -29.65 -16.27
N VAL D 493 -5.18 -29.85 -17.57
CA VAL D 493 -6.31 -30.41 -18.31
C VAL D 493 -6.02 -31.77 -18.91
N THR D 494 -6.82 -32.79 -18.58
CA THR D 494 -6.60 -34.09 -19.18
C THR D 494 -7.92 -34.75 -19.62
N GLY D 495 -7.82 -35.92 -20.21
CA GLY D 495 -8.97 -36.68 -20.70
C GLY D 495 -8.67 -37.24 -22.08
N THR D 496 -9.43 -38.22 -22.54
CA THR D 496 -9.16 -38.81 -23.84
C THR D 496 -9.37 -37.84 -25.00
N ASN D 497 -10.49 -37.10 -25.03
CA ASN D 497 -10.76 -36.16 -26.12
C ASN D 497 -11.07 -34.73 -25.64
N GLY D 498 -10.68 -33.73 -26.43
CA GLY D 498 -11.01 -32.33 -26.18
C GLY D 498 -9.99 -31.47 -25.44
N LYS D 499 -8.87 -32.05 -25.01
CA LYS D 499 -7.84 -31.32 -24.28
C LYS D 499 -7.29 -30.07 -24.93
N THR D 500 -6.89 -30.14 -26.19
CA THR D 500 -6.30 -28.99 -26.86
C THR D 500 -7.27 -27.83 -26.99
N THR D 501 -8.51 -28.12 -27.36
CA THR D 501 -9.52 -27.10 -27.52
C THR D 501 -9.84 -26.41 -26.19
N THR D 502 -9.96 -27.21 -25.13
CA THR D 502 -10.29 -26.72 -23.80
C THR D 502 -9.14 -25.84 -23.29
N THR D 503 -7.90 -26.25 -23.53
CA THR D 503 -6.68 -25.57 -23.14
C THR D 503 -6.57 -24.20 -23.81
N ARG D 504 -6.83 -24.12 -25.13
CA ARG D 504 -6.74 -22.83 -25.81
C ARG D 504 -7.81 -21.86 -25.32
N LEU D 505 -9.03 -22.33 -25.05
CA LEU D 505 -10.08 -21.47 -24.56
C LEU D 505 -9.81 -20.98 -23.16
N LEU D 506 -9.35 -21.85 -22.29
CA LEU D 506 -9.11 -21.46 -20.93
C LEU D 506 -7.97 -20.44 -20.86
N ALA D 507 -6.90 -20.63 -21.66
CA ALA D 507 -5.82 -19.66 -21.69
C ALA D 507 -6.30 -18.30 -22.20
N HIS D 508 -7.20 -18.29 -23.19
CA HIS D 508 -7.80 -17.10 -23.79
C HIS D 508 -8.62 -16.32 -22.74
N ILE D 509 -9.39 -17.02 -21.91
CA ILE D 509 -10.18 -16.38 -20.86
C ILE D 509 -9.28 -15.71 -19.82
N TYR D 510 -8.22 -16.39 -19.36
CA TYR D 510 -7.32 -15.79 -18.37
C TYR D 510 -6.62 -14.58 -18.89
N ARG D 511 -6.29 -14.61 -20.14
CA ARG D 511 -5.62 -13.55 -20.83
C ARG D 511 -6.42 -12.24 -20.85
N GLN D 512 -7.74 -12.30 -20.63
CA GLN D 512 -8.58 -11.11 -20.69
C GLN D 512 -8.45 -10.31 -19.41
N THR D 513 -7.71 -10.84 -18.44
CA THR D 513 -7.47 -10.15 -17.19
C THR D 513 -6.17 -9.32 -17.28
N GLY D 514 -5.43 -9.44 -18.41
CA GLY D 514 -4.19 -8.69 -18.61
C GLY D 514 -2.90 -9.33 -18.09
N LYS D 515 -2.98 -10.55 -17.61
CA LYS D 515 -1.83 -11.28 -17.07
C LYS D 515 -1.05 -12.02 -18.12
N THR D 516 0.20 -12.36 -17.81
CA THR D 516 0.97 -13.19 -18.72
C THR D 516 0.61 -14.65 -18.52
N VAL D 517 0.14 -15.23 -19.60
CA VAL D 517 -0.33 -16.59 -19.57
C VAL D 517 0.50 -17.46 -20.47
N GLY D 518 1.04 -18.50 -19.90
CA GLY D 518 1.83 -19.43 -20.66
C GLY D 518 1.07 -20.72 -20.78
N TYR D 519 1.22 -21.40 -21.90
CA TYR D 519 0.56 -22.68 -22.02
C TYR D 519 1.23 -23.64 -22.97
N THR D 520 0.94 -24.90 -22.78
CA THR D 520 1.49 -25.92 -23.65
C THR D 520 0.39 -26.78 -24.22
N SER D 521 0.59 -27.17 -25.47
CA SER D 521 -0.32 -28.04 -26.17
C SER D 521 0.43 -28.95 -27.12
N THR D 522 -0.32 -29.76 -27.84
CA THR D 522 0.29 -30.62 -28.85
C THR D 522 0.72 -29.88 -30.11
N ASP D 523 0.41 -28.60 -30.23
CA ASP D 523 0.82 -27.87 -31.42
C ASP D 523 2.10 -27.02 -31.21
N ALA D 524 2.22 -26.41 -30.00
CA ALA D 524 3.28 -25.46 -29.64
C ALA D 524 3.30 -25.07 -28.15
N ILE D 525 4.35 -24.34 -27.76
CA ILE D 525 4.44 -23.69 -26.45
C ILE D 525 4.30 -22.19 -26.69
N TYR D 526 3.34 -21.57 -26.01
CA TYR D 526 3.06 -20.14 -26.11
C TYR D 526 3.13 -19.32 -24.86
N ILE D 527 3.55 -18.07 -25.02
CA ILE D 527 3.43 -17.06 -23.97
C ILE D 527 2.76 -15.81 -24.53
N ASN D 528 1.57 -15.46 -24.07
CA ASN D 528 0.87 -14.25 -24.57
C ASN D 528 0.82 -14.12 -26.07
N GLU D 529 0.49 -15.20 -26.74
CA GLU D 529 0.41 -15.27 -28.22
C GLU D 529 1.74 -15.25 -28.98
N TYR D 530 2.87 -15.36 -28.29
CA TYR D 530 4.13 -15.51 -28.98
C TYR D 530 4.48 -16.97 -28.94
N CYS D 531 4.95 -17.51 -30.03
CA CYS D 531 5.29 -18.91 -30.03
C CYS D 531 6.74 -19.11 -29.62
N VAL D 532 6.96 -19.90 -28.58
CA VAL D 532 8.29 -20.17 -28.07
C VAL D 532 8.88 -21.38 -28.78
N GLU D 533 8.10 -22.46 -28.87
CA GLU D 533 8.53 -23.69 -29.56
C GLU D 533 7.37 -24.29 -30.34
N LYS D 534 7.65 -25.02 -31.42
CA LYS D 534 6.59 -25.71 -32.17
C LYS D 534 6.71 -27.22 -32.08
N GLY D 535 5.60 -27.93 -32.28
CA GLY D 535 5.60 -29.39 -32.27
C GLY D 535 4.87 -29.92 -31.04
N ASP D 536 4.90 -31.22 -30.82
CA ASP D 536 4.16 -31.77 -29.69
C ASP D 536 4.89 -31.42 -28.45
N ASN D 537 4.30 -30.53 -27.68
CA ASN D 537 4.91 -30.01 -26.51
C ASN D 537 4.21 -30.42 -25.26
N THR D 538 3.54 -31.55 -25.30
CA THR D 538 2.97 -32.04 -24.07
C THR D 538 4.06 -32.80 -23.34
N GLY D 539 3.86 -33.09 -22.07
CA GLY D 539 4.83 -33.82 -21.30
C GLY D 539 5.61 -32.90 -20.36
N PRO D 540 6.28 -33.48 -19.36
CA PRO D 540 7.01 -32.81 -18.29
C PRO D 540 8.20 -31.96 -18.70
N GLN D 541 8.76 -32.21 -19.87
CA GLN D 541 9.88 -31.41 -20.30
C GLN D 541 9.41 -30.05 -20.78
N SER D 542 8.18 -29.96 -21.27
CA SER D 542 7.67 -28.71 -21.78
C SER D 542 7.03 -27.93 -20.66
N ALA D 543 6.46 -28.65 -19.71
CA ALA D 543 5.83 -28.01 -18.57
C ALA D 543 6.88 -27.22 -17.81
N GLY D 544 8.11 -27.75 -17.79
CA GLY D 544 9.25 -27.11 -17.14
C GLY D 544 9.72 -25.83 -17.82
N VAL D 545 9.38 -25.62 -19.09
CA VAL D 545 9.79 -24.42 -19.80
C VAL D 545 8.93 -23.31 -19.28
N ILE D 546 7.63 -23.57 -19.16
CA ILE D 546 6.73 -22.56 -18.63
C ILE D 546 6.98 -22.28 -17.14
N LEU D 547 7.16 -23.31 -16.32
CA LEU D 547 7.35 -23.08 -14.90
C LEU D 547 8.65 -22.36 -14.54
N ARG D 548 9.70 -22.54 -15.34
CA ARG D 548 10.95 -21.84 -15.07
C ARG D 548 11.01 -20.44 -15.66
N ASP D 549 9.99 -20.03 -16.44
CA ASP D 549 10.00 -18.75 -17.12
C ASP D 549 9.67 -17.60 -16.18
N PRO D 550 10.57 -16.60 -15.98
CA PRO D 550 10.49 -15.51 -15.04
C PRO D 550 9.37 -14.52 -15.28
N THR D 551 8.69 -14.61 -16.42
CA THR D 551 7.63 -13.66 -16.72
C THR D 551 6.21 -14.24 -16.54
N VAL D 552 6.08 -15.56 -16.39
CA VAL D 552 4.75 -16.17 -16.38
C VAL D 552 3.99 -16.05 -15.06
N GLU D 553 2.72 -15.63 -15.16
CA GLU D 553 1.85 -15.46 -14.01
C GLU D 553 0.83 -16.58 -13.87
N VAL D 554 0.37 -17.13 -14.99
CA VAL D 554 -0.61 -18.23 -15.02
C VAL D 554 -0.13 -19.36 -15.94
N ALA D 555 -0.19 -20.61 -15.50
CA ALA D 555 0.17 -21.74 -16.37
C ALA D 555 -1.02 -22.66 -16.67
N VAL D 556 -1.30 -22.85 -17.96
CA VAL D 556 -2.37 -23.76 -18.39
C VAL D 556 -1.71 -24.89 -19.18
N LEU D 557 -1.81 -26.13 -18.71
CA LEU D 557 -1.05 -27.22 -19.34
C LEU D 557 -1.88 -28.43 -19.82
N GLU D 558 -1.89 -28.77 -21.13
CA GLU D 558 -2.66 -29.99 -21.45
C GLU D 558 -1.77 -31.17 -21.05
N THR D 559 -2.34 -32.19 -20.43
CA THR D 559 -1.58 -33.36 -19.99
C THR D 559 -2.02 -34.66 -20.63
N ALA D 560 -1.05 -35.31 -21.27
CA ALA D 560 -1.26 -36.56 -21.98
C ALA D 560 -0.75 -37.76 -21.18
N ARG D 561 -1.33 -38.92 -21.48
CA ARG D 561 -0.93 -40.18 -20.86
C ARG D 561 0.48 -40.60 -21.20
N GLY D 562 0.99 -40.23 -22.38
CA GLY D 562 2.34 -40.66 -22.71
C GLY D 562 3.33 -40.05 -21.73
N GLY D 563 3.10 -38.80 -21.37
CA GLY D 563 3.96 -38.09 -20.46
C GLY D 563 3.90 -38.71 -19.09
N ILE D 564 2.70 -39.00 -18.59
CA ILE D 564 2.60 -39.54 -17.25
C ILE D 564 3.22 -40.92 -17.17
N LEU D 565 2.92 -41.78 -18.11
CA LEU D 565 3.43 -43.13 -18.07
C LEU D 565 4.93 -43.22 -18.27
N ARG D 566 5.50 -42.33 -19.08
CA ARG D 566 6.91 -42.33 -19.32
C ARG D 566 7.75 -41.69 -18.20
N ALA D 567 7.31 -40.56 -17.61
CA ALA D 567 8.15 -39.92 -16.60
C ALA D 567 7.44 -39.27 -15.39
N GLY D 568 6.11 -39.38 -15.23
CA GLY D 568 5.39 -38.71 -14.12
C GLY D 568 5.05 -37.24 -14.44
N LEU D 569 4.35 -36.56 -13.52
CA LEU D 569 4.00 -35.15 -13.72
C LEU D 569 5.13 -34.20 -13.31
N ALA D 570 5.27 -33.07 -14.01
CA ALA D 570 6.33 -32.08 -13.70
C ALA D 570 6.09 -31.15 -12.53
N PHE D 571 4.88 -31.02 -12.05
CA PHE D 571 4.58 -30.02 -11.05
C PHE D 571 4.21 -30.42 -9.63
N ASP D 572 4.08 -31.70 -9.31
CA ASP D 572 3.66 -32.19 -7.97
C ASP D 572 2.23 -31.87 -7.52
N SER D 573 1.82 -30.62 -7.56
CA SER D 573 0.45 -30.25 -7.19
C SER D 573 -0.08 -29.09 -8.01
N CYS D 574 -1.40 -28.97 -8.07
CA CYS D 574 -2.04 -27.90 -8.84
C CYS D 574 -3.33 -27.37 -8.22
N ASP D 575 -3.84 -26.26 -8.76
CA ASP D 575 -5.02 -25.62 -8.22
C ASP D 575 -6.30 -26.11 -8.82
N VAL D 576 -6.29 -26.35 -10.12
CA VAL D 576 -7.45 -26.87 -10.77
C VAL D 576 -7.04 -28.07 -11.59
N GLY D 577 -7.76 -29.16 -11.43
CA GLY D 577 -7.51 -30.34 -12.23
C GLY D 577 -8.79 -30.69 -12.98
N VAL D 578 -8.71 -30.73 -14.29
CA VAL D 578 -9.90 -30.98 -15.11
C VAL D 578 -9.81 -32.31 -15.83
N VAL D 579 -10.79 -33.18 -15.64
CA VAL D 579 -10.82 -34.46 -16.36
C VAL D 579 -12.05 -34.42 -17.26
N LEU D 580 -11.85 -34.47 -18.56
CA LEU D 580 -12.95 -34.31 -19.47
C LEU D 580 -13.73 -35.57 -19.83
N ASN D 581 -13.06 -36.72 -19.93
CA ASN D 581 -13.68 -37.98 -20.34
C ASN D 581 -12.70 -39.15 -20.35
N VAL D 582 -13.22 -40.36 -20.17
CA VAL D 582 -12.39 -41.56 -20.35
C VAL D 582 -12.97 -42.40 -21.47
N ALA D 583 -12.16 -42.77 -22.45
CA ALA D 583 -12.68 -43.56 -23.56
C ALA D 583 -11.64 -44.56 -24.02
N ALA D 584 -12.09 -45.59 -24.72
CA ALA D 584 -11.24 -46.70 -25.12
C ALA D 584 -10.34 -46.42 -26.30
N ASP D 585 -9.41 -45.51 -26.08
CA ASP D 585 -8.38 -45.15 -27.02
C ASP D 585 -7.07 -45.61 -26.44
N HIS D 586 -6.08 -45.83 -27.29
CA HIS D 586 -4.74 -46.20 -26.85
C HIS D 586 -4.70 -47.43 -25.96
N LEU D 587 -5.60 -48.38 -26.18
CA LEU D 587 -5.53 -49.55 -25.33
C LEU D 587 -4.57 -50.49 -25.97
N GLY D 588 -3.81 -51.15 -25.13
CA GLY D 588 -2.79 -52.09 -25.52
C GLY D 588 -1.42 -51.43 -25.49
N LEU D 589 -1.38 -50.10 -25.39
CA LEU D 589 -0.11 -49.41 -25.37
C LEU D 589 0.30 -49.05 -23.97
N GLY D 590 1.60 -49.09 -23.67
CA GLY D 590 2.05 -48.63 -22.37
C GLY D 590 1.63 -49.56 -21.25
N ASP D 591 1.42 -50.83 -21.58
CA ASP D 591 0.93 -51.84 -20.64
C ASP D 591 -0.49 -51.61 -20.12
N ILE D 592 -1.28 -50.74 -20.77
CA ILE D 592 -2.66 -50.56 -20.38
C ILE D 592 -3.62 -51.13 -21.39
N ASP D 593 -4.24 -52.23 -21.00
CA ASP D 593 -5.14 -52.99 -21.85
C ASP D 593 -6.62 -52.71 -21.63
N THR D 594 -7.01 -52.28 -20.43
CA THR D 594 -8.42 -52.13 -20.16
C THR D 594 -8.83 -50.68 -19.90
N ILE D 595 -10.13 -50.45 -19.92
CA ILE D 595 -10.67 -49.12 -19.66
C ILE D 595 -10.53 -48.75 -18.18
N GLU D 596 -10.64 -49.75 -17.30
CA GLU D 596 -10.49 -49.53 -15.86
C GLU D 596 -9.08 -49.07 -15.55
N GLN D 597 -8.08 -49.58 -16.28
CA GLN D 597 -6.72 -49.14 -16.10
C GLN D 597 -6.53 -47.73 -16.66
N MET D 598 -7.18 -47.42 -17.80
CA MET D 598 -7.02 -46.10 -18.38
C MET D 598 -7.56 -45.04 -17.44
N ALA D 599 -8.62 -45.37 -16.71
CA ALA D 599 -9.20 -44.48 -15.75
C ALA D 599 -8.21 -44.16 -14.61
N LYS D 600 -7.29 -45.10 -14.27
CA LYS D 600 -6.31 -44.90 -13.20
C LYS D 600 -5.21 -43.95 -13.63
N VAL D 601 -4.97 -43.88 -14.93
CA VAL D 601 -3.99 -42.95 -15.42
C VAL D 601 -4.59 -41.54 -15.37
N LYS D 602 -5.84 -41.39 -15.83
CA LYS D 602 -6.41 -40.07 -15.88
C LYS D 602 -6.66 -39.49 -14.49
N SER D 603 -6.94 -40.36 -13.53
CA SER D 603 -7.21 -39.97 -12.16
C SER D 603 -6.00 -39.37 -11.45
N VAL D 604 -4.79 -39.49 -12.05
CA VAL D 604 -3.59 -38.93 -11.45
C VAL D 604 -3.76 -37.43 -11.31
N ILE D 605 -4.39 -36.76 -12.29
CA ILE D 605 -4.58 -35.32 -12.17
C ILE D 605 -5.52 -34.96 -11.04
N ALA D 606 -6.62 -35.65 -10.90
CA ALA D 606 -7.57 -35.36 -9.85
C ALA D 606 -6.95 -35.51 -8.46
N GLU D 607 -6.07 -36.49 -8.30
CA GLU D 607 -5.45 -36.77 -7.01
C GLU D 607 -4.26 -35.88 -6.64
N VAL D 608 -3.86 -34.95 -7.52
CA VAL D 608 -2.75 -34.07 -7.16
C VAL D 608 -3.26 -32.66 -6.96
N VAL D 609 -4.57 -32.49 -6.93
CA VAL D 609 -5.08 -31.16 -6.68
C VAL D 609 -4.97 -30.88 -5.19
N ASP D 610 -4.43 -29.73 -4.86
CA ASP D 610 -4.25 -29.27 -3.50
C ASP D 610 -5.61 -29.24 -2.78
N PRO D 611 -5.74 -29.62 -1.49
CA PRO D 611 -7.00 -29.61 -0.74
C PRO D 611 -7.75 -28.27 -0.81
N SER D 612 -7.07 -27.15 -1.02
CA SER D 612 -7.74 -25.86 -1.11
C SER D 612 -8.30 -25.57 -2.52
N GLY D 613 -7.96 -26.42 -3.48
CA GLY D 613 -8.35 -26.29 -4.87
C GLY D 613 -9.53 -27.16 -5.26
N TYR D 614 -9.73 -27.30 -6.58
CA TYR D 614 -10.84 -28.05 -7.16
C TYR D 614 -10.52 -29.03 -8.23
N ALA D 615 -11.31 -30.08 -8.26
CA ALA D 615 -11.33 -31.03 -9.35
C ALA D 615 -12.59 -30.78 -10.14
N VAL D 616 -12.48 -30.75 -11.45
CA VAL D 616 -13.63 -30.55 -12.31
C VAL D 616 -13.93 -31.82 -13.06
N LEU D 617 -15.06 -32.42 -12.76
CA LEU D 617 -15.43 -33.71 -13.32
C LEU D 617 -16.66 -33.66 -14.20
N ASN D 618 -16.69 -34.57 -15.15
CA ASN D 618 -17.80 -34.74 -16.09
C ASN D 618 -18.86 -35.67 -15.48
N ALA D 619 -20.02 -35.13 -15.11
CA ALA D 619 -21.05 -35.90 -14.41
C ALA D 619 -21.80 -36.83 -15.35
N ASP D 620 -21.57 -36.69 -16.65
CA ASP D 620 -22.23 -37.52 -17.63
C ASP D 620 -21.35 -38.71 -18.02
N ASP D 621 -20.19 -38.84 -17.37
CA ASP D 621 -19.22 -39.90 -17.63
C ASP D 621 -19.03 -40.78 -16.38
N PRO D 622 -19.54 -42.03 -16.35
CA PRO D 622 -19.49 -42.97 -15.24
C PRO D 622 -18.10 -43.28 -14.67
N LEU D 623 -17.03 -43.16 -15.46
CA LEU D 623 -15.72 -43.47 -14.89
C LEU D 623 -15.13 -42.23 -14.29
N VAL D 624 -15.46 -41.08 -14.87
CA VAL D 624 -14.94 -39.82 -14.37
C VAL D 624 -15.65 -39.37 -13.11
N ALA D 625 -16.97 -39.46 -13.07
CA ALA D 625 -17.72 -39.03 -11.89
C ALA D 625 -17.27 -39.80 -10.65
N ALA D 626 -16.92 -41.06 -10.84
CA ALA D 626 -16.48 -41.99 -9.80
C ALA D 626 -15.15 -41.59 -9.16
N MET D 627 -14.39 -40.70 -9.81
CA MET D 627 -13.09 -40.27 -9.31
C MET D 627 -13.30 -39.35 -8.14
N ALA D 628 -14.53 -38.87 -7.96
CA ALA D 628 -14.87 -37.92 -6.91
C ALA D 628 -14.64 -38.51 -5.55
N ASP D 629 -14.60 -39.84 -5.44
CA ASP D 629 -14.44 -40.50 -4.15
C ASP D 629 -12.97 -40.71 -3.78
N LYS D 630 -12.05 -40.30 -4.66
CA LYS D 630 -10.63 -40.40 -4.40
C LYS D 630 -10.03 -39.02 -4.13
N VAL D 631 -10.69 -38.00 -4.66
CA VAL D 631 -10.25 -36.63 -4.55
C VAL D 631 -10.31 -36.04 -3.14
N LYS D 632 -9.19 -35.44 -2.72
CA LYS D 632 -9.02 -34.77 -1.42
C LYS D 632 -9.41 -33.28 -1.48
N ALA D 633 -9.54 -32.81 -2.70
CA ALA D 633 -9.87 -31.45 -3.11
C ALA D 633 -11.38 -31.30 -3.20
N LYS D 634 -11.85 -30.10 -3.47
CA LYS D 634 -13.27 -29.88 -3.63
C LYS D 634 -13.67 -30.37 -5.01
N VAL D 635 -14.90 -30.74 -5.20
CA VAL D 635 -15.34 -31.21 -6.51
C VAL D 635 -16.43 -30.36 -7.11
N ALA D 636 -16.24 -29.98 -8.38
CA ALA D 636 -17.21 -29.25 -9.16
C ALA D 636 -17.62 -30.15 -10.33
N TYR D 637 -18.85 -30.04 -10.80
CA TYR D 637 -19.29 -30.88 -11.92
C TYR D 637 -19.85 -30.15 -13.08
N PHE D 638 -19.71 -30.73 -14.26
CA PHE D 638 -20.40 -30.17 -15.40
C PHE D 638 -21.20 -31.24 -16.13
N SER D 639 -22.25 -30.80 -16.83
CA SER D 639 -23.08 -31.72 -17.61
C SER D 639 -23.87 -31.07 -18.75
N MET D 640 -24.34 -31.89 -19.69
CA MET D 640 -25.17 -31.44 -20.81
C MET D 640 -26.65 -31.65 -20.58
N ASN D 641 -26.99 -32.06 -19.37
CA ASN D 641 -28.34 -32.36 -18.97
C ASN D 641 -28.56 -31.99 -17.52
N PRO D 642 -29.26 -30.89 -17.20
CA PRO D 642 -29.53 -30.42 -15.85
C PRO D 642 -30.18 -31.51 -15.00
N ASP D 643 -30.95 -32.41 -15.63
CA ASP D 643 -31.61 -33.48 -14.91
C ASP D 643 -30.70 -34.69 -14.82
N ASN D 644 -29.68 -34.51 -14.04
CA ASN D 644 -28.65 -35.49 -13.76
C ASN D 644 -28.61 -35.58 -12.24
N PRO D 645 -29.00 -36.71 -11.63
CA PRO D 645 -29.07 -36.91 -10.20
C PRO D 645 -27.82 -36.49 -9.46
N ILE D 646 -26.64 -36.58 -10.10
CA ILE D 646 -25.41 -36.18 -9.45
C ILE D 646 -25.40 -34.70 -9.23
N ILE D 647 -25.83 -33.96 -10.25
CA ILE D 647 -25.84 -32.52 -10.23
C ILE D 647 -26.82 -32.04 -9.22
N GLN D 648 -27.98 -32.68 -9.20
CA GLN D 648 -29.01 -32.25 -8.28
C GLN D 648 -28.61 -32.51 -6.83
N ALA D 649 -28.05 -33.67 -6.56
CA ALA D 649 -27.65 -33.98 -5.20
C ALA D 649 -26.58 -33.02 -4.72
N HIS D 650 -25.68 -32.65 -5.64
CA HIS D 650 -24.55 -31.77 -5.38
C HIS D 650 -24.97 -30.32 -5.10
N VAL D 651 -25.84 -29.74 -5.94
CA VAL D 651 -26.21 -28.34 -5.69
C VAL D 651 -27.07 -28.20 -4.42
N ARG D 652 -27.80 -29.26 -4.05
CA ARG D 652 -28.61 -29.27 -2.84
C ARG D 652 -27.77 -29.22 -1.56
N ARG D 653 -26.46 -29.46 -1.67
CA ARG D 653 -25.52 -29.41 -0.57
C ARG D 653 -24.61 -28.20 -0.74
N ASN D 654 -25.07 -27.25 -1.56
CA ASN D 654 -24.40 -26.03 -1.95
C ASN D 654 -23.08 -26.17 -2.72
N GLY D 655 -23.01 -27.15 -3.61
CA GLY D 655 -21.87 -27.28 -4.47
C GLY D 655 -22.06 -26.39 -5.70
N ILE D 656 -21.11 -26.50 -6.63
CA ILE D 656 -21.07 -25.71 -7.85
C ILE D 656 -21.12 -26.63 -9.06
N ALA D 657 -21.92 -26.27 -10.05
CA ALA D 657 -21.99 -27.05 -11.25
C ALA D 657 -22.22 -26.20 -12.47
N ALA D 658 -21.81 -26.67 -13.62
CA ALA D 658 -22.08 -25.97 -14.87
C ALA D 658 -22.93 -26.82 -15.77
N VAL D 659 -24.04 -26.28 -16.22
CA VAL D 659 -24.92 -27.06 -17.06
C VAL D 659 -25.33 -26.32 -18.31
N TYR D 660 -25.75 -27.09 -19.28
CA TYR D 660 -26.36 -26.51 -20.45
C TYR D 660 -27.89 -26.58 -20.33
N GLU D 661 -28.55 -25.42 -20.31
CA GLU D 661 -30.00 -25.38 -20.14
C GLU D 661 -30.66 -24.24 -20.90
N SER D 662 -31.82 -24.47 -21.47
CA SER D 662 -32.59 -23.44 -22.17
C SER D 662 -31.80 -22.65 -23.20
N GLY D 663 -30.83 -23.27 -23.86
CA GLY D 663 -30.01 -22.58 -24.86
C GLY D 663 -28.81 -21.84 -24.26
N TYR D 664 -28.69 -21.84 -22.94
CA TYR D 664 -27.64 -21.16 -22.21
C TYR D 664 -26.62 -22.01 -21.52
N LEU D 665 -25.44 -21.46 -21.43
CA LEU D 665 -24.41 -22.07 -20.64
C LEU D 665 -24.47 -21.30 -19.34
N SER D 666 -24.75 -22.02 -18.24
CA SER D 666 -24.94 -21.38 -16.96
C SER D 666 -24.30 -22.11 -15.79
N ILE D 667 -24.04 -21.35 -14.74
CA ILE D 667 -23.45 -21.86 -13.52
C ILE D 667 -24.43 -21.90 -12.38
N LEU D 668 -24.52 -23.04 -11.76
CA LEU D 668 -25.39 -23.27 -10.64
C LEU D 668 -24.58 -23.17 -9.38
N GLU D 669 -24.85 -22.18 -8.57
CA GLU D 669 -24.10 -21.99 -7.35
C GLU D 669 -25.09 -22.05 -6.20
N GLY D 670 -25.18 -23.19 -5.57
CA GLY D 670 -26.23 -23.35 -4.59
C GLY D 670 -27.59 -23.18 -5.27
N SER D 671 -28.43 -22.32 -4.73
CA SER D 671 -29.76 -22.06 -5.26
C SER D 671 -29.83 -21.03 -6.39
N TRP D 672 -28.73 -20.34 -6.67
CA TRP D 672 -28.74 -19.28 -7.66
C TRP D 672 -28.23 -19.72 -9.02
N THR D 673 -28.82 -19.20 -10.08
CA THR D 673 -28.36 -19.53 -11.43
C THR D 673 -27.73 -18.32 -12.09
N LEU D 674 -26.53 -18.52 -12.61
CA LEU D 674 -25.80 -17.46 -13.30
C LEU D 674 -25.69 -17.78 -14.77
N ARG D 675 -26.32 -17.01 -15.62
CA ARG D 675 -26.20 -17.32 -17.04
C ARG D 675 -24.99 -16.63 -17.61
N VAL D 676 -24.17 -17.36 -18.36
CA VAL D 676 -22.99 -16.74 -18.92
C VAL D 676 -23.31 -16.25 -20.31
N GLU D 677 -23.72 -17.16 -21.19
CA GLU D 677 -24.06 -16.75 -22.57
C GLU D 677 -24.92 -17.81 -23.27
N GLN D 678 -25.37 -17.52 -24.48
CA GLN D 678 -26.13 -18.46 -25.30
C GLN D 678 -25.20 -19.28 -26.16
N ALA D 679 -25.48 -20.56 -26.32
CA ALA D 679 -24.57 -21.38 -27.10
C ALA D 679 -24.42 -20.90 -28.53
N LYS D 680 -25.50 -20.40 -29.12
CA LYS D 680 -25.48 -19.98 -30.51
C LYS D 680 -24.67 -18.71 -30.75
N LEU D 681 -24.33 -17.99 -29.70
CA LEU D 681 -23.58 -16.76 -29.85
C LEU D 681 -22.10 -16.96 -29.49
N ILE D 682 -21.67 -18.20 -29.25
CA ILE D 682 -20.27 -18.47 -28.94
C ILE D 682 -19.67 -19.14 -30.17
N PRO D 683 -18.75 -18.49 -30.92
CA PRO D 683 -18.18 -18.91 -32.21
C PRO D 683 -17.54 -20.29 -32.30
N MET D 684 -17.05 -20.86 -31.19
CA MET D 684 -16.44 -22.17 -31.29
C MET D 684 -17.48 -23.26 -31.53
N THR D 685 -18.73 -22.97 -31.19
CA THR D 685 -19.77 -23.95 -31.35
C THR D 685 -20.49 -23.57 -32.63
N MET D 686 -20.68 -24.52 -33.51
CA MET D 686 -21.29 -24.20 -34.81
C MET D 686 -22.77 -23.84 -34.72
N GLY D 687 -23.09 -22.69 -34.14
CA GLY D 687 -24.47 -22.23 -34.01
C GLY D 687 -25.26 -23.08 -33.02
N GLY D 688 -24.57 -23.69 -32.08
CA GLY D 688 -25.23 -24.59 -31.12
C GLY D 688 -25.34 -26.03 -31.65
N MET D 689 -24.79 -26.34 -32.83
CA MET D 689 -24.90 -27.67 -33.46
C MET D 689 -23.79 -28.67 -33.16
N ALA D 690 -22.89 -28.36 -32.24
CA ALA D 690 -21.77 -29.25 -31.92
C ALA D 690 -21.67 -29.50 -30.42
N PRO D 691 -22.43 -30.48 -29.86
CA PRO D 691 -22.57 -30.79 -28.44
C PRO D 691 -21.26 -31.01 -27.70
N PHE D 692 -20.27 -31.48 -28.43
CA PHE D 692 -18.96 -31.74 -27.85
C PHE D 692 -18.17 -30.45 -27.69
N MET D 693 -18.51 -29.41 -28.45
CA MET D 693 -17.84 -28.13 -28.32
C MET D 693 -18.48 -27.40 -27.17
N ILE D 694 -19.77 -27.66 -26.96
CA ILE D 694 -20.49 -27.04 -25.86
C ILE D 694 -19.94 -27.60 -24.57
N ALA D 695 -19.75 -28.91 -24.50
CA ALA D 695 -19.19 -29.52 -23.31
C ALA D 695 -17.78 -29.02 -22.99
N ASN D 696 -16.96 -28.78 -24.03
CA ASN D 696 -15.61 -28.27 -23.79
C ASN D 696 -15.68 -26.84 -23.23
N ALA D 697 -16.63 -26.04 -23.75
CA ALA D 697 -16.84 -24.69 -23.27
C ALA D 697 -17.32 -24.66 -21.83
N LEU D 698 -18.17 -25.63 -21.43
CA LEU D 698 -18.64 -25.65 -20.05
C LEU D 698 -17.50 -25.94 -19.09
N ALA D 699 -16.61 -26.85 -19.46
CA ALA D 699 -15.49 -27.19 -18.61
C ALA D 699 -14.53 -26.00 -18.42
N ALA D 700 -14.28 -25.22 -19.49
CA ALA D 700 -13.41 -24.06 -19.41
C ALA D 700 -14.03 -22.95 -18.56
N CYS D 701 -15.35 -22.75 -18.69
CA CYS D 701 -16.04 -21.72 -17.93
C CYS D 701 -16.05 -22.05 -16.45
N LEU D 702 -16.26 -23.32 -16.13
CA LEU D 702 -16.32 -23.73 -14.75
C LEU D 702 -14.96 -23.64 -14.10
N ALA D 703 -13.88 -24.03 -14.80
CA ALA D 703 -12.55 -23.92 -14.23
C ALA D 703 -12.17 -22.48 -13.94
N ALA D 704 -12.51 -21.55 -14.85
CA ALA D 704 -12.22 -20.14 -14.62
C ALA D 704 -13.00 -19.59 -13.43
N PHE D 705 -14.26 -20.01 -13.30
CA PHE D 705 -15.12 -19.58 -12.22
C PHE D 705 -14.66 -20.06 -10.84
N VAL D 706 -14.34 -21.35 -10.71
CA VAL D 706 -13.97 -21.88 -9.39
C VAL D 706 -12.61 -21.37 -8.96
N ASN D 707 -11.79 -20.91 -9.91
CA ASN D 707 -10.50 -20.35 -9.56
C ASN D 707 -10.56 -18.83 -9.34
N GLY D 708 -11.76 -18.25 -9.25
CA GLY D 708 -11.89 -16.83 -8.93
C GLY D 708 -12.13 -15.79 -10.03
N LEU D 709 -12.38 -16.17 -11.28
CA LEU D 709 -12.64 -15.12 -12.26
C LEU D 709 -14.09 -14.72 -12.25
N ASP D 710 -14.34 -13.45 -12.56
CA ASP D 710 -15.69 -12.92 -12.64
C ASP D 710 -16.40 -13.40 -13.90
N VAL D 711 -17.71 -13.39 -13.86
CA VAL D 711 -18.54 -13.82 -14.98
C VAL D 711 -18.39 -12.92 -16.17
N GLU D 712 -18.27 -11.63 -15.97
CA GLU D 712 -18.15 -10.74 -17.11
C GLU D 712 -16.88 -11.02 -17.90
N VAL D 713 -15.80 -11.39 -17.20
CA VAL D 713 -14.53 -11.71 -17.85
C VAL D 713 -14.72 -12.99 -18.66
N ILE D 714 -15.41 -13.96 -18.09
CA ILE D 714 -15.66 -15.22 -18.76
C ILE D 714 -16.47 -14.97 -20.02
N ARG D 715 -17.51 -14.11 -19.96
CA ARG D 715 -18.31 -13.79 -21.15
C ARG D 715 -17.49 -13.17 -22.26
N GLN D 716 -16.61 -12.24 -21.90
CA GLN D 716 -15.78 -11.61 -22.89
C GLN D 716 -14.89 -12.63 -23.57
N GLY D 717 -14.34 -13.55 -22.79
CA GLY D 717 -13.47 -14.59 -23.29
C GLY D 717 -14.18 -15.55 -24.24
N VAL D 718 -15.37 -16.03 -23.89
CA VAL D 718 -15.99 -16.98 -24.82
C VAL D 718 -16.45 -16.32 -26.12
N ARG D 719 -16.90 -15.07 -26.05
CA ARG D 719 -17.38 -14.33 -27.21
C ARG D 719 -16.33 -14.00 -28.26
N THR D 720 -15.07 -13.83 -27.86
CA THR D 720 -14.04 -13.45 -28.82
C THR D 720 -13.10 -14.59 -29.20
N PHE D 721 -13.36 -15.79 -28.73
CA PHE D 721 -12.47 -16.90 -29.01
C PHE D 721 -12.71 -17.54 -30.35
N THR D 722 -11.64 -17.82 -31.10
CA THR D 722 -11.84 -18.49 -32.38
C THR D 722 -10.98 -19.75 -32.52
N THR D 723 -11.52 -20.66 -33.33
CA THR D 723 -10.91 -21.92 -33.75
C THR D 723 -11.06 -22.00 -35.28
N SER D 724 -10.49 -21.06 -36.01
CA SER D 724 -10.71 -21.03 -37.46
C SER D 724 -9.80 -22.00 -38.18
N ALA D 725 -10.05 -22.18 -39.47
CA ALA D 725 -9.13 -22.96 -40.25
C ALA D 725 -7.82 -22.20 -40.16
N GLU D 726 -6.73 -22.94 -40.19
CA GLU D 726 -5.36 -22.43 -40.08
C GLU D 726 -5.01 -21.90 -38.67
N GLN D 727 -5.92 -22.05 -37.70
CA GLN D 727 -5.63 -21.78 -36.29
C GLN D 727 -5.69 -23.12 -35.59
N THR D 728 -6.73 -23.86 -35.92
CA THR D 728 -6.93 -25.21 -35.42
C THR D 728 -7.29 -26.09 -36.62
N PRO D 729 -6.23 -26.42 -37.49
CA PRO D 729 -6.47 -27.15 -38.70
C PRO D 729 -6.82 -28.57 -38.33
N GLY D 730 -7.78 -29.14 -39.03
CA GLY D 730 -8.18 -30.52 -38.82
C GLY D 730 -9.17 -30.68 -37.69
N ARG D 731 -9.58 -29.59 -37.06
CA ARG D 731 -10.51 -29.68 -35.95
C ARG D 731 -11.77 -28.88 -36.26
N MET D 732 -12.79 -29.55 -36.81
CA MET D 732 -14.02 -28.89 -37.27
C MET D 732 -13.81 -27.70 -38.22
N ASN D 733 -13.11 -27.89 -39.35
CA ASN D 733 -12.95 -26.77 -40.25
C ASN D 733 -14.06 -26.81 -41.27
N LEU D 734 -15.04 -25.92 -41.14
CA LEU D 734 -16.17 -25.94 -42.06
C LEU D 734 -15.97 -24.90 -43.15
N PHE D 735 -15.96 -25.35 -44.39
CA PHE D 735 -15.73 -24.51 -45.55
C PHE D 735 -17.01 -24.26 -46.33
N ASN D 736 -17.23 -22.97 -46.64
CA ASN D 736 -18.38 -22.44 -47.38
C ASN D 736 -18.09 -22.26 -48.88
N LEU D 737 -18.70 -23.07 -49.74
CA LEU D 737 -18.39 -22.99 -51.17
C LEU D 737 -19.67 -22.75 -51.98
N GLY D 738 -20.16 -21.51 -51.98
CA GLY D 738 -21.44 -21.20 -52.60
C GLY D 738 -22.53 -21.96 -51.83
N GLN D 739 -23.49 -22.57 -52.51
CA GLN D 739 -24.51 -23.30 -51.76
C GLN D 739 -24.04 -24.72 -51.54
N HIS D 740 -22.99 -24.85 -50.76
CA HIS D 740 -22.34 -26.12 -50.51
C HIS D 740 -21.37 -26.05 -49.34
N HIS D 741 -21.32 -27.09 -48.52
CA HIS D 741 -20.32 -27.05 -47.48
C HIS D 741 -19.51 -28.32 -47.39
N ALA D 742 -18.28 -28.15 -46.92
CA ALA D 742 -17.40 -29.28 -46.68
C ALA D 742 -16.75 -29.14 -45.32
N LEU D 743 -16.64 -30.25 -44.61
CA LEU D 743 -16.09 -30.25 -43.28
C LEU D 743 -14.86 -31.13 -43.17
N VAL D 744 -13.77 -30.55 -42.71
CA VAL D 744 -12.55 -31.35 -42.53
C VAL D 744 -12.30 -31.57 -41.05
N ASP D 745 -12.16 -32.83 -40.66
CA ASP D 745 -11.92 -33.15 -39.26
C ASP D 745 -10.92 -34.29 -39.17
N TYR D 746 -10.60 -34.73 -37.95
CA TYR D 746 -9.56 -35.73 -37.83
C TYR D 746 -9.75 -36.63 -36.61
N ALA D 747 -10.79 -37.42 -36.61
CA ALA D 747 -11.18 -38.34 -35.52
C ALA D 747 -10.13 -39.43 -35.38
N HIS D 748 -10.14 -40.20 -34.29
CA HIS D 748 -9.17 -41.27 -34.09
C HIS D 748 -9.89 -42.44 -33.51
N ASN D 749 -10.18 -42.32 -32.24
CA ASN D 749 -10.97 -43.31 -31.59
C ASN D 749 -12.38 -43.01 -32.01
N PRO D 750 -13.31 -43.99 -31.91
CA PRO D 750 -14.71 -43.91 -32.22
C PRO D 750 -15.47 -42.76 -31.60
N ALA D 751 -15.06 -42.25 -30.43
CA ALA D 751 -15.85 -41.17 -29.86
C ALA D 751 -15.82 -39.96 -30.77
N GLY D 752 -14.73 -39.77 -31.52
CA GLY D 752 -14.62 -38.61 -32.37
C GLY D 752 -15.44 -38.78 -33.63
N TYR D 753 -15.85 -40.01 -33.94
CA TYR D 753 -16.63 -40.22 -35.13
C TYR D 753 -18.06 -40.00 -34.76
N ARG D 754 -18.41 -40.38 -33.53
CA ARG D 754 -19.75 -40.13 -33.09
C ARG D 754 -19.97 -38.63 -32.85
N ALA D 755 -18.99 -37.95 -32.27
CA ALA D 755 -19.14 -36.52 -32.05
C ALA D 755 -19.34 -35.76 -33.35
N VAL D 756 -18.60 -36.12 -34.39
CA VAL D 756 -18.79 -35.48 -35.67
C VAL D 756 -20.13 -35.88 -36.26
N GLY D 757 -20.49 -37.16 -36.15
CA GLY D 757 -21.75 -37.62 -36.69
C GLY D 757 -22.93 -36.84 -36.12
N ASP D 758 -22.90 -36.46 -34.85
CA ASP D 758 -24.01 -35.69 -34.31
C ASP D 758 -24.08 -34.30 -34.94
N PHE D 759 -22.93 -33.68 -35.22
CA PHE D 759 -22.97 -32.40 -35.92
C PHE D 759 -23.66 -32.58 -37.26
N VAL D 760 -23.29 -33.63 -37.97
CA VAL D 760 -23.84 -33.89 -39.29
C VAL D 760 -25.35 -34.13 -39.22
N LYS D 761 -25.82 -34.88 -38.23
CA LYS D 761 -27.26 -35.16 -38.08
C LYS D 761 -28.08 -33.87 -37.97
N ASN D 762 -27.51 -32.83 -37.35
CA ASN D 762 -28.21 -31.56 -37.19
C ASN D 762 -28.17 -30.68 -38.43
N TRP D 763 -27.47 -31.11 -39.46
CA TRP D 763 -27.32 -30.29 -40.64
C TRP D 763 -28.58 -30.30 -41.46
N GLN D 764 -29.44 -29.32 -41.25
CA GLN D 764 -30.70 -29.28 -41.98
C GLN D 764 -30.51 -28.65 -43.36
N GLY D 765 -29.85 -29.42 -44.19
CA GLY D 765 -29.48 -29.09 -45.56
C GLY D 765 -29.95 -30.24 -46.44
N GLN D 766 -29.11 -30.66 -47.39
CA GLN D 766 -29.53 -31.75 -48.28
C GLN D 766 -28.84 -33.07 -48.01
N ARG D 767 -27.98 -33.56 -48.92
CA ARG D 767 -27.39 -34.88 -48.66
C ARG D 767 -26.25 -34.81 -47.67
N PHE D 768 -26.07 -35.90 -46.93
CA PHE D 768 -24.97 -36.03 -46.00
C PHE D 768 -23.99 -37.01 -46.61
N GLY D 769 -22.86 -36.52 -47.08
CA GLY D 769 -21.93 -37.43 -47.69
C GLY D 769 -20.67 -37.54 -46.89
N VAL D 770 -20.09 -38.72 -46.94
CA VAL D 770 -18.84 -38.97 -46.28
C VAL D 770 -17.90 -39.57 -47.27
N VAL D 771 -16.68 -39.12 -47.24
CA VAL D 771 -15.69 -39.59 -48.16
C VAL D 771 -14.53 -40.31 -47.53
N GLY D 772 -14.77 -41.11 -46.49
CA GLY D 772 -13.65 -41.82 -45.89
C GLY D 772 -13.92 -42.66 -44.67
N GLY D 773 -12.82 -43.17 -44.11
CA GLY D 773 -12.74 -44.03 -42.96
C GLY D 773 -11.28 -44.11 -42.47
N PRO D 774 -10.96 -45.05 -41.58
CA PRO D 774 -9.70 -45.30 -40.87
C PRO D 774 -8.51 -45.70 -41.73
N GLY D 775 -7.31 -45.49 -41.18
CA GLY D 775 -6.08 -45.90 -41.84
C GLY D 775 -5.77 -47.36 -41.47
N ASP D 776 -4.56 -47.82 -41.77
CA ASP D 776 -4.22 -49.23 -41.55
C ASP D 776 -3.62 -49.57 -40.20
N ARG D 777 -3.49 -48.61 -39.31
CA ARG D 777 -2.82 -48.86 -38.04
C ARG D 777 -3.78 -49.01 -36.87
N ARG D 778 -5.06 -49.10 -37.18
CA ARG D 778 -6.08 -49.30 -36.16
C ARG D 778 -6.25 -50.79 -35.89
N ASP D 779 -6.84 -51.12 -34.75
CA ASP D 779 -7.10 -52.50 -34.40
C ASP D 779 -8.42 -52.90 -35.04
N SER D 780 -9.11 -53.92 -34.55
CA SER D 780 -10.33 -54.37 -35.21
C SER D 780 -11.55 -53.53 -34.86
N ASP D 781 -11.52 -52.27 -35.26
CA ASP D 781 -12.58 -51.30 -35.01
C ASP D 781 -13.05 -50.70 -36.32
N LEU D 782 -12.69 -51.36 -37.42
CA LEU D 782 -13.08 -50.90 -38.73
C LEU D 782 -14.55 -51.13 -38.91
N ILE D 783 -15.06 -52.20 -38.32
CA ILE D 783 -16.47 -52.47 -38.44
C ILE D 783 -17.24 -51.43 -37.66
N GLU D 784 -16.76 -51.09 -36.46
CA GLU D 784 -17.45 -50.08 -35.67
C GLU D 784 -17.54 -48.78 -36.44
N LEU D 785 -16.48 -48.40 -37.14
CA LEU D 785 -16.58 -47.16 -37.90
C LEU D 785 -17.64 -47.34 -38.96
N GLY D 786 -17.61 -48.45 -39.67
CA GLY D 786 -18.60 -48.61 -40.71
C GLY D 786 -20.02 -48.52 -40.15
N GLN D 787 -20.23 -49.06 -38.97
CA GLN D 787 -21.54 -49.02 -38.33
C GLN D 787 -21.95 -47.58 -38.00
N ILE D 788 -20.99 -46.73 -37.63
CA ILE D 788 -21.27 -45.32 -37.33
C ILE D 788 -21.62 -44.58 -38.60
N ALA D 789 -20.87 -44.76 -39.67
CA ALA D 789 -21.19 -44.03 -40.89
C ALA D 789 -22.56 -44.43 -41.44
N ALA D 790 -22.89 -45.72 -41.35
CA ALA D 790 -24.14 -46.23 -41.91
C ALA D 790 -25.48 -45.59 -41.56
N GLN D 791 -25.55 -45.06 -40.35
CA GLN D 791 -26.69 -44.36 -39.79
C GLN D 791 -26.61 -42.86 -39.73
N VAL D 792 -25.50 -42.33 -40.22
CA VAL D 792 -25.31 -40.88 -40.25
C VAL D 792 -25.27 -40.26 -41.63
N PHE D 793 -24.87 -41.03 -42.63
CA PHE D 793 -24.68 -40.51 -43.98
C PHE D 793 -25.55 -41.27 -44.97
N ASP D 794 -26.03 -40.59 -46.03
CA ASP D 794 -26.78 -41.25 -47.10
C ASP D 794 -25.97 -41.40 -48.40
N ARG D 795 -24.74 -40.88 -48.40
CA ARG D 795 -23.78 -41.04 -49.48
C ARG D 795 -22.46 -41.53 -48.90
N ILE D 796 -22.22 -42.84 -48.94
CA ILE D 796 -20.99 -43.31 -48.30
C ILE D 796 -20.00 -43.88 -49.29
N ILE D 797 -18.87 -43.18 -49.48
CA ILE D 797 -17.89 -43.66 -50.45
C ILE D 797 -16.58 -43.96 -49.73
N VAL D 798 -16.04 -45.13 -49.98
CA VAL D 798 -14.82 -45.59 -49.33
C VAL D 798 -13.51 -45.34 -50.13
N LYS D 799 -12.52 -44.74 -49.44
CA LYS D 799 -11.19 -44.39 -50.00
C LYS D 799 -10.05 -45.02 -49.18
N GLU D 800 -10.34 -46.06 -48.45
CA GLU D 800 -9.32 -46.59 -47.55
C GLU D 800 -8.27 -47.49 -48.20
N ASP D 801 -7.40 -46.80 -48.91
CA ASP D 801 -6.23 -47.31 -49.63
C ASP D 801 -5.28 -46.11 -49.66
N ASP D 802 -4.74 -45.75 -48.50
CA ASP D 802 -4.01 -44.51 -48.38
C ASP D 802 -2.59 -44.66 -48.90
N ASP D 803 -1.76 -43.64 -48.76
CA ASP D 803 -0.42 -43.72 -49.33
C ASP D 803 0.54 -44.45 -48.40
N LYS D 804 0.30 -44.37 -47.10
CA LYS D 804 1.19 -45.01 -46.14
C LYS D 804 1.15 -46.53 -46.28
N ARG D 805 -0.05 -47.08 -46.51
CA ARG D 805 -0.22 -48.52 -46.73
C ARG D 805 0.49 -49.36 -45.69
N GLY D 806 0.19 -49.06 -44.42
CA GLY D 806 0.79 -49.76 -43.30
C GLY D 806 0.56 -51.26 -43.42
N ARG D 807 -0.59 -51.67 -43.96
CA ARG D 807 -0.84 -53.09 -44.14
C ARG D 807 -1.40 -53.41 -45.53
N SER D 808 -0.65 -54.18 -46.29
CA SER D 808 -1.06 -54.61 -47.62
C SER D 808 -1.54 -53.48 -48.55
N GLU D 809 -2.78 -53.58 -49.06
CA GLU D 809 -3.35 -52.60 -49.98
C GLU D 809 -4.73 -52.08 -49.55
N GLY D 810 -5.79 -52.62 -50.17
CA GLY D 810 -7.18 -52.16 -49.98
C GLY D 810 -8.00 -52.93 -48.94
N GLU D 811 -7.38 -53.80 -48.16
CA GLU D 811 -8.14 -54.58 -47.18
C GLU D 811 -8.87 -53.69 -46.19
N THR D 812 -8.32 -52.52 -45.82
CA THR D 812 -9.02 -51.66 -44.89
C THR D 812 -10.34 -51.23 -45.53
N ALA D 813 -10.30 -50.79 -46.80
CA ALA D 813 -11.53 -50.43 -47.49
C ALA D 813 -12.50 -51.58 -47.56
N ASP D 814 -12.02 -52.80 -47.73
CA ASP D 814 -12.92 -53.93 -47.82
C ASP D 814 -13.63 -54.17 -46.49
N LEU D 815 -12.95 -53.92 -45.37
CA LEU D 815 -13.57 -54.11 -44.07
C LEU D 815 -14.56 -53.00 -43.79
N ILE D 816 -14.27 -51.80 -44.27
CA ILE D 816 -15.22 -50.71 -44.07
C ILE D 816 -16.46 -51.02 -44.86
N VAL D 817 -16.32 -51.49 -46.10
CA VAL D 817 -17.48 -51.80 -46.89
C VAL D 817 -18.31 -52.90 -46.19
N LYS D 818 -17.65 -53.92 -45.65
CA LYS D 818 -18.39 -54.93 -44.92
C LYS D 818 -19.21 -54.31 -43.78
N GLY D 819 -18.59 -53.43 -42.99
CA GLY D 819 -19.27 -52.79 -41.88
C GLY D 819 -20.45 -51.90 -42.30
N ILE D 820 -20.27 -51.05 -43.29
CA ILE D 820 -21.33 -50.10 -43.67
C ILE D 820 -22.56 -50.81 -44.27
N LEU D 821 -22.33 -51.91 -44.99
CA LEU D 821 -23.41 -52.66 -45.61
C LEU D 821 -24.12 -53.55 -44.61
N GLN D 822 -23.61 -53.60 -43.39
CA GLN D 822 -24.16 -54.42 -42.35
C GLN D 822 -25.35 -53.73 -41.73
N GLU D 823 -25.34 -52.39 -41.69
CA GLU D 823 -26.42 -51.69 -41.03
C GLU D 823 -27.41 -51.06 -41.99
N ASN D 824 -26.92 -50.54 -43.12
CA ASN D 824 -27.84 -49.84 -44.00
C ASN D 824 -27.40 -49.87 -45.45
N PRO D 825 -27.57 -50.99 -46.17
CA PRO D 825 -27.06 -51.21 -47.52
C PRO D 825 -27.88 -50.50 -48.62
N GLY D 826 -28.06 -49.18 -48.48
CA GLY D 826 -28.79 -48.34 -49.42
C GLY D 826 -28.23 -46.91 -49.56
N ALA D 827 -26.90 -46.73 -49.53
CA ALA D 827 -26.27 -45.40 -49.60
C ALA D 827 -25.21 -45.29 -50.70
N SER D 828 -25.50 -45.85 -51.88
CA SER D 828 -24.56 -45.76 -53.01
C SER D 828 -23.16 -46.16 -52.62
N TYR D 829 -23.01 -47.36 -52.10
CA TYR D 829 -21.74 -47.79 -51.53
C TYR D 829 -20.62 -48.14 -52.47
N GLU D 830 -20.10 -47.09 -53.05
CA GLU D 830 -18.98 -47.11 -53.95
C GLU D 830 -17.69 -47.18 -53.17
N VAL D 831 -16.74 -47.91 -53.71
CA VAL D 831 -15.40 -47.89 -53.16
C VAL D 831 -14.55 -47.39 -54.31
N ILE D 832 -13.77 -46.36 -54.05
CA ILE D 832 -12.95 -45.75 -55.08
C ILE D 832 -11.48 -45.91 -54.77
N LEU D 833 -11.17 -46.09 -53.50
CA LEU D 833 -9.82 -46.30 -52.95
C LEU D 833 -8.95 -45.02 -52.99
N ASP D 834 -8.81 -44.38 -54.14
CA ASP D 834 -7.99 -43.16 -54.17
C ASP D 834 -8.58 -42.00 -53.33
N GLU D 835 -7.66 -41.28 -52.67
CA GLU D 835 -8.03 -40.19 -51.72
C GLU D 835 -7.09 -38.97 -51.86
N THR D 836 -6.63 -38.65 -53.07
CA THR D 836 -5.64 -37.55 -53.31
C THR D 836 -6.53 -36.47 -53.93
N ILE D 837 -6.98 -36.68 -55.17
CA ILE D 837 -7.85 -35.69 -55.88
C ILE D 837 -9.02 -36.49 -56.45
N ALA D 838 -9.10 -37.78 -56.10
CA ALA D 838 -10.21 -38.63 -56.61
C ALA D 838 -11.51 -38.55 -55.81
N LEU D 839 -11.49 -38.99 -54.54
CA LEU D 839 -12.68 -38.87 -53.76
C LEU D 839 -12.82 -37.53 -53.06
N ASN D 840 -11.72 -36.88 -52.73
CA ASN D 840 -11.84 -35.59 -52.03
C ASN D 840 -12.03 -34.44 -52.99
N LYS D 841 -12.11 -34.73 -54.28
CA LYS D 841 -12.34 -33.72 -55.30
C LYS D 841 -13.77 -33.87 -55.80
N ALA D 842 -14.33 -35.07 -55.69
CA ALA D 842 -15.67 -35.37 -56.19
C ALA D 842 -16.75 -34.83 -55.25
N LEU D 843 -16.89 -33.51 -55.25
CA LEU D 843 -17.83 -32.76 -54.42
C LEU D 843 -19.03 -32.30 -55.23
N ASP D 844 -18.95 -32.47 -56.54
CA ASP D 844 -20.00 -31.98 -57.45
C ASP D 844 -21.07 -33.00 -57.66
N GLN D 845 -20.94 -34.09 -56.92
CA GLN D 845 -21.89 -35.19 -56.90
C GLN D 845 -22.91 -34.97 -55.77
N VAL D 846 -22.76 -33.86 -55.04
CA VAL D 846 -23.63 -33.48 -53.94
C VAL D 846 -24.34 -32.17 -54.26
N GLU D 847 -25.64 -32.14 -54.07
CA GLU D 847 -26.49 -31.01 -54.39
C GLU D 847 -26.35 -29.82 -53.45
N GLU D 848 -27.11 -28.77 -53.76
CA GLU D 848 -27.04 -27.54 -53.00
C GLU D 848 -27.39 -27.76 -51.56
N LYS D 849 -26.61 -27.13 -50.72
CA LYS D 849 -26.72 -27.16 -49.27
C LYS D 849 -26.46 -28.55 -48.68
N GLY D 850 -25.85 -29.45 -49.45
CA GLY D 850 -25.48 -30.73 -48.86
C GLY D 850 -24.17 -30.50 -48.14
N LEU D 851 -23.73 -31.50 -47.39
CA LEU D 851 -22.49 -31.43 -46.63
C LEU D 851 -21.57 -32.59 -46.91
N VAL D 852 -20.32 -32.28 -47.22
CA VAL D 852 -19.31 -33.33 -47.45
C VAL D 852 -18.34 -33.42 -46.28
N VAL D 853 -18.28 -34.59 -45.65
CA VAL D 853 -17.43 -34.79 -44.49
C VAL D 853 -16.17 -35.59 -44.84
N VAL D 854 -15.04 -34.95 -44.60
CA VAL D 854 -13.75 -35.49 -44.98
C VAL D 854 -12.93 -35.92 -43.77
N PHE D 855 -12.44 -37.15 -43.85
CA PHE D 855 -11.58 -37.76 -42.85
C PHE D 855 -10.31 -38.21 -43.57
N PRO D 856 -9.38 -37.28 -43.86
CA PRO D 856 -8.19 -37.46 -44.67
C PRO D 856 -7.14 -38.16 -43.86
N GLU D 857 -6.17 -38.79 -44.49
CA GLU D 857 -5.01 -39.21 -43.69
C GLU D 857 -4.21 -37.96 -43.33
N SER D 858 -4.16 -37.02 -44.28
CA SER D 858 -3.41 -35.80 -44.09
C SER D 858 -4.29 -34.57 -44.25
N VAL D 859 -4.41 -33.85 -43.15
CA VAL D 859 -5.22 -32.64 -43.07
C VAL D 859 -4.68 -31.60 -43.99
N THR D 860 -3.36 -31.48 -44.04
CA THR D 860 -2.70 -30.50 -44.86
C THR D 860 -3.16 -30.63 -46.30
N ARG D 861 -3.32 -31.84 -46.81
CA ARG D 861 -3.77 -31.97 -48.18
C ARG D 861 -5.26 -31.64 -48.27
N ALA D 862 -6.07 -32.10 -47.32
CA ALA D 862 -7.50 -31.87 -47.41
C ALA D 862 -7.86 -30.40 -47.44
N ILE D 863 -7.13 -29.59 -46.68
CA ILE D 863 -7.46 -28.18 -46.61
C ILE D 863 -6.76 -27.39 -47.70
N ASP D 864 -5.94 -28.05 -48.50
CA ASP D 864 -5.28 -27.40 -49.62
C ASP D 864 -6.18 -27.60 -50.82
N LEU D 865 -6.67 -28.83 -51.00
CA LEU D 865 -7.51 -29.15 -52.14
C LEU D 865 -8.83 -28.40 -52.09
N ILE D 866 -9.41 -28.26 -50.91
CA ILE D 866 -10.67 -27.54 -50.79
C ILE D 866 -10.52 -26.06 -51.20
N LYS D 867 -9.30 -25.51 -51.20
CA LYS D 867 -9.10 -24.12 -51.55
C LYS D 867 -8.99 -23.92 -53.05
N VAL D 868 -8.88 -25.02 -53.80
CA VAL D 868 -8.72 -24.98 -55.24
C VAL D 868 -10.07 -24.67 -55.86
N ARG D 869 -11.10 -24.82 -55.05
CA ARG D 869 -12.47 -24.60 -55.42
C ARG D 869 -12.93 -23.19 -55.07
N ASN D 870 -12.00 -22.35 -54.60
CA ASN D 870 -12.29 -20.96 -54.24
C ASN D 870 -13.41 -20.75 -53.21
N PRO D 871 -13.26 -21.23 -51.96
CA PRO D 871 -14.20 -21.11 -50.87
C PRO D 871 -14.30 -19.67 -50.42
N ILE D 872 -15.43 -19.36 -49.79
CA ILE D 872 -15.75 -18.05 -49.25
C ILE D 872 -15.01 -17.75 -47.95
#